data_9K4I
#
_entry.id   9K4I
#
loop_
_entity.id
_entity.type
_entity.pdbx_description
1 polymer 'Maltose/maltodextrin-binding periplasmic protein,Short transient receptor potential channel 5'
2 polymer 'Maltose/maltodextrin-binding periplasmic protein,Short transient receptor potential channel 1,Extended tegument protein pp150'
3 non-polymer 'CALCIUM ION'
4 non-polymer 'CHOLESTEROL HEMISUCCINATE'
5 non-polymer '(2S)-2-(hexadecanoyloxy)-3-hydroxypropyl (9Z)-octadec-9-enoate'
#
loop_
_entity_poly.entity_id
_entity_poly.type
_entity_poly.pdbx_seq_one_letter_code
_entity_poly.pdbx_strand_id
1 'polypeptide(L)'
;MGSAGDYKDHDGDYKDHDIDYKDDDDKGSAAAMGSSHHHHHHGSSMKIEEGKLVIWINGDKGYNGLAEVGKKFEKDTGIK
VTVEHPDKLEEKFPQVAATGDGPDIIFWAHDRFGGYAQSGLLAEITPDKAFQDKLYPFTWDAVRYNGKLIAYPIAVEALS
LIYNKDLLPNPPKTWEEIPALDKELKAKGKSALMFNLQEPYFTWPLIAADGGYAFKYENGKYDIKDVGVDNAGAKAGLTF
LVDLIKNKHMNADTDYSIAEAAFNKGETAMTINGPWAWSNIDTSKVNYGVTVLPTFKGQPSKPFVGVLSAGINAASPNKE
LAKEFLENYLLTDEGLEAVNKDKPLGAVALKSYEEELAKDPRIAATMENAQKGEIMPNIPQMSAFWYAVRTAVINAASGR
QTVDEALKDAQTNSSSNNNNNNNNNNLGIELEVLFQGPMAQLYYKKVNYSPYRDRIPLQIVRAETELSAEEKAFLSAVEK
GDYATVKQALQEAEIYYNVNINCMDPLGRSALLIAIENENLEIMELLLNHSVYVGDALLYAIRKEVVGAVELLLSYRKPS
GEKQVPTLMMDTQFSEFTPDITPIMLAAHTNNYEIIKLLVQKRVTIPRPHQIRCNCVECVSSSEVDSLRHSRSRLNIYKA
LASPSLIALSSEDPILTAFRLGWELKELSKVENEFKAEYEELSQQCKLFAKDLLDQARSSRELEIILNHRDDHSEELDPQ
KYHDLAKLKVAIKYHQKEFVAQPNCQQLLATLWYDGFPGWRRKHWVVKLLTCMTIGFLFPMLSIAYLISPRSNLGLFIKK
PFIKFICHTASYLTFLFMLLLASQHIVRTDLHVQGPPPTVVEWMILPWVLGFIWGEIKEMWDGGFTEYIHDWWNLMDFAM
NSLYLATISLKIVAYVKYNGSRPREEWEMWHPTLIAEALFAISNILSSLRLISLFTANSHLGPLQISLGRMLLDILKFLF
IYCLVLLAFANGLNQLYFYYETRAIDEPNNCKGIRCEKQNNAFSTLFETLQSLFWSVFGLLNLYVTNVKARHEFTEFVGA
TMFGTYNVISLVVLLNMLIAMMNNSYQLIADHADIEWKFARTKLWMSYFDEGGTLPPPFNIIPSPKSFLYLGNWFNNTFC
PKRDPDGRRRRHNLRSFTERHADSLIQNQHYQEVIRNLVKRYVAAMIRNSKTNEGLTEENFKELKQDISSFRYEVLDLLG
NRK
;
A,C,D
2 'polypeptide(L)'
;ATMGMGSSHHHHHHGSSMKIEEGKLVIWINGDKGYNGLAEVGKKFEKDTGIKVTVEHPDKLEEKFPQVAATGDGPDIIFW
AHDRFGGYAQSGLLAEITPDKAFQDKLYPFTWDAVRYNGKLIAYPIAVEALSLIYNKDLLPNPPKTWEEIPALDKELKAK
GKSALMFNLQEPYFTWPLIAADGGYAFKYENGKYDIKDVGVDNAGAKAGLTFLVDLIKNKHMNADTDYSIAEAAFNKGET
AMTINGPWAWSNIDTSKVNYGVTVLPTFKGQPSKPFVGVLSAGINAASPNKELAKEFLENYLLTDEGLEAVNKDKPLGAV
ALKSYEEELAKDPRIAATMENAQKGEIMPNIPQMSAFWYAVRTAVINAASGRQTVDEALKDAQTNSSSNNNNNNNNNNLG
IELEVLFQGPMMAALYPSTDLSGASSSSLPSSPSSSSPNEVMALKDVREVKEENTLNEKLFLLACDKGDYYMVKKILEEN
SSGDLNINCVDVLGRNAVTITIENENLDILQLLLDYGCQSADALLVAIDSEVVGAVDILLNHRPKRSSRPTIVKLMERIQ
NPEYSTTMDVAPVILAAHRNNYEILTMLLKQDVSLPKPHAVGCECTLCSAKNKKDSLRHSRFRLDIYRCLASPALIMLTE
EDPILRAFELSADLKELSLVEVEFRNDYEELARQCKMFAKDLLAQARNSRELEVILNHTSSDEPLDKRGLLEERMNLSRL
KLAIKYNQKEFVSQSNCQQFLNTVWFGQMSGYRRKPTCKKIMTVLTVGIFWPVLSLCYLIAPKSQFGRIIHTPFMKFIIH
GASYFTFLLLLNLYSLVYNEDKKNTMGPALERIDYLLILWIIGMIWSDIKRLWYEGLEDFLEESRNQLSFVMNSLYLATF
ALKVVAHNKFHDFADRKDWDAFHPTLVAEGLFAFANVLSYLRLFFMYTTSSILGPLQISMGQMLQDFGKFLGMFLLVLFS
FTIGLTQLYDKGYTSKEQKDCVGIFCEQQSNDTFHSFIGTCFALFWYIFSLAHVAIFVTRFSYGEELQSFVGAVIVGTYN
VVVVIVLTKLLVAMLHKSFQLIANHEDKEWKFARAKLWLSYFDDKCTLPPPFNIIPSPKTICYMISSLSKWICSHTSKGK
VKRQNSLKEWRNLKQKRDENYQKVMCCLVHRYLTSMRQKMQSTDQATVENLNELRQDLSKFRNEIRDLLGFRTSKYAMFY
PRNGGGSGGGSGGGSENLYFQGGSAGSAMVSKGEELFTGVVPILVELDGDVNGHKFSVSGEGEGDATYGKLTLKFICTTG
KLPVPWPTLVTTLTYGVQCFSRYPDHMKQHDFFKSAMPEGYVQERTIFFKDDGNYKTRAEVKFEGDTLVNRIELKGIDFK
EDGNILGHKLEYNYNSHNVYIMADKQKNGIKVNFKIRHNIEDGSVQLADHYQQNTPIGDGPVLLPDNHYLSTQSALSKDP
NEKRDHMVLLEFVTAAGITLGMDELYKGSAGSAGSAWSHPQFEKGGGSGGGSGGGSWSHPQFEK
;
B
#
loop_
_chem_comp.id
_chem_comp.type
_chem_comp.name
_chem_comp.formula
CA non-polymer 'CALCIUM ION' 'Ca 2'
Y01 non-polymer 'CHOLESTEROL HEMISUCCINATE' 'C31 H50 O4'
YZY non-polymer '(2S)-2-(hexadecanoyloxy)-3-hydroxypropyl (9Z)-octadec-9-enoate' 'C37 H70 O5'
#
# COMPACT_ATOMS: atom_id res chain seq x y z
N ASP A 454 2.63 48.48 -3.86
CA ASP A 454 1.46 49.28 -3.56
C ASP A 454 0.49 48.52 -2.66
N ARG A 455 -0.79 48.85 -2.75
CA ARG A 455 -1.77 48.17 -1.93
C ARG A 455 -2.86 47.57 -2.79
N ILE A 456 -3.44 46.47 -2.33
CA ILE A 456 -4.52 45.85 -3.07
C ILE A 456 -5.83 46.16 -2.35
N PRO A 457 -6.73 46.86 -3.04
CA PRO A 457 -7.99 47.26 -2.38
C PRO A 457 -8.90 46.07 -2.15
N LEU A 458 -9.62 46.08 -1.04
CA LEU A 458 -10.55 44.99 -0.73
C LEU A 458 -11.94 45.54 -0.50
N GLN A 459 -12.83 45.35 -1.46
CA GLN A 459 -14.18 45.88 -1.33
C GLN A 459 -15.21 44.78 -1.50
N ILE A 460 -16.31 44.88 -0.77
CA ILE A 460 -17.38 43.90 -0.93
C ILE A 460 -18.13 44.16 -2.22
N VAL A 461 -18.16 43.17 -3.10
CA VAL A 461 -18.86 43.31 -4.37
C VAL A 461 -20.13 42.51 -4.30
N ARG A 462 -20.19 41.46 -3.56
CA ARG A 462 -21.41 40.69 -3.42
C ARG A 462 -22.23 41.38 -2.35
N ALA A 463 -22.62 42.60 -2.58
CA ALA A 463 -23.39 43.37 -1.62
C ALA A 463 -24.60 42.62 -1.10
N GLU A 464 -24.87 42.75 0.18
CA GLU A 464 -26.04 42.09 0.77
C GLU A 464 -26.63 42.97 1.86
N THR A 465 -27.95 43.04 1.93
CA THR A 465 -28.61 43.83 2.95
C THR A 465 -28.32 43.27 4.34
N GLU A 466 -28.28 44.15 5.33
CA GLU A 466 -28.01 43.70 6.69
C GLU A 466 -29.25 43.75 7.54
N LEU A 467 -29.34 42.84 8.50
CA LEU A 467 -30.52 42.77 9.34
C LEU A 467 -30.56 43.90 10.36
N SER A 468 -31.74 44.46 10.59
CA SER A 468 -31.88 45.50 11.59
C SER A 468 -31.46 44.95 12.93
N ALA A 469 -31.07 45.83 13.83
CA ALA A 469 -30.64 45.40 15.15
C ALA A 469 -31.75 44.60 15.79
N GLU A 470 -32.97 45.11 15.69
CA GLU A 470 -34.10 44.39 16.26
C GLU A 470 -34.20 43.04 15.60
N GLU A 471 -34.22 43.04 14.28
CA GLU A 471 -34.29 41.79 13.56
C GLU A 471 -33.17 40.91 14.04
N LYS A 472 -31.95 41.38 13.90
CA LYS A 472 -30.82 40.54 14.29
C LYS A 472 -31.01 39.96 15.67
N ALA A 473 -31.50 40.76 16.60
CA ALA A 473 -31.71 40.29 17.96
C ALA A 473 -32.70 39.15 18.00
N PHE A 474 -33.77 39.28 17.24
CA PHE A 474 -34.79 38.25 17.23
C PHE A 474 -34.14 36.94 16.86
N LEU A 475 -33.35 36.97 15.80
CA LEU A 475 -32.73 35.75 15.33
C LEU A 475 -31.81 35.15 16.39
N SER A 476 -31.09 36.00 17.10
CA SER A 476 -30.18 35.51 18.13
C SER A 476 -30.93 34.78 19.21
N ALA A 477 -32.10 35.28 19.57
CA ALA A 477 -32.88 34.66 20.63
C ALA A 477 -33.28 33.26 20.24
N VAL A 478 -33.65 33.08 18.98
CA VAL A 478 -34.04 31.76 18.50
C VAL A 478 -32.87 30.81 18.67
N GLU A 479 -31.68 31.29 18.36
CA GLU A 479 -30.50 30.43 18.45
C GLU A 479 -30.18 30.05 19.88
N LYS A 480 -30.61 30.86 20.84
CA LYS A 480 -30.32 30.58 22.23
C LYS A 480 -31.47 29.86 22.89
N GLY A 481 -32.64 29.89 22.27
CA GLY A 481 -33.79 29.19 22.80
C GLY A 481 -34.57 29.92 23.86
N ASP A 482 -34.48 31.25 23.86
CA ASP A 482 -35.25 32.03 24.81
C ASP A 482 -36.66 32.16 24.30
N TYR A 483 -37.52 31.22 24.66
CA TYR A 483 -38.88 31.24 24.15
C TYR A 483 -39.52 32.56 24.47
N ALA A 484 -39.34 33.03 25.69
CA ALA A 484 -39.97 34.28 26.10
C ALA A 484 -39.62 35.42 25.16
N THR A 485 -38.34 35.72 25.04
CA THR A 485 -37.96 36.87 24.22
C THR A 485 -38.54 36.71 22.84
N VAL A 486 -38.41 35.52 22.27
CA VAL A 486 -38.93 35.28 20.94
C VAL A 486 -40.42 35.56 20.94
N LYS A 487 -41.13 35.06 21.95
CA LYS A 487 -42.56 35.25 22.01
C LYS A 487 -42.88 36.74 22.03
N GLN A 488 -42.17 37.48 22.86
CA GLN A 488 -42.42 38.90 22.96
C GLN A 488 -42.18 39.54 21.63
N ALA A 489 -41.06 39.23 21.01
CA ALA A 489 -40.72 39.86 19.76
C ALA A 489 -41.85 39.63 18.79
N LEU A 490 -42.30 38.40 18.66
CA LEU A 490 -43.36 38.08 17.73
C LEU A 490 -44.59 38.92 18.00
N GLN A 491 -45.02 38.96 19.27
CA GLN A 491 -46.22 39.70 19.60
C GLN A 491 -46.06 41.18 19.25
N GLU A 492 -44.94 41.75 19.64
CA GLU A 492 -44.71 43.17 19.39
C GLU A 492 -44.69 43.46 17.91
N ALA A 493 -44.04 42.60 17.15
CA ALA A 493 -43.94 42.83 15.71
C ALA A 493 -45.33 42.89 15.12
N GLU A 494 -46.22 42.07 15.63
CA GLU A 494 -47.59 42.13 15.16
C GLU A 494 -48.09 43.55 15.29
N ILE A 495 -48.26 44.01 16.53
CA ILE A 495 -48.77 45.35 16.76
C ILE A 495 -47.86 46.37 16.12
N TYR A 496 -46.59 46.43 16.54
CA TYR A 496 -45.68 47.47 16.06
C TYR A 496 -45.19 47.34 14.61
N TYR A 497 -44.98 46.12 14.13
CA TYR A 497 -44.44 45.93 12.79
C TYR A 497 -43.07 46.56 12.63
N ASN A 498 -42.10 46.11 13.42
CA ASN A 498 -40.74 46.66 13.34
C ASN A 498 -39.75 45.60 12.93
N VAL A 499 -40.19 44.35 12.86
CA VAL A 499 -39.32 43.24 12.48
C VAL A 499 -40.08 42.23 11.63
N ASN A 500 -39.55 41.93 10.45
CA ASN A 500 -40.17 40.90 9.63
C ASN A 500 -39.84 39.56 10.24
N ILE A 501 -40.85 38.87 10.74
CA ILE A 501 -40.62 37.58 11.36
C ILE A 501 -40.01 36.62 10.36
N ASN A 502 -40.16 36.91 9.07
CA ASN A 502 -39.59 36.07 8.04
C ASN A 502 -38.31 36.67 7.50
N CYS A 503 -37.41 37.06 8.38
CA CYS A 503 -36.13 37.63 7.96
C CYS A 503 -35.11 36.53 7.88
N MET A 504 -33.93 36.81 7.35
CA MET A 504 -32.95 35.74 7.17
C MET A 504 -31.54 36.17 7.52
N ASP A 505 -30.74 35.22 8.02
CA ASP A 505 -29.35 35.51 8.31
C ASP A 505 -28.60 35.68 7.01
N PRO A 506 -27.37 36.21 7.07
CA PRO A 506 -26.59 36.29 5.84
C PRO A 506 -26.41 34.88 5.29
N LEU A 507 -26.37 33.89 6.17
CA LEU A 507 -26.19 32.51 5.74
C LEU A 507 -27.51 31.90 5.31
N GLY A 508 -28.53 32.72 5.13
CA GLY A 508 -29.80 32.21 4.66
C GLY A 508 -30.60 31.44 5.69
N ARG A 509 -30.18 31.51 6.95
CA ARG A 509 -30.88 30.80 7.99
C ARG A 509 -31.98 31.65 8.56
N SER A 510 -33.22 31.37 8.18
CA SER A 510 -34.35 32.11 8.74
C SER A 510 -34.65 31.57 10.11
N ALA A 511 -35.68 32.10 10.74
CA ALA A 511 -36.00 31.69 12.10
C ALA A 511 -36.46 30.25 12.17
N LEU A 512 -37.42 29.88 11.34
CA LEU A 512 -37.95 28.52 11.38
C LEU A 512 -36.80 27.55 11.18
N LEU A 513 -35.92 27.87 10.24
CA LEU A 513 -34.79 27.01 9.94
C LEU A 513 -33.83 26.96 11.11
N ILE A 514 -33.54 28.11 11.71
CA ILE A 514 -32.67 28.14 12.86
C ILE A 514 -33.27 27.30 13.97
N ALA A 515 -34.59 27.33 14.08
CA ALA A 515 -35.24 26.52 15.10
C ALA A 515 -35.18 25.04 14.78
N ILE A 516 -35.46 24.68 13.56
CA ILE A 516 -35.43 23.27 13.17
C ILE A 516 -34.05 22.66 13.41
N GLU A 517 -33.00 23.43 13.04
CA GLU A 517 -31.65 22.88 13.23
C GLU A 517 -31.34 22.68 14.70
N ASN A 518 -31.75 23.60 15.55
CA ASN A 518 -31.55 23.43 16.97
C ASN A 518 -32.62 22.49 17.48
N GLU A 519 -33.56 22.13 16.61
CA GLU A 519 -34.60 21.17 16.99
C GLU A 519 -35.41 21.58 18.19
N ASN A 520 -35.75 22.86 18.29
CA ASN A 520 -36.61 23.31 19.37
C ASN A 520 -38.01 23.33 18.86
N LEU A 521 -38.73 22.23 19.03
CA LEU A 521 -40.08 22.14 18.50
C LEU A 521 -41.00 23.18 19.13
N GLU A 522 -40.76 23.51 20.39
CA GLU A 522 -41.57 24.52 21.04
C GLU A 522 -41.48 25.83 20.33
N ILE A 523 -40.27 26.29 20.08
CA ILE A 523 -40.10 27.53 19.35
C ILE A 523 -40.64 27.37 17.95
N MET A 524 -40.46 26.19 17.37
CA MET A 524 -41.00 25.95 16.04
C MET A 524 -42.50 26.16 16.05
N GLU A 525 -43.18 25.58 17.02
CA GLU A 525 -44.63 25.72 17.08
C GLU A 525 -44.98 27.17 17.25
N LEU A 526 -44.28 27.85 18.15
CA LEU A 526 -44.56 29.25 18.37
C LEU A 526 -44.45 30.00 17.06
N LEU A 527 -43.34 29.81 16.36
CA LEU A 527 -43.13 30.52 15.12
C LEU A 527 -44.21 30.17 14.14
N LEU A 528 -44.53 28.89 14.05
CA LEU A 528 -45.53 28.44 13.08
C LEU A 528 -46.89 29.02 13.39
N ASN A 529 -47.21 29.10 14.68
CA ASN A 529 -48.50 29.66 15.07
C ASN A 529 -48.59 31.02 14.46
N HIS A 530 -47.61 31.86 14.74
CA HIS A 530 -47.59 33.16 14.08
C HIS A 530 -47.36 32.87 12.62
N SER A 531 -47.66 33.83 11.75
CA SER A 531 -47.55 33.54 10.33
C SER A 531 -46.11 33.63 9.83
N VAL A 532 -45.34 32.60 9.94
CA VAL A 532 -43.97 32.62 9.44
C VAL A 532 -43.86 31.76 8.18
N TYR A 533 -43.32 32.29 7.13
CA TYR A 533 -43.21 31.57 5.87
C TYR A 533 -42.59 30.22 6.13
N VAL A 534 -43.09 29.17 5.60
CA VAL A 534 -42.56 27.85 5.88
C VAL A 534 -42.04 27.19 4.64
N GLY A 535 -41.70 27.99 3.64
CA GLY A 535 -41.20 27.43 2.40
C GLY A 535 -40.04 26.50 2.54
N ASP A 536 -40.08 25.35 1.89
CA ASP A 536 -38.96 24.41 1.94
C ASP A 536 -38.58 23.94 3.33
N ALA A 537 -39.32 24.35 4.35
CA ALA A 537 -38.95 23.97 5.70
C ALA A 537 -39.04 22.47 5.88
N LEU A 538 -40.05 21.87 5.24
CA LEU A 538 -40.23 20.44 5.38
C LEU A 538 -38.96 19.78 4.91
N LEU A 539 -38.41 20.26 3.83
CA LEU A 539 -37.21 19.66 3.28
C LEU A 539 -36.04 19.77 4.23
N TYR A 540 -35.88 20.89 4.89
CA TYR A 540 -34.81 21.04 5.86
C TYR A 540 -35.04 20.10 7.01
N ALA A 541 -36.30 20.00 7.45
CA ALA A 541 -36.61 19.11 8.56
C ALA A 541 -36.42 17.66 8.17
N ILE A 542 -36.36 17.38 6.88
CA ILE A 542 -36.11 16.02 6.43
C ILE A 542 -34.63 15.80 6.29
N ARG A 543 -33.91 16.79 5.77
CA ARG A 543 -32.48 16.65 5.60
C ARG A 543 -31.89 16.38 6.95
N LYS A 544 -32.25 17.20 7.92
CA LYS A 544 -31.71 17.07 9.27
C LYS A 544 -32.19 15.80 9.90
N GLU A 545 -33.15 15.15 9.28
CA GLU A 545 -33.66 13.89 9.79
C GLU A 545 -34.32 14.05 11.15
N VAL A 546 -34.98 15.18 11.37
CA VAL A 546 -35.72 15.36 12.61
C VAL A 546 -37.09 14.75 12.44
N VAL A 547 -37.76 14.41 13.54
CA VAL A 547 -39.11 13.91 13.43
C VAL A 547 -40.02 15.05 13.81
N GLY A 548 -39.50 16.27 13.71
CA GLY A 548 -40.33 17.45 13.94
C GLY A 548 -41.00 17.67 12.62
N ALA A 549 -40.76 16.77 11.67
CA ALA A 549 -41.41 16.84 10.37
C ALA A 549 -42.87 16.63 10.61
N VAL A 550 -43.20 15.87 11.64
CA VAL A 550 -44.58 15.59 11.94
C VAL A 550 -45.31 16.89 12.14
N GLU A 551 -44.70 17.81 12.87
CA GLU A 551 -45.33 19.08 13.16
C GLU A 551 -45.62 19.84 11.88
N LEU A 552 -44.64 19.95 11.01
CA LEU A 552 -44.82 20.70 9.78
C LEU A 552 -45.89 20.06 8.92
N LEU A 553 -45.86 18.75 8.81
CA LEU A 553 -46.85 18.04 8.03
C LEU A 553 -48.21 18.23 8.66
N LEU A 554 -48.24 18.27 9.99
CA LEU A 554 -49.50 18.44 10.69
C LEU A 554 -50.08 19.84 10.58
N SER A 555 -49.21 20.85 10.65
CA SER A 555 -49.68 22.22 10.60
C SER A 555 -50.58 22.42 9.41
N TYR A 556 -50.01 22.28 8.21
CA TYR A 556 -50.79 22.45 7.00
C TYR A 556 -51.59 23.73 7.09
N ARG A 557 -50.94 24.81 7.51
CA ARG A 557 -51.63 26.09 7.66
C ARG A 557 -52.88 25.94 8.52
N GLN A 573 -35.92 30.68 -5.29
CA GLN A 573 -34.59 31.21 -5.58
C GLN A 573 -33.64 30.97 -4.43
N PHE A 574 -32.35 30.82 -4.73
CA PHE A 574 -31.36 30.60 -3.69
C PHE A 574 -31.82 29.54 -2.71
N SER A 575 -32.53 28.53 -3.20
CA SER A 575 -32.93 27.44 -2.33
C SER A 575 -31.80 26.46 -2.21
N GLU A 576 -31.63 25.82 -1.10
CA GLU A 576 -30.57 24.85 -0.93
C GLU A 576 -30.96 23.53 -1.55
N PHE A 577 -32.17 23.45 -2.10
CA PHE A 577 -32.62 22.22 -2.73
C PHE A 577 -33.08 22.47 -4.16
N THR A 578 -32.58 21.66 -5.08
CA THR A 578 -32.95 21.81 -6.49
C THR A 578 -34.44 21.74 -6.64
N PRO A 579 -34.97 22.33 -7.72
CA PRO A 579 -36.42 22.39 -7.87
C PRO A 579 -37.08 21.02 -8.04
N ASP A 580 -36.30 19.96 -8.16
CA ASP A 580 -36.89 18.64 -8.41
C ASP A 580 -37.09 17.85 -7.14
N ILE A 581 -36.40 18.21 -6.08
CA ILE A 581 -36.48 17.42 -4.86
C ILE A 581 -37.84 17.53 -4.22
N THR A 582 -38.51 16.40 -4.03
CA THR A 582 -39.79 16.38 -3.39
C THR A 582 -39.53 15.72 -2.07
N PRO A 583 -40.39 16.00 -1.08
CA PRO A 583 -40.11 15.46 0.25
C PRO A 583 -39.76 13.99 0.22
N ILE A 584 -40.52 13.18 -0.51
CA ILE A 584 -40.28 11.74 -0.51
C ILE A 584 -38.89 11.41 -1.02
N MET A 585 -38.43 12.12 -2.04
CA MET A 585 -37.10 11.88 -2.56
C MET A 585 -36.05 12.20 -1.52
N LEU A 586 -36.16 13.33 -0.87
CA LEU A 586 -35.14 13.71 0.08
C LEU A 586 -35.12 12.73 1.23
N ALA A 587 -36.30 12.31 1.66
CA ALA A 587 -36.37 11.38 2.76
C ALA A 587 -35.68 10.12 2.36
N ALA A 588 -35.88 9.70 1.12
CA ALA A 588 -35.25 8.49 0.63
C ALA A 588 -33.75 8.65 0.57
N HIS A 589 -33.29 9.80 0.11
CA HIS A 589 -31.87 10.04 0.02
C HIS A 589 -31.25 9.99 1.40
N THR A 590 -32.04 10.24 2.44
CA THR A 590 -31.53 10.23 3.80
C THR A 590 -31.59 8.85 4.42
N ASN A 591 -32.52 8.04 3.94
CA ASN A 591 -32.65 6.67 4.40
C ASN A 591 -33.11 6.64 5.83
N ASN A 592 -34.11 7.44 6.15
CA ASN A 592 -34.66 7.38 7.49
C ASN A 592 -35.96 6.62 7.39
N TYR A 593 -35.95 5.38 7.84
CA TYR A 593 -37.13 4.55 7.73
C TYR A 593 -38.33 5.25 8.29
N GLU A 594 -38.18 5.82 9.47
CA GLU A 594 -39.32 6.46 10.11
C GLU A 594 -39.82 7.61 9.27
N ILE A 595 -38.97 8.58 9.01
CA ILE A 595 -39.42 9.74 8.27
C ILE A 595 -40.08 9.30 6.98
N ILE A 596 -39.48 8.34 6.30
CA ILE A 596 -40.02 7.86 5.04
C ILE A 596 -41.40 7.26 5.25
N LYS A 597 -41.57 6.51 6.34
CA LYS A 597 -42.83 5.86 6.57
C LYS A 597 -43.92 6.89 6.72
N LEU A 598 -43.63 7.96 7.44
CA LEU A 598 -44.61 9.02 7.60
C LEU A 598 -45.08 9.48 6.24
N LEU A 599 -44.16 9.95 5.42
CA LEU A 599 -44.53 10.49 4.12
C LEU A 599 -45.25 9.46 3.25
N VAL A 600 -44.74 8.24 3.21
CA VAL A 600 -45.34 7.23 2.35
C VAL A 600 -46.76 6.93 2.78
N GLN A 601 -47.03 7.07 4.07
CA GLN A 601 -48.37 6.82 4.56
C GLN A 601 -49.34 7.67 3.79
N LYS A 602 -49.00 8.93 3.59
CA LYS A 602 -49.83 9.78 2.74
C LYS A 602 -49.49 9.40 1.33
N ARG A 603 -50.46 9.37 0.42
CA ARG A 603 -50.18 8.91 -0.93
C ARG A 603 -49.04 9.72 -1.50
N VAL A 604 -47.99 9.05 -1.97
CA VAL A 604 -46.85 9.74 -2.54
C VAL A 604 -46.37 8.97 -3.75
N THR A 605 -45.76 9.67 -4.71
CA THR A 605 -45.34 9.01 -5.92
C THR A 605 -44.02 9.55 -6.42
N ILE A 606 -43.16 8.67 -6.89
CA ILE A 606 -41.90 9.10 -7.45
C ILE A 606 -42.00 8.84 -8.93
N PRO A 607 -41.72 9.85 -9.76
CA PRO A 607 -41.88 9.66 -11.20
C PRO A 607 -41.11 8.45 -11.71
N ARG A 608 -41.55 7.87 -12.81
CA ARG A 608 -40.85 6.73 -13.39
C ARG A 608 -39.61 7.24 -14.09
N PRO A 609 -38.51 6.51 -13.93
CA PRO A 609 -37.37 6.95 -14.72
C PRO A 609 -37.42 6.22 -16.04
N HIS A 610 -37.64 6.93 -17.15
CA HIS A 610 -37.67 6.29 -18.46
C HIS A 610 -36.47 5.38 -18.62
N GLN A 611 -36.68 4.18 -19.16
CA GLN A 611 -35.55 3.25 -19.27
C GLN A 611 -34.36 3.79 -20.01
N ILE A 612 -33.21 3.14 -19.85
CA ILE A 612 -32.03 3.55 -20.57
C ILE A 612 -32.33 3.53 -22.05
N ARG A 613 -31.77 4.48 -22.80
CA ARG A 613 -32.02 4.55 -24.24
C ARG A 613 -33.50 4.69 -24.55
N CYS A 614 -34.21 5.49 -23.78
CA CYS A 614 -35.63 5.69 -24.02
C CYS A 614 -35.82 6.91 -24.91
N ASN A 615 -34.80 7.23 -25.70
CA ASN A 615 -34.86 8.41 -26.57
C ASN A 615 -36.14 8.49 -27.38
N CYS A 616 -36.77 7.35 -27.64
CA CYS A 616 -38.00 7.34 -28.42
C CYS A 616 -38.98 8.37 -27.88
N VAL A 617 -39.19 8.39 -26.56
CA VAL A 617 -40.10 9.36 -25.98
C VAL A 617 -39.58 10.76 -26.23
N GLU A 618 -40.31 11.54 -27.02
CA GLU A 618 -39.85 12.87 -27.34
C GLU A 618 -39.70 13.60 -26.04
N CYS A 619 -40.29 13.05 -24.99
CA CYS A 619 -40.18 13.66 -23.69
C CYS A 619 -38.73 13.73 -23.29
N VAL A 620 -38.02 12.62 -23.45
CA VAL A 620 -36.60 12.59 -23.11
C VAL A 620 -35.79 13.11 -24.28
N SER A 621 -36.34 13.02 -25.48
CA SER A 621 -35.64 13.51 -26.65
C SER A 621 -35.74 15.01 -26.68
N SER A 622 -36.35 15.59 -25.66
CA SER A 622 -36.41 17.05 -25.57
C SER A 622 -35.44 17.49 -24.50
N SER A 623 -34.49 16.62 -24.14
CA SER A 623 -33.49 16.97 -23.15
C SER A 623 -32.78 18.24 -23.57
N GLU A 624 -32.83 18.54 -24.86
CA GLU A 624 -32.19 19.73 -25.37
C GLU A 624 -32.57 20.95 -24.54
N VAL A 625 -33.76 20.92 -23.97
CA VAL A 625 -34.21 22.06 -23.18
C VAL A 625 -33.24 22.29 -22.03
N ASP A 626 -32.89 21.24 -21.30
CA ASP A 626 -31.92 21.37 -20.23
C ASP A 626 -31.40 20.01 -19.87
N SER A 627 -30.26 19.66 -20.42
CA SER A 627 -29.66 18.34 -20.21
C SER A 627 -29.23 18.13 -18.77
N LEU A 628 -28.42 19.05 -18.25
CA LEU A 628 -27.91 18.88 -16.89
C LEU A 628 -29.05 18.64 -15.92
N ARG A 629 -30.16 19.33 -16.11
CA ARG A 629 -31.30 19.13 -15.25
C ARG A 629 -31.84 17.74 -15.44
N HIS A 630 -31.96 17.31 -16.69
CA HIS A 630 -32.51 16.00 -16.97
C HIS A 630 -31.66 14.94 -16.33
N SER A 631 -30.35 15.04 -16.50
CA SER A 631 -29.47 14.03 -15.97
C SER A 631 -29.52 14.04 -14.46
N ARG A 632 -29.48 15.22 -13.87
CA ARG A 632 -29.51 15.32 -12.43
C ARG A 632 -30.81 14.82 -11.90
N SER A 633 -31.90 15.16 -12.57
CA SER A 633 -33.19 14.73 -12.10
C SER A 633 -33.24 13.24 -12.08
N ARG A 634 -32.70 12.64 -13.15
CA ARG A 634 -32.71 11.19 -13.25
C ARG A 634 -31.95 10.56 -12.09
N LEU A 635 -30.82 11.11 -11.73
CA LEU A 635 -30.01 10.54 -10.67
C LEU A 635 -30.72 10.65 -9.36
N ASN A 636 -31.53 11.68 -9.20
CA ASN A 636 -32.21 11.90 -7.94
C ASN A 636 -33.30 10.88 -7.72
N ILE A 637 -34.02 10.51 -8.78
CA ILE A 637 -35.05 9.49 -8.66
C ILE A 637 -34.45 8.16 -8.29
N TYR A 638 -33.32 7.83 -8.91
CA TYR A 638 -32.68 6.55 -8.66
C TYR A 638 -32.04 6.55 -7.30
N LYS A 639 -31.47 7.68 -6.91
CA LYS A 639 -30.85 7.78 -5.62
C LYS A 639 -31.92 7.54 -4.58
N ALA A 640 -33.16 7.78 -4.95
CA ALA A 640 -34.28 7.55 -4.04
C ALA A 640 -34.73 6.13 -4.14
N LEU A 641 -34.93 5.64 -5.36
CA LEU A 641 -35.42 4.29 -5.56
C LEU A 641 -34.46 3.27 -5.01
N ALA A 642 -33.20 3.64 -4.88
CA ALA A 642 -32.19 2.71 -4.41
C ALA A 642 -31.90 2.84 -2.94
N SER A 643 -32.82 3.41 -2.18
CA SER A 643 -32.63 3.54 -0.76
C SER A 643 -33.11 2.29 -0.08
N PRO A 644 -32.27 1.71 0.77
CA PRO A 644 -32.64 0.46 1.40
C PRO A 644 -33.98 0.54 2.12
N SER A 645 -34.28 1.66 2.75
CA SER A 645 -35.53 1.81 3.47
C SER A 645 -36.76 1.85 2.58
N LEU A 646 -36.68 2.60 1.49
CA LEU A 646 -37.80 2.67 0.58
C LEU A 646 -38.04 1.33 -0.05
N ILE A 647 -36.99 0.59 -0.33
CA ILE A 647 -37.14 -0.74 -0.87
C ILE A 647 -37.69 -1.68 0.20
N ALA A 648 -37.31 -1.49 1.44
CA ALA A 648 -37.89 -2.32 2.48
C ALA A 648 -39.37 -2.06 2.60
N LEU A 649 -39.77 -0.81 2.73
CA LEU A 649 -41.18 -0.45 2.92
C LEU A 649 -42.09 -0.62 1.73
N SER A 650 -41.64 -0.25 0.54
CA SER A 650 -42.52 -0.26 -0.62
C SER A 650 -42.46 -1.43 -1.60
N SER A 651 -41.44 -2.27 -1.51
CA SER A 651 -41.32 -3.33 -2.50
C SER A 651 -41.82 -4.66 -1.99
N GLU A 652 -42.48 -5.41 -2.85
CA GLU A 652 -42.99 -6.73 -2.47
C GLU A 652 -41.88 -7.74 -2.27
N ASP A 653 -40.87 -7.74 -3.12
CA ASP A 653 -39.74 -8.62 -2.92
C ASP A 653 -38.52 -7.77 -2.79
N PRO A 654 -38.22 -7.34 -1.57
CA PRO A 654 -37.10 -6.42 -1.44
C PRO A 654 -35.85 -7.00 -2.07
N ILE A 655 -35.64 -8.30 -1.95
CA ILE A 655 -34.43 -8.92 -2.47
C ILE A 655 -34.36 -8.86 -3.97
N LEU A 656 -35.50 -9.15 -4.65
CA LEU A 656 -35.45 -9.16 -6.10
C LEU A 656 -35.22 -7.75 -6.63
N THR A 657 -35.91 -6.77 -6.11
CA THR A 657 -35.80 -5.40 -6.60
C THR A 657 -34.39 -4.90 -6.50
N ALA A 658 -33.73 -5.16 -5.38
CA ALA A 658 -32.37 -4.72 -5.19
C ALA A 658 -31.47 -5.36 -6.21
N PHE A 659 -31.73 -6.62 -6.55
CA PHE A 659 -30.94 -7.29 -7.56
C PHE A 659 -31.10 -6.57 -8.88
N ARG A 660 -32.34 -6.36 -9.29
CA ARG A 660 -32.60 -5.73 -10.57
C ARG A 660 -32.11 -4.31 -10.63
N LEU A 661 -32.45 -3.54 -9.56
CA LEU A 661 -32.06 -2.16 -9.55
C LEU A 661 -30.55 -2.10 -9.65
N GLY A 662 -29.86 -2.93 -8.96
CA GLY A 662 -28.42 -2.92 -8.94
C GLY A 662 -27.92 -3.01 -10.35
N TRP A 663 -28.51 -3.90 -11.12
CA TRP A 663 -28.11 -4.06 -12.50
C TRP A 663 -28.35 -2.82 -13.32
N GLU A 664 -29.54 -2.25 -13.22
CA GLU A 664 -29.86 -1.08 -14.02
C GLU A 664 -28.90 0.04 -13.71
N LEU A 665 -28.60 0.22 -12.44
CA LEU A 665 -27.74 1.31 -12.04
C LEU A 665 -26.36 1.12 -12.66
N LYS A 666 -25.95 -0.21 -12.66
CA LYS A 666 -24.68 -0.54 -13.28
C LYS A 666 -24.68 -0.13 -14.73
N GLU A 667 -25.67 -0.47 -15.46
CA GLU A 667 -25.80 -0.16 -16.88
C GLU A 667 -25.80 1.33 -17.10
N LEU A 668 -26.51 2.06 -16.25
CA LEU A 668 -26.56 3.51 -16.37
C LEU A 668 -25.18 4.10 -16.15
N SER A 669 -24.41 3.51 -15.25
CA SER A 669 -23.10 4.04 -14.96
C SER A 669 -22.34 4.08 -16.24
N LYS A 670 -22.60 3.10 -17.09
CA LYS A 670 -21.87 3.02 -18.35
C LYS A 670 -22.40 4.02 -19.35
N VAL A 671 -23.71 4.07 -19.53
CA VAL A 671 -24.30 4.98 -20.50
C VAL A 671 -24.06 6.43 -20.11
N GLU A 672 -24.34 6.78 -18.87
CA GLU A 672 -24.08 8.13 -18.41
C GLU A 672 -22.67 8.18 -17.86
N ASN A 673 -21.70 8.47 -18.70
CA ASN A 673 -20.32 8.45 -18.26
C ASN A 673 -20.14 9.38 -17.10
N GLU A 674 -20.60 10.62 -17.22
CA GLU A 674 -20.54 11.51 -16.09
C GLU A 674 -21.51 10.94 -15.11
N PHE A 675 -21.28 11.14 -13.81
CA PHE A 675 -22.14 10.54 -12.80
C PHE A 675 -21.94 9.04 -12.77
N LYS A 676 -20.86 8.56 -13.36
CA LYS A 676 -20.57 7.13 -13.34
C LYS A 676 -20.35 6.68 -11.93
N ALA A 677 -19.53 7.40 -11.19
CA ALA A 677 -19.21 7.00 -9.83
C ALA A 677 -20.47 6.97 -9.01
N GLU A 678 -21.33 7.95 -9.21
CA GLU A 678 -22.54 8.03 -8.44
C GLU A 678 -23.40 6.80 -8.67
N TYR A 679 -23.65 6.47 -9.92
CA TYR A 679 -24.51 5.35 -10.21
C TYR A 679 -23.88 4.07 -9.70
N GLU A 680 -22.56 3.98 -9.77
CA GLU A 680 -21.88 2.79 -9.30
C GLU A 680 -21.98 2.67 -7.81
N GLU A 681 -21.92 3.78 -7.11
CA GLU A 681 -22.07 3.77 -5.68
C GLU A 681 -23.44 3.27 -5.33
N LEU A 682 -24.45 3.76 -6.04
CA LEU A 682 -25.81 3.36 -5.76
C LEU A 682 -25.99 1.86 -5.97
N SER A 683 -25.35 1.32 -7.00
CA SER A 683 -25.50 -0.09 -7.28
C SER A 683 -24.94 -0.92 -6.16
N GLN A 684 -23.79 -0.52 -5.63
CA GLN A 684 -23.20 -1.26 -4.54
C GLN A 684 -24.10 -1.18 -3.33
N GLN A 685 -24.76 -0.06 -3.15
CA GLN A 685 -25.67 0.10 -2.05
C GLN A 685 -26.76 -0.95 -2.13
N CYS A 686 -27.30 -1.15 -3.32
CA CYS A 686 -28.36 -2.12 -3.50
C CYS A 686 -27.87 -3.53 -3.25
N LYS A 687 -26.64 -3.81 -3.67
CA LYS A 687 -26.08 -5.14 -3.47
C LYS A 687 -25.84 -5.46 -2.00
N LEU A 688 -25.41 -4.40 -1.26
CA LEU A 688 -25.15 -4.58 0.14
C LEU A 688 -26.45 -4.85 0.89
N PHE A 689 -27.50 -4.20 0.50
CA PHE A 689 -28.79 -4.34 1.16
C PHE A 689 -29.27 -5.76 1.07
N ALA A 690 -29.17 -6.35 -0.11
CA ALA A 690 -29.65 -7.71 -0.31
C ALA A 690 -28.87 -8.69 0.54
N LYS A 691 -27.56 -8.52 0.61
CA LYS A 691 -26.75 -9.39 1.44
C LYS A 691 -27.14 -9.25 2.88
N ASP A 692 -27.36 -8.03 3.33
CA ASP A 692 -27.70 -7.79 4.72
C ASP A 692 -29.01 -8.44 5.11
N LEU A 693 -30.00 -8.37 4.24
CA LEU A 693 -31.26 -9.04 4.54
C LEU A 693 -31.02 -10.53 4.70
N LEU A 694 -30.18 -11.09 3.80
CA LEU A 694 -29.86 -12.51 3.89
C LEU A 694 -29.21 -12.83 5.22
N ASP A 695 -28.33 -11.95 5.68
CA ASP A 695 -27.62 -12.20 6.91
C ASP A 695 -28.53 -12.18 8.11
N GLN A 696 -29.75 -11.72 7.93
CA GLN A 696 -30.66 -11.61 9.05
C GLN A 696 -31.46 -12.89 9.19
N ALA A 697 -31.07 -13.91 8.44
CA ALA A 697 -31.75 -15.19 8.54
C ALA A 697 -31.26 -15.93 9.76
N ARG A 698 -32.16 -16.50 10.53
CA ARG A 698 -31.78 -17.17 11.76
C ARG A 698 -32.03 -18.68 11.79
N SER A 699 -32.65 -19.24 10.76
CA SER A 699 -32.87 -20.67 10.70
C SER A 699 -32.76 -21.14 9.28
N SER A 700 -32.46 -22.41 9.09
CA SER A 700 -32.27 -22.92 7.73
C SER A 700 -33.58 -22.95 6.98
N ARG A 701 -34.70 -23.04 7.69
CA ARG A 701 -35.99 -23.02 7.04
C ARG A 701 -36.16 -21.72 6.31
N GLU A 702 -35.82 -20.61 6.96
CA GLU A 702 -35.92 -19.32 6.33
C GLU A 702 -35.01 -19.24 5.13
N LEU A 703 -33.79 -19.72 5.28
CA LEU A 703 -32.83 -19.61 4.18
C LEU A 703 -33.34 -20.33 2.96
N GLU A 704 -33.97 -21.48 3.16
CA GLU A 704 -34.53 -22.21 2.05
C GLU A 704 -35.67 -21.44 1.43
N ILE A 705 -36.57 -20.96 2.26
CA ILE A 705 -37.73 -20.25 1.74
C ILE A 705 -37.29 -19.11 0.86
N ILE A 706 -36.19 -18.48 1.22
CA ILE A 706 -35.73 -17.32 0.46
C ILE A 706 -35.02 -17.74 -0.79
N LEU A 707 -34.05 -18.62 -0.67
CA LEU A 707 -33.25 -18.99 -1.83
C LEU A 707 -34.01 -19.83 -2.84
N ASN A 708 -35.09 -20.46 -2.41
CA ASN A 708 -35.84 -21.33 -3.31
C ASN A 708 -37.15 -20.68 -3.73
N HIS A 709 -37.24 -19.36 -3.63
CA HIS A 709 -38.48 -18.69 -3.98
C HIS A 709 -38.51 -18.31 -5.43
N ARG A 710 -39.57 -18.67 -6.12
CA ARG A 710 -39.70 -18.34 -7.54
C ARG A 710 -40.79 -17.32 -7.73
N ASP A 711 -40.46 -16.23 -8.39
CA ASP A 711 -41.43 -15.15 -8.58
C ASP A 711 -42.61 -15.58 -9.42
N ASP A 712 -42.33 -16.18 -10.57
CA ASP A 712 -43.40 -16.59 -11.48
C ASP A 712 -44.28 -15.41 -11.85
N LYS A 721 -39.43 -25.11 -11.48
CA LYS A 721 -40.27 -25.28 -10.30
C LYS A 721 -39.62 -24.68 -9.09
N TYR A 722 -40.28 -24.81 -7.94
CA TYR A 722 -39.69 -24.34 -6.70
C TYR A 722 -38.75 -25.42 -6.23
N HIS A 723 -38.00 -25.16 -5.17
CA HIS A 723 -37.03 -26.14 -4.66
C HIS A 723 -35.87 -26.32 -5.63
N ASP A 724 -35.61 -25.31 -6.44
CA ASP A 724 -34.50 -25.38 -7.38
C ASP A 724 -33.48 -24.29 -7.12
N LEU A 725 -33.49 -23.71 -5.93
CA LEU A 725 -32.59 -22.62 -5.62
C LEU A 725 -32.75 -21.53 -6.66
N ALA A 726 -33.99 -21.13 -6.91
CA ALA A 726 -34.24 -20.13 -7.94
C ALA A 726 -33.58 -18.79 -7.68
N LYS A 727 -33.76 -18.23 -6.51
CA LYS A 727 -33.21 -16.89 -6.26
C LYS A 727 -31.71 -16.94 -6.25
N LEU A 728 -31.15 -18.06 -5.83
CA LEU A 728 -29.71 -18.17 -5.86
C LEU A 728 -29.27 -18.05 -7.31
N LYS A 729 -30.08 -18.57 -8.21
CA LYS A 729 -29.76 -18.54 -9.63
C LYS A 729 -29.86 -17.13 -10.17
N VAL A 730 -30.94 -16.44 -9.84
CA VAL A 730 -31.11 -15.06 -10.29
C VAL A 730 -29.97 -14.22 -9.76
N ALA A 731 -29.51 -14.51 -8.55
CA ALA A 731 -28.43 -13.76 -7.97
C ALA A 731 -27.18 -13.97 -8.78
N ILE A 732 -26.96 -15.13 -9.29
CA ILE A 732 -25.78 -15.40 -10.08
C ILE A 732 -25.91 -14.71 -11.43
N LYS A 733 -27.15 -14.66 -11.95
CA LYS A 733 -27.38 -13.95 -13.20
C LYS A 733 -27.04 -12.48 -13.07
N TYR A 734 -27.46 -11.87 -11.98
CA TYR A 734 -27.24 -10.43 -11.80
C TYR A 734 -25.90 -10.16 -11.15
N HIS A 735 -25.05 -11.15 -11.08
CA HIS A 735 -23.72 -10.97 -10.51
C HIS A 735 -23.75 -10.50 -9.07
N GLN A 736 -24.79 -10.83 -8.33
CA GLN A 736 -24.83 -10.48 -6.94
C GLN A 736 -23.87 -11.40 -6.23
N LYS A 737 -22.55 -11.00 -6.34
CA LYS A 737 -21.50 -11.85 -5.77
C LYS A 737 -21.57 -11.99 -4.26
N GLU A 738 -21.76 -10.93 -3.55
CA GLU A 738 -21.75 -10.93 -2.10
C GLU A 738 -22.88 -11.76 -1.56
N PHE A 739 -24.05 -11.63 -2.15
CA PHE A 739 -25.20 -12.40 -1.71
C PHE A 739 -24.86 -13.87 -1.80
N VAL A 740 -24.26 -14.28 -2.90
CA VAL A 740 -23.91 -15.68 -3.09
C VAL A 740 -22.86 -16.16 -2.10
N ALA A 741 -21.89 -15.32 -1.82
CA ALA A 741 -20.80 -15.72 -0.93
C ALA A 741 -21.18 -15.71 0.53
N GLN A 742 -22.36 -15.19 0.86
CA GLN A 742 -22.75 -15.10 2.26
C GLN A 742 -22.59 -16.46 2.88
N PRO A 743 -21.98 -16.46 4.12
CA PRO A 743 -21.74 -17.73 4.80
C PRO A 743 -22.90 -18.69 4.72
N ASN A 744 -24.07 -18.28 5.21
CA ASN A 744 -25.20 -19.19 5.25
C ASN A 744 -25.47 -19.78 3.89
N CYS A 745 -25.48 -18.96 2.87
CA CYS A 745 -25.79 -19.42 1.52
C CYS A 745 -24.81 -20.49 1.13
N GLN A 746 -23.54 -20.23 1.40
CA GLN A 746 -22.51 -21.20 1.06
C GLN A 746 -22.76 -22.52 1.75
N GLN A 747 -23.11 -22.45 3.02
CA GLN A 747 -23.32 -23.66 3.79
C GLN A 747 -24.42 -24.53 3.19
N LEU A 748 -25.52 -23.92 2.79
CA LEU A 748 -26.60 -24.67 2.20
C LEU A 748 -26.10 -25.36 0.97
N LEU A 749 -25.46 -24.63 0.08
CA LEU A 749 -24.96 -25.22 -1.15
C LEU A 749 -24.04 -26.38 -0.85
N ALA A 750 -23.19 -26.21 0.17
CA ALA A 750 -22.24 -27.27 0.49
C ALA A 750 -22.98 -28.54 0.83
N THR A 751 -24.04 -28.44 1.61
CA THR A 751 -24.77 -29.62 2.02
C THR A 751 -25.30 -30.33 0.79
N LEU A 752 -25.80 -29.56 -0.16
CA LEU A 752 -26.32 -30.14 -1.38
C LEU A 752 -25.20 -30.74 -2.21
N TRP A 753 -24.06 -30.08 -2.23
CA TRP A 753 -22.92 -30.57 -3.00
C TRP A 753 -22.39 -31.87 -2.48
N TYR A 754 -22.17 -31.95 -1.17
CA TYR A 754 -21.56 -33.14 -0.59
C TYR A 754 -22.56 -34.18 -0.15
N ASP A 755 -23.78 -34.11 -0.64
CA ASP A 755 -24.75 -35.15 -0.32
C ASP A 755 -24.17 -36.49 -0.66
N GLY A 756 -24.33 -37.47 0.22
CA GLY A 756 -23.81 -38.79 -0.05
C GLY A 756 -22.54 -39.00 0.73
N PHE A 757 -21.95 -37.89 1.17
CA PHE A 757 -20.73 -37.98 1.96
C PHE A 757 -20.87 -37.10 3.17
N PRO A 758 -21.88 -37.39 4.01
CA PRO A 758 -21.99 -36.59 5.22
C PRO A 758 -20.71 -36.69 6.03
N GLY A 759 -20.26 -35.60 6.62
CA GLY A 759 -19.07 -35.62 7.43
C GLY A 759 -17.84 -35.50 6.57
N TRP A 760 -18.03 -35.29 5.28
CA TRP A 760 -16.89 -35.21 4.39
C TRP A 760 -15.96 -34.15 4.92
N ARG A 761 -16.53 -33.13 5.55
CA ARG A 761 -15.71 -32.08 6.13
C ARG A 761 -14.84 -32.64 7.24
N ARG A 762 -15.40 -33.53 8.07
CA ARG A 762 -14.65 -34.11 9.16
C ARG A 762 -13.66 -35.16 8.68
N LYS A 763 -13.92 -35.73 7.50
CA LYS A 763 -13.05 -36.78 7.00
C LYS A 763 -11.60 -36.34 6.95
N HIS A 764 -10.70 -37.21 7.38
CA HIS A 764 -9.29 -36.88 7.37
C HIS A 764 -8.86 -36.68 5.94
N TRP A 765 -7.91 -35.79 5.72
CA TRP A 765 -7.50 -35.50 4.36
C TRP A 765 -7.16 -36.78 3.64
N VAL A 766 -6.42 -37.66 4.31
CA VAL A 766 -6.05 -38.92 3.69
C VAL A 766 -7.30 -39.69 3.36
N VAL A 767 -8.20 -39.81 4.32
CA VAL A 767 -9.43 -40.56 4.09
C VAL A 767 -10.10 -39.99 2.87
N LYS A 768 -10.28 -38.68 2.86
CA LYS A 768 -10.88 -38.04 1.71
C LYS A 768 -10.18 -38.52 0.48
N LEU A 769 -8.86 -38.29 0.44
CA LEU A 769 -8.11 -38.66 -0.74
C LEU A 769 -8.51 -40.05 -1.18
N LEU A 770 -8.54 -40.98 -0.24
CA LEU A 770 -8.85 -42.35 -0.58
C LEU A 770 -10.21 -42.46 -1.24
N THR A 771 -11.22 -41.84 -0.65
CA THR A 771 -12.55 -41.93 -1.19
C THR A 771 -12.58 -41.41 -2.61
N CYS A 772 -11.98 -40.26 -2.83
CA CYS A 772 -12.00 -39.66 -4.16
C CYS A 772 -11.36 -40.60 -5.16
N MET A 773 -10.21 -41.15 -4.80
CA MET A 773 -9.50 -42.01 -5.73
C MET A 773 -10.36 -43.16 -6.15
N THR A 774 -10.92 -43.87 -5.18
CA THR A 774 -11.73 -45.04 -5.50
C THR A 774 -12.83 -44.69 -6.48
N ILE A 775 -13.61 -43.66 -6.16
CA ILE A 775 -14.72 -43.28 -7.01
C ILE A 775 -14.24 -42.99 -8.41
N GLY A 776 -13.19 -42.20 -8.54
CA GLY A 776 -12.70 -41.84 -9.85
C GLY A 776 -12.33 -43.08 -10.64
N PHE A 777 -11.65 -44.01 -9.99
CA PHE A 777 -11.24 -45.23 -10.66
C PHE A 777 -12.46 -45.99 -11.15
N LEU A 778 -13.52 -46.02 -10.34
CA LEU A 778 -14.68 -46.79 -10.71
C LEU A 778 -15.62 -45.97 -11.56
N PHE A 779 -15.16 -44.83 -12.05
CA PHE A 779 -16.05 -43.96 -12.83
C PHE A 779 -16.75 -44.72 -13.96
N PRO A 780 -16.01 -45.63 -14.66
CA PRO A 780 -16.75 -46.27 -15.75
C PRO A 780 -17.92 -47.07 -15.20
N MET A 781 -17.73 -47.75 -14.08
CA MET A 781 -18.78 -48.58 -13.53
C MET A 781 -19.99 -47.75 -13.17
N LEU A 782 -19.78 -46.67 -12.43
CA LEU A 782 -20.88 -45.82 -12.02
C LEU A 782 -21.56 -45.26 -13.24
N SER A 783 -20.77 -44.87 -14.23
CA SER A 783 -21.34 -44.26 -15.42
C SER A 783 -22.30 -45.20 -16.10
N ILE A 784 -21.93 -46.47 -16.18
CA ILE A 784 -22.78 -47.45 -16.86
C ILE A 784 -24.04 -47.75 -16.06
N ALA A 785 -23.88 -48.06 -14.79
CA ALA A 785 -25.03 -48.42 -13.97
C ALA A 785 -26.16 -47.46 -14.20
N TYR A 786 -25.86 -46.17 -14.11
CA TYR A 786 -26.88 -45.17 -14.34
C TYR A 786 -27.56 -45.41 -15.67
N LEU A 787 -26.79 -45.54 -16.74
CA LEU A 787 -27.37 -45.72 -18.05
C LEU A 787 -28.31 -46.91 -18.05
N ILE A 788 -27.83 -48.03 -17.50
CA ILE A 788 -28.63 -49.24 -17.50
C ILE A 788 -29.89 -49.10 -16.66
N SER A 789 -29.73 -48.60 -15.44
CA SER A 789 -30.86 -48.52 -14.53
C SER A 789 -30.68 -47.37 -13.57
N PRO A 790 -31.14 -46.17 -13.95
CA PRO A 790 -30.86 -45.06 -13.03
C PRO A 790 -31.32 -45.39 -11.63
N ARG A 791 -32.42 -46.11 -11.51
CA ARG A 791 -32.98 -46.42 -10.20
C ARG A 791 -32.04 -47.26 -9.35
N SER A 792 -31.17 -48.03 -9.98
CA SER A 792 -30.27 -48.89 -9.23
C SER A 792 -29.48 -48.08 -8.24
N ASN A 793 -29.24 -48.64 -7.06
CA ASN A 793 -28.43 -47.95 -6.06
C ASN A 793 -27.23 -47.31 -6.74
N LEU A 794 -26.47 -48.10 -7.48
CA LEU A 794 -25.32 -47.56 -8.20
C LEU A 794 -25.76 -46.43 -9.11
N GLY A 795 -26.89 -46.61 -9.77
CA GLY A 795 -27.38 -45.57 -10.66
C GLY A 795 -27.57 -44.29 -9.89
N LEU A 796 -28.04 -44.49 -8.62
CA LEU A 796 -28.29 -43.35 -7.75
C LEU A 796 -27.00 -42.63 -7.38
N PHE A 797 -25.94 -43.35 -7.19
CA PHE A 797 -24.68 -42.77 -6.73
C PHE A 797 -24.12 -41.70 -7.66
N ILE A 798 -24.13 -41.96 -8.96
CA ILE A 798 -23.55 -41.00 -9.90
C ILE A 798 -24.36 -39.72 -9.94
N LYS A 799 -25.62 -39.79 -9.53
CA LYS A 799 -26.49 -38.63 -9.58
C LYS A 799 -26.07 -37.55 -8.59
N LYS A 800 -25.44 -37.96 -7.50
CA LYS A 800 -24.99 -37.00 -6.50
C LYS A 800 -24.01 -36.04 -7.14
N PRO A 801 -24.14 -34.74 -6.84
CA PRO A 801 -23.27 -33.77 -7.53
C PRO A 801 -21.78 -34.01 -7.34
N PHE A 802 -21.30 -34.03 -6.11
CA PHE A 802 -19.87 -34.18 -5.88
C PHE A 802 -19.37 -35.33 -6.71
N ILE A 803 -20.11 -36.43 -6.71
CA ILE A 803 -19.73 -37.56 -7.53
C ILE A 803 -19.60 -37.10 -8.97
N LYS A 804 -20.67 -36.53 -9.52
CA LYS A 804 -20.61 -36.11 -10.90
C LYS A 804 -19.30 -35.40 -11.14
N PHE A 805 -18.95 -34.49 -10.26
CA PHE A 805 -17.74 -33.72 -10.46
C PHE A 805 -16.57 -34.67 -10.56
N ILE A 806 -16.44 -35.55 -9.57
CA ILE A 806 -15.32 -36.47 -9.55
C ILE A 806 -15.31 -37.35 -10.78
N CYS A 807 -16.46 -37.92 -11.11
CA CYS A 807 -16.53 -38.77 -12.28
C CYS A 807 -16.16 -38.00 -13.52
N HIS A 808 -16.73 -36.82 -13.68
CA HIS A 808 -16.47 -36.03 -14.88
C HIS A 808 -15.02 -35.58 -14.97
N THR A 809 -14.37 -35.37 -13.84
CA THR A 809 -12.97 -35.00 -13.85
C THR A 809 -12.12 -36.18 -14.27
N ALA A 810 -12.46 -37.37 -13.78
CA ALA A 810 -11.72 -38.56 -14.14
C ALA A 810 -11.81 -38.83 -15.63
N SER A 811 -12.99 -38.64 -16.20
CA SER A 811 -13.17 -38.85 -17.61
C SER A 811 -12.24 -37.94 -18.38
N TYR A 812 -12.15 -36.69 -17.97
CA TYR A 812 -11.29 -35.74 -18.68
C TYR A 812 -9.86 -36.19 -18.54
N LEU A 813 -9.46 -36.55 -17.33
CA LEU A 813 -8.09 -36.96 -17.12
C LEU A 813 -7.78 -38.20 -17.94
N THR A 814 -8.71 -39.14 -18.01
CA THR A 814 -8.49 -40.31 -18.83
C THR A 814 -8.26 -39.86 -20.24
N PHE A 815 -9.04 -38.92 -20.71
CA PHE A 815 -8.92 -38.44 -22.07
C PHE A 815 -7.53 -37.90 -22.27
N LEU A 816 -7.06 -37.10 -21.37
CA LEU A 816 -5.76 -36.46 -21.50
C LEU A 816 -4.68 -37.53 -21.54
N PHE A 817 -4.85 -38.59 -20.76
CA PHE A 817 -3.88 -39.68 -20.79
C PHE A 817 -3.89 -40.35 -22.16
N MET A 818 -5.07 -40.52 -22.74
CA MET A 818 -5.15 -41.07 -24.08
C MET A 818 -4.32 -40.21 -25.00
N LEU A 819 -4.50 -38.89 -24.92
CA LEU A 819 -3.77 -37.99 -25.78
C LEU A 819 -2.28 -38.20 -25.64
N LEU A 820 -1.81 -38.42 -24.42
CA LEU A 820 -0.39 -38.62 -24.17
C LEU A 820 0.12 -39.87 -24.85
N LEU A 821 -0.67 -40.94 -24.79
CA LEU A 821 -0.28 -42.18 -25.42
C LEU A 821 -0.11 -41.99 -26.92
N ALA A 822 -0.90 -41.09 -27.49
CA ALA A 822 -0.86 -40.88 -28.93
C ALA A 822 0.50 -40.47 -29.42
N SER A 823 1.27 -39.81 -28.58
CA SER A 823 2.59 -39.33 -28.98
C SER A 823 3.64 -40.40 -28.73
N GLN A 824 3.22 -41.62 -28.44
CA GLN A 824 4.18 -42.65 -28.10
C GLN A 824 4.13 -43.84 -29.05
N HIS A 825 5.05 -44.79 -28.86
CA HIS A 825 5.10 -45.95 -29.72
C HIS A 825 4.07 -46.96 -29.25
N ILE A 826 3.12 -46.49 -28.44
CA ILE A 826 2.06 -47.36 -27.96
C ILE A 826 1.56 -48.17 -29.13
N VAL A 827 1.42 -47.51 -30.27
CA VAL A 827 0.93 -48.18 -31.46
C VAL A 827 1.99 -48.14 -32.55
N ARG A 828 3.07 -47.39 -32.33
CA ARG A 828 4.17 -47.39 -33.31
C ARG A 828 3.70 -47.43 -34.75
N THR A 829 2.98 -46.40 -35.18
CA THR A 829 2.53 -46.34 -36.56
C THR A 829 3.66 -45.88 -37.49
N ASP A 830 3.55 -46.19 -38.77
CA ASP A 830 4.55 -45.77 -39.73
C ASP A 830 4.48 -44.27 -39.94
N LEU A 831 5.54 -43.69 -40.50
CA LEU A 831 5.56 -42.24 -40.66
C LEU A 831 5.73 -41.79 -42.11
N HIS A 832 5.43 -42.65 -43.06
CA HIS A 832 5.54 -42.27 -44.46
C HIS A 832 4.26 -42.60 -45.20
N VAL A 833 3.28 -43.12 -44.49
CA VAL A 833 2.01 -43.47 -45.11
C VAL A 833 1.12 -42.24 -45.13
N GLN A 834 1.21 -41.47 -46.20
CA GLN A 834 0.34 -40.31 -46.33
C GLN A 834 -1.09 -40.81 -46.27
N GLY A 835 -1.94 -40.15 -45.49
CA GLY A 835 -3.29 -40.61 -45.32
C GLY A 835 -3.36 -41.95 -44.60
N PRO A 836 -2.76 -42.02 -43.41
CA PRO A 836 -2.72 -43.29 -42.67
C PRO A 836 -4.06 -43.65 -42.05
N PRO A 837 -4.26 -44.92 -41.72
CA PRO A 837 -5.49 -45.35 -41.07
C PRO A 837 -5.49 -44.96 -39.59
N PRO A 838 -6.66 -44.52 -39.07
CA PRO A 838 -6.61 -44.08 -37.67
C PRO A 838 -6.11 -45.18 -36.76
N THR A 839 -5.19 -44.86 -35.87
CA THR A 839 -4.67 -45.85 -34.94
C THR A 839 -5.70 -46.17 -33.87
N VAL A 840 -5.54 -47.30 -33.20
CA VAL A 840 -6.45 -47.67 -32.14
C VAL A 840 -6.61 -46.53 -31.15
N VAL A 841 -5.49 -45.95 -30.73
CA VAL A 841 -5.57 -44.88 -29.74
C VAL A 841 -6.48 -43.80 -30.26
N GLU A 842 -6.24 -43.38 -31.50
CA GLU A 842 -7.06 -42.35 -32.10
C GLU A 842 -8.51 -42.77 -32.10
N TRP A 843 -8.78 -44.04 -32.40
CA TRP A 843 -10.14 -44.52 -32.40
C TRP A 843 -10.78 -44.30 -31.05
N MET A 844 -10.08 -44.66 -29.98
CA MET A 844 -10.63 -44.52 -28.64
C MET A 844 -10.86 -43.08 -28.26
N ILE A 845 -9.96 -42.20 -28.70
CA ILE A 845 -10.09 -40.79 -28.40
C ILE A 845 -11.36 -40.25 -29.04
N LEU A 846 -11.75 -40.80 -30.17
CA LEU A 846 -12.89 -40.26 -30.89
C LEU A 846 -14.17 -40.19 -30.04
N PRO A 847 -14.55 -41.30 -29.39
CA PRO A 847 -15.76 -41.18 -28.59
C PRO A 847 -15.75 -39.95 -27.69
N TRP A 848 -14.71 -39.76 -26.90
CA TRP A 848 -14.68 -38.66 -25.98
C TRP A 848 -14.93 -37.38 -26.73
N VAL A 849 -14.16 -37.17 -27.78
CA VAL A 849 -14.30 -35.95 -28.55
C VAL A 849 -15.77 -35.74 -28.87
N LEU A 850 -16.47 -36.81 -29.24
CA LEU A 850 -17.86 -36.68 -29.61
C LEU A 850 -18.68 -36.25 -28.41
N GLY A 851 -18.40 -36.83 -27.26
CA GLY A 851 -19.10 -36.46 -26.05
C GLY A 851 -18.92 -35.00 -25.71
N PHE A 852 -17.69 -34.50 -25.83
CA PHE A 852 -17.42 -33.12 -25.47
C PHE A 852 -18.21 -32.18 -26.36
N ILE A 853 -18.23 -32.46 -27.65
CA ILE A 853 -18.99 -31.63 -28.58
C ILE A 853 -20.46 -31.69 -28.24
N TRP A 854 -20.95 -32.90 -27.99
CA TRP A 854 -22.35 -33.07 -27.67
C TRP A 854 -22.70 -32.31 -26.42
N GLY A 855 -21.81 -32.37 -25.43
CA GLY A 855 -22.06 -31.66 -24.20
C GLY A 855 -22.24 -30.19 -24.51
N GLU A 856 -21.37 -29.66 -25.35
CA GLU A 856 -21.45 -28.24 -25.69
C GLU A 856 -22.79 -27.95 -26.34
N ILE A 857 -23.21 -28.80 -27.27
CA ILE A 857 -24.48 -28.59 -27.94
C ILE A 857 -25.58 -28.47 -26.91
N LYS A 858 -25.64 -29.46 -26.02
CA LYS A 858 -26.65 -29.44 -24.97
C LYS A 858 -26.54 -28.15 -24.16
N GLU A 859 -25.33 -27.82 -23.74
CA GLU A 859 -25.12 -26.61 -22.98
C GLU A 859 -25.78 -25.45 -23.70
N MET A 860 -25.46 -25.29 -24.98
CA MET A 860 -26.03 -24.21 -25.74
C MET A 860 -27.53 -24.33 -25.75
N TRP A 861 -28.03 -25.54 -26.00
CA TRP A 861 -29.47 -25.75 -26.05
C TRP A 861 -30.11 -25.54 -24.70
N ASP A 862 -29.55 -26.13 -23.66
CA ASP A 862 -30.16 -26.05 -22.34
C ASP A 862 -29.90 -24.73 -21.62
N GLY A 863 -29.06 -23.88 -22.19
CA GLY A 863 -28.74 -22.63 -21.53
C GLY A 863 -28.92 -21.42 -22.42
N GLY A 864 -29.12 -21.64 -23.70
CA GLY A 864 -29.28 -20.54 -24.63
C GLY A 864 -27.92 -20.00 -25.04
N PHE A 865 -27.85 -19.43 -26.23
CA PHE A 865 -26.57 -18.93 -26.72
C PHE A 865 -26.01 -17.89 -25.77
N THR A 866 -26.88 -17.09 -25.18
CA THR A 866 -26.41 -16.03 -24.31
C THR A 866 -25.54 -16.56 -23.20
N GLU A 867 -26.08 -17.49 -22.41
CA GLU A 867 -25.32 -18.04 -21.30
C GLU A 867 -24.07 -18.71 -21.79
N TYR A 868 -24.22 -19.58 -22.78
CA TYR A 868 -23.07 -20.29 -23.31
C TYR A 868 -22.02 -19.30 -23.74
N ILE A 869 -22.41 -18.32 -24.54
CA ILE A 869 -21.46 -17.35 -25.05
C ILE A 869 -20.82 -16.59 -23.90
N HIS A 870 -21.63 -16.18 -22.93
CA HIS A 870 -21.10 -15.42 -21.81
C HIS A 870 -19.90 -16.13 -21.20
N ASP A 871 -20.06 -17.42 -20.92
CA ASP A 871 -18.98 -18.17 -20.29
C ASP A 871 -17.73 -18.00 -21.13
N TRP A 872 -16.61 -17.70 -20.46
CA TRP A 872 -15.36 -17.54 -21.17
C TRP A 872 -14.85 -18.88 -21.63
N TRP A 873 -14.90 -19.86 -20.73
CA TRP A 873 -14.37 -21.19 -21.07
C TRP A 873 -15.07 -21.87 -22.23
N ASN A 874 -16.34 -21.58 -22.42
CA ASN A 874 -17.04 -22.15 -23.54
C ASN A 874 -16.29 -21.78 -24.80
N LEU A 875 -15.60 -20.65 -24.78
CA LEU A 875 -14.80 -20.26 -25.93
C LEU A 875 -13.70 -21.28 -26.16
N MET A 876 -12.98 -21.64 -25.12
CA MET A 876 -11.91 -22.62 -25.25
C MET A 876 -12.47 -23.98 -25.62
N ASP A 877 -13.62 -24.33 -25.06
CA ASP A 877 -14.24 -25.60 -25.38
C ASP A 877 -14.51 -25.61 -26.86
N PHE A 878 -15.02 -24.50 -27.36
CA PHE A 878 -15.33 -24.42 -28.77
C PHE A 878 -14.07 -24.60 -29.59
N ALA A 879 -13.02 -23.88 -29.24
CA ALA A 879 -11.78 -23.96 -30.00
C ALA A 879 -11.21 -25.38 -29.97
N MET A 880 -11.12 -25.96 -28.78
CA MET A 880 -10.58 -27.29 -28.65
C MET A 880 -11.40 -28.24 -29.50
N ASN A 881 -12.71 -28.18 -29.36
CA ASN A 881 -13.57 -29.11 -30.09
C ASN A 881 -13.47 -28.90 -31.59
N SER A 882 -13.46 -27.65 -32.02
CA SER A 882 -13.40 -27.37 -33.44
C SER A 882 -12.11 -27.92 -34.05
N LEU A 883 -11.01 -27.78 -33.34
CA LEU A 883 -9.74 -28.30 -33.83
C LEU A 883 -9.77 -29.82 -33.85
N TYR A 884 -10.35 -30.41 -32.82
CA TYR A 884 -10.44 -31.87 -32.76
C TYR A 884 -11.40 -32.35 -33.83
N LEU A 885 -12.07 -31.44 -34.50
CA LEU A 885 -12.95 -31.82 -35.60
C LEU A 885 -12.24 -31.66 -36.92
N ALA A 886 -11.64 -30.51 -37.13
CA ALA A 886 -10.85 -30.32 -38.34
C ALA A 886 -9.83 -31.43 -38.45
N THR A 887 -9.29 -31.87 -37.31
CA THR A 887 -8.34 -32.97 -37.33
C THR A 887 -9.00 -34.17 -37.96
N ILE A 888 -10.17 -34.52 -37.49
CA ILE A 888 -10.88 -35.67 -38.05
C ILE A 888 -11.10 -35.48 -39.54
N SER A 889 -11.62 -34.30 -39.91
CA SER A 889 -11.91 -34.07 -41.31
C SER A 889 -10.68 -34.23 -42.17
N LEU A 890 -9.59 -33.58 -41.77
CA LEU A 890 -8.36 -33.65 -42.55
C LEU A 890 -7.86 -35.08 -42.61
N LYS A 891 -8.03 -35.81 -41.52
CA LYS A 891 -7.62 -37.20 -41.51
C LYS A 891 -8.36 -37.96 -42.60
N ILE A 892 -9.67 -37.72 -42.70
CA ILE A 892 -10.46 -38.40 -43.70
C ILE A 892 -10.03 -37.96 -45.09
N VAL A 893 -9.95 -36.65 -45.30
CA VAL A 893 -9.54 -36.12 -46.60
C VAL A 893 -8.22 -36.71 -47.01
N ALA A 894 -7.48 -37.26 -46.06
CA ALA A 894 -6.18 -37.82 -46.36
C ALA A 894 -6.26 -39.32 -46.58
N TYR A 895 -7.16 -40.00 -45.88
CA TYR A 895 -7.34 -41.42 -46.12
C TYR A 895 -7.71 -41.53 -47.57
N VAL A 896 -8.54 -40.62 -48.02
CA VAL A 896 -8.88 -40.58 -49.43
C VAL A 896 -7.86 -39.67 -50.10
N LYS A 897 -7.63 -39.84 -51.39
CA LYS A 897 -6.72 -38.95 -52.12
C LYS A 897 -5.24 -39.17 -51.78
N TYR A 898 -4.96 -40.08 -50.85
CA TYR A 898 -3.58 -40.36 -50.49
C TYR A 898 -3.42 -41.81 -50.05
N ASN A 899 -3.34 -42.72 -51.01
CA ASN A 899 -3.18 -44.13 -50.70
C ASN A 899 -1.72 -44.55 -50.70
N GLY A 900 -0.84 -43.66 -51.14
CA GLY A 900 0.57 -43.99 -51.24
C GLY A 900 1.32 -43.85 -49.94
N SER A 901 2.65 -43.93 -50.01
CA SER A 901 3.47 -43.78 -48.82
C SER A 901 4.80 -43.11 -49.17
N ARG A 902 4.73 -41.90 -49.72
CA ARG A 902 5.94 -41.20 -50.12
C ARG A 902 6.72 -40.70 -48.92
N PRO A 903 8.03 -40.49 -49.10
CA PRO A 903 8.88 -40.00 -48.00
C PRO A 903 8.36 -38.70 -47.40
N ARG A 904 8.44 -38.57 -46.09
CA ARG A 904 7.91 -37.39 -45.41
C ARG A 904 8.53 -36.14 -46.01
N GLU A 905 9.82 -36.21 -46.34
CA GLU A 905 10.50 -35.05 -46.89
C GLU A 905 9.93 -34.62 -48.23
N GLU A 906 9.32 -35.57 -48.94
CA GLU A 906 8.74 -35.24 -50.22
C GLU A 906 7.38 -34.59 -50.05
N TRP A 907 6.73 -34.83 -48.92
CA TRP A 907 5.40 -34.28 -48.71
C TRP A 907 5.46 -32.77 -48.84
N GLU A 908 4.45 -32.19 -49.47
CA GLU A 908 4.40 -30.75 -49.65
C GLU A 908 4.19 -30.05 -48.33
N MET A 909 4.26 -28.72 -48.34
CA MET A 909 4.05 -27.95 -47.13
C MET A 909 2.67 -28.13 -46.55
N TRP A 910 1.65 -28.16 -47.39
CA TRP A 910 0.28 -28.24 -46.91
C TRP A 910 -0.35 -29.62 -47.05
N HIS A 911 0.46 -30.67 -47.07
CA HIS A 911 -0.10 -32.00 -47.15
C HIS A 911 -1.13 -32.13 -46.05
N PRO A 912 -2.29 -32.72 -46.36
CA PRO A 912 -3.33 -32.75 -45.32
C PRO A 912 -2.84 -33.39 -44.04
N THR A 913 -2.04 -34.46 -44.13
CA THR A 913 -1.61 -35.17 -42.95
C THR A 913 -0.83 -34.25 -42.04
N LEU A 914 0.04 -33.44 -42.62
CA LEU A 914 0.85 -32.52 -41.83
C LEU A 914 -0.04 -31.52 -41.13
N ILE A 915 -1.03 -30.99 -41.84
CA ILE A 915 -1.93 -30.03 -41.25
C ILE A 915 -2.72 -30.66 -40.11
N ALA A 916 -3.16 -31.89 -40.30
CA ALA A 916 -3.93 -32.57 -39.28
C ALA A 916 -3.13 -32.69 -38.01
N GLU A 917 -1.89 -33.15 -38.13
CA GLU A 917 -1.06 -33.34 -36.96
C GLU A 917 -0.91 -32.02 -36.22
N ALA A 918 -0.75 -30.94 -36.95
CA ALA A 918 -0.59 -29.65 -36.33
C ALA A 918 -1.80 -29.28 -35.50
N LEU A 919 -2.98 -29.44 -36.08
CA LEU A 919 -4.21 -29.08 -35.38
C LEU A 919 -4.38 -29.92 -34.13
N PHE A 920 -4.09 -31.21 -34.24
CA PHE A 920 -4.24 -32.10 -33.10
C PHE A 920 -3.37 -31.63 -31.96
N ALA A 921 -2.13 -31.26 -32.28
CA ALA A 921 -1.21 -30.83 -31.23
C ALA A 921 -1.70 -29.56 -30.57
N ILE A 922 -2.15 -28.60 -31.37
CA ILE A 922 -2.61 -27.35 -30.81
C ILE A 922 -3.74 -27.61 -29.85
N SER A 923 -4.63 -28.53 -30.22
CA SER A 923 -5.77 -28.83 -29.39
C SER A 923 -5.33 -29.52 -28.12
N ASN A 924 -4.35 -30.42 -28.22
CA ASN A 924 -3.84 -31.09 -27.03
C ASN A 924 -3.34 -30.05 -26.06
N ILE A 925 -2.90 -28.90 -26.53
CA ILE A 925 -2.48 -27.85 -25.63
C ILE A 925 -3.69 -27.26 -24.93
N LEU A 926 -4.71 -26.91 -25.71
CA LEU A 926 -5.90 -26.32 -25.13
C LEU A 926 -6.56 -27.28 -24.18
N SER A 927 -6.63 -28.55 -24.56
CA SER A 927 -7.32 -29.52 -23.72
C SER A 927 -6.69 -29.62 -22.36
N SER A 928 -5.37 -29.64 -22.31
CA SER A 928 -4.67 -29.80 -21.04
C SER A 928 -4.73 -28.53 -20.21
N LEU A 929 -5.02 -27.40 -20.85
CA LEU A 929 -5.11 -26.14 -20.13
C LEU A 929 -6.49 -25.96 -19.53
N ARG A 930 -7.46 -26.73 -20.02
CA ARG A 930 -8.80 -26.62 -19.48
C ARG A 930 -8.82 -27.07 -18.03
N LEU A 931 -7.81 -27.82 -17.61
CA LEU A 931 -7.75 -28.30 -16.24
C LEU A 931 -7.65 -27.15 -15.25
N ILE A 932 -7.18 -26.01 -15.70
CA ILE A 932 -7.08 -24.86 -14.83
C ILE A 932 -8.45 -24.52 -14.27
N SER A 933 -9.49 -24.79 -15.05
CA SER A 933 -10.84 -24.51 -14.59
C SER A 933 -11.14 -25.26 -13.33
N LEU A 934 -10.68 -26.50 -13.24
CA LEU A 934 -10.95 -27.33 -12.07
C LEU A 934 -10.41 -26.73 -10.79
N PHE A 935 -9.44 -25.84 -10.90
CA PHE A 935 -8.81 -25.28 -9.70
C PHE A 935 -9.83 -24.59 -8.81
N THR A 936 -10.80 -23.94 -9.43
CA THR A 936 -11.81 -23.22 -8.67
C THR A 936 -12.35 -24.09 -7.55
N ALA A 937 -12.27 -25.39 -7.71
CA ALA A 937 -12.80 -26.30 -6.70
C ALA A 937 -11.96 -26.28 -5.43
N ASN A 938 -10.67 -26.33 -5.51
CA ASN A 938 -9.82 -26.34 -4.33
C ASN A 938 -9.85 -25.01 -3.63
N SER A 939 -9.63 -24.97 -2.36
CA SER A 939 -9.70 -23.77 -1.58
C SER A 939 -8.41 -22.98 -1.67
N HIS A 940 -7.36 -23.60 -2.19
CA HIS A 940 -6.07 -22.94 -2.26
C HIS A 940 -5.76 -22.46 -3.67
N LEU A 941 -5.94 -23.34 -4.64
CA LEU A 941 -5.67 -22.98 -6.02
C LEU A 941 -6.77 -22.10 -6.55
N GLY A 942 -7.99 -22.31 -6.07
CA GLY A 942 -9.12 -21.53 -6.51
C GLY A 942 -8.88 -20.03 -6.44
N PRO A 943 -8.61 -19.53 -5.24
CA PRO A 943 -8.42 -18.09 -5.09
C PRO A 943 -7.27 -17.61 -5.95
N LEU A 944 -6.21 -18.39 -6.03
CA LEU A 944 -5.06 -18.01 -6.84
C LEU A 944 -5.44 -17.89 -8.31
N GLN A 945 -6.18 -18.94 -8.78
CA GLN A 945 -6.63 -18.92 -10.16
C GLN A 945 -7.38 -17.65 -10.44
N ILE A 946 -8.28 -17.28 -9.60
CA ILE A 946 -9.14 -16.13 -9.81
C ILE A 946 -8.32 -14.86 -9.86
N SER A 947 -7.41 -14.72 -8.90
CA SER A 947 -6.61 -13.51 -8.85
C SER A 947 -5.80 -13.37 -10.11
N LEU A 948 -5.19 -14.46 -10.55
CA LEU A 948 -4.36 -14.40 -11.73
C LEU A 948 -5.19 -14.03 -12.94
N GLY A 949 -6.38 -14.59 -13.05
CA GLY A 949 -7.23 -14.30 -14.17
C GLY A 949 -7.50 -12.82 -14.26
N ARG A 950 -7.77 -12.21 -13.12
CA ARG A 950 -8.03 -10.78 -13.10
C ARG A 950 -6.82 -10.02 -13.58
N MET A 951 -5.65 -10.43 -13.11
CA MET A 951 -4.43 -9.74 -13.51
C MET A 951 -4.17 -9.89 -15.00
N LEU A 952 -4.63 -11.00 -15.58
CA LEU A 952 -4.45 -11.22 -17.00
C LEU A 952 -5.07 -10.07 -17.77
N LEU A 953 -6.22 -9.61 -17.30
CA LEU A 953 -6.89 -8.50 -17.96
C LEU A 953 -5.96 -7.32 -18.06
N ASP A 954 -5.29 -7.00 -16.96
CA ASP A 954 -4.40 -5.86 -16.95
C ASP A 954 -3.30 -6.05 -17.99
N ILE A 955 -2.71 -7.24 -18.02
CA ILE A 955 -1.65 -7.50 -18.97
C ILE A 955 -2.15 -7.29 -20.38
N LEU A 956 -3.37 -7.72 -20.66
CA LEU A 956 -3.93 -7.58 -21.98
C LEU A 956 -3.92 -6.12 -22.39
N LYS A 957 -4.30 -5.24 -21.48
CA LYS A 957 -4.33 -3.82 -21.78
C LYS A 957 -2.94 -3.32 -22.13
N PHE A 958 -1.94 -3.74 -21.37
CA PHE A 958 -0.57 -3.32 -21.64
C PHE A 958 -0.12 -3.77 -23.01
N LEU A 959 -0.49 -5.00 -23.37
CA LEU A 959 -0.09 -5.54 -24.66
C LEU A 959 -0.50 -4.63 -25.79
N PHE A 960 -1.65 -3.98 -25.66
CA PHE A 960 -2.12 -3.09 -26.70
C PHE A 960 -1.12 -1.97 -26.88
N ILE A 961 -0.69 -1.37 -25.78
CA ILE A 961 0.30 -0.32 -25.85
C ILE A 961 1.55 -0.86 -26.52
N TYR A 962 2.06 -1.97 -26.01
CA TYR A 962 3.27 -2.54 -26.56
C TYR A 962 3.10 -2.79 -28.03
N CYS A 963 1.96 -3.32 -28.43
CA CYS A 963 1.76 -3.64 -29.82
C CYS A 963 2.09 -2.46 -30.72
N LEU A 964 1.60 -1.28 -30.38
CA LEU A 964 1.89 -0.11 -31.19
C LEU A 964 3.40 0.08 -31.28
N VAL A 965 4.08 -0.10 -30.15
CA VAL A 965 5.52 0.04 -30.13
C VAL A 965 6.13 -0.96 -31.10
N LEU A 966 5.69 -2.18 -31.05
CA LEU A 966 6.21 -3.22 -31.92
C LEU A 966 5.96 -2.85 -33.37
N LEU A 967 4.76 -2.41 -33.68
CA LEU A 967 4.42 -2.09 -35.06
C LEU A 967 5.29 -0.99 -35.58
N ALA A 968 5.49 0.04 -34.79
CA ALA A 968 6.29 1.17 -35.22
C ALA A 968 7.64 0.67 -35.65
N PHE A 969 8.39 0.12 -34.71
CA PHE A 969 9.74 -0.33 -35.01
C PHE A 969 9.77 -1.41 -36.09
N ALA A 970 8.72 -2.21 -36.18
CA ALA A 970 8.67 -3.22 -37.20
C ALA A 970 8.69 -2.58 -38.55
N ASN A 971 7.85 -1.58 -38.74
CA ASN A 971 7.77 -0.91 -40.03
C ASN A 971 9.06 -0.19 -40.35
N GLY A 972 9.65 0.45 -39.34
CA GLY A 972 10.87 1.18 -39.57
C GLY A 972 11.99 0.27 -40.04
N LEU A 973 12.20 -0.82 -39.33
CA LEU A 973 13.29 -1.72 -39.67
C LEU A 973 13.06 -2.38 -41.01
N ASN A 974 11.82 -2.75 -41.30
CA ASN A 974 11.52 -3.36 -42.59
C ASN A 974 11.78 -2.35 -43.67
N GLN A 975 11.42 -1.09 -43.42
CA GLN A 975 11.58 -0.06 -44.43
C GLN A 975 13.05 0.21 -44.71
N LEU A 976 13.91 -0.14 -43.76
CA LEU A 976 15.33 0.11 -43.93
C LEU A 976 16.05 -1.06 -44.57
N TYR A 977 15.69 -2.28 -44.17
CA TYR A 977 16.41 -3.44 -44.68
C TYR A 977 15.76 -4.20 -45.82
N PHE A 978 14.56 -3.82 -46.23
CA PHE A 978 13.87 -4.60 -47.26
C PHE A 978 14.63 -4.62 -48.57
N TYR A 979 15.45 -3.62 -48.81
CA TYR A 979 16.24 -3.59 -50.03
C TYR A 979 17.27 -4.69 -50.02
N TYR A 980 17.80 -4.99 -48.85
CA TYR A 980 18.90 -5.96 -48.77
C TYR A 980 18.49 -7.41 -48.56
N GLU A 981 17.25 -7.77 -48.91
CA GLU A 981 16.83 -9.15 -48.80
C GLU A 981 17.57 -10.05 -49.77
N THR A 982 17.75 -11.31 -49.41
CA THR A 982 18.47 -12.24 -50.27
C THR A 982 17.72 -13.55 -50.39
N ARG A 983 17.86 -14.22 -51.52
CA ARG A 983 17.18 -15.48 -51.72
C ARG A 983 17.72 -16.53 -50.77
N ALA A 984 16.85 -17.41 -50.30
CA ALA A 984 17.28 -18.45 -49.39
C ALA A 984 18.45 -19.21 -49.97
N ILE A 985 18.43 -19.41 -51.27
CA ILE A 985 19.51 -20.14 -51.92
C ILE A 985 20.84 -19.55 -51.54
N ASP A 986 20.96 -18.23 -51.65
CA ASP A 986 22.21 -17.57 -51.33
C ASP A 986 22.65 -17.87 -49.90
N GLU A 987 21.70 -17.92 -48.99
CA GLU A 987 22.03 -18.14 -47.59
C GLU A 987 22.67 -19.51 -47.35
N PRO A 988 23.51 -19.60 -46.31
CA PRO A 988 24.12 -20.89 -45.98
C PRO A 988 23.06 -21.92 -45.65
N ASN A 989 23.34 -23.19 -45.94
CA ASN A 989 22.38 -24.24 -45.65
C ASN A 989 21.00 -23.91 -46.20
N ASN A 990 20.95 -23.16 -47.29
CA ASN A 990 19.69 -22.83 -47.92
C ASN A 990 18.62 -22.55 -46.87
N CYS A 991 18.99 -21.86 -45.81
CA CYS A 991 18.03 -21.50 -44.78
C CYS A 991 17.92 -19.99 -44.70
N LYS A 992 16.70 -19.48 -44.80
CA LYS A 992 16.49 -18.05 -44.70
C LYS A 992 15.54 -17.72 -43.58
N GLY A 993 16.02 -17.03 -42.55
CA GLY A 993 15.13 -16.63 -41.47
C GLY A 993 15.74 -16.58 -40.10
N ILE A 994 14.98 -16.11 -39.13
CA ILE A 994 15.45 -16.04 -37.76
C ILE A 994 15.60 -17.43 -37.17
N ARG A 995 14.86 -18.42 -37.68
CA ARG A 995 14.95 -19.74 -37.08
C ARG A 995 15.91 -20.62 -37.87
N CYS A 996 17.14 -20.13 -38.06
CA CYS A 996 18.14 -20.86 -38.81
C CYS A 996 19.41 -20.70 -38.01
N GLU A 997 20.32 -21.65 -38.10
CA GLU A 997 21.51 -21.57 -37.28
C GLU A 997 22.13 -20.19 -37.41
N LYS A 998 22.31 -19.75 -38.65
CA LYS A 998 22.83 -18.40 -38.89
C LYS A 998 21.66 -17.50 -39.19
N GLN A 999 21.15 -16.80 -38.18
CA GLN A 999 19.99 -15.96 -38.39
C GLN A 999 20.25 -14.98 -39.50
N ASN A 1000 19.43 -15.04 -40.54
CA ASN A 1000 19.63 -14.17 -41.68
C ASN A 1000 18.34 -13.58 -42.17
N ASN A 1001 18.41 -12.45 -42.86
CA ASN A 1001 17.21 -11.85 -43.42
C ASN A 1001 16.12 -11.74 -42.38
N ALA A 1002 16.49 -11.52 -41.13
CA ALA A 1002 15.50 -11.32 -40.08
C ALA A 1002 14.64 -10.07 -40.24
N PHE A 1003 15.12 -9.05 -40.92
CA PHE A 1003 14.24 -7.89 -41.11
C PHE A 1003 13.86 -7.65 -42.55
N SER A 1004 14.20 -8.56 -43.44
CA SER A 1004 13.95 -8.37 -44.87
C SER A 1004 12.47 -8.26 -45.17
N THR A 1005 11.66 -9.17 -44.65
CA THR A 1005 10.21 -9.03 -44.84
C THR A 1005 9.52 -8.55 -43.58
N LEU A 1006 8.36 -7.92 -43.72
CA LEU A 1006 7.68 -7.38 -42.55
C LEU A 1006 7.46 -8.49 -41.56
N PHE A 1007 6.84 -9.57 -42.03
CA PHE A 1007 6.46 -10.63 -41.12
C PHE A 1007 7.65 -11.12 -40.33
N GLU A 1008 8.77 -11.27 -41.00
CA GLU A 1008 9.96 -11.68 -40.31
C GLU A 1008 10.30 -10.61 -39.30
N THR A 1009 10.12 -9.35 -39.68
CA THR A 1009 10.47 -8.26 -38.80
C THR A 1009 9.69 -8.35 -37.52
N LEU A 1010 8.40 -8.59 -37.62
CA LEU A 1010 7.56 -8.68 -36.45
C LEU A 1010 8.00 -9.84 -35.57
N GLN A 1011 8.21 -11.00 -36.22
CA GLN A 1011 8.67 -12.17 -35.48
C GLN A 1011 10.00 -11.90 -34.83
N SER A 1012 10.91 -11.29 -35.54
CA SER A 1012 12.26 -11.05 -35.03
C SER A 1012 12.21 -10.15 -33.82
N LEU A 1013 11.44 -9.08 -33.90
CA LEU A 1013 11.33 -8.18 -32.77
C LEU A 1013 10.66 -8.88 -31.61
N PHE A 1014 9.66 -9.72 -31.90
CA PHE A 1014 9.00 -10.48 -30.85
C PHE A 1014 10.02 -11.34 -30.11
N TRP A 1015 10.85 -12.06 -30.87
CA TRP A 1015 11.82 -12.93 -30.25
C TRP A 1015 12.88 -12.16 -29.50
N SER A 1016 13.21 -10.96 -29.99
CA SER A 1016 14.25 -10.18 -29.35
C SER A 1016 13.86 -9.88 -27.93
N VAL A 1017 12.57 -9.89 -27.64
CA VAL A 1017 12.13 -9.68 -26.28
C VAL A 1017 12.67 -10.78 -25.40
N PHE A 1018 12.93 -11.95 -25.98
CA PHE A 1018 13.40 -13.08 -25.20
C PHE A 1018 14.87 -13.34 -25.43
N GLY A 1019 15.56 -12.40 -26.06
CA GLY A 1019 16.98 -12.54 -26.28
C GLY A 1019 17.35 -13.74 -27.13
N LEU A 1020 16.48 -14.12 -28.05
CA LEU A 1020 16.76 -15.23 -28.93
C LEU A 1020 17.14 -14.74 -30.31
N LEU A 1021 17.25 -13.43 -30.46
CA LEU A 1021 17.66 -12.85 -31.74
C LEU A 1021 19.07 -12.32 -31.61
N ASN A 1022 19.99 -12.83 -32.43
CA ASN A 1022 21.37 -12.40 -32.37
C ASN A 1022 21.55 -11.02 -32.96
N LEU A 1023 22.57 -10.30 -32.53
CA LEU A 1023 22.78 -8.94 -33.00
C LEU A 1023 23.38 -8.85 -34.38
N TYR A 1024 23.85 -9.97 -34.92
CA TYR A 1024 24.46 -9.96 -36.23
C TYR A 1024 23.38 -9.94 -37.30
N VAL A 1025 22.14 -9.82 -36.88
CA VAL A 1025 21.04 -9.78 -37.82
C VAL A 1025 20.84 -8.37 -38.33
N THR A 1026 21.58 -7.42 -37.76
CA THR A 1026 21.38 -6.03 -38.13
C THR A 1026 22.43 -5.55 -39.13
N ASN A 1027 23.32 -6.43 -39.55
CA ASN A 1027 24.37 -6.01 -40.47
C ASN A 1027 24.09 -6.44 -41.90
N VAL A 1028 24.00 -5.46 -42.80
CA VAL A 1028 23.76 -5.74 -44.19
C VAL A 1028 24.98 -6.38 -44.80
N LYS A 1029 24.78 -7.30 -45.74
CA LYS A 1029 25.92 -7.99 -46.35
C LYS A 1029 26.89 -7.02 -46.98
N ALA A 1030 26.38 -6.07 -47.74
CA ALA A 1030 27.25 -5.12 -48.43
C ALA A 1030 28.04 -4.29 -47.44
N ARG A 1031 27.68 -4.37 -46.15
CA ARG A 1031 28.40 -3.63 -45.12
C ARG A 1031 28.31 -2.12 -45.30
N HIS A 1032 27.10 -1.59 -45.46
CA HIS A 1032 26.93 -0.15 -45.53
C HIS A 1032 26.89 0.37 -44.11
N GLU A 1033 27.94 1.03 -43.67
CA GLU A 1033 28.00 1.45 -42.27
C GLU A 1033 26.82 2.29 -41.83
N PHE A 1034 26.47 3.31 -42.60
CA PHE A 1034 25.39 4.18 -42.18
C PHE A 1034 24.10 3.39 -41.94
N THR A 1035 23.68 2.62 -42.93
CA THR A 1035 22.41 1.89 -42.80
C THR A 1035 22.44 0.97 -41.61
N GLU A 1036 23.53 0.21 -41.45
CA GLU A 1036 23.62 -0.72 -40.34
C GLU A 1036 23.50 0.02 -39.02
N PHE A 1037 24.15 1.18 -38.93
CA PHE A 1037 24.10 1.93 -37.69
C PHE A 1037 22.69 2.39 -37.38
N VAL A 1038 22.01 2.93 -38.38
CA VAL A 1038 20.63 3.37 -38.16
C VAL A 1038 19.82 2.19 -37.68
N GLY A 1039 20.03 1.04 -38.30
CA GLY A 1039 19.30 -0.15 -37.92
C GLY A 1039 19.59 -0.59 -36.51
N ALA A 1040 20.85 -0.61 -36.12
CA ALA A 1040 21.21 -1.04 -34.79
C ALA A 1040 20.61 -0.11 -33.77
N THR A 1041 20.62 1.17 -34.08
CA THR A 1041 20.04 2.16 -33.17
C THR A 1041 18.57 1.91 -32.98
N MET A 1042 17.88 1.64 -34.12
CA MET A 1042 16.45 1.38 -34.07
C MET A 1042 16.16 0.13 -33.25
N PHE A 1043 16.91 -0.91 -33.45
CA PHE A 1043 16.72 -2.16 -32.75
C PHE A 1043 16.98 -1.95 -31.27
N GLY A 1044 18.06 -1.23 -30.97
CA GLY A 1044 18.39 -0.98 -29.58
C GLY A 1044 17.32 -0.19 -28.87
N THR A 1045 16.79 0.84 -29.53
CA THR A 1045 15.75 1.65 -28.94
C THR A 1045 14.53 0.81 -28.64
N TYR A 1046 14.20 -0.09 -29.56
CA TYR A 1046 13.07 -0.97 -29.35
C TYR A 1046 13.32 -1.80 -28.11
N ASN A 1047 14.53 -2.32 -27.98
CA ASN A 1047 14.84 -3.17 -26.84
C ASN A 1047 14.76 -2.39 -25.54
N VAL A 1048 15.21 -1.15 -25.55
CA VAL A 1048 15.12 -0.32 -24.34
C VAL A 1048 13.67 -0.05 -24.00
N ILE A 1049 12.88 0.34 -24.97
CA ILE A 1049 11.49 0.69 -24.71
C ILE A 1049 10.75 -0.51 -24.20
N SER A 1050 10.90 -1.63 -24.88
CA SER A 1050 10.15 -2.82 -24.51
C SER A 1050 10.67 -3.49 -23.26
N LEU A 1051 11.95 -3.84 -23.23
CA LEU A 1051 12.48 -4.60 -22.11
C LEU A 1051 12.78 -3.79 -20.86
N VAL A 1052 13.24 -2.57 -21.01
CA VAL A 1052 13.63 -1.78 -19.83
C VAL A 1052 12.52 -0.85 -19.37
N VAL A 1053 11.69 -0.39 -20.30
CA VAL A 1053 10.65 0.54 -19.94
C VAL A 1053 9.32 -0.15 -19.75
N LEU A 1054 8.66 -0.54 -20.80
CA LEU A 1054 7.35 -1.16 -20.71
C LEU A 1054 7.33 -2.36 -19.77
N LEU A 1055 8.35 -3.23 -19.88
CA LEU A 1055 8.35 -4.43 -19.07
C LEU A 1055 8.35 -4.07 -17.60
N ASN A 1056 9.21 -3.17 -17.19
CA ASN A 1056 9.30 -2.81 -15.78
C ASN A 1056 8.03 -2.12 -15.32
N MET A 1057 7.44 -1.30 -16.19
CA MET A 1057 6.19 -0.67 -15.84
C MET A 1057 5.14 -1.74 -15.59
N LEU A 1058 5.06 -2.72 -16.50
CA LEU A 1058 4.06 -3.76 -16.33
C LEU A 1058 4.19 -4.38 -14.96
N ILE A 1059 5.41 -4.64 -14.53
CA ILE A 1059 5.63 -5.26 -13.24
C ILE A 1059 5.03 -4.41 -12.14
N ALA A 1060 5.31 -3.11 -12.16
CA ALA A 1060 4.77 -2.22 -11.15
C ALA A 1060 3.27 -2.21 -11.19
N MET A 1061 2.72 -2.07 -12.39
CA MET A 1061 1.28 -2.08 -12.55
C MET A 1061 0.69 -3.32 -11.91
N MET A 1062 1.26 -4.48 -12.31
CA MET A 1062 0.73 -5.74 -11.80
C MET A 1062 0.81 -5.82 -10.28
N ASN A 1063 1.91 -5.30 -9.71
CA ASN A 1063 2.04 -5.31 -8.27
C ASN A 1063 0.83 -4.65 -7.63
N ASN A 1064 0.46 -3.49 -8.10
CA ASN A 1064 -0.68 -2.76 -7.56
C ASN A 1064 -1.95 -3.58 -7.71
N SER A 1065 -2.18 -4.10 -8.86
CA SER A 1065 -3.41 -4.82 -9.14
C SER A 1065 -3.59 -5.97 -8.17
N TYR A 1066 -2.52 -6.72 -7.94
CA TYR A 1066 -2.64 -7.89 -7.08
C TYR A 1066 -3.06 -7.47 -5.69
N GLN A 1067 -2.50 -6.38 -5.20
CA GLN A 1067 -2.85 -5.90 -3.88
C GLN A 1067 -4.35 -5.74 -3.78
N LEU A 1068 -4.93 -5.09 -4.77
CA LEU A 1068 -6.37 -4.85 -4.75
C LEU A 1068 -7.15 -6.13 -4.98
N ILE A 1069 -6.79 -6.88 -6.01
CA ILE A 1069 -7.49 -8.11 -6.32
C ILE A 1069 -7.54 -9.01 -5.10
N ALA A 1070 -6.39 -9.19 -4.46
CA ALA A 1070 -6.32 -10.10 -3.31
C ALA A 1070 -7.44 -9.86 -2.31
N ASP A 1071 -7.86 -8.62 -2.15
CA ASP A 1071 -8.88 -8.32 -1.16
C ASP A 1071 -10.21 -8.98 -1.47
N HIS A 1072 -10.60 -8.99 -2.73
CA HIS A 1072 -11.92 -9.51 -3.09
C HIS A 1072 -11.84 -10.90 -3.67
N ALA A 1073 -10.71 -11.57 -3.49
CA ALA A 1073 -10.56 -12.88 -4.10
C ALA A 1073 -11.60 -13.85 -3.57
N ASP A 1074 -11.86 -13.81 -2.28
CA ASP A 1074 -12.79 -14.78 -1.70
C ASP A 1074 -14.20 -14.68 -2.27
N ILE A 1075 -14.73 -13.48 -2.35
CA ILE A 1075 -16.07 -13.32 -2.87
C ILE A 1075 -16.04 -13.71 -4.33
N GLU A 1076 -14.87 -13.43 -4.97
CA GLU A 1076 -14.73 -13.74 -6.36
C GLU A 1076 -14.60 -15.24 -6.55
N TRP A 1077 -13.88 -15.89 -5.68
CA TRP A 1077 -13.66 -17.32 -5.77
C TRP A 1077 -14.91 -18.08 -5.41
N LYS A 1078 -15.57 -17.69 -4.34
CA LYS A 1078 -16.74 -18.41 -3.90
C LYS A 1078 -17.84 -18.30 -4.92
N PHE A 1079 -18.00 -17.13 -5.52
CA PHE A 1079 -18.98 -16.97 -6.56
C PHE A 1079 -18.66 -17.94 -7.67
N ALA A 1080 -17.39 -18.00 -8.03
CA ALA A 1080 -16.99 -18.89 -9.10
C ALA A 1080 -17.26 -20.33 -8.75
N ARG A 1081 -16.91 -20.74 -7.55
CA ARG A 1081 -17.09 -22.12 -7.16
C ARG A 1081 -18.55 -22.47 -7.16
N THR A 1082 -19.39 -21.54 -6.72
CA THR A 1082 -20.80 -21.82 -6.64
C THR A 1082 -21.36 -22.06 -8.01
N LYS A 1083 -20.91 -21.29 -8.99
CA LYS A 1083 -21.36 -21.49 -10.35
C LYS A 1083 -20.97 -22.89 -10.80
N LEU A 1084 -19.76 -23.32 -10.43
CA LEU A 1084 -19.32 -24.66 -10.78
C LEU A 1084 -20.19 -25.71 -10.11
N TRP A 1085 -20.34 -25.59 -8.80
CA TRP A 1085 -21.17 -26.54 -8.07
C TRP A 1085 -22.56 -26.55 -8.64
N MET A 1086 -23.13 -25.38 -8.88
CA MET A 1086 -24.48 -25.30 -9.41
C MET A 1086 -24.59 -26.07 -10.71
N SER A 1087 -23.52 -26.05 -11.51
CA SER A 1087 -23.57 -26.71 -12.80
C SER A 1087 -23.86 -28.17 -12.62
N TYR A 1088 -23.28 -28.76 -11.59
CA TYR A 1088 -23.47 -30.17 -11.35
C TYR A 1088 -24.77 -30.46 -10.61
N PHE A 1089 -25.22 -29.52 -9.78
CA PHE A 1089 -26.45 -29.73 -9.04
C PHE A 1089 -27.55 -30.09 -10.01
N ASP A 1090 -27.49 -29.56 -11.22
CA ASP A 1090 -28.50 -29.83 -12.23
C ASP A 1090 -28.61 -31.31 -12.49
N GLU A 1091 -29.72 -31.76 -13.07
CA GLU A 1091 -29.95 -33.19 -13.27
C GLU A 1091 -29.34 -33.83 -14.53
N GLY A 1092 -29.18 -33.08 -15.61
CA GLY A 1092 -28.68 -33.67 -16.84
C GLY A 1092 -27.18 -33.91 -16.90
N GLY A 1093 -26.71 -35.01 -16.30
CA GLY A 1093 -25.27 -35.25 -16.26
C GLY A 1093 -24.71 -36.66 -16.38
N THR A 1094 -23.89 -36.90 -17.40
CA THR A 1094 -23.21 -38.20 -17.56
C THR A 1094 -21.87 -37.91 -18.21
N LEU A 1095 -20.84 -38.65 -17.85
CA LEU A 1095 -19.49 -38.36 -18.34
C LEU A 1095 -19.41 -38.37 -19.85
N PRO A 1096 -18.48 -37.58 -20.42
CA PRO A 1096 -18.39 -37.45 -21.88
C PRO A 1096 -18.21 -38.75 -22.68
N PRO A 1097 -17.38 -39.69 -22.22
CA PRO A 1097 -17.26 -40.89 -23.06
C PRO A 1097 -18.61 -41.54 -23.24
N PRO A 1098 -19.31 -41.84 -22.13
CA PRO A 1098 -20.62 -42.50 -22.19
C PRO A 1098 -21.72 -41.46 -22.29
N PHE A 1099 -21.34 -40.24 -22.63
CA PHE A 1099 -22.32 -39.17 -22.77
C PHE A 1099 -23.27 -39.45 -23.92
N ASN A 1100 -22.72 -39.93 -25.02
CA ASN A 1100 -23.54 -40.24 -26.19
C ASN A 1100 -23.90 -41.71 -26.23
N ILE A 1101 -24.66 -42.16 -25.24
CA ILE A 1101 -25.05 -43.56 -25.15
C ILE A 1101 -23.84 -44.47 -25.24
N ARG A 1140 -49.58 -24.83 -9.34
CA ARG A 1140 -50.94 -24.52 -8.92
C ARG A 1140 -50.99 -23.15 -8.29
N HIS A 1141 -52.09 -22.43 -8.52
CA HIS A 1141 -52.23 -21.14 -7.90
C HIS A 1141 -52.12 -21.35 -6.40
N ALA A 1142 -52.73 -22.42 -5.91
CA ALA A 1142 -52.69 -22.68 -4.49
C ALA A 1142 -51.26 -22.74 -3.98
N ASP A 1143 -50.45 -23.59 -4.61
CA ASP A 1143 -49.07 -23.73 -4.18
C ASP A 1143 -48.36 -22.40 -4.26
N SER A 1144 -48.54 -21.71 -5.38
CA SER A 1144 -47.86 -20.44 -5.56
C SER A 1144 -48.23 -19.49 -4.44
N LEU A 1145 -49.51 -19.41 -4.14
CA LEU A 1145 -49.95 -18.48 -3.11
C LEU A 1145 -49.32 -18.84 -1.78
N ILE A 1146 -49.34 -20.11 -1.44
CA ILE A 1146 -48.78 -20.53 -0.17
C ILE A 1146 -47.32 -20.17 -0.13
N GLN A 1147 -46.59 -20.50 -1.17
CA GLN A 1147 -45.17 -20.19 -1.22
C GLN A 1147 -44.96 -18.71 -1.01
N ASN A 1148 -45.71 -17.89 -1.74
CA ASN A 1148 -45.52 -16.46 -1.64
C ASN A 1148 -45.81 -15.96 -0.24
N GLN A 1149 -46.82 -16.53 0.40
CA GLN A 1149 -47.16 -16.11 1.75
C GLN A 1149 -46.00 -16.38 2.67
N HIS A 1150 -45.38 -17.54 2.54
CA HIS A 1150 -44.27 -17.87 3.39
C HIS A 1150 -43.12 -16.92 3.17
N TYR A 1151 -42.84 -16.61 1.91
CA TYR A 1151 -41.77 -15.71 1.60
C TYR A 1151 -42.05 -14.37 2.23
N GLN A 1152 -43.28 -13.90 2.15
CA GLN A 1152 -43.60 -12.59 2.67
C GLN A 1152 -43.42 -12.59 4.17
N GLU A 1153 -43.76 -13.70 4.81
CA GLU A 1153 -43.58 -13.80 6.24
C GLU A 1153 -42.11 -13.68 6.60
N VAL A 1154 -41.27 -14.44 5.93
CA VAL A 1154 -39.84 -14.36 6.20
C VAL A 1154 -39.32 -12.98 5.90
N ILE A 1155 -39.74 -12.41 4.79
CA ILE A 1155 -39.28 -11.09 4.40
C ILE A 1155 -39.63 -10.08 5.47
N ARG A 1156 -40.83 -10.18 6.02
CA ARG A 1156 -41.24 -9.24 7.04
C ARG A 1156 -40.27 -9.30 8.19
N ASN A 1157 -39.96 -10.50 8.64
CA ASN A 1157 -39.06 -10.66 9.76
C ASN A 1157 -37.69 -10.13 9.39
N LEU A 1158 -37.19 -10.50 8.23
CA LEU A 1158 -35.84 -10.08 7.84
C LEU A 1158 -35.74 -8.58 7.76
N VAL A 1159 -36.75 -7.94 7.20
CA VAL A 1159 -36.72 -6.50 7.05
C VAL A 1159 -36.70 -5.85 8.41
N LYS A 1160 -37.50 -6.38 9.33
CA LYS A 1160 -37.56 -5.83 10.67
C LYS A 1160 -36.21 -5.95 11.32
N ARG A 1161 -35.64 -7.14 11.28
CA ARG A 1161 -34.35 -7.36 11.88
C ARG A 1161 -33.31 -6.43 11.27
N TYR A 1162 -33.40 -6.19 9.98
CA TYR A 1162 -32.42 -5.36 9.30
C TYR A 1162 -32.51 -3.93 9.75
N VAL A 1163 -33.73 -3.41 9.83
CA VAL A 1163 -33.89 -2.02 10.19
C VAL A 1163 -33.29 -1.80 11.55
N ALA A 1164 -33.60 -2.68 12.49
CA ALA A 1164 -33.09 -2.55 13.84
C ALA A 1164 -31.57 -2.61 13.87
N ALA A 1165 -31.00 -3.56 13.16
CA ALA A 1165 -29.56 -3.72 13.17
C ALA A 1165 -28.86 -2.51 12.62
N MET A 1166 -29.41 -1.93 11.57
CA MET A 1166 -28.80 -0.76 10.95
C MET A 1166 -28.82 0.41 11.92
N ILE A 1167 -29.93 0.59 12.63
CA ILE A 1167 -30.00 1.65 13.61
C ILE A 1167 -28.93 1.43 14.65
N ARG A 1168 -28.88 0.24 15.21
CA ARG A 1168 -27.93 -0.02 16.28
C ARG A 1168 -26.55 0.34 15.80
N ASN A 1169 -26.24 -0.02 14.57
CA ASN A 1169 -24.91 0.27 14.03
C ASN A 1169 -24.69 1.76 13.92
N SER A 1170 -25.71 2.48 13.46
CA SER A 1170 -25.58 3.92 13.33
C SER A 1170 -25.36 4.57 14.68
N LYS A 1171 -26.08 4.09 15.69
CA LYS A 1171 -25.97 4.67 17.03
C LYS A 1171 -24.65 4.31 17.68
N THR A 1172 -24.16 3.11 17.46
CA THR A 1172 -22.95 2.67 18.14
C THR A 1172 -21.69 2.99 17.36
N ASN A 1173 -21.84 3.59 16.18
CA ASN A 1173 -20.69 3.89 15.36
C ASN A 1173 -20.84 5.21 14.65
N GLU A 1174 -20.92 6.28 15.42
CA GLU A 1174 -21.01 7.60 14.81
C GLU A 1174 -20.62 8.67 15.80
N GLY A 1175 -19.56 9.41 15.49
CA GLY A 1175 -19.08 10.42 16.41
C GLY A 1175 -20.06 11.55 16.62
N LEU A 1176 -19.89 12.28 17.71
CA LEU A 1176 -20.77 13.40 17.98
C LEU A 1176 -20.34 14.61 17.19
N THR A 1177 -21.03 14.88 16.09
CA THR A 1177 -20.69 16.01 15.25
C THR A 1177 -20.86 17.30 16.00
N GLU A 1178 -20.35 18.38 15.43
CA GLU A 1178 -20.43 19.67 16.09
C GLU A 1178 -21.86 20.13 16.28
N GLU A 1179 -22.72 19.87 15.30
CA GLU A 1179 -24.11 20.28 15.41
C GLU A 1179 -24.75 19.65 16.62
N ASN A 1180 -24.40 18.41 16.90
CA ASN A 1180 -24.96 17.74 18.05
C ASN A 1180 -24.63 18.54 19.28
N PHE A 1181 -23.37 18.95 19.39
CA PHE A 1181 -22.96 19.73 20.54
C PHE A 1181 -23.79 20.98 20.63
N LYS A 1182 -23.96 21.66 19.52
CA LYS A 1182 -24.68 22.92 19.53
C LYS A 1182 -26.07 22.72 20.13
N GLU A 1183 -26.73 21.64 19.77
CA GLU A 1183 -28.06 21.38 20.28
C GLU A 1183 -28.01 21.26 21.79
N LEU A 1184 -27.11 20.49 22.32
CA LEU A 1184 -27.00 20.33 23.77
C LEU A 1184 -26.83 21.69 24.42
N LYS A 1185 -25.93 22.52 23.85
CA LYS A 1185 -25.72 23.83 24.42
C LYS A 1185 -27.02 24.61 24.42
N GLN A 1186 -27.74 24.57 23.31
CA GLN A 1186 -29.01 25.28 23.21
C GLN A 1186 -30.00 24.74 24.21
N ASP A 1187 -29.93 23.44 24.46
CA ASP A 1187 -30.82 22.81 25.39
C ASP A 1187 -30.62 23.37 26.78
N ILE A 1188 -29.37 23.45 27.20
CA ILE A 1188 -29.06 24.01 28.52
C ILE A 1188 -29.48 25.46 28.54
N SER A 1189 -29.20 26.18 27.46
CA SER A 1189 -29.53 27.59 27.40
C SER A 1189 -31.01 27.81 27.63
N SER A 1190 -31.84 27.03 26.95
CA SER A 1190 -33.27 27.19 27.09
C SER A 1190 -33.69 26.88 28.50
N PHE A 1191 -33.15 25.80 29.05
CA PHE A 1191 -33.50 25.41 30.40
C PHE A 1191 -33.13 26.52 31.33
N ARG A 1192 -31.97 27.12 31.09
CA ARG A 1192 -31.53 28.19 31.95
C ARG A 1192 -32.54 29.30 31.94
N TYR A 1193 -32.88 29.77 30.76
CA TYR A 1193 -33.78 30.91 30.69
C TYR A 1193 -35.04 30.58 31.43
N GLU A 1194 -35.58 29.40 31.20
CA GLU A 1194 -36.83 29.04 31.83
C GLU A 1194 -36.71 29.07 33.33
N VAL A 1195 -35.66 28.46 33.85
CA VAL A 1195 -35.48 28.42 35.29
C VAL A 1195 -35.28 29.82 35.84
N LEU A 1196 -34.46 30.61 35.16
CA LEU A 1196 -34.19 31.95 35.65
C LEU A 1196 -35.48 32.71 35.78
N ASP A 1197 -36.34 32.59 34.78
CA ASP A 1197 -37.60 33.31 34.81
C ASP A 1197 -38.46 32.84 35.97
N LEU A 1198 -38.66 31.54 36.08
CA LEU A 1198 -39.53 31.03 37.13
C LEU A 1198 -38.99 31.41 38.49
N LEU A 1199 -37.66 31.40 38.62
CA LEU A 1199 -37.05 31.73 39.89
C LEU A 1199 -36.77 33.21 39.97
N GLY A 1200 -37.21 33.96 38.97
CA GLY A 1200 -36.98 35.40 38.95
C GLY A 1200 -38.16 36.15 38.38
N PHE B 461 -10.40 40.25 38.87
CA PHE B 461 -10.10 39.47 37.68
C PHE B 461 -9.41 38.18 38.07
N LEU B 462 -9.86 37.57 39.16
CA LEU B 462 -9.24 36.35 39.63
C LEU B 462 -9.65 35.17 38.76
N LEU B 463 -9.34 33.96 39.18
CA LEU B 463 -9.63 32.78 38.36
C LEU B 463 -11.12 32.72 38.03
N ALA B 464 -11.92 33.46 38.78
CA ALA B 464 -13.35 33.45 38.52
C ALA B 464 -13.59 33.60 37.03
N CYS B 465 -12.93 34.57 36.41
CA CYS B 465 -13.10 34.80 34.98
C CYS B 465 -13.21 33.48 34.25
N ASP B 466 -12.34 32.53 34.58
CA ASP B 466 -12.40 31.24 33.95
C ASP B 466 -13.73 30.56 34.23
N LYS B 467 -13.99 30.42 35.53
CA LYS B 467 -15.23 29.83 35.96
C LYS B 467 -16.36 30.56 35.34
N GLY B 468 -16.15 31.82 34.97
CA GLY B 468 -17.26 32.45 34.29
C GLY B 468 -18.35 32.82 35.28
N ASP B 469 -18.05 32.75 36.58
CA ASP B 469 -19.02 33.22 37.56
C ASP B 469 -19.01 34.73 37.43
N TYR B 470 -19.87 35.27 36.58
CA TYR B 470 -19.91 36.71 36.37
C TYR B 470 -19.92 37.46 37.69
N TYR B 471 -20.82 37.07 38.58
CA TYR B 471 -20.94 37.78 39.84
C TYR B 471 -19.61 37.82 40.54
N MET B 472 -18.99 36.66 40.71
CA MET B 472 -17.71 36.60 41.37
C MET B 472 -16.75 37.57 40.73
N VAL B 473 -16.58 37.47 39.42
CA VAL B 473 -15.63 38.33 38.76
C VAL B 473 -16.07 39.76 38.96
N LYS B 474 -17.37 40.00 38.83
CA LYS B 474 -17.89 41.34 39.00
C LYS B 474 -17.56 41.83 40.39
N LYS B 475 -17.88 41.02 41.39
CA LYS B 475 -17.60 41.41 42.75
C LYS B 475 -16.12 41.67 42.87
N ILE B 476 -15.31 40.68 42.50
CA ILE B 476 -13.88 40.80 42.69
C ILE B 476 -13.39 42.05 42.00
N LEU B 477 -13.88 42.30 40.79
CA LEU B 477 -13.48 43.50 40.07
C LEU B 477 -13.79 44.72 40.92
N GLU B 478 -15.04 44.85 41.34
CA GLU B 478 -15.42 45.97 42.18
C GLU B 478 -14.64 45.94 43.48
N GLU B 479 -14.60 44.78 44.12
CA GLU B 479 -13.85 44.65 45.36
C GLU B 479 -12.41 45.05 45.12
N ASN B 480 -11.88 44.73 43.95
CA ASN B 480 -10.51 45.08 43.62
C ASN B 480 -10.39 46.57 43.78
N SER B 481 -11.21 47.31 43.06
CA SER B 481 -11.15 48.76 43.16
C SER B 481 -9.69 49.14 43.22
N SER B 482 -8.93 48.81 42.18
CA SER B 482 -7.49 49.08 42.19
C SER B 482 -6.84 48.31 43.32
N GLY B 483 -7.23 47.05 43.50
CA GLY B 483 -6.66 46.24 44.55
C GLY B 483 -5.50 45.39 44.08
N ASP B 484 -5.08 44.46 44.92
CA ASP B 484 -3.94 43.61 44.57
C ASP B 484 -4.16 42.94 43.24
N LEU B 485 -5.31 42.28 43.09
CA LEU B 485 -5.57 41.56 41.86
C LEU B 485 -5.37 42.48 40.69
N ASN B 486 -4.46 42.12 39.79
CA ASN B 486 -4.26 42.93 38.60
C ASN B 486 -5.24 42.48 37.53
N ILE B 487 -6.20 43.34 37.22
CA ILE B 487 -7.16 43.00 36.19
C ILE B 487 -6.38 42.65 34.93
N ASN B 488 -5.32 43.40 34.68
CA ASN B 488 -4.54 43.18 33.48
C ASN B 488 -3.41 42.19 33.72
N CYS B 489 -3.63 41.25 34.64
CA CYS B 489 -2.59 40.29 34.97
C CYS B 489 -2.57 39.12 34.00
N VAL B 490 -1.55 38.29 34.11
CA VAL B 490 -1.44 37.14 33.23
C VAL B 490 -1.48 35.88 34.07
N ASP B 491 -1.96 34.80 33.48
CA ASP B 491 -2.00 33.54 34.20
C ASP B 491 -0.68 32.83 34.02
N VAL B 492 -0.66 31.53 34.31
CA VAL B 492 0.54 30.75 34.11
C VAL B 492 1.02 30.87 32.67
N LEU B 493 0.10 30.98 31.73
CA LEU B 493 0.51 31.01 30.32
C LEU B 493 0.28 32.34 29.62
N GLY B 494 0.06 33.41 30.38
CA GLY B 494 -0.07 34.72 29.77
C GLY B 494 -1.47 35.27 29.62
N ARG B 495 -2.46 34.40 29.42
CA ARG B 495 -3.83 34.86 29.21
C ARG B 495 -4.23 36.00 30.12
N ASN B 496 -4.70 37.11 29.54
CA ASN B 496 -5.18 38.22 30.34
C ASN B 496 -6.64 38.01 30.63
N ALA B 497 -7.27 38.94 31.35
CA ALA B 497 -8.67 38.79 31.67
C ALA B 497 -9.48 38.55 30.40
N VAL B 498 -9.53 39.56 29.55
CA VAL B 498 -10.29 39.45 28.32
C VAL B 498 -9.99 38.14 27.62
N THR B 499 -8.71 37.80 27.49
CA THR B 499 -8.34 36.59 26.76
C THR B 499 -8.93 35.33 27.37
N ILE B 500 -8.58 35.04 28.61
CA ILE B 500 -9.06 33.81 29.23
C ILE B 500 -10.58 33.73 29.12
N THR B 501 -11.24 34.88 29.08
CA THR B 501 -12.69 34.90 28.98
C THR B 501 -13.19 34.88 27.55
N ILE B 502 -12.37 35.46 26.61
CA ILE B 502 -12.78 35.38 25.22
C ILE B 502 -12.87 33.93 24.83
N GLU B 503 -11.82 33.18 25.12
CA GLU B 503 -11.77 31.77 24.76
C GLU B 503 -12.95 30.98 25.31
N ASN B 504 -13.32 31.26 26.56
CA ASN B 504 -14.41 30.53 27.18
C ASN B 504 -15.75 31.20 26.83
N GLU B 505 -15.72 32.15 25.92
CA GLU B 505 -16.95 32.82 25.47
C GLU B 505 -17.88 33.33 26.55
N ASN B 506 -17.34 33.97 27.58
CA ASN B 506 -18.20 34.58 28.58
C ASN B 506 -18.51 35.99 28.15
N LEU B 507 -19.09 36.14 26.96
CA LEU B 507 -19.33 37.48 26.45
C LEU B 507 -20.01 38.35 27.50
N ASP B 508 -20.85 37.73 28.31
CA ASP B 508 -21.51 38.47 29.36
C ASP B 508 -20.49 39.23 30.18
N ILE B 509 -19.55 38.50 30.77
CA ILE B 509 -18.51 39.14 31.56
C ILE B 509 -17.82 40.19 30.71
N LEU B 510 -17.38 39.80 29.54
CA LEU B 510 -16.67 40.71 28.65
C LEU B 510 -17.50 41.93 28.26
N GLN B 511 -18.81 41.86 28.44
CA GLN B 511 -19.67 42.96 28.00
C GLN B 511 -19.13 44.31 28.49
N LEU B 512 -18.82 44.40 29.77
CA LEU B 512 -18.29 45.64 30.32
C LEU B 512 -16.89 45.42 30.86
N LEU B 513 -16.54 44.18 31.12
CA LEU B 513 -15.19 43.90 31.55
C LEU B 513 -14.31 44.62 30.58
N LEU B 514 -14.71 44.62 29.31
CA LEU B 514 -13.91 45.27 28.27
C LEU B 514 -14.32 46.71 28.13
N ASP B 515 -15.43 47.08 28.75
CA ASP B 515 -15.87 48.48 28.71
C ASP B 515 -14.82 49.34 29.38
N TYR B 516 -14.15 48.79 30.40
CA TYR B 516 -13.11 49.54 31.09
C TYR B 516 -12.22 48.68 31.96
N GLY B 517 -11.05 49.21 32.33
CA GLY B 517 -10.15 48.50 33.21
C GLY B 517 -9.38 47.36 32.57
N CYS B 518 -10.09 46.39 32.00
CA CYS B 518 -9.43 45.23 31.42
C CYS B 518 -8.57 45.58 30.22
N GLN B 519 -7.28 45.28 30.31
CA GLN B 519 -6.39 45.53 29.18
C GLN B 519 -6.72 44.59 28.04
N SER B 520 -6.74 45.10 26.82
CA SER B 520 -7.06 44.27 25.67
C SER B 520 -6.69 45.00 24.39
N ALA B 521 -5.59 44.59 23.77
CA ALA B 521 -5.17 45.19 22.52
C ALA B 521 -5.27 44.20 21.39
N ASP B 522 -4.77 42.99 21.62
CA ASP B 522 -4.82 41.97 20.59
C ASP B 522 -6.08 41.15 20.73
N ALA B 523 -7.01 41.64 21.55
CA ALA B 523 -8.24 40.91 21.77
C ALA B 523 -8.97 40.68 20.47
N LEU B 524 -9.15 41.73 19.68
CA LEU B 524 -9.82 41.58 18.40
C LEU B 524 -9.22 40.37 17.75
N LEU B 525 -7.90 40.33 17.67
CA LEU B 525 -7.23 39.21 17.03
C LEU B 525 -7.55 37.93 17.78
N VAL B 526 -7.59 38.01 19.09
CA VAL B 526 -7.93 36.84 19.88
C VAL B 526 -9.33 36.40 19.49
N ALA B 527 -10.24 37.35 19.38
CA ALA B 527 -11.61 37.03 19.04
C ALA B 527 -11.67 36.41 17.67
N ILE B 528 -11.02 37.04 16.69
CA ILE B 528 -11.05 36.53 15.34
C ILE B 528 -10.46 35.15 15.30
N ASP B 529 -9.35 34.97 16.02
CA ASP B 529 -8.70 33.67 16.04
C ASP B 529 -9.62 32.66 16.66
N SER B 530 -10.34 33.07 17.69
CA SER B 530 -11.26 32.17 18.36
C SER B 530 -12.58 32.20 17.64
N GLU B 531 -12.66 33.02 16.58
CA GLU B 531 -13.88 33.09 15.78
C GLU B 531 -15.11 33.19 16.66
N VAL B 532 -15.04 34.03 17.69
CA VAL B 532 -16.16 34.19 18.60
C VAL B 532 -17.33 34.86 17.91
N VAL B 533 -17.05 35.76 16.97
CA VAL B 533 -18.11 36.48 16.27
C VAL B 533 -18.78 37.46 17.20
N GLY B 534 -19.44 36.97 18.26
CA GLY B 534 -20.00 37.91 19.20
C GLY B 534 -18.92 38.82 19.73
N ALA B 535 -17.80 38.24 20.15
CA ALA B 535 -16.71 39.04 20.69
C ALA B 535 -16.16 39.98 19.64
N VAL B 536 -15.94 39.46 18.44
CA VAL B 536 -15.41 40.30 17.38
C VAL B 536 -16.34 41.47 17.20
N ASP B 537 -17.63 41.23 17.37
CA ASP B 537 -18.60 42.31 17.24
C ASP B 537 -18.37 43.31 18.35
N ILE B 538 -18.31 42.83 19.58
CA ILE B 538 -18.16 43.73 20.72
C ILE B 538 -16.91 44.59 20.61
N LEU B 539 -15.77 43.96 20.33
CA LEU B 539 -14.53 44.70 20.26
C LEU B 539 -14.65 45.81 19.24
N LEU B 540 -15.20 45.49 18.08
CA LEU B 540 -15.36 46.50 17.05
C LEU B 540 -16.39 47.51 17.49
N ASN B 541 -17.37 47.07 18.26
CA ASN B 541 -18.43 47.96 18.69
C ASN B 541 -17.89 49.13 19.51
N HIS B 542 -16.96 48.86 20.41
CA HIS B 542 -16.42 49.91 21.25
C HIS B 542 -15.65 50.93 20.43
N TYR B 564 4.32 36.18 13.79
CA TYR B 564 3.16 36.80 14.41
C TYR B 564 3.25 38.31 14.30
N SER B 565 2.10 38.97 14.33
CA SER B 565 2.08 40.41 14.21
C SER B 565 2.90 40.83 13.01
N THR B 566 2.67 40.19 11.87
CA THR B 566 3.38 40.59 10.65
C THR B 566 2.97 42.00 10.28
N THR B 567 1.93 42.51 10.93
CA THR B 567 1.48 43.88 10.70
C THR B 567 0.38 44.12 11.73
N MET B 568 -0.31 45.25 11.68
CA MET B 568 -1.41 45.45 12.61
C MET B 568 -2.64 46.15 12.00
N ASP B 569 -2.41 47.02 11.03
CA ASP B 569 -3.52 47.70 10.38
C ASP B 569 -4.38 46.72 9.60
N VAL B 570 -3.77 45.65 9.09
CA VAL B 570 -4.51 44.70 8.28
C VAL B 570 -4.50 43.30 8.89
N ALA B 571 -3.79 43.13 9.99
CA ALA B 571 -3.71 41.81 10.62
C ALA B 571 -5.08 41.25 10.98
N PRO B 572 -6.01 42.11 11.42
CA PRO B 572 -7.32 41.54 11.68
C PRO B 572 -7.85 40.82 10.46
N VAL B 573 -7.85 41.48 9.30
CA VAL B 573 -8.35 40.86 8.09
C VAL B 573 -7.52 39.66 7.71
N ILE B 574 -6.20 39.79 7.75
CA ILE B 574 -5.35 38.69 7.37
C ILE B 574 -5.69 37.46 8.19
N LEU B 575 -5.89 37.61 9.47
CA LEU B 575 -6.23 36.48 10.32
C LEU B 575 -7.59 35.94 9.99
N ALA B 576 -8.58 36.85 9.87
CA ALA B 576 -9.92 36.42 9.57
C ALA B 576 -9.91 35.57 8.34
N ALA B 577 -9.23 36.05 7.31
CA ALA B 577 -9.16 35.31 6.05
C ALA B 577 -8.60 33.93 6.30
N HIS B 578 -7.55 33.86 7.13
CA HIS B 578 -7.00 32.56 7.47
C HIS B 578 -8.04 31.80 8.25
N ARG B 579 -8.80 32.48 9.10
CA ARG B 579 -9.88 31.83 9.82
C ARG B 579 -10.99 31.51 8.84
N ASN B 580 -10.81 31.87 7.58
CA ASN B 580 -11.86 31.66 6.59
C ASN B 580 -13.24 31.83 7.17
N ASN B 581 -13.50 32.98 7.79
CA ASN B 581 -14.83 33.24 8.32
C ASN B 581 -15.49 34.31 7.49
N TYR B 582 -16.55 33.93 6.78
CA TYR B 582 -17.25 34.86 5.93
C TYR B 582 -17.87 35.96 6.76
N GLU B 583 -18.49 35.59 7.86
CA GLU B 583 -19.18 36.59 8.68
C GLU B 583 -18.22 37.62 9.24
N ILE B 584 -17.15 37.16 9.88
CA ILE B 584 -16.21 38.08 10.49
C ILE B 584 -15.61 38.96 9.41
N LEU B 585 -15.24 38.35 8.29
CA LEU B 585 -14.66 39.13 7.20
C LEU B 585 -15.64 40.16 6.70
N THR B 586 -16.91 39.79 6.65
CA THR B 586 -17.91 40.72 6.18
C THR B 586 -17.89 41.91 7.10
N MET B 587 -17.79 41.65 8.40
CA MET B 587 -17.78 42.73 9.37
C MET B 587 -16.58 43.61 9.16
N LEU B 588 -15.40 43.01 9.10
CA LEU B 588 -14.20 43.79 9.00
C LEU B 588 -14.12 44.56 7.70
N LEU B 589 -14.44 43.90 6.60
CA LEU B 589 -14.32 44.55 5.30
C LEU B 589 -15.28 45.71 5.16
N LYS B 590 -16.22 45.83 6.10
CA LYS B 590 -17.14 46.95 6.04
C LYS B 590 -16.31 48.21 6.03
N GLN B 591 -15.33 48.28 6.92
CA GLN B 591 -14.44 49.42 6.93
C GLN B 591 -13.42 49.15 5.86
N ASP B 592 -13.14 50.14 5.03
CA ASP B 592 -12.22 49.90 3.92
C ASP B 592 -10.90 49.34 4.40
N VAL B 593 -10.40 48.31 3.72
CA VAL B 593 -9.11 47.74 4.07
C VAL B 593 -8.32 47.64 2.77
N SER B 594 -7.00 47.64 2.88
CA SER B 594 -6.16 47.52 1.68
C SER B 594 -4.90 46.73 1.97
N LEU B 595 -4.97 45.41 1.87
CA LEU B 595 -3.81 44.59 2.12
C LEU B 595 -2.66 45.08 1.28
N PRO B 596 -1.46 45.09 1.85
CA PRO B 596 -0.29 45.48 1.06
C PRO B 596 -0.04 44.45 -0.03
N LYS B 597 0.52 44.88 -1.16
CA LYS B 597 0.78 43.96 -2.25
C LYS B 597 2.12 43.29 -2.05
N PRO B 598 2.15 41.95 -2.12
CA PRO B 598 3.45 41.34 -1.83
C PRO B 598 4.38 41.57 -3.01
N HIS B 599 5.35 42.46 -2.87
CA HIS B 599 6.31 42.69 -3.95
C HIS B 599 6.94 41.39 -4.36
N ALA B 600 7.16 41.23 -5.65
CA ALA B 600 7.73 39.98 -6.16
C ALA B 600 9.12 39.74 -5.59
N VAL B 601 9.57 38.49 -5.62
CA VAL B 601 10.86 38.16 -5.05
C VAL B 601 11.99 38.87 -5.79
N GLY B 602 11.69 39.38 -6.98
CA GLY B 602 12.71 40.05 -7.78
C GLY B 602 13.24 41.39 -7.31
N CYS B 603 12.45 42.14 -6.56
CA CYS B 603 12.87 43.48 -6.18
C CYS B 603 14.24 43.53 -5.50
N GLU B 604 14.91 44.67 -5.60
CA GLU B 604 16.23 44.83 -4.99
C GLU B 604 16.38 46.19 -4.30
N CYS B 605 15.38 47.05 -4.40
CA CYS B 605 15.45 48.33 -3.73
C CYS B 605 15.29 48.14 -2.23
N THR B 606 15.62 49.15 -1.43
CA THR B 606 15.39 49.01 -0.01
C THR B 606 13.99 48.49 0.19
N LEU B 607 13.14 48.76 -0.80
CA LEU B 607 11.79 48.24 -0.74
C LEU B 607 11.84 46.87 -0.15
N CYS B 608 12.73 46.04 -0.67
CA CYS B 608 12.82 44.66 -0.21
C CYS B 608 14.22 44.34 0.27
N SER B 609 15.23 44.89 -0.38
CA SER B 609 16.60 44.57 0.00
C SER B 609 16.82 44.87 1.46
N ALA B 610 16.44 46.07 1.89
CA ALA B 610 16.61 46.45 3.28
C ALA B 610 15.98 45.43 4.19
N LYS B 611 14.73 45.08 3.92
CA LYS B 611 14.02 44.14 4.75
C LYS B 611 14.73 42.82 4.67
N ASN B 612 15.00 42.36 3.46
CA ASN B 612 15.64 41.08 3.28
C ASN B 612 17.00 41.11 3.93
N LYS B 613 17.38 42.27 4.43
CA LYS B 613 18.64 42.39 5.12
C LYS B 613 18.40 42.39 6.62
N LYS B 614 17.39 43.13 7.04
CA LYS B 614 17.08 43.19 8.46
C LYS B 614 16.51 41.87 8.96
N ASP B 615 15.47 41.38 8.29
CA ASP B 615 14.83 40.14 8.71
C ASP B 615 14.25 39.41 7.53
N SER B 616 15.03 38.51 6.96
CA SER B 616 14.55 37.74 5.82
C SER B 616 13.40 36.88 6.23
N LEU B 617 13.49 36.28 7.41
CA LEU B 617 12.44 35.35 7.83
C LEU B 617 11.10 36.06 7.94
N ARG B 618 11.09 37.21 8.57
CA ARG B 618 9.85 37.93 8.75
C ARG B 618 9.30 38.27 7.40
N HIS B 619 10.14 38.78 6.51
CA HIS B 619 9.66 39.20 5.21
C HIS B 619 8.99 38.04 4.52
N SER B 620 9.62 36.89 4.55
CA SER B 620 9.07 35.73 3.88
C SER B 620 7.75 35.33 4.50
N ARG B 621 7.69 35.33 5.82
CA ARG B 621 6.47 34.92 6.50
C ARG B 621 5.39 35.92 6.16
N PHE B 622 5.76 37.18 6.09
CA PHE B 622 4.78 38.22 5.79
C PHE B 622 4.12 37.93 4.48
N ARG B 623 4.90 37.64 3.45
CA ARG B 623 4.32 37.43 2.14
C ARG B 623 3.43 36.19 2.14
N LEU B 624 3.87 35.14 2.82
CA LEU B 624 3.07 33.94 2.85
C LEU B 624 1.74 34.25 3.50
N ASP B 625 1.75 35.07 4.53
CA ASP B 625 0.52 35.39 5.23
C ASP B 625 -0.42 36.19 4.35
N ILE B 626 0.11 37.12 3.59
CA ILE B 626 -0.72 37.89 2.68
C ILE B 626 -1.40 36.94 1.70
N TYR B 627 -0.64 36.02 1.13
CA TYR B 627 -1.20 35.10 0.16
C TYR B 627 -2.16 34.13 0.81
N ARG B 628 -1.84 33.68 2.01
CA ARG B 628 -2.74 32.78 2.73
C ARG B 628 -4.05 33.47 2.92
N CYS B 629 -4.03 34.79 2.98
CA CYS B 629 -5.25 35.54 3.10
C CYS B 629 -5.94 35.68 1.76
N LEU B 630 -5.19 36.12 0.75
CA LEU B 630 -5.78 36.34 -0.56
C LEU B 630 -6.33 35.07 -1.15
N ALA B 631 -5.84 33.93 -0.71
CA ALA B 631 -6.29 32.67 -1.25
C ALA B 631 -7.38 32.04 -0.40
N SER B 632 -8.05 32.85 0.41
CA SER B 632 -9.14 32.34 1.22
C SER B 632 -10.41 32.37 0.42
N PRO B 633 -11.11 31.22 0.34
CA PRO B 633 -12.29 31.24 -0.51
C PRO B 633 -13.22 32.37 -0.09
N ALA B 634 -13.38 32.56 1.21
CA ALA B 634 -14.29 33.59 1.67
C ALA B 634 -13.96 34.97 1.13
N LEU B 635 -12.68 35.33 1.14
CA LEU B 635 -12.29 36.64 0.67
C LEU B 635 -12.52 36.76 -0.81
N ILE B 636 -12.20 35.71 -1.56
CA ILE B 636 -12.36 35.75 -3.00
C ILE B 636 -13.82 35.93 -3.31
N MET B 637 -14.68 35.25 -2.59
CA MET B 637 -16.12 35.36 -2.83
C MET B 637 -16.63 36.75 -2.53
N LEU B 638 -16.21 37.31 -1.40
CA LEU B 638 -16.67 38.64 -1.01
C LEU B 638 -16.08 39.76 -1.83
N THR B 639 -14.81 39.66 -2.16
CA THR B 639 -14.15 40.78 -2.82
C THR B 639 -13.92 40.69 -4.32
N GLU B 640 -14.11 39.52 -4.92
CA GLU B 640 -13.81 39.38 -6.34
C GLU B 640 -15.05 39.37 -7.20
N GLU B 641 -15.03 40.13 -8.29
CA GLU B 641 -16.15 40.15 -9.21
C GLU B 641 -16.32 38.81 -9.87
N ASP B 642 -15.21 38.25 -10.35
CA ASP B 642 -15.26 36.92 -10.94
C ASP B 642 -14.46 35.99 -10.08
N PRO B 643 -15.10 35.37 -9.11
CA PRO B 643 -14.38 34.51 -8.19
C PRO B 643 -13.60 33.40 -8.91
N ILE B 644 -14.13 32.84 -9.97
CA ILE B 644 -13.46 31.73 -10.64
C ILE B 644 -12.14 32.14 -11.26
N LEU B 645 -12.12 33.26 -11.97
CA LEU B 645 -10.90 33.67 -12.63
C LEU B 645 -9.83 33.96 -11.62
N ARG B 646 -10.19 34.56 -10.50
CA ARG B 646 -9.23 34.88 -9.48
C ARG B 646 -8.60 33.60 -8.99
N ALA B 647 -9.41 32.59 -8.76
CA ALA B 647 -8.89 31.32 -8.28
C ALA B 647 -7.94 30.72 -9.29
N PHE B 648 -8.27 30.84 -10.56
CA PHE B 648 -7.39 30.34 -11.59
C PHE B 648 -6.07 31.07 -11.58
N GLU B 649 -6.13 32.39 -11.63
CA GLU B 649 -4.91 33.18 -11.68
C GLU B 649 -4.07 33.06 -10.42
N LEU B 650 -4.71 33.13 -9.26
CA LEU B 650 -3.99 33.03 -8.01
C LEU B 650 -3.32 31.69 -7.87
N SER B 651 -3.97 30.64 -8.36
CA SER B 651 -3.41 29.32 -8.25
C SER B 651 -2.14 29.27 -9.05
N ALA B 652 -2.12 29.93 -10.19
CA ALA B 652 -0.91 29.98 -10.99
C ALA B 652 0.19 30.69 -10.25
N ASP B 653 -0.11 31.83 -9.66
CA ASP B 653 0.89 32.59 -8.94
C ASP B 653 1.42 31.83 -7.75
N LEU B 654 0.54 31.22 -6.99
CA LEU B 654 0.96 30.49 -5.81
C LEU B 654 1.83 29.32 -6.19
N LYS B 655 1.74 28.88 -7.43
CA LYS B 655 2.62 27.82 -7.88
C LYS B 655 3.99 28.37 -8.21
N GLU B 656 4.03 29.41 -9.04
CA GLU B 656 5.30 30.03 -9.33
C GLU B 656 6.06 30.24 -8.06
N LEU B 657 5.41 30.83 -7.07
CA LEU B 657 6.09 31.12 -5.81
C LEU B 657 6.63 29.87 -5.17
N SER B 658 5.95 28.76 -5.34
CA SER B 658 6.43 27.51 -4.78
C SER B 658 7.79 27.23 -5.35
N LEU B 659 7.93 27.44 -6.65
CA LEU B 659 9.20 27.20 -7.29
C LEU B 659 10.28 28.14 -6.78
N VAL B 660 9.93 29.45 -6.74
CA VAL B 660 10.89 30.42 -6.27
C VAL B 660 11.23 30.16 -4.82
N GLU B 661 10.30 30.29 -3.93
CA GLU B 661 10.52 30.12 -2.50
C GLU B 661 10.60 28.65 -2.20
N VAL B 662 11.67 28.00 -2.63
CA VAL B 662 11.80 26.56 -2.45
C VAL B 662 11.61 26.16 -1.00
N GLU B 663 11.95 27.04 -0.09
CA GLU B 663 11.87 26.70 1.32
C GLU B 663 10.45 26.40 1.75
N PHE B 664 9.51 27.22 1.30
CA PHE B 664 8.13 27.05 1.72
C PHE B 664 7.26 26.50 0.61
N ARG B 665 7.83 25.67 -0.24
CA ARG B 665 7.08 25.10 -1.34
C ARG B 665 5.79 24.46 -0.91
N ASN B 666 5.86 23.58 0.08
CA ASN B 666 4.66 22.88 0.51
C ASN B 666 3.56 23.86 0.89
N ASP B 667 3.91 24.95 1.55
CA ASP B 667 2.91 25.91 1.98
C ASP B 667 2.26 26.59 0.79
N TYR B 668 3.07 27.07 -0.13
CA TYR B 668 2.54 27.78 -1.28
C TYR B 668 1.77 26.84 -2.18
N GLU B 669 2.14 25.57 -2.17
CA GLU B 669 1.43 24.60 -2.98
C GLU B 669 0.08 24.24 -2.40
N GLU B 670 -0.01 24.17 -1.09
CA GLU B 670 -1.29 23.89 -0.47
C GLU B 670 -2.27 24.98 -0.82
N LEU B 671 -1.82 26.21 -0.77
CA LEU B 671 -2.69 27.32 -1.07
C LEU B 671 -3.17 27.20 -2.51
N ALA B 672 -2.29 26.79 -3.41
CA ALA B 672 -2.67 26.64 -4.80
C ALA B 672 -3.76 25.60 -4.95
N ARG B 673 -3.59 24.46 -4.30
CA ARG B 673 -4.58 23.42 -4.37
C ARG B 673 -5.89 23.91 -3.80
N GLN B 674 -5.80 24.70 -2.75
CA GLN B 674 -7.01 25.24 -2.13
C GLN B 674 -7.77 26.06 -3.13
N CYS B 675 -7.07 26.92 -3.87
CA CYS B 675 -7.73 27.76 -4.86
C CYS B 675 -8.35 26.90 -5.95
N LYS B 676 -7.64 25.88 -6.38
CA LYS B 676 -8.15 25.02 -7.43
C LYS B 676 -9.43 24.35 -6.99
N MET B 677 -9.44 23.86 -5.77
CA MET B 677 -10.62 23.19 -5.25
C MET B 677 -11.78 24.14 -5.17
N PHE B 678 -11.52 25.37 -4.75
CA PHE B 678 -12.59 26.33 -4.58
C PHE B 678 -13.33 26.51 -5.89
N ALA B 679 -12.59 26.65 -6.97
CA ALA B 679 -13.22 26.87 -8.25
C ALA B 679 -14.03 25.65 -8.67
N LYS B 680 -13.51 24.47 -8.43
CA LYS B 680 -14.25 23.27 -8.75
C LYS B 680 -15.54 23.26 -7.98
N ASP B 681 -15.49 23.61 -6.71
CA ASP B 681 -16.68 23.59 -5.88
C ASP B 681 -17.72 24.58 -6.36
N LEU B 682 -17.28 25.75 -6.76
CA LEU B 682 -18.21 26.76 -7.22
C LEU B 682 -18.89 26.31 -8.49
N LEU B 683 -18.20 25.51 -9.30
CA LEU B 683 -18.80 24.98 -10.52
C LEU B 683 -19.77 23.90 -10.17
N ALA B 684 -19.45 23.14 -9.14
CA ALA B 684 -20.31 22.03 -8.75
C ALA B 684 -21.66 22.53 -8.33
N GLN B 685 -21.77 23.81 -8.02
CA GLN B 685 -23.02 24.35 -7.54
C GLN B 685 -23.98 24.68 -8.67
N ALA B 686 -23.51 24.55 -9.92
CA ALA B 686 -24.37 24.80 -11.05
C ALA B 686 -25.48 23.76 -11.05
N ARG B 687 -26.67 24.15 -11.47
CA ARG B 687 -27.79 23.24 -11.42
C ARG B 687 -28.40 22.99 -12.79
N ASN B 688 -28.60 24.03 -13.56
CA ASN B 688 -29.13 23.87 -14.91
C ASN B 688 -28.01 24.04 -15.90
N SER B 689 -28.29 23.80 -17.17
CA SER B 689 -27.24 23.87 -18.16
C SER B 689 -27.11 25.26 -18.71
N ARG B 690 -28.08 26.11 -18.44
CA ARG B 690 -27.99 27.49 -18.88
C ARG B 690 -26.92 28.14 -18.04
N GLU B 691 -26.88 27.82 -16.76
CA GLU B 691 -25.86 28.36 -15.90
C GLU B 691 -24.50 27.89 -16.35
N LEU B 692 -24.37 26.59 -16.62
CA LEU B 692 -23.09 26.04 -17.02
C LEU B 692 -22.56 26.79 -18.24
N GLU B 693 -23.44 27.09 -19.18
CA GLU B 693 -23.04 27.79 -20.37
C GLU B 693 -22.52 29.17 -20.04
N VAL B 694 -23.27 29.91 -19.22
CA VAL B 694 -22.86 31.24 -18.87
C VAL B 694 -21.49 31.20 -18.26
N ILE B 695 -21.24 30.24 -17.39
CA ILE B 695 -19.97 30.15 -16.71
C ILE B 695 -18.84 29.73 -17.61
N LEU B 696 -19.05 28.70 -18.42
CA LEU B 696 -17.97 28.16 -19.22
C LEU B 696 -17.77 28.89 -20.54
N ASN B 697 -18.55 29.91 -20.80
CA ASN B 697 -18.41 30.68 -22.02
C ASN B 697 -18.34 32.15 -21.72
N HIS B 698 -17.65 32.50 -20.63
CA HIS B 698 -17.54 33.89 -20.24
C HIS B 698 -16.09 34.33 -20.30
N THR B 699 -15.86 35.56 -20.72
CA THR B 699 -14.50 36.08 -20.81
C THR B 699 -14.37 37.37 -20.03
N SER B 700 -13.19 37.60 -19.47
CA SER B 700 -12.95 38.84 -18.74
C SER B 700 -12.36 39.88 -19.68
N SER B 701 -12.28 39.55 -20.96
CA SER B 701 -11.69 40.46 -21.91
C SER B 701 -12.79 41.08 -22.76
N ASP B 702 -12.75 42.39 -22.91
CA ASP B 702 -13.76 43.08 -23.70
C ASP B 702 -14.01 42.38 -25.03
N MET B 715 -20.36 29.74 -28.78
CA MET B 715 -19.65 28.95 -27.79
C MET B 715 -18.15 29.20 -27.82
N ASN B 716 -17.73 30.32 -27.26
CA ASN B 716 -16.31 30.62 -27.20
C ASN B 716 -15.62 29.62 -26.30
N LEU B 717 -16.28 29.24 -25.21
CA LEU B 717 -15.67 28.33 -24.26
C LEU B 717 -14.42 28.97 -23.69
N SER B 718 -14.47 30.27 -23.47
CA SER B 718 -13.29 30.97 -22.98
C SER B 718 -12.84 30.40 -21.66
N ARG B 719 -13.71 30.41 -20.66
CA ARG B 719 -13.29 29.97 -19.35
C ARG B 719 -12.75 28.57 -19.44
N LEU B 720 -13.44 27.69 -20.15
CA LEU B 720 -13.00 26.32 -20.30
C LEU B 720 -11.56 26.28 -20.78
N LYS B 721 -11.25 27.13 -21.74
CA LYS B 721 -9.90 27.18 -22.28
C LYS B 721 -8.92 27.75 -21.27
N LEU B 722 -9.28 28.78 -20.56
CA LEU B 722 -8.41 29.34 -19.54
C LEU B 722 -8.15 28.30 -18.49
N ALA B 723 -9.14 27.45 -18.22
CA ALA B 723 -8.96 26.41 -17.24
C ALA B 723 -7.86 25.47 -17.67
N ILE B 724 -7.89 25.08 -18.93
CA ILE B 724 -6.88 24.17 -19.45
C ILE B 724 -5.54 24.87 -19.43
N LYS B 725 -5.51 26.14 -19.80
CA LYS B 725 -4.29 26.90 -19.75
C LYS B 725 -3.71 26.89 -18.36
N TYR B 726 -4.54 27.17 -17.38
CA TYR B 726 -4.06 27.26 -16.01
C TYR B 726 -4.02 25.90 -15.33
N ASN B 727 -4.13 24.83 -16.11
CA ASN B 727 -4.04 23.48 -15.55
C ASN B 727 -4.99 23.23 -14.42
N GLN B 728 -6.25 23.61 -14.60
CA GLN B 728 -7.25 23.37 -13.57
C GLN B 728 -7.84 22.02 -13.81
N LYS B 729 -7.10 20.98 -13.45
CA LYS B 729 -7.56 19.63 -13.75
C LYS B 729 -8.84 19.25 -13.04
N GLU B 730 -8.97 19.61 -11.78
CA GLU B 730 -10.18 19.30 -11.04
C GLU B 730 -11.38 19.96 -11.69
N PHE B 731 -11.27 21.24 -11.99
CA PHE B 731 -12.37 21.97 -12.59
C PHE B 731 -12.79 21.30 -13.87
N VAL B 732 -11.84 20.82 -14.64
CA VAL B 732 -12.15 20.21 -15.93
C VAL B 732 -12.75 18.83 -15.74
N SER B 733 -12.39 18.16 -14.65
CA SER B 733 -12.89 16.82 -14.41
C SER B 733 -14.16 16.79 -13.56
N GLN B 734 -14.68 17.95 -13.20
CA GLN B 734 -15.91 18.00 -12.43
C GLN B 734 -17.04 17.51 -13.31
N SER B 735 -17.92 16.69 -12.77
CA SER B 735 -18.98 16.11 -13.56
C SER B 735 -19.71 17.13 -14.41
N ASN B 736 -20.05 18.27 -13.82
CA ASN B 736 -20.78 19.30 -14.55
C ASN B 736 -20.04 19.66 -15.82
N CYS B 737 -18.72 19.76 -15.73
CA CYS B 737 -17.95 20.18 -16.90
C CYS B 737 -17.88 19.04 -17.89
N GLN B 738 -17.69 17.83 -17.37
CA GLN B 738 -17.65 16.67 -18.23
C GLN B 738 -18.93 16.59 -19.04
N GLN B 739 -20.06 16.80 -18.40
CA GLN B 739 -21.34 16.77 -19.08
C GLN B 739 -21.36 17.77 -20.22
N PHE B 740 -20.94 19.00 -19.93
CA PHE B 740 -20.99 20.02 -20.94
C PHE B 740 -20.17 19.58 -22.11
N LEU B 741 -18.97 19.12 -21.82
CA LEU B 741 -18.07 18.71 -22.88
C LEU B 741 -18.70 17.65 -23.73
N ASN B 742 -19.13 16.56 -23.12
CA ASN B 742 -19.66 15.45 -23.89
C ASN B 742 -20.72 15.97 -24.84
N THR B 743 -21.57 16.85 -24.34
CA THR B 743 -22.64 17.36 -25.18
C THR B 743 -22.07 17.97 -26.42
N VAL B 744 -21.05 18.80 -26.26
CA VAL B 744 -20.43 19.44 -27.40
C VAL B 744 -19.72 18.43 -28.28
N TRP B 745 -18.97 17.52 -27.68
CA TRP B 745 -18.20 16.55 -28.45
C TRP B 745 -19.06 15.73 -29.37
N PHE B 746 -20.10 15.12 -28.83
CA PHE B 746 -20.93 14.28 -29.64
C PHE B 746 -21.86 15.17 -30.43
N GLY B 747 -21.99 16.42 -30.01
CA GLY B 747 -22.85 17.34 -30.71
C GLY B 747 -24.22 16.77 -31.01
N GLN B 748 -24.68 16.94 -32.25
CA GLN B 748 -25.97 16.42 -32.64
C GLN B 748 -25.95 14.90 -32.57
N MET B 749 -24.77 14.32 -32.66
CA MET B 749 -24.66 12.86 -32.60
C MET B 749 -24.78 12.44 -31.16
N SER B 750 -25.86 12.84 -30.51
CA SER B 750 -26.05 12.52 -29.10
C SER B 750 -26.50 11.07 -28.93
N GLY B 751 -27.40 10.62 -29.79
CA GLY B 751 -27.89 9.26 -29.66
C GLY B 751 -26.73 8.30 -29.63
N TYR B 752 -25.60 8.74 -30.18
CA TYR B 752 -24.44 7.89 -30.24
C TYR B 752 -24.22 7.36 -28.85
N ARG B 753 -24.42 8.21 -27.85
CA ARG B 753 -24.20 7.78 -26.48
C ARG B 753 -25.16 6.66 -26.12
N ARG B 754 -26.34 6.66 -26.69
CA ARG B 754 -27.33 5.64 -26.34
C ARG B 754 -27.22 4.38 -27.20
N LYS B 755 -26.82 4.53 -28.46
CA LYS B 755 -26.74 3.37 -29.33
C LYS B 755 -25.91 2.26 -28.68
N PRO B 756 -26.28 1.00 -28.95
CA PRO B 756 -25.52 -0.12 -28.39
C PRO B 756 -24.12 -0.21 -28.98
N THR B 757 -23.19 -0.87 -28.28
CA THR B 757 -21.82 -0.93 -28.74
C THR B 757 -21.76 -1.27 -30.22
N CYS B 758 -22.50 -2.28 -30.62
CA CYS B 758 -22.45 -2.72 -32.00
C CYS B 758 -22.78 -1.58 -32.95
N LYS B 759 -23.88 -0.88 -32.70
CA LYS B 759 -24.27 0.17 -33.62
C LYS B 759 -23.24 1.28 -33.64
N LYS B 760 -22.71 1.61 -32.47
CA LYS B 760 -21.72 2.66 -32.40
C LYS B 760 -20.48 2.26 -33.19
N ILE B 761 -20.06 1.01 -33.03
CA ILE B 761 -18.90 0.54 -33.76
C ILE B 761 -19.15 0.73 -35.24
N MET B 762 -20.31 0.31 -35.69
CA MET B 762 -20.64 0.41 -37.10
C MET B 762 -20.56 1.85 -37.54
N THR B 763 -21.16 2.76 -36.78
CA THR B 763 -21.17 4.15 -37.16
C THR B 763 -19.77 4.67 -37.32
N VAL B 764 -18.91 4.38 -36.37
CA VAL B 764 -17.55 4.89 -36.43
C VAL B 764 -16.86 4.43 -37.70
N LEU B 765 -16.88 3.14 -37.96
CA LEU B 765 -16.22 2.61 -39.15
C LEU B 765 -16.76 3.29 -40.39
N THR B 766 -18.08 3.38 -40.49
CA THR B 766 -18.68 3.95 -41.68
C THR B 766 -18.15 5.35 -41.90
N VAL B 767 -18.18 6.16 -40.87
CA VAL B 767 -17.74 7.54 -41.01
C VAL B 767 -16.32 7.59 -41.50
N GLY B 768 -15.46 6.77 -40.90
CA GLY B 768 -14.06 6.78 -41.27
C GLY B 768 -13.83 6.38 -42.71
N ILE B 769 -14.43 5.28 -43.11
CA ILE B 769 -14.23 4.79 -44.46
C ILE B 769 -14.50 5.89 -45.48
N PHE B 770 -15.58 6.63 -45.28
CA PHE B 770 -15.95 7.64 -46.27
C PHE B 770 -15.36 8.98 -45.92
N TRP B 771 -14.30 8.99 -45.12
CA TRP B 771 -13.73 10.26 -44.67
C TRP B 771 -13.38 11.20 -45.83
N PRO B 772 -12.85 10.65 -46.93
CA PRO B 772 -12.59 11.57 -48.05
C PRO B 772 -13.89 12.14 -48.59
N VAL B 773 -14.89 11.28 -48.77
CA VAL B 773 -16.17 11.73 -49.30
C VAL B 773 -16.76 12.83 -48.44
N LEU B 774 -16.84 12.59 -47.15
CA LEU B 774 -17.44 13.57 -46.26
C LEU B 774 -16.65 14.85 -46.32
N SER B 775 -15.33 14.72 -46.34
CA SER B 775 -14.47 15.89 -46.42
C SER B 775 -14.80 16.65 -47.65
N LEU B 776 -14.98 15.95 -48.76
CA LEU B 776 -15.28 16.60 -50.01
C LEU B 776 -16.57 17.37 -49.92
N CYS B 777 -17.59 16.77 -49.32
CA CYS B 777 -18.86 17.44 -49.19
C CYS B 777 -18.66 18.79 -48.54
N TYR B 778 -17.94 18.81 -47.43
CA TYR B 778 -17.67 20.05 -46.74
C TYR B 778 -16.90 20.97 -47.65
N LEU B 779 -15.95 20.42 -48.39
CA LEU B 779 -15.15 21.23 -49.29
C LEU B 779 -16.02 21.88 -50.34
N ILE B 780 -17.12 21.23 -50.71
CA ILE B 780 -17.96 21.76 -51.77
C ILE B 780 -19.21 22.48 -51.24
N ALA B 781 -19.99 21.80 -50.42
CA ALA B 781 -21.21 22.40 -49.88
C ALA B 781 -21.23 22.28 -48.38
N PRO B 782 -20.38 23.04 -47.69
CA PRO B 782 -20.30 22.91 -46.24
C PRO B 782 -21.67 22.98 -45.61
N LYS B 783 -22.62 23.62 -46.29
CA LYS B 783 -23.97 23.76 -45.76
C LYS B 783 -24.73 22.45 -45.84
N SER B 784 -24.35 21.60 -46.78
CA SER B 784 -25.05 20.34 -46.96
C SER B 784 -25.07 19.58 -45.65
N GLN B 785 -26.07 18.74 -45.46
CA GLN B 785 -26.14 17.93 -44.25
C GLN B 785 -24.80 17.27 -44.00
N PHE B 786 -24.20 16.74 -45.07
CA PHE B 786 -22.91 16.06 -44.94
C PHE B 786 -21.83 17.05 -44.54
N GLY B 787 -21.82 18.21 -45.17
CA GLY B 787 -20.85 19.23 -44.81
C GLY B 787 -20.97 19.49 -43.33
N ARG B 788 -22.18 19.42 -42.81
CA ARG B 788 -22.40 19.63 -41.39
C ARG B 788 -21.81 18.51 -40.57
N ILE B 789 -21.81 17.30 -41.11
CA ILE B 789 -21.34 16.14 -40.34
C ILE B 789 -19.93 16.35 -39.81
N ILE B 790 -19.06 16.92 -40.63
CA ILE B 790 -17.67 17.11 -40.22
C ILE B 790 -17.55 18.06 -39.04
N HIS B 791 -18.52 18.95 -38.88
CA HIS B 791 -18.44 19.93 -37.80
C HIS B 791 -18.45 19.27 -36.43
N THR B 792 -19.35 18.31 -36.23
CA THR B 792 -19.43 17.63 -34.94
C THR B 792 -18.03 17.23 -34.52
N PRO B 793 -17.53 17.84 -33.43
CA PRO B 793 -16.17 17.54 -33.06
C PRO B 793 -15.88 16.05 -33.11
N PHE B 794 -16.80 15.23 -32.64
CA PHE B 794 -16.59 13.80 -32.60
C PHE B 794 -16.26 13.29 -34.00
N MET B 795 -17.03 13.72 -34.97
CA MET B 795 -16.80 13.27 -36.34
C MET B 795 -15.45 13.75 -36.85
N LYS B 796 -15.17 14.99 -36.85
CA LYS B 796 -13.88 15.48 -37.30
C LYS B 796 -12.78 14.57 -36.80
N PHE B 797 -12.90 14.19 -35.47
CA PHE B 797 -11.88 13.29 -34.96
C PHE B 797 -11.80 12.04 -35.80
N ILE B 798 -12.94 11.43 -36.07
CA ILE B 798 -12.95 10.20 -36.83
C ILE B 798 -12.38 10.43 -38.22
N ILE B 799 -12.84 11.47 -38.89
CA ILE B 799 -12.36 11.75 -40.23
C ILE B 799 -10.87 12.01 -40.25
N HIS B 800 -10.40 12.87 -39.35
CA HIS B 800 -8.98 13.20 -39.30
C HIS B 800 -8.15 11.99 -38.92
N GLY B 801 -8.66 11.17 -38.02
CA GLY B 801 -7.94 9.96 -37.62
C GLY B 801 -7.79 9.01 -38.78
N ALA B 802 -8.83 8.88 -39.59
CA ALA B 802 -8.77 8.00 -40.74
C ALA B 802 -7.74 8.49 -41.75
N SER B 803 -7.71 9.80 -41.95
CA SER B 803 -6.74 10.36 -42.88
C SER B 803 -5.35 9.90 -42.51
N TYR B 804 -5.03 9.96 -41.22
CA TYR B 804 -3.71 9.57 -40.78
C TYR B 804 -3.48 8.11 -41.07
N PHE B 805 -4.47 7.29 -40.78
CA PHE B 805 -4.33 5.85 -41.01
C PHE B 805 -4.10 5.55 -42.49
N THR B 806 -4.80 6.24 -43.38
CA THR B 806 -4.57 6.02 -44.79
C THR B 806 -3.13 6.38 -45.11
N PHE B 807 -2.64 7.46 -44.53
CA PHE B 807 -1.26 7.86 -44.75
C PHE B 807 -0.32 6.76 -44.30
N LEU B 808 -0.49 6.24 -43.12
CA LEU B 808 0.36 5.17 -42.64
C LEU B 808 0.29 3.99 -43.60
N LEU B 809 -0.91 3.79 -44.18
CA LEU B 809 -1.04 2.70 -45.15
C LEU B 809 -0.15 2.96 -46.34
N LEU B 810 -0.14 4.18 -46.82
CA LEU B 810 0.68 4.53 -47.96
C LEU B 810 2.13 4.21 -47.65
N LEU B 811 2.57 4.55 -46.45
CA LEU B 811 3.93 4.23 -46.05
C LEU B 811 4.16 2.74 -46.13
N ASN B 812 3.20 1.98 -45.62
CA ASN B 812 3.35 0.52 -45.62
C ASN B 812 3.40 -0.03 -47.04
N LEU B 813 2.49 0.41 -47.89
CA LEU B 813 2.44 -0.11 -49.25
C LEU B 813 3.56 0.46 -50.09
N TYR B 814 4.32 1.40 -49.53
CA TYR B 814 5.43 1.99 -50.27
C TYR B 814 6.46 0.94 -50.61
N SER B 815 6.82 0.09 -49.66
CA SER B 815 7.87 -0.89 -49.90
C SER B 815 7.31 -2.29 -50.08
N LEU B 816 6.37 -2.67 -49.24
CA LEU B 816 5.78 -4.00 -49.35
C LEU B 816 5.29 -4.16 -50.77
N VAL B 817 4.72 -3.12 -51.37
CA VAL B 817 4.16 -3.30 -52.71
C VAL B 817 4.65 -2.26 -53.72
N TYR B 818 5.88 -1.80 -53.55
CA TYR B 818 6.45 -0.84 -54.50
C TYR B 818 7.96 -0.79 -54.35
N ASN B 819 8.62 0.03 -55.15
CA ASN B 819 10.08 0.10 -55.09
C ASN B 819 10.62 -1.31 -55.24
N GLU B 820 10.15 -2.04 -56.25
CA GLU B 820 10.57 -3.41 -56.45
C GLU B 820 11.72 -3.55 -57.43
N ASP B 821 11.84 -2.60 -58.35
CA ASP B 821 12.88 -2.69 -59.36
C ASP B 821 13.91 -1.58 -59.21
N LYS B 822 13.77 -0.79 -58.15
CA LYS B 822 14.68 0.33 -57.93
C LYS B 822 15.71 -0.01 -56.88
N LYS B 823 15.90 -1.30 -56.62
CA LYS B 823 16.84 -1.71 -55.59
C LYS B 823 18.26 -1.24 -55.89
N ASN B 824 18.63 -1.23 -57.15
CA ASN B 824 19.98 -0.84 -57.52
C ASN B 824 20.04 0.47 -58.30
N THR B 825 18.90 1.10 -58.49
CA THR B 825 18.88 2.37 -59.20
C THR B 825 19.14 3.52 -58.25
N MET B 826 20.34 4.08 -58.28
CA MET B 826 20.64 5.23 -57.45
C MET B 826 19.74 6.38 -57.90
N GLY B 827 19.48 7.31 -56.99
CA GLY B 827 18.62 8.44 -57.33
C GLY B 827 17.38 7.98 -58.07
N PRO B 828 16.60 7.07 -57.45
CA PRO B 828 15.43 6.53 -58.14
C PRO B 828 14.39 7.62 -58.37
N ALA B 829 13.45 7.37 -59.28
CA ALA B 829 12.42 8.35 -59.59
C ALA B 829 11.39 8.42 -58.48
N LEU B 830 10.49 9.46 -58.62
CA LEU B 830 9.45 9.65 -57.62
C LEU B 830 8.16 8.93 -57.98
N GLU B 831 8.03 7.67 -57.43
CA GLU B 831 6.80 6.93 -57.71
C GLU B 831 5.61 7.72 -57.20
N ARG B 832 4.44 7.45 -57.76
CA ARG B 832 3.27 8.22 -57.37
C ARG B 832 3.08 8.15 -55.87
N ILE B 833 3.34 6.99 -55.28
CA ILE B 833 3.19 6.84 -53.86
C ILE B 833 3.96 7.96 -53.20
N ASP B 834 5.19 8.17 -53.65
CA ASP B 834 6.01 9.21 -53.08
C ASP B 834 5.32 10.54 -53.25
N TYR B 835 4.79 10.78 -54.44
CA TYR B 835 4.15 12.05 -54.71
C TYR B 835 2.95 12.26 -53.80
N LEU B 836 2.09 11.25 -53.71
CA LEU B 836 0.93 11.35 -52.85
C LEU B 836 1.37 11.64 -51.44
N LEU B 837 2.21 10.76 -50.90
CA LEU B 837 2.70 10.95 -49.56
C LEU B 837 3.15 12.39 -49.39
N ILE B 838 3.86 12.92 -50.38
CA ILE B 838 4.29 14.30 -50.30
C ILE B 838 3.13 15.19 -49.89
N LEU B 839 2.04 15.14 -50.64
CA LEU B 839 0.88 15.96 -50.31
C LEU B 839 0.52 15.82 -48.84
N TRP B 840 0.36 14.61 -48.36
CA TRP B 840 -0.04 14.41 -46.96
C TRP B 840 0.94 15.09 -46.05
N ILE B 841 2.23 14.86 -46.27
CA ILE B 841 3.23 15.45 -45.40
C ILE B 841 3.06 16.94 -45.40
N ILE B 842 2.92 17.52 -46.58
CA ILE B 842 2.72 18.96 -46.67
C ILE B 842 1.53 19.37 -45.83
N GLY B 843 0.39 18.73 -46.08
CA GLY B 843 -0.82 19.11 -45.36
C GLY B 843 -0.60 19.09 -43.87
N MET B 844 0.00 18.01 -43.39
CA MET B 844 0.22 17.87 -41.95
C MET B 844 1.10 18.99 -41.46
N ILE B 845 2.09 19.38 -42.26
CA ILE B 845 2.94 20.48 -41.87
C ILE B 845 2.09 21.73 -41.74
N TRP B 846 1.39 22.07 -42.81
CA TRP B 846 0.54 23.25 -42.80
C TRP B 846 -0.34 23.29 -41.56
N SER B 847 -0.91 22.14 -41.21
CA SER B 847 -1.78 22.08 -40.05
C SER B 847 -1.02 22.55 -38.84
N ASP B 848 0.21 22.07 -38.68
CA ASP B 848 1.01 22.46 -37.54
C ASP B 848 1.20 23.96 -37.55
N ILE B 849 1.54 24.50 -38.71
CA ILE B 849 1.76 25.93 -38.81
C ILE B 849 0.51 26.67 -38.37
N LYS B 850 -0.61 26.36 -39.00
CA LYS B 850 -1.85 27.04 -38.66
C LYS B 850 -2.08 26.94 -37.17
N ARG B 851 -1.98 25.74 -36.63
CA ARG B 851 -2.15 25.55 -35.21
C ARG B 851 -1.18 26.43 -34.45
N LEU B 852 0.10 26.29 -34.75
CA LEU B 852 1.11 27.06 -34.05
C LEU B 852 0.78 28.53 -34.16
N TRP B 853 0.26 28.94 -35.31
CA TRP B 853 -0.09 30.33 -35.51
C TRP B 853 -1.20 30.74 -34.58
N TYR B 854 -2.32 30.12 -34.65
CA TYR B 854 -3.50 30.49 -33.89
C TYR B 854 -3.26 30.35 -32.40
N GLU B 855 -2.83 29.20 -31.96
CA GLU B 855 -2.64 28.96 -30.54
C GLU B 855 -1.45 29.71 -29.97
N GLY B 856 -0.28 29.56 -30.60
CA GLY B 856 0.92 30.19 -30.08
C GLY B 856 2.04 29.19 -30.14
N LEU B 857 3.16 29.47 -29.46
CA LEU B 857 4.31 28.59 -29.58
C LEU B 857 4.47 27.63 -28.42
N GLU B 858 4.69 28.15 -27.22
CA GLU B 858 4.96 27.28 -26.07
C GLU B 858 3.86 26.25 -25.90
N ASP B 859 2.62 26.69 -26.00
CA ASP B 859 1.52 25.76 -25.90
C ASP B 859 1.68 24.65 -26.92
N PHE B 860 1.97 25.03 -28.16
CA PHE B 860 2.09 24.04 -29.22
C PHE B 860 3.18 23.05 -28.88
N LEU B 861 4.33 23.57 -28.45
CA LEU B 861 5.45 22.71 -28.13
C LEU B 861 5.16 21.83 -26.94
N GLU B 862 4.28 22.28 -26.05
CA GLU B 862 4.04 21.51 -24.83
C GLU B 862 3.56 20.09 -25.07
N GLU B 863 2.54 19.92 -25.89
CA GLU B 863 1.97 18.58 -26.07
C GLU B 863 2.78 17.74 -27.06
N SER B 864 2.97 16.46 -26.74
CA SER B 864 3.81 15.59 -27.57
C SER B 864 3.38 15.37 -29.01
N ARG B 865 2.15 14.97 -29.24
CA ARG B 865 1.72 14.69 -30.60
C ARG B 865 2.26 15.77 -31.52
N ASN B 866 2.31 17.01 -31.03
CA ASN B 866 2.85 18.09 -31.82
C ASN B 866 4.37 18.00 -31.93
N GLN B 867 5.05 17.82 -30.81
CA GLN B 867 6.50 17.81 -30.85
C GLN B 867 7.01 16.70 -31.77
N LEU B 868 6.37 15.54 -31.74
CA LEU B 868 6.77 14.48 -32.65
C LEU B 868 6.43 14.90 -34.05
N SER B 869 5.30 15.57 -34.20
CA SER B 869 4.86 15.97 -35.53
C SER B 869 5.89 16.88 -36.18
N PHE B 870 6.72 17.51 -35.37
CA PHE B 870 7.75 18.38 -35.92
C PHE B 870 8.87 17.56 -36.53
N VAL B 871 9.51 16.72 -35.72
CA VAL B 871 10.61 15.93 -36.23
C VAL B 871 10.13 15.06 -37.37
N MET B 872 9.08 14.31 -37.12
CA MET B 872 8.52 13.46 -38.16
C MET B 872 8.47 14.22 -39.46
N ASN B 873 7.79 15.36 -39.45
CA ASN B 873 7.62 16.11 -40.68
C ASN B 873 8.97 16.57 -41.18
N SER B 874 9.85 16.94 -40.26
CA SER B 874 11.19 17.36 -40.65
C SER B 874 11.87 16.25 -41.41
N LEU B 875 12.15 15.14 -40.75
CA LEU B 875 12.85 14.04 -41.39
C LEU B 875 12.18 13.64 -42.69
N TYR B 876 10.86 13.58 -42.71
CA TYR B 876 10.16 13.23 -43.92
C TYR B 876 10.53 14.24 -45.00
N LEU B 877 10.58 15.51 -44.64
CA LEU B 877 10.94 16.54 -45.60
C LEU B 877 12.32 16.29 -46.15
N ALA B 878 13.28 16.03 -45.28
CA ALA B 878 14.64 15.79 -45.71
C ALA B 878 14.72 14.58 -46.63
N THR B 879 14.02 13.51 -46.26
CA THR B 879 14.08 12.29 -47.06
C THR B 879 13.75 12.61 -48.51
N PHE B 880 12.60 13.23 -48.75
CA PHE B 880 12.20 13.52 -50.12
C PHE B 880 13.15 14.49 -50.80
N ALA B 881 13.68 15.44 -50.04
CA ALA B 881 14.66 16.35 -50.62
C ALA B 881 15.84 15.57 -51.17
N LEU B 882 16.55 14.87 -50.30
CA LEU B 882 17.74 14.15 -50.73
C LEU B 882 17.39 13.31 -51.95
N LYS B 883 16.19 12.76 -51.98
CA LYS B 883 15.78 11.94 -53.10
C LYS B 883 15.87 12.74 -54.39
N VAL B 884 15.37 13.98 -54.36
CA VAL B 884 15.42 14.82 -55.54
C VAL B 884 16.86 15.07 -55.95
N VAL B 885 17.70 15.43 -54.99
CA VAL B 885 19.09 15.69 -55.29
C VAL B 885 19.73 14.47 -55.90
N ALA B 886 19.48 13.31 -55.31
CA ALA B 886 20.09 12.08 -55.80
C ALA B 886 19.63 11.82 -57.22
N HIS B 887 18.34 11.95 -57.47
CA HIS B 887 17.82 11.65 -58.79
C HIS B 887 18.54 12.49 -59.81
N ASN B 888 18.97 13.68 -59.40
CA ASN B 888 19.71 14.54 -60.30
C ASN B 888 21.19 14.16 -60.32
N LYS B 889 21.90 14.42 -59.23
CA LYS B 889 23.33 14.13 -59.19
C LYS B 889 23.71 12.68 -59.50
N PHE B 890 23.08 11.72 -58.83
CA PHE B 890 23.41 10.32 -59.04
C PHE B 890 22.22 9.51 -59.50
N HIS B 891 22.10 9.30 -60.81
CA HIS B 891 21.01 8.48 -61.33
C HIS B 891 21.56 7.16 -61.80
N ASP B 892 22.72 6.77 -61.29
CA ASP B 892 23.35 5.53 -61.72
C ASP B 892 22.51 4.31 -61.38
N PHE B 893 22.82 3.17 -61.97
CA PHE B 893 22.07 1.96 -61.71
C PHE B 893 23.00 0.84 -61.28
N ALA B 894 23.99 1.17 -60.47
CA ALA B 894 24.96 0.17 -60.03
C ALA B 894 24.40 -0.74 -58.95
N ASP B 895 25.12 -1.82 -58.66
CA ASP B 895 24.69 -2.74 -57.62
C ASP B 895 24.67 -2.01 -56.29
N ARG B 896 23.66 -2.28 -55.47
CA ARG B 896 23.55 -1.54 -54.22
C ARG B 896 24.85 -1.63 -53.45
N LYS B 897 25.45 -2.81 -53.39
CA LYS B 897 26.68 -2.99 -52.63
C LYS B 897 27.75 -1.98 -53.04
N ASP B 898 27.87 -1.70 -54.32
CA ASP B 898 28.97 -0.82 -54.73
C ASP B 898 28.73 0.64 -54.32
N TRP B 899 27.54 0.95 -53.84
CA TRP B 899 27.24 2.32 -53.44
C TRP B 899 28.06 2.74 -52.24
N ASP B 900 28.49 4.00 -52.21
CA ASP B 900 29.23 4.50 -51.06
C ASP B 900 28.33 4.53 -49.85
N ALA B 901 28.89 4.31 -48.67
CA ALA B 901 28.07 4.24 -47.47
C ALA B 901 27.20 5.47 -47.27
N PHE B 902 27.72 6.64 -47.63
CA PHE B 902 26.98 7.86 -47.40
C PHE B 902 26.32 8.39 -48.67
N HIS B 903 26.11 7.50 -49.64
CA HIS B 903 25.42 7.91 -50.84
C HIS B 903 24.09 8.51 -50.45
N PRO B 904 23.72 9.63 -51.08
CA PRO B 904 22.49 10.33 -50.70
C PRO B 904 21.31 9.38 -50.53
N THR B 905 21.15 8.43 -51.43
CA THR B 905 20.01 7.53 -51.36
C THR B 905 19.99 6.76 -50.06
N LEU B 906 21.15 6.28 -49.65
CA LEU B 906 21.24 5.52 -48.41
C LEU B 906 20.78 6.37 -47.26
N VAL B 907 21.26 7.61 -47.21
CA VAL B 907 20.88 8.50 -46.13
C VAL B 907 19.37 8.72 -46.12
N ALA B 908 18.79 8.99 -47.28
CA ALA B 908 17.37 9.26 -47.35
C ALA B 908 16.58 8.09 -46.82
N GLU B 909 16.93 6.89 -47.25
CA GLU B 909 16.19 5.71 -46.83
C GLU B 909 16.26 5.54 -45.32
N GLY B 910 17.44 5.77 -44.75
CA GLY B 910 17.59 5.67 -43.31
C GLY B 910 16.71 6.67 -42.60
N LEU B 911 16.73 7.91 -43.05
CA LEU B 911 15.93 8.94 -42.42
C LEU B 911 14.46 8.64 -42.57
N PHE B 912 14.07 8.20 -43.76
CA PHE B 912 12.67 7.90 -44.01
C PHE B 912 12.20 6.81 -43.08
N ALA B 913 13.00 5.77 -42.91
CA ALA B 913 12.62 4.68 -42.04
C ALA B 913 12.39 5.16 -40.63
N PHE B 914 13.29 5.99 -40.12
CA PHE B 914 13.16 6.46 -38.75
C PHE B 914 11.89 7.27 -38.62
N ALA B 915 11.60 8.09 -39.61
CA ALA B 915 10.39 8.90 -39.57
C ALA B 915 9.17 7.99 -39.47
N ASN B 916 9.26 6.84 -40.19
CA ASN B 916 8.14 5.90 -40.18
C ASN B 916 7.88 5.42 -38.77
N VAL B 917 8.90 5.19 -38.01
CA VAL B 917 8.74 4.77 -36.63
C VAL B 917 8.06 5.87 -35.86
N LEU B 918 8.52 7.10 -36.03
CA LEU B 918 7.94 8.24 -35.33
C LEU B 918 6.48 8.42 -35.69
N SER B 919 6.14 8.26 -36.97
CA SER B 919 4.78 8.45 -37.40
C SER B 919 3.83 7.58 -36.61
N TYR B 920 4.16 6.30 -36.50
CA TYR B 920 3.30 5.37 -35.80
C TYR B 920 3.22 5.67 -34.33
N LEU B 921 4.35 6.03 -33.75
CA LEU B 921 4.37 6.33 -32.33
C LEU B 921 3.38 7.44 -32.07
N ARG B 922 3.27 8.37 -32.98
CA ARG B 922 2.34 9.48 -32.80
C ARG B 922 0.95 8.98 -32.45
N LEU B 923 0.50 7.91 -33.11
CA LEU B 923 -0.84 7.41 -32.87
C LEU B 923 -1.18 7.22 -31.40
N PHE B 924 -0.13 7.16 -30.54
CA PHE B 924 -0.42 6.93 -29.13
C PHE B 924 -1.45 7.90 -28.61
N PHE B 925 -1.45 9.12 -29.14
CA PHE B 925 -2.38 10.12 -28.66
C PHE B 925 -3.81 9.60 -28.65
N MET B 926 -4.20 8.88 -29.70
CA MET B 926 -5.56 8.40 -29.80
C MET B 926 -5.99 7.65 -28.55
N TYR B 927 -5.04 7.06 -27.85
CA TYR B 927 -5.37 6.28 -26.67
C TYR B 927 -6.13 7.12 -25.65
N THR B 928 -5.74 8.37 -25.50
CA THR B 928 -6.37 9.23 -24.52
C THR B 928 -7.88 9.18 -24.66
N THR B 929 -8.37 9.05 -25.88
CA THR B 929 -9.81 9.06 -26.10
C THR B 929 -10.48 7.86 -25.45
N SER B 930 -9.85 6.70 -25.53
CA SER B 930 -10.42 5.50 -24.95
C SER B 930 -10.42 5.56 -23.44
N SER B 931 -11.52 5.14 -22.83
CA SER B 931 -11.61 5.16 -21.39
C SER B 931 -10.91 3.98 -20.78
N ILE B 932 -10.58 2.99 -21.61
CA ILE B 932 -9.95 1.78 -21.09
C ILE B 932 -8.44 1.87 -21.10
N LEU B 933 -7.86 2.17 -22.26
CA LEU B 933 -6.42 2.23 -22.36
C LEU B 933 -5.91 3.64 -22.16
N GLY B 934 -6.80 4.61 -22.17
CA GLY B 934 -6.40 5.99 -22.04
C GLY B 934 -5.79 6.31 -20.69
N PRO B 935 -6.48 5.91 -19.62
CA PRO B 935 -5.88 6.13 -18.31
C PRO B 935 -4.49 5.53 -18.23
N LEU B 936 -4.32 4.29 -18.69
CA LEU B 936 -3.04 3.63 -18.62
C LEU B 936 -1.99 4.38 -19.42
N GLN B 937 -2.36 4.81 -20.61
CA GLN B 937 -1.42 5.52 -21.46
C GLN B 937 -0.89 6.73 -20.71
N ILE B 938 -1.80 7.50 -20.12
CA ILE B 938 -1.39 8.68 -19.39
C ILE B 938 -0.55 8.29 -18.20
N SER B 939 -0.96 7.26 -17.48
CA SER B 939 -0.24 6.83 -16.30
C SER B 939 1.18 6.47 -16.65
N MET B 940 1.36 5.75 -17.75
CA MET B 940 2.68 5.35 -18.16
C MET B 940 3.54 6.57 -18.40
N GLY B 941 3.01 7.54 -19.11
CA GLY B 941 3.78 8.74 -19.42
C GLY B 941 4.30 9.38 -18.16
N GLN B 942 3.45 9.34 -17.10
CA GLN B 942 3.84 9.92 -15.83
C GLN B 942 5.11 9.25 -15.35
N MET B 943 5.10 7.96 -15.26
CA MET B 943 6.25 7.22 -14.79
C MET B 943 7.41 7.40 -15.75
N LEU B 944 7.12 7.72 -16.98
CA LEU B 944 8.18 7.85 -17.99
C LEU B 944 9.13 8.95 -17.58
N GLN B 945 8.70 9.80 -16.66
CA GLN B 945 9.58 10.85 -16.15
C GLN B 945 10.60 10.28 -15.19
N ASP B 946 10.16 9.46 -14.25
CA ASP B 946 11.09 8.95 -13.24
C ASP B 946 12.22 8.15 -13.87
N PHE B 947 12.03 7.67 -15.09
CA PHE B 947 13.09 6.96 -15.79
C PHE B 947 14.23 7.90 -16.06
N GLY B 948 13.91 9.17 -16.31
CA GLY B 948 14.95 10.13 -16.61
C GLY B 948 15.97 10.16 -15.51
N LYS B 949 15.50 10.14 -14.27
CA LYS B 949 16.41 10.18 -13.15
C LYS B 949 17.36 9.01 -13.23
N PHE B 950 16.80 7.82 -13.36
CA PHE B 950 17.62 6.63 -13.48
C PHE B 950 18.63 6.77 -14.60
N LEU B 951 18.19 7.35 -15.72
CA LEU B 951 19.07 7.51 -16.86
C LEU B 951 20.35 8.21 -16.44
N GLY B 952 20.22 9.32 -15.73
CA GLY B 952 21.40 10.07 -15.33
C GLY B 952 22.37 9.21 -14.57
N MET B 953 21.86 8.48 -13.57
CA MET B 953 22.73 7.62 -12.77
C MET B 953 23.41 6.58 -13.63
N PHE B 954 22.63 5.94 -14.50
CA PHE B 954 23.20 4.88 -15.33
C PHE B 954 24.30 5.42 -16.20
N LEU B 955 24.08 6.58 -16.81
CA LEU B 955 25.08 7.16 -17.69
C LEU B 955 26.42 7.22 -16.99
N LEU B 956 26.43 7.75 -15.77
CA LEU B 956 27.67 7.86 -15.03
C LEU B 956 28.31 6.50 -14.92
N VAL B 957 27.53 5.51 -14.54
CA VAL B 957 28.06 4.16 -14.41
C VAL B 957 28.60 3.66 -15.72
N LEU B 958 27.88 3.92 -16.81
CA LEU B 958 28.29 3.40 -18.11
C LEU B 958 29.64 3.94 -18.48
N PHE B 959 29.82 5.24 -18.35
CA PHE B 959 31.08 5.85 -18.74
C PHE B 959 32.21 5.47 -17.79
N SER B 960 31.92 5.43 -16.50
CA SER B 960 32.93 5.06 -15.55
C SER B 960 33.58 3.76 -15.97
N PHE B 961 32.77 2.75 -16.21
CA PHE B 961 33.30 1.46 -16.61
C PHE B 961 33.86 1.47 -18.02
N THR B 962 33.27 2.28 -18.89
CA THR B 962 33.75 2.38 -20.25
C THR B 962 35.21 2.82 -20.26
N ILE B 963 35.52 3.84 -19.47
CA ILE B 963 36.88 4.33 -19.42
C ILE B 963 37.83 3.24 -19.01
N GLY B 964 37.52 2.55 -17.91
CA GLY B 964 38.41 1.52 -17.42
C GLY B 964 38.62 0.41 -18.42
N LEU B 965 37.55 -0.08 -19.02
CA LEU B 965 37.66 -1.15 -19.99
C LEU B 965 38.54 -0.71 -21.13
N THR B 966 38.32 0.48 -21.64
CA THR B 966 39.11 0.98 -22.74
C THR B 966 40.56 1.04 -22.33
N GLN B 967 40.80 1.50 -21.11
CA GLN B 967 42.17 1.64 -20.62
C GLN B 967 42.87 0.29 -20.56
N LEU B 968 42.14 -0.76 -20.23
CA LEU B 968 42.75 -2.06 -20.08
C LEU B 968 42.81 -2.84 -21.38
N TYR B 969 42.08 -2.39 -22.39
CA TYR B 969 42.03 -3.15 -23.64
C TYR B 969 42.54 -2.40 -24.85
N ASP B 970 42.65 -1.08 -24.76
CA ASP B 970 43.04 -0.31 -25.94
C ASP B 970 44.39 -0.73 -26.47
N LYS B 971 45.29 -1.14 -25.59
CA LYS B 971 46.58 -1.63 -26.06
C LYS B 971 46.43 -2.42 -27.35
N CYS B 981 32.98 -9.23 -38.55
CA CYS B 981 34.41 -9.01 -38.56
C CYS B 981 34.89 -8.33 -37.29
N VAL B 982 34.31 -7.18 -36.97
CA VAL B 982 34.76 -6.42 -35.81
C VAL B 982 33.61 -5.88 -34.99
N GLY B 983 33.61 -6.14 -33.68
CA GLY B 983 32.59 -5.58 -32.82
C GLY B 983 31.63 -6.57 -32.21
N ILE B 984 30.68 -6.07 -31.42
CA ILE B 984 29.69 -6.93 -30.83
C ILE B 984 28.79 -7.46 -31.92
N PHE B 985 28.64 -6.69 -33.01
CA PHE B 985 27.70 -7.09 -34.06
C PHE B 985 28.30 -7.98 -35.14
N CYS B 986 28.95 -9.07 -34.74
CA CYS B 986 29.46 -10.01 -35.73
C CYS B 986 29.27 -11.41 -35.18
N GLU B 987 29.19 -12.41 -36.06
CA GLU B 987 28.92 -13.77 -35.61
C GLU B 987 29.88 -14.19 -34.51
N GLN B 988 31.16 -13.88 -34.68
CA GLN B 988 32.12 -14.19 -33.62
C GLN B 988 32.53 -12.89 -32.98
N GLN B 989 31.98 -12.60 -31.81
CA GLN B 989 32.27 -11.32 -31.16
C GLN B 989 33.75 -11.15 -30.89
N SER B 990 34.32 -10.03 -31.34
CA SER B 990 35.75 -9.81 -31.17
C SER B 990 36.03 -8.92 -29.97
N ASN B 991 37.21 -9.07 -29.37
CA ASN B 991 37.58 -8.24 -28.24
C ASN B 991 37.63 -6.79 -28.69
N ASP B 992 37.52 -6.57 -29.99
CA ASP B 992 37.53 -5.23 -30.52
C ASP B 992 36.42 -4.42 -29.89
N THR B 993 35.44 -5.10 -29.31
CA THR B 993 34.36 -4.41 -28.63
C THR B 993 34.88 -3.35 -27.70
N PHE B 994 36.10 -3.67 -27.10
CA PHE B 994 36.66 -2.76 -26.10
C PHE B 994 37.75 -1.85 -26.65
N HIS B 995 38.22 -2.10 -27.85
CA HIS B 995 39.36 -1.35 -28.38
C HIS B 995 39.03 0.11 -28.53
N SER B 996 37.86 0.42 -29.09
CA SER B 996 37.45 1.82 -29.20
C SER B 996 36.73 2.26 -27.95
N PHE B 997 36.17 3.46 -27.96
CA PHE B 997 35.40 3.93 -26.81
C PHE B 997 33.94 3.71 -27.08
N ILE B 998 33.47 4.19 -28.23
CA ILE B 998 32.07 4.03 -28.58
C ILE B 998 31.72 2.56 -28.52
N GLY B 999 32.63 1.72 -29.01
CA GLY B 999 32.39 0.30 -28.97
C GLY B 999 32.22 -0.18 -27.54
N THR B 1000 33.11 0.28 -26.66
CA THR B 1000 33.01 -0.10 -25.26
C THR B 1000 31.64 0.26 -24.74
N CYS B 1001 31.14 1.43 -25.13
CA CYS B 1001 29.83 1.86 -24.70
C CYS B 1001 28.74 0.93 -25.21
N PHE B 1002 28.77 0.63 -26.51
CA PHE B 1002 27.79 -0.30 -27.07
C PHE B 1002 27.87 -1.60 -26.33
N ALA B 1003 29.07 -2.14 -26.20
CA ALA B 1003 29.24 -3.44 -25.57
C ALA B 1003 28.59 -3.45 -24.22
N LEU B 1004 28.85 -2.49 -23.40
CA LEU B 1004 28.24 -2.42 -22.07
C LEU B 1004 26.75 -2.16 -22.20
N PHE B 1005 26.35 -1.43 -23.27
CA PHE B 1005 24.94 -1.15 -23.45
C PHE B 1005 24.14 -2.44 -23.59
N TRP B 1006 24.66 -3.39 -24.34
CA TRP B 1006 23.92 -4.61 -24.58
C TRP B 1006 23.91 -5.49 -23.36
N TYR B 1007 24.93 -5.37 -22.52
CA TYR B 1007 24.91 -6.14 -21.28
C TYR B 1007 23.69 -5.78 -20.45
N ILE B 1008 23.23 -4.54 -20.54
CA ILE B 1008 22.08 -4.11 -19.75
C ILE B 1008 20.98 -5.13 -19.80
N PHE B 1009 20.53 -5.50 -21.00
CA PHE B 1009 19.38 -6.40 -21.15
C PHE B 1009 19.48 -7.77 -20.47
N SER B 1010 20.68 -8.17 -20.06
CA SER B 1010 20.86 -9.44 -19.35
C SER B 1010 20.21 -10.63 -20.05
N LEU B 1011 20.27 -10.68 -21.37
CA LEU B 1011 19.74 -11.82 -22.09
C LEU B 1011 20.91 -12.43 -22.85
N ALA B 1012 22.12 -12.08 -22.44
CA ALA B 1012 23.33 -12.57 -23.10
C ALA B 1012 23.48 -12.10 -24.54
N HIS B 1013 23.45 -10.79 -24.76
CA HIS B 1013 23.63 -10.26 -26.11
C HIS B 1013 25.11 -10.15 -26.43
N VAL B 1014 25.95 -10.13 -25.40
CA VAL B 1014 27.39 -10.05 -25.61
C VAL B 1014 28.09 -11.15 -24.81
N ALA B 1015 28.95 -11.93 -25.45
CA ALA B 1015 29.59 -13.06 -24.78
C ALA B 1015 30.59 -12.63 -23.71
N ILE B 1016 31.12 -13.59 -22.96
CA ILE B 1016 32.07 -13.29 -21.91
C ILE B 1016 33.48 -13.34 -22.47
N PHE B 1017 33.61 -13.36 -23.79
CA PHE B 1017 34.92 -13.44 -24.39
C PHE B 1017 35.59 -12.08 -24.26
N VAL B 1018 35.96 -11.72 -23.03
CA VAL B 1018 36.66 -10.48 -22.80
C VAL B 1018 38.13 -10.85 -22.84
N THR B 1019 38.41 -12.11 -23.10
CA THR B 1019 39.78 -12.57 -23.18
C THR B 1019 40.55 -11.88 -24.27
N ARG B 1020 41.85 -11.70 -24.08
CA ARG B 1020 42.66 -11.06 -25.08
C ARG B 1020 43.26 -12.10 -26.00
N PHE B 1021 43.66 -11.67 -27.19
CA PHE B 1021 44.23 -12.60 -28.16
C PHE B 1021 45.45 -13.29 -27.60
N SER B 1022 46.29 -12.54 -26.89
CA SER B 1022 47.49 -13.12 -26.31
C SER B 1022 48.14 -14.10 -27.28
N GLU B 1025 48.53 -12.58 -21.41
CA GLU B 1025 47.84 -11.46 -20.78
C GLU B 1025 46.66 -11.96 -19.98
N GLU B 1026 46.90 -12.99 -19.18
CA GLU B 1026 45.82 -13.56 -18.40
C GLU B 1026 45.26 -12.55 -17.44
N LEU B 1027 46.12 -11.97 -16.62
CA LEU B 1027 45.66 -11.00 -15.64
C LEU B 1027 44.85 -9.94 -16.36
N GLN B 1028 45.40 -9.40 -17.44
CA GLN B 1028 44.73 -8.33 -18.14
C GLN B 1028 43.34 -8.78 -18.53
N SER B 1029 43.19 -9.97 -18.97
CA SER B 1029 41.90 -10.52 -19.37
C SER B 1029 41.00 -10.77 -18.17
N PHE B 1030 41.59 -11.23 -17.07
CA PHE B 1030 40.82 -11.49 -15.86
C PHE B 1030 40.24 -10.20 -15.32
N VAL B 1031 41.10 -9.24 -15.04
CA VAL B 1031 40.64 -7.97 -14.52
C VAL B 1031 39.49 -7.49 -15.38
N GLY B 1032 39.60 -7.64 -16.69
CA GLY B 1032 38.55 -7.22 -17.58
C GLY B 1032 37.27 -7.92 -17.25
N ALA B 1033 37.35 -9.21 -16.92
CA ALA B 1033 36.18 -9.97 -16.56
C ALA B 1033 35.56 -9.39 -15.31
N VAL B 1034 36.40 -9.07 -14.32
CA VAL B 1034 35.90 -8.50 -13.10
C VAL B 1034 35.22 -7.16 -13.37
N ILE B 1035 35.82 -6.35 -14.21
CA ILE B 1035 35.25 -5.04 -14.51
C ILE B 1035 33.88 -5.20 -15.13
N VAL B 1036 33.78 -6.04 -16.15
CA VAL B 1036 32.51 -6.25 -16.82
C VAL B 1036 31.53 -6.91 -15.89
N GLY B 1037 32.00 -7.86 -15.09
CA GLY B 1037 31.13 -8.53 -14.15
C GLY B 1037 30.54 -7.57 -13.17
N THR B 1038 31.38 -6.69 -12.63
CA THR B 1038 30.91 -5.71 -11.68
C THR B 1038 29.91 -4.77 -12.34
N TYR B 1039 30.15 -4.40 -13.58
CA TYR B 1039 29.23 -3.55 -14.29
C TYR B 1039 27.88 -4.22 -14.34
N ASN B 1040 27.87 -5.49 -14.70
CA ASN B 1040 26.62 -6.20 -14.83
C ASN B 1040 25.90 -6.28 -13.49
N VAL B 1041 26.64 -6.59 -12.44
CA VAL B 1041 26.03 -6.71 -11.12
C VAL B 1041 25.44 -5.38 -10.68
N VAL B 1042 26.18 -4.31 -10.88
CA VAL B 1042 25.70 -2.99 -10.48
C VAL B 1042 24.51 -2.55 -11.31
N VAL B 1043 24.58 -2.72 -12.62
CA VAL B 1043 23.51 -2.25 -13.48
C VAL B 1043 22.35 -3.22 -13.59
N VAL B 1044 22.64 -4.45 -13.98
CA VAL B 1044 21.57 -5.43 -14.20
C VAL B 1044 20.82 -5.73 -12.92
N ILE B 1045 21.56 -5.77 -11.80
CA ILE B 1045 20.92 -6.14 -10.53
C ILE B 1045 20.60 -4.95 -9.65
N VAL B 1046 21.61 -4.28 -9.14
CA VAL B 1046 21.39 -3.18 -8.21
C VAL B 1046 20.60 -2.01 -8.80
N LEU B 1047 21.02 -1.49 -9.94
CA LEU B 1047 20.33 -0.32 -10.49
C LEU B 1047 18.96 -0.66 -11.01
N THR B 1048 18.83 -1.78 -11.71
CA THR B 1048 17.56 -2.14 -12.28
C THR B 1048 16.50 -2.30 -11.21
N LYS B 1049 16.77 -3.19 -10.27
CA LYS B 1049 15.80 -3.43 -9.20
C LYS B 1049 15.39 -2.12 -8.58
N LEU B 1050 16.34 -1.20 -8.44
CA LEU B 1050 15.97 0.10 -7.93
C LEU B 1050 14.93 0.70 -8.85
N LEU B 1051 15.20 0.71 -10.14
CA LEU B 1051 14.28 1.33 -11.08
C LEU B 1051 12.88 0.79 -10.84
N VAL B 1052 12.77 -0.51 -10.70
CA VAL B 1052 11.47 -1.12 -10.49
C VAL B 1052 10.86 -0.55 -9.23
N ALA B 1053 11.66 -0.47 -8.18
CA ALA B 1053 11.15 0.03 -6.91
C ALA B 1053 10.61 1.42 -7.09
N MET B 1054 11.37 2.28 -7.74
CA MET B 1054 10.91 3.64 -7.97
C MET B 1054 9.60 3.61 -8.72
N LEU B 1055 9.53 2.82 -9.79
CA LEU B 1055 8.31 2.77 -10.58
C LEU B 1055 7.14 2.33 -9.73
N HIS B 1056 7.35 1.33 -8.89
CA HIS B 1056 6.28 0.83 -8.05
C HIS B 1056 5.69 1.93 -7.22
N LYS B 1057 6.58 2.61 -6.45
CA LYS B 1057 6.13 3.69 -5.59
C LYS B 1057 5.45 4.75 -6.44
N SER B 1058 6.05 5.09 -7.55
CA SER B 1058 5.53 6.14 -8.42
C SER B 1058 4.11 5.83 -8.84
N PHE B 1059 3.88 4.66 -9.41
CA PHE B 1059 2.56 4.33 -9.92
C PHE B 1059 1.53 4.41 -8.82
N GLN B 1060 1.88 3.94 -7.63
CA GLN B 1060 0.94 3.96 -6.52
C GLN B 1060 0.26 5.30 -6.49
N LEU B 1061 1.04 6.36 -6.37
CA LEU B 1061 0.47 7.69 -6.26
C LEU B 1061 -0.31 8.03 -7.50
N ILE B 1062 0.34 7.69 -8.67
CA ILE B 1062 -0.30 7.96 -9.94
C ILE B 1062 -1.68 7.33 -9.98
N ALA B 1063 -1.79 6.12 -9.56
CA ALA B 1063 -3.03 5.37 -9.59
C ALA B 1063 -4.13 6.13 -8.87
N ASN B 1064 -3.75 7.01 -7.95
CA ASN B 1064 -4.75 7.73 -7.19
C ASN B 1064 -5.45 8.80 -7.99
N HIS B 1065 -4.73 9.45 -8.91
CA HIS B 1065 -5.33 10.56 -9.64
C HIS B 1065 -5.48 10.30 -11.12
N GLU B 1066 -5.31 9.05 -11.53
CA GLU B 1066 -5.36 8.75 -12.95
C GLU B 1066 -6.59 9.31 -13.62
N ASP B 1067 -7.74 9.26 -12.95
CA ASP B 1067 -8.95 9.72 -13.58
C ASP B 1067 -8.84 11.18 -13.91
N LYS B 1068 -8.44 11.98 -12.95
CA LYS B 1068 -8.35 13.42 -13.17
C LYS B 1068 -7.39 13.70 -14.30
N GLU B 1069 -6.23 13.06 -14.24
CA GLU B 1069 -5.22 13.31 -15.26
C GLU B 1069 -5.75 12.93 -16.63
N TRP B 1070 -6.35 11.76 -16.73
CA TRP B 1070 -6.85 11.29 -18.01
C TRP B 1070 -7.93 12.22 -18.53
N LYS B 1071 -8.83 12.66 -17.66
CA LYS B 1071 -9.90 13.52 -18.08
C LYS B 1071 -9.35 14.80 -18.64
N PHE B 1072 -8.39 15.39 -17.94
CA PHE B 1072 -7.82 16.65 -18.38
C PHE B 1072 -7.21 16.45 -19.75
N ALA B 1073 -6.50 15.35 -19.92
CA ALA B 1073 -5.85 15.09 -21.19
C ALA B 1073 -6.88 14.94 -22.29
N ARG B 1074 -7.89 14.14 -22.06
CA ARG B 1074 -8.87 13.92 -23.09
C ARG B 1074 -9.53 15.22 -23.46
N ALA B 1075 -9.80 16.05 -22.47
CA ALA B 1075 -10.46 17.32 -22.73
C ALA B 1075 -9.59 18.17 -23.61
N LYS B 1076 -8.31 18.23 -23.29
CA LYS B 1076 -7.41 19.04 -24.06
C LYS B 1076 -7.44 18.57 -25.48
N LEU B 1077 -7.52 17.25 -25.67
CA LEU B 1077 -7.60 16.69 -27.00
C LEU B 1077 -8.89 17.09 -27.69
N TRP B 1078 -10.02 16.92 -27.00
CA TRP B 1078 -11.29 17.21 -27.62
C TRP B 1078 -11.39 18.65 -28.06
N LEU B 1079 -11.01 19.57 -27.18
CA LEU B 1079 -11.18 20.98 -27.51
C LEU B 1079 -10.55 21.32 -28.84
N SER B 1080 -9.42 20.70 -29.14
CA SER B 1080 -8.72 20.97 -30.39
C SER B 1080 -9.69 20.87 -31.55
N TYR B 1081 -10.60 19.90 -31.49
CA TYR B 1081 -11.54 19.70 -32.58
C TYR B 1081 -12.73 20.62 -32.47
N PHE B 1082 -13.00 21.13 -31.27
CA PHE B 1082 -14.14 22.01 -31.07
C PHE B 1082 -13.98 23.23 -31.94
N ASP B 1083 -12.76 23.69 -32.09
CA ASP B 1083 -12.51 24.90 -32.88
C ASP B 1083 -13.04 24.71 -34.26
N ASP B 1084 -13.35 25.81 -34.94
CA ASP B 1084 -13.80 25.71 -36.32
C ASP B 1084 -12.64 25.95 -37.26
N LYS B 1085 -11.50 26.36 -36.72
CA LYS B 1085 -10.35 26.66 -37.56
C LYS B 1085 -9.96 25.47 -38.39
N CYS B 1086 -9.82 24.31 -37.75
CA CYS B 1086 -9.45 23.10 -38.46
C CYS B 1086 -10.66 22.23 -38.72
N THR B 1087 -10.92 21.95 -39.99
CA THR B 1087 -12.04 21.08 -40.33
C THR B 1087 -11.58 20.00 -41.27
N LEU B 1088 -10.80 20.33 -42.25
CA LEU B 1088 -10.41 19.40 -43.30
C LEU B 1088 -9.22 18.55 -42.91
N PRO B 1089 -9.29 17.23 -43.21
CA PRO B 1089 -8.14 16.38 -42.93
C PRO B 1089 -6.89 16.85 -43.66
N PRO B 1090 -5.71 16.32 -43.30
CA PRO B 1090 -4.48 16.84 -43.92
C PRO B 1090 -4.46 16.89 -45.44
N PRO B 1091 -4.75 15.77 -46.13
CA PRO B 1091 -4.62 15.84 -47.59
C PRO B 1091 -5.44 16.96 -48.19
N PHE B 1092 -6.68 17.13 -47.73
CA PHE B 1092 -7.53 18.19 -48.25
C PHE B 1092 -7.19 19.53 -47.64
N ASN B 1093 -6.78 19.54 -46.37
CA ASN B 1093 -6.53 20.81 -45.70
C ASN B 1093 -5.68 21.72 -46.56
N ILE B 1094 -4.80 21.13 -47.37
CA ILE B 1094 -3.96 21.94 -48.22
C ILE B 1094 -4.83 22.85 -49.04
N ILE B 1095 -5.94 22.33 -49.56
CA ILE B 1095 -6.87 23.17 -50.28
C ILE B 1095 -7.46 24.15 -49.29
N PRO B 1096 -7.19 25.44 -49.47
CA PRO B 1096 -7.67 26.44 -48.51
C PRO B 1096 -9.08 26.90 -48.84
N ASN B 1132 -22.60 47.70 -24.92
CA ASN B 1132 -22.68 46.67 -25.95
C ASN B 1132 -23.21 45.37 -25.38
N LEU B 1133 -23.25 44.32 -26.19
CA LEU B 1133 -23.70 43.03 -25.70
C LEU B 1133 -23.02 42.70 -24.39
N LYS B 1134 -21.80 43.19 -24.21
CA LYS B 1134 -21.05 42.85 -23.01
C LYS B 1134 -21.83 43.09 -21.74
N GLN B 1135 -22.54 44.20 -21.66
CA GLN B 1135 -23.24 44.52 -20.44
C GLN B 1135 -24.16 43.39 -20.04
N LYS B 1136 -24.89 42.87 -21.00
CA LYS B 1136 -25.81 41.78 -20.71
C LYS B 1136 -25.03 40.58 -20.23
N ARG B 1137 -24.00 40.21 -20.99
CA ARG B 1137 -23.22 39.04 -20.64
C ARG B 1137 -22.73 39.13 -19.23
N ASP B 1138 -22.14 40.25 -18.87
CA ASP B 1138 -21.59 40.40 -17.55
C ASP B 1138 -22.68 40.28 -16.52
N GLU B 1139 -23.83 40.95 -16.86
CA GLU B 1139 -24.97 40.93 -15.95
C GLU B 1139 -25.33 39.50 -15.60
N ASN B 1140 -25.53 38.68 -16.57
CA ASN B 1140 -25.95 37.31 -16.38
C ASN B 1140 -24.92 36.56 -15.58
N TYR B 1141 -23.65 36.78 -15.91
CA TYR B 1141 -22.61 36.08 -15.22
C TYR B 1141 -22.66 36.40 -13.75
N GLN B 1142 -22.88 37.68 -13.44
CA GLN B 1142 -22.90 38.08 -12.05
C GLN B 1142 -24.04 37.41 -11.34
N LYS B 1143 -25.19 37.33 -11.99
CA LYS B 1143 -26.34 36.68 -11.40
C LYS B 1143 -25.99 35.25 -11.05
N VAL B 1144 -25.47 34.52 -12.03
CA VAL B 1144 -25.16 33.12 -11.81
C VAL B 1144 -24.10 32.98 -10.75
N MET B 1145 -23.13 33.88 -10.75
CA MET B 1145 -22.05 33.80 -9.79
C MET B 1145 -22.59 34.01 -8.40
N CYS B 1146 -23.53 34.92 -8.26
CA CYS B 1146 -24.11 35.19 -6.97
C CYS B 1146 -24.73 33.93 -6.43
N CYS B 1147 -25.48 33.25 -7.28
CA CYS B 1147 -26.14 32.02 -6.85
C CYS B 1147 -25.13 30.99 -6.46
N LEU B 1148 -24.11 30.78 -7.28
CA LEU B 1148 -23.14 29.75 -6.99
C LEU B 1148 -22.45 30.03 -5.68
N VAL B 1149 -22.13 31.29 -5.43
CA VAL B 1149 -21.48 31.66 -4.19
C VAL B 1149 -22.36 31.35 -3.01
N HIS B 1150 -23.63 31.71 -3.10
CA HIS B 1150 -24.54 31.46 -2.01
C HIS B 1150 -24.66 29.98 -1.76
N ARG B 1151 -24.85 29.23 -2.84
CA ARG B 1151 -24.97 27.80 -2.71
C ARG B 1151 -23.73 27.22 -2.08
N TYR B 1152 -22.56 27.74 -2.46
CA TYR B 1152 -21.31 27.23 -1.94
C TYR B 1152 -21.26 27.43 -0.46
N LEU B 1153 -21.58 28.63 0.00
CA LEU B 1153 -21.52 28.93 1.41
C LEU B 1153 -22.45 28.04 2.19
N THR B 1154 -23.70 27.97 1.76
CA THR B 1154 -24.66 27.16 2.47
C THR B 1154 -24.21 25.73 2.50
N SER B 1155 -23.76 25.24 1.36
CA SER B 1155 -23.34 23.85 1.27
C SER B 1155 -22.20 23.57 2.20
N MET B 1156 -21.21 24.46 2.21
CA MET B 1156 -20.05 24.24 3.04
C MET B 1156 -20.46 24.22 4.49
N ARG B 1157 -21.38 25.23 4.80
CA ARG B 1157 -21.90 25.32 6.15
C ARG B 1157 -22.44 23.96 6.58
N GLN B 1158 -23.32 23.41 5.84
CA GLN B 1158 -23.95 22.14 6.12
C GLN B 1158 -22.93 21.03 6.19
N LYS B 1159 -22.01 20.98 5.24
CA LYS B 1159 -21.06 19.89 5.19
C LYS B 1159 -20.27 19.88 6.47
N MET B 1160 -19.68 21.01 6.82
CA MET B 1160 -18.93 21.09 8.05
C MET B 1160 -19.83 20.69 9.17
N GLN B 1161 -20.94 21.40 9.30
CA GLN B 1161 -21.86 21.13 10.39
C GLN B 1161 -22.11 19.64 10.53
N SER B 1162 -22.14 18.92 9.42
CA SER B 1162 -22.49 17.50 9.52
C SER B 1162 -21.30 16.55 9.48
N THR B 1163 -20.10 17.08 9.41
CA THR B 1163 -18.92 16.21 9.40
C THR B 1163 -17.95 16.58 10.50
N ASP B 1164 -17.66 17.87 10.64
CA ASP B 1164 -16.69 18.28 11.63
C ASP B 1164 -17.06 17.71 12.98
N GLN B 1165 -16.14 17.00 13.60
CA GLN B 1165 -16.44 16.36 14.87
C GLN B 1165 -16.13 17.27 16.04
N ALA B 1166 -16.86 17.10 17.13
CA ALA B 1166 -16.67 17.95 18.30
C ALA B 1166 -15.25 17.86 18.81
N THR B 1167 -14.82 18.87 19.55
CA THR B 1167 -13.47 18.90 20.06
C THR B 1167 -13.46 19.17 21.54
N VAL B 1168 -12.32 18.97 22.18
CA VAL B 1168 -12.23 19.19 23.60
C VAL B 1168 -12.72 20.58 23.93
N GLU B 1169 -12.42 21.55 23.13
CA GLU B 1169 -12.86 22.89 23.40
C GLU B 1169 -14.36 22.91 23.57
N ASN B 1170 -15.07 22.29 22.62
CA ASN B 1170 -16.52 22.29 22.70
C ASN B 1170 -16.96 21.68 24.00
N LEU B 1171 -16.35 20.56 24.38
CA LEU B 1171 -16.70 19.91 25.62
C LEU B 1171 -16.52 20.88 26.75
N ASN B 1172 -15.36 21.51 26.80
CA ASN B 1172 -15.07 22.42 27.89
C ASN B 1172 -16.08 23.53 27.92
N GLU B 1173 -16.46 24.03 26.76
CA GLU B 1173 -17.39 25.13 26.70
C GLU B 1173 -18.69 24.69 27.32
N LEU B 1174 -19.13 23.49 26.97
CA LEU B 1174 -20.37 22.98 27.51
C LEU B 1174 -20.24 22.91 29.02
N ARG B 1175 -19.18 22.30 29.50
CA ARG B 1175 -19.06 22.14 30.95
C ARG B 1175 -19.10 23.49 31.65
N GLN B 1176 -18.53 24.50 31.01
CA GLN B 1176 -18.56 25.83 31.59
C GLN B 1176 -19.99 26.28 31.75
N ASP B 1177 -20.80 26.05 30.73
CA ASP B 1177 -22.19 26.47 30.78
C ASP B 1177 -22.93 25.81 31.93
N LEU B 1178 -22.72 24.51 32.11
CA LEU B 1178 -23.37 23.80 33.19
C LEU B 1178 -22.95 24.41 34.50
N SER B 1179 -21.67 24.71 34.63
CA SER B 1179 -21.18 25.32 35.86
C SER B 1179 -21.82 26.66 36.11
N LYS B 1180 -21.72 27.55 35.14
CA LYS B 1180 -22.25 28.88 35.33
C LYS B 1180 -23.71 28.80 35.72
N PHE B 1181 -24.46 27.94 35.05
CA PHE B 1181 -25.86 27.75 35.39
C PHE B 1181 -25.97 27.22 36.80
N ARG B 1182 -25.10 26.27 37.13
CA ARG B 1182 -25.15 25.68 38.45
C ARG B 1182 -24.98 26.74 39.49
N ASN B 1183 -23.93 27.53 39.35
CA ASN B 1183 -23.64 28.56 40.33
C ASN B 1183 -24.79 29.55 40.40
N GLU B 1184 -25.18 30.09 39.25
CA GLU B 1184 -26.24 31.06 39.22
C GLU B 1184 -27.44 30.60 40.02
N ILE B 1185 -27.90 29.36 39.74
CA ILE B 1185 -29.06 28.85 40.46
C ILE B 1185 -28.75 28.75 41.92
N ARG B 1186 -27.60 28.24 42.27
CA ARG B 1186 -27.25 28.03 43.65
C ARG B 1186 -27.33 29.34 44.38
N ASP B 1187 -26.82 30.40 43.75
CA ASP B 1187 -26.88 31.71 44.36
C ASP B 1187 -28.30 32.20 44.43
N LEU B 1188 -29.03 32.07 43.33
CA LEU B 1188 -30.41 32.55 43.30
C LEU B 1188 -31.25 31.82 44.33
N LEU B 1189 -30.77 30.68 44.80
CA LEU B 1189 -31.55 29.90 45.76
C LEU B 1189 -30.81 29.69 47.06
N GLY B 1190 -29.78 30.50 47.31
CA GLY B 1190 -29.00 30.36 48.53
C GLY B 1190 -28.51 28.95 48.73
N ASP C 454 -22.41 -31.59 27.94
CA ASP C 454 -23.37 -31.20 28.96
C ASP C 454 -23.36 -29.70 29.16
N ARG C 455 -23.16 -29.26 30.40
CA ARG C 455 -23.12 -27.84 30.70
C ARG C 455 -21.86 -27.57 31.48
N ILE C 456 -21.19 -26.47 31.17
CA ILE C 456 -20.00 -26.09 31.93
C ILE C 456 -20.38 -25.11 33.04
N PRO C 457 -20.29 -25.56 34.31
CA PRO C 457 -20.61 -24.63 35.39
C PRO C 457 -19.56 -23.54 35.46
N LEU C 458 -20.00 -22.33 35.77
CA LEU C 458 -19.07 -21.21 35.82
C LEU C 458 -19.09 -20.60 37.21
N GLN C 459 -17.92 -20.50 37.83
CA GLN C 459 -17.82 -19.95 39.16
C GLN C 459 -16.67 -18.97 39.21
N ILE C 460 -16.65 -18.12 40.22
CA ILE C 460 -15.53 -17.20 40.37
C ILE C 460 -14.42 -17.93 41.09
N VAL C 461 -13.34 -18.24 40.39
CA VAL C 461 -12.27 -19.03 41.00
C VAL C 461 -11.44 -18.27 42.03
N ARG C 462 -10.92 -17.11 41.66
CA ARG C 462 -10.12 -16.32 42.57
C ARG C 462 -11.03 -15.32 43.21
N ALA C 463 -11.80 -15.76 44.20
CA ALA C 463 -12.80 -14.88 44.81
C ALA C 463 -12.23 -13.75 45.64
N GLU C 464 -13.02 -12.68 45.78
CA GLU C 464 -12.57 -11.53 46.56
C GLU C 464 -13.70 -11.04 47.45
N THR C 465 -13.37 -10.44 48.58
CA THR C 465 -14.39 -9.94 49.49
C THR C 465 -15.45 -9.13 48.77
N GLU C 466 -16.67 -9.18 49.27
CA GLU C 466 -17.77 -8.47 48.63
C GLU C 466 -18.24 -7.29 49.46
N LEU C 467 -18.77 -6.27 48.73
CA LEU C 467 -19.23 -5.06 49.41
C LEU C 467 -20.61 -5.26 50.01
N SER C 468 -20.79 -4.76 51.27
CA SER C 468 -22.10 -4.85 51.86
C SER C 468 -23.03 -3.94 51.11
N ALA C 469 -24.32 -4.08 51.35
CA ALA C 469 -25.29 -3.27 50.65
C ALA C 469 -25.04 -1.80 50.92
N GLU C 470 -24.81 -1.46 52.18
CA GLU C 470 -24.58 -0.07 52.54
C GLU C 470 -23.37 0.46 51.81
N GLU C 471 -22.30 -0.31 51.83
CA GLU C 471 -21.07 0.11 51.18
C GLU C 471 -21.30 0.29 49.71
N LYS C 472 -22.07 -0.61 49.12
CA LYS C 472 -22.35 -0.51 47.70
C LYS C 472 -23.07 0.79 47.41
N ALA C 473 -24.02 1.14 48.26
CA ALA C 473 -24.75 2.38 48.08
C ALA C 473 -23.82 3.57 48.20
N PHE C 474 -22.91 3.52 49.15
CA PHE C 474 -22.00 4.63 49.37
C PHE C 474 -21.23 4.90 48.11
N LEU C 475 -20.63 3.85 47.54
CA LEU C 475 -19.83 4.02 46.35
C LEU C 475 -20.71 4.44 45.19
N SER C 476 -21.94 3.95 45.17
CA SER C 476 -22.86 4.30 44.10
C SER C 476 -23.17 5.78 44.11
N ALA C 477 -23.30 6.35 45.29
CA ALA C 477 -23.58 7.76 45.41
C ALA C 477 -22.44 8.55 44.82
N VAL C 478 -21.22 8.10 45.07
CA VAL C 478 -20.05 8.82 44.58
C VAL C 478 -20.04 8.83 43.06
N GLU C 479 -20.61 7.80 42.46
CA GLU C 479 -20.58 7.70 41.01
C GLU C 479 -21.69 8.55 40.43
N LYS C 480 -22.63 8.93 41.27
CA LYS C 480 -23.72 9.76 40.81
C LYS C 480 -23.47 11.20 41.24
N GLY C 481 -22.54 11.38 42.17
CA GLY C 481 -22.21 12.71 42.62
C GLY C 481 -23.17 13.29 43.61
N ASP C 482 -23.88 12.44 44.33
CA ASP C 482 -24.83 12.91 45.32
C ASP C 482 -24.10 13.25 46.60
N TYR C 483 -23.70 14.51 46.72
CA TYR C 483 -22.95 14.93 47.89
C TYR C 483 -23.73 14.64 49.14
N ALA C 484 -25.01 14.92 49.14
CA ALA C 484 -25.81 14.75 50.33
C ALA C 484 -25.75 13.34 50.87
N THR C 485 -26.04 12.37 50.04
CA THR C 485 -26.07 10.99 50.51
C THR C 485 -24.68 10.58 50.97
N VAL C 486 -23.66 10.96 50.22
CA VAL C 486 -22.31 10.60 50.59
C VAL C 486 -22.01 11.20 51.94
N LYS C 487 -22.32 12.47 52.11
CA LYS C 487 -22.05 13.14 53.37
C LYS C 487 -22.73 12.40 54.48
N GLN C 488 -24.00 12.10 54.30
CA GLN C 488 -24.74 11.45 55.35
C GLN C 488 -24.13 10.11 55.68
N ALA C 489 -23.80 9.33 54.66
CA ALA C 489 -23.26 8.01 54.89
C ALA C 489 -22.01 8.12 55.73
N LEU C 490 -21.15 9.06 55.39
CA LEU C 490 -19.93 9.25 56.13
C LEU C 490 -20.25 9.53 57.58
N GLN C 491 -21.08 10.53 57.82
CA GLN C 491 -21.40 10.90 59.20
C GLN C 491 -21.94 9.72 59.98
N GLU C 492 -22.83 8.96 59.38
CA GLU C 492 -23.40 7.81 60.06
C GLU C 492 -22.33 6.79 60.37
N ALA C 493 -21.42 6.57 59.42
CA ALA C 493 -20.34 5.62 59.64
C ALA C 493 -19.51 6.03 60.84
N GLU C 494 -19.26 7.32 60.97
CA GLU C 494 -18.51 7.81 62.12
C GLU C 494 -19.23 7.41 63.38
N ILE C 495 -20.55 7.37 63.33
CA ILE C 495 -21.33 7.06 64.52
C ILE C 495 -21.58 5.58 64.68
N TYR C 496 -22.24 4.97 63.72
CA TYR C 496 -22.60 3.56 63.86
C TYR C 496 -21.55 2.62 63.30
N TYR C 497 -20.47 3.16 62.75
CA TYR C 497 -19.40 2.32 62.23
C TYR C 497 -19.94 1.16 61.42
N ASN C 498 -20.74 1.47 60.42
CA ASN C 498 -21.34 0.42 59.60
C ASN C 498 -20.78 0.36 58.20
N VAL C 499 -19.98 1.36 57.82
CA VAL C 499 -19.40 1.38 56.49
C VAL C 499 -17.92 1.68 56.55
N ASN C 500 -17.11 0.94 55.81
CA ASN C 500 -15.69 1.25 55.76
C ASN C 500 -15.52 2.32 54.71
N ILE C 501 -15.36 3.56 55.15
CA ILE C 501 -15.24 4.64 54.22
C ILE C 501 -14.29 4.23 53.13
N ASN C 502 -13.24 3.52 53.50
CA ASN C 502 -12.24 3.11 52.52
C ASN C 502 -12.54 1.74 51.93
N CYS C 503 -13.75 1.54 51.44
CA CYS C 503 -14.10 0.28 50.81
C CYS C 503 -13.64 0.29 49.37
N MET C 504 -13.82 -0.81 48.65
CA MET C 504 -13.31 -0.88 47.29
C MET C 504 -14.26 -1.54 46.31
N ASP C 505 -14.36 -0.99 45.12
CA ASP C 505 -15.24 -1.54 44.10
C ASP C 505 -14.71 -2.85 43.55
N PRO C 506 -15.51 -3.53 42.72
CA PRO C 506 -15.01 -4.74 42.09
C PRO C 506 -13.74 -4.48 41.29
N LEU C 507 -13.64 -3.30 40.70
CA LEU C 507 -12.46 -2.95 39.91
C LEU C 507 -11.34 -2.45 40.79
N GLY C 508 -11.58 -2.40 42.10
CA GLY C 508 -10.53 -1.99 43.02
C GLY C 508 -10.48 -0.50 43.29
N ARG C 509 -11.38 0.26 42.67
CA ARG C 509 -11.42 1.68 42.88
C ARG C 509 -12.16 2.00 44.15
N SER C 510 -11.58 2.84 44.99
CA SER C 510 -12.24 3.24 46.22
C SER C 510 -13.06 4.47 45.95
N ALA C 511 -13.55 5.11 47.00
CA ALA C 511 -14.38 6.29 46.85
C ALA C 511 -13.59 7.46 46.31
N LEU C 512 -12.42 7.69 46.87
CA LEU C 512 -11.62 8.83 46.45
C LEU C 512 -11.22 8.64 45.01
N LEU C 513 -10.90 7.42 44.63
CA LEU C 513 -10.54 7.15 43.25
C LEU C 513 -11.73 7.36 42.33
N ILE C 514 -12.92 6.96 42.77
CA ILE C 514 -14.11 7.20 41.96
C ILE C 514 -14.36 8.69 41.82
N ALA C 515 -14.17 9.44 42.89
CA ALA C 515 -14.37 10.87 42.83
C ALA C 515 -13.35 11.53 41.94
N ILE C 516 -12.11 11.08 42.02
CA ILE C 516 -11.06 11.66 41.21
C ILE C 516 -11.35 11.46 39.73
N GLU C 517 -11.79 10.26 39.37
CA GLU C 517 -12.08 9.97 37.98
C GLU C 517 -13.26 10.79 37.50
N ASN C 518 -14.27 10.93 38.34
CA ASN C 518 -15.43 11.73 37.98
C ASN C 518 -15.08 13.19 38.10
N GLU C 519 -13.94 13.49 38.70
CA GLU C 519 -13.49 14.86 38.87
C GLU C 519 -14.45 15.70 39.68
N ASN C 520 -14.98 15.15 40.76
CA ASN C 520 -15.85 15.93 41.63
C ASN C 520 -15.08 16.40 42.84
N LEU C 521 -14.49 17.59 42.76
CA LEU C 521 -13.66 18.08 43.85
C LEU C 521 -14.46 18.34 45.12
N GLU C 522 -15.70 18.74 44.98
CA GLU C 522 -16.54 18.89 46.15
C GLU C 522 -16.51 17.60 46.96
N ILE C 523 -16.88 16.49 46.33
CA ILE C 523 -16.92 15.22 47.04
C ILE C 523 -15.54 14.79 47.50
N MET C 524 -14.53 15.04 46.69
CA MET C 524 -13.18 14.69 47.08
C MET C 524 -12.85 15.35 48.39
N GLU C 525 -13.14 16.65 48.50
CA GLU C 525 -12.84 17.35 49.72
C GLU C 525 -13.58 16.71 50.87
N LEU C 526 -14.86 16.42 50.66
CA LEU C 526 -15.65 15.82 51.72
C LEU C 526 -14.98 14.56 52.20
N LEU C 527 -14.59 13.69 51.28
CA LEU C 527 -13.98 12.43 51.65
C LEU C 527 -12.68 12.67 52.39
N LEU C 528 -11.86 13.59 51.90
CA LEU C 528 -10.58 13.84 52.53
C LEU C 528 -10.77 14.39 53.93
N ASN C 529 -11.76 15.24 54.10
CA ASN C 529 -12.02 15.81 55.42
C ASN C 529 -12.36 14.70 56.38
N HIS C 530 -13.00 13.65 55.91
CA HIS C 530 -13.30 12.52 56.77
C HIS C 530 -12.12 11.57 56.82
N SER C 531 -10.95 12.06 56.45
CA SER C 531 -9.72 11.25 56.55
C SER C 531 -9.81 9.88 55.87
N VAL C 532 -10.03 9.86 54.56
CA VAL C 532 -10.03 8.58 53.83
C VAL C 532 -8.62 8.25 53.41
N TYR C 533 -8.28 6.97 53.36
CA TYR C 533 -6.95 6.58 52.91
C TYR C 533 -6.65 7.23 51.58
N VAL C 534 -5.56 7.99 51.50
CA VAL C 534 -5.25 8.72 50.28
C VAL C 534 -4.08 8.14 49.50
N GLY C 535 -3.77 6.87 49.72
CA GLY C 535 -2.61 6.29 49.07
C GLY C 535 -2.66 6.28 47.56
N ASP C 536 -1.60 6.73 46.91
CA ASP C 536 -1.52 6.70 45.44
C ASP C 536 -2.56 7.55 44.74
N ALA C 537 -3.36 8.26 45.51
CA ALA C 537 -4.40 9.07 44.91
C ALA C 537 -3.79 10.14 44.04
N LEU C 538 -2.67 10.70 44.48
CA LEU C 538 -2.05 11.77 43.73
C LEU C 538 -1.71 11.25 42.36
N LEU C 539 -1.21 10.03 42.29
CA LEU C 539 -0.81 9.46 41.02
C LEU C 539 -2.01 9.35 40.10
N TYR C 540 -3.14 8.92 40.62
CA TYR C 540 -4.34 8.80 39.80
C TYR C 540 -4.79 10.15 39.31
N ALA C 541 -4.69 11.16 40.16
CA ALA C 541 -5.09 12.50 39.75
C ALA C 541 -4.18 13.05 38.68
N ILE C 542 -2.88 12.80 38.80
CA ILE C 542 -1.94 13.28 37.81
C ILE C 542 -2.21 12.62 36.48
N ARG C 543 -2.63 11.37 36.49
CA ARG C 543 -2.94 10.67 35.26
C ARG C 543 -4.17 11.25 34.61
N LYS C 544 -5.14 11.66 35.43
CA LYS C 544 -6.35 12.26 34.90
C LYS C 544 -6.07 13.68 34.46
N GLU C 545 -4.94 14.22 34.87
CA GLU C 545 -4.55 15.57 34.48
C GLU C 545 -5.61 16.57 34.84
N VAL C 546 -5.81 16.79 36.13
CA VAL C 546 -6.80 17.74 36.59
C VAL C 546 -6.26 18.55 37.77
N VAL C 547 -6.96 19.61 38.16
CA VAL C 547 -6.52 20.44 39.28
C VAL C 547 -6.86 19.82 40.62
N GLY C 548 -7.35 18.59 40.63
CA GLY C 548 -7.60 17.91 41.89
C GLY C 548 -6.25 17.62 42.49
N ALA C 549 -5.20 17.66 41.67
CA ALA C 549 -3.86 17.43 42.16
C ALA C 549 -3.52 18.46 43.21
N VAL C 550 -3.89 19.70 42.97
CA VAL C 550 -3.61 20.75 43.92
C VAL C 550 -4.23 20.42 45.25
N GLU C 551 -5.48 19.98 45.22
CA GLU C 551 -6.18 19.67 46.45
C GLU C 551 -5.48 18.58 47.23
N LEU C 552 -5.11 17.51 46.55
CA LEU C 552 -4.47 16.39 47.25
C LEU C 552 -3.15 16.85 47.82
N LEU C 553 -2.40 17.62 47.07
CA LEU C 553 -1.13 18.13 47.56
C LEU C 553 -1.38 19.00 48.77
N LEU C 554 -2.42 19.82 48.69
CA LEU C 554 -2.77 20.68 49.82
C LEU C 554 -3.28 19.85 50.98
N SER C 555 -3.97 18.76 50.68
CA SER C 555 -4.52 17.90 51.73
C SER C 555 -3.42 17.11 52.43
N TYR C 556 -2.19 17.25 51.95
CA TYR C 556 -1.06 16.51 52.52
C TYR C 556 -1.11 16.37 54.04
N ARG C 557 -0.86 15.16 54.53
CA ARG C 557 -0.81 14.93 55.97
C ARG C 557 -2.07 15.44 56.64
N GLN C 573 -3.63 -1.97 48.35
CA GLN C 573 -2.44 -2.70 47.94
C GLN C 573 -2.33 -2.76 46.43
N PHE C 574 -3.47 -2.88 45.75
CA PHE C 574 -3.46 -2.91 44.30
C PHE C 574 -3.35 -1.51 43.75
N SER C 575 -2.43 -1.30 42.82
CA SER C 575 -2.30 -0.01 42.18
C SER C 575 -2.07 -0.19 40.72
N GLU C 576 -2.53 0.76 39.92
CA GLU C 576 -2.34 0.68 38.50
C GLU C 576 -0.98 1.22 38.15
N PHE C 577 -0.21 1.59 39.16
CA PHE C 577 1.12 2.15 38.93
C PHE C 577 2.17 1.33 39.64
N THR C 578 3.23 1.01 38.92
CA THR C 578 4.30 0.22 39.49
C THR C 578 4.89 0.93 40.68
N PRO C 579 5.53 0.19 41.58
CA PRO C 579 6.03 0.80 42.81
C PRO C 579 7.07 1.89 42.57
N ASP C 580 7.65 1.95 41.38
CA ASP C 580 8.72 2.92 41.10
C ASP C 580 8.20 4.30 40.70
N ILE C 581 7.03 4.36 40.09
CA ILE C 581 6.50 5.63 39.62
C ILE C 581 6.36 6.64 40.75
N THR C 582 6.87 7.84 40.55
CA THR C 582 6.76 8.88 41.55
C THR C 582 5.93 9.99 40.98
N PRO C 583 5.43 10.89 41.82
CA PRO C 583 4.54 11.90 41.28
C PRO C 583 5.14 12.62 40.08
N ILE C 584 6.35 13.10 40.16
CA ILE C 584 6.94 13.86 39.05
C ILE C 584 7.10 13.01 37.80
N MET C 585 7.54 11.75 37.98
CA MET C 585 7.73 10.89 36.83
C MET C 585 6.45 10.78 36.04
N LEU C 586 5.34 10.56 36.73
CA LEU C 586 4.07 10.37 36.03
C LEU C 586 3.66 11.66 35.35
N ALA C 587 3.88 12.78 36.01
CA ALA C 587 3.52 14.06 35.43
C ALA C 587 4.29 14.24 34.15
N ALA C 588 5.56 13.89 34.19
CA ALA C 588 6.38 13.99 33.01
C ALA C 588 5.84 13.10 31.92
N HIS C 589 5.50 11.86 32.28
CA HIS C 589 4.98 10.93 31.30
C HIS C 589 3.73 11.49 30.66
N THR C 590 2.94 12.23 31.41
CA THR C 590 1.71 12.82 30.88
C THR C 590 1.99 14.07 30.07
N ASN C 591 3.12 14.70 30.31
CA ASN C 591 3.51 15.89 29.56
C ASN C 591 2.57 17.07 29.79
N ASN C 592 1.95 17.15 30.96
CA ASN C 592 1.12 18.31 31.25
C ASN C 592 1.99 19.35 31.87
N TYR C 593 2.24 20.44 31.15
CA TYR C 593 3.14 21.45 31.63
C TYR C 593 2.70 22.01 32.96
N GLU C 594 1.42 22.28 33.10
CA GLU C 594 0.94 22.88 34.34
C GLU C 594 1.16 21.98 35.53
N ILE C 595 0.75 20.72 35.43
CA ILE C 595 0.90 19.83 36.57
C ILE C 595 2.36 19.63 36.89
N ILE C 596 3.18 19.49 35.86
CA ILE C 596 4.61 19.35 36.07
C ILE C 596 5.12 20.57 36.82
N LYS C 597 4.71 21.75 36.38
CA LYS C 597 5.21 22.97 37.01
C LYS C 597 4.83 22.99 38.47
N LEU C 598 3.60 22.61 38.77
CA LEU C 598 3.13 22.62 40.15
C LEU C 598 4.01 21.74 41.00
N LEU C 599 4.29 20.54 40.51
CA LEU C 599 5.09 19.60 41.28
C LEU C 599 6.50 20.10 41.44
N VAL C 600 7.07 20.68 40.41
CA VAL C 600 8.45 21.12 40.48
C VAL C 600 8.59 22.29 41.44
N GLN C 601 7.55 23.12 41.52
CA GLN C 601 7.61 24.26 42.41
C GLN C 601 8.04 23.74 43.76
N LYS C 602 7.51 22.61 44.15
CA LYS C 602 7.96 21.98 45.38
C LYS C 602 9.14 21.12 45.01
N ARG C 603 10.08 20.97 45.93
CA ARG C 603 11.28 20.21 45.63
C ARG C 603 10.92 18.87 45.06
N VAL C 604 11.47 18.55 43.89
CA VAL C 604 11.22 17.26 43.29
C VAL C 604 12.46 16.85 42.53
N THR C 605 12.73 15.56 42.48
CA THR C 605 13.95 15.10 41.83
C THR C 605 13.73 13.80 41.07
N ILE C 606 14.32 13.69 39.88
CA ILE C 606 14.23 12.45 39.14
C ILE C 606 15.61 11.81 39.17
N PRO C 607 15.68 10.57 39.64
CA PRO C 607 16.99 9.91 39.76
C PRO C 607 17.74 9.94 38.45
N ARG C 608 19.05 10.18 38.51
CA ARG C 608 19.85 10.19 37.30
C ARG C 608 20.18 8.78 36.90
N PRO C 609 19.78 8.39 35.70
CA PRO C 609 20.02 7.03 35.26
C PRO C 609 21.51 6.82 35.07
N HIS C 610 22.04 5.71 35.54
CA HIS C 610 23.46 5.44 35.41
C HIS C 610 23.85 5.38 33.96
N GLN C 611 25.09 5.74 33.66
CA GLN C 611 25.57 5.71 32.29
C GLN C 611 25.37 4.36 31.63
N ILE C 612 25.23 4.36 30.31
CA ILE C 612 25.10 3.10 29.60
C ILE C 612 26.25 2.20 30.01
N ARG C 613 25.94 0.97 30.39
CA ARG C 613 26.98 0.03 30.79
C ARG C 613 27.77 0.53 31.98
N CYS C 614 27.12 0.63 33.14
CA CYS C 614 27.81 1.07 34.35
C CYS C 614 27.87 -0.08 35.35
N ASN C 615 28.56 -1.14 35.01
CA ASN C 615 28.61 -2.31 35.89
C ASN C 615 29.37 -2.00 37.14
N CYS C 616 30.34 -1.11 37.03
CA CYS C 616 31.16 -0.79 38.18
C CYS C 616 30.27 -0.57 39.40
N VAL C 617 29.23 0.22 39.22
CA VAL C 617 28.32 0.44 40.32
C VAL C 617 27.63 -0.86 40.63
N GLU C 618 27.83 -1.36 41.83
CA GLU C 618 27.18 -2.60 42.23
C GLU C 618 25.70 -2.38 42.17
N CYS C 619 25.29 -1.13 42.25
CA CYS C 619 23.87 -0.83 42.13
C CYS C 619 23.37 -1.35 40.80
N VAL C 620 24.18 -1.23 39.75
CA VAL C 620 23.75 -1.80 38.48
C VAL C 620 23.79 -3.31 38.59
N SER C 621 24.58 -3.81 39.52
CA SER C 621 24.65 -5.26 39.72
C SER C 621 23.39 -5.73 40.42
N SER C 622 22.42 -4.83 40.61
CA SER C 622 21.14 -5.24 41.18
C SER C 622 20.36 -5.95 40.10
N SER C 623 20.73 -5.70 38.85
CA SER C 623 20.05 -6.35 37.75
C SER C 623 19.99 -7.83 37.99
N GLU C 624 20.93 -8.36 38.75
CA GLU C 624 20.90 -9.77 39.08
C GLU C 624 19.57 -10.06 39.73
N VAL C 625 19.10 -9.15 40.57
CA VAL C 625 17.79 -9.33 41.21
C VAL C 625 16.69 -8.55 40.48
N ASP C 626 15.61 -9.24 40.09
CA ASP C 626 14.49 -8.57 39.43
C ASP C 626 14.92 -7.64 38.30
N SER C 627 15.68 -8.16 37.35
CA SER C 627 16.08 -7.35 36.20
C SER C 627 14.87 -6.66 35.59
N LEU C 628 13.74 -7.36 35.55
CA LEU C 628 12.54 -6.78 34.98
C LEU C 628 12.27 -5.43 35.62
N ARG C 629 12.34 -5.36 36.94
CA ARG C 629 12.09 -4.10 37.61
C ARG C 629 13.15 -3.10 37.22
N HIS C 630 14.42 -3.59 37.21
CA HIS C 630 15.52 -2.71 36.86
C HIS C 630 15.25 -2.09 35.52
N SER C 631 14.90 -2.88 34.55
CA SER C 631 14.70 -2.39 33.21
C SER C 631 13.54 -1.43 33.13
N ARG C 632 12.42 -1.80 33.73
CA ARG C 632 11.25 -0.94 33.69
C ARG C 632 11.55 0.37 34.37
N SER C 633 12.19 0.30 35.53
CA SER C 633 12.45 1.51 36.28
C SER C 633 13.28 2.46 35.44
N ARG C 634 14.28 1.94 34.76
CA ARG C 634 15.12 2.78 33.92
C ARG C 634 14.32 3.42 32.80
N LEU C 635 13.50 2.64 32.13
CA LEU C 635 12.72 3.17 31.04
C LEU C 635 11.80 4.25 31.53
N ASN C 636 11.24 4.06 32.71
CA ASN C 636 10.35 5.05 33.28
C ASN C 636 11.10 6.35 33.51
N ILE C 637 12.31 6.27 34.04
CA ILE C 637 13.09 7.48 34.26
C ILE C 637 13.33 8.20 32.96
N TYR C 638 13.75 7.49 31.93
CA TYR C 638 14.04 8.11 30.66
C TYR C 638 12.78 8.62 30.02
N LYS C 639 11.70 7.89 30.17
CA LYS C 639 10.43 8.31 29.60
C LYS C 639 10.04 9.64 30.19
N ALA C 640 10.52 9.93 31.39
CA ALA C 640 10.21 11.18 32.04
C ALA C 640 11.17 12.27 31.63
N LEU C 641 12.46 11.96 31.66
CA LEU C 641 13.47 12.94 31.30
C LEU C 641 13.29 13.37 29.87
N ALA C 642 12.57 12.58 29.08
CA ALA C 642 12.40 12.88 27.68
C ALA C 642 11.06 13.53 27.37
N SER C 643 10.40 14.07 28.39
CA SER C 643 9.14 14.74 28.17
C SER C 643 9.42 16.15 27.73
N PRO C 644 8.87 16.53 26.59
CA PRO C 644 9.10 17.87 26.06
C PRO C 644 8.92 18.91 27.15
N SER C 645 7.85 18.85 27.91
CA SER C 645 7.56 19.87 28.91
C SER C 645 8.58 19.93 30.05
N LEU C 646 9.04 18.79 30.52
CA LEU C 646 10.05 18.80 31.57
C LEU C 646 11.33 19.39 31.06
N ILE C 647 11.74 19.02 29.86
CA ILE C 647 12.96 19.55 29.30
C ILE C 647 12.79 21.04 29.17
N ALA C 648 11.60 21.48 28.80
CA ALA C 648 11.35 22.90 28.68
C ALA C 648 11.48 23.61 30.01
N LEU C 649 10.83 23.08 31.04
CA LEU C 649 10.84 23.72 32.36
C LEU C 649 12.18 23.64 33.07
N SER C 650 12.86 22.51 32.96
CA SER C 650 14.09 22.33 33.73
C SER C 650 15.39 22.66 33.03
N SER C 651 15.59 22.12 31.83
CA SER C 651 16.88 22.29 31.16
C SER C 651 17.24 23.73 30.87
N GLU C 652 18.51 24.06 31.04
CA GLU C 652 18.97 25.41 30.74
C GLU C 652 18.99 25.62 29.25
N ASP C 653 19.48 24.65 28.50
CA ASP C 653 19.46 24.73 27.06
C ASP C 653 18.59 23.61 26.59
N PRO C 654 17.32 23.90 26.36
CA PRO C 654 16.41 22.82 25.99
C PRO C 654 16.86 22.11 24.73
N ILE C 655 17.35 22.85 23.74
CA ILE C 655 17.72 22.24 22.48
C ILE C 655 18.87 21.26 22.63
N LEU C 656 19.93 21.67 23.28
CA LEU C 656 21.09 20.81 23.44
C LEU C 656 20.74 19.59 24.28
N THR C 657 19.92 19.78 25.30
CA THR C 657 19.53 18.67 26.14
C THR C 657 18.83 17.63 25.30
N ALA C 658 17.91 18.07 24.46
CA ALA C 658 17.18 17.13 23.63
C ALA C 658 18.11 16.42 22.69
N PHE C 659 19.03 17.15 22.08
CA PHE C 659 19.95 16.54 21.15
C PHE C 659 20.66 15.41 21.83
N ARG C 660 21.24 15.70 22.98
CA ARG C 660 22.00 14.69 23.70
C ARG C 660 21.16 13.53 24.16
N LEU C 661 20.01 13.81 24.74
CA LEU C 661 19.17 12.75 25.26
C LEU C 661 18.71 11.84 24.14
N GLY C 662 18.40 12.42 22.99
CA GLY C 662 17.92 11.63 21.88
C GLY C 662 18.93 10.64 21.37
N TRP C 663 20.19 10.96 21.62
CA TRP C 663 21.28 10.11 21.18
C TRP C 663 21.48 9.01 22.18
N GLU C 664 21.49 9.37 23.45
CA GLU C 664 21.67 8.37 24.47
C GLU C 664 20.56 7.36 24.37
N LEU C 665 19.35 7.84 24.12
CA LEU C 665 18.22 6.94 24.00
C LEU C 665 18.40 6.01 22.81
N LYS C 666 18.96 6.52 21.72
CA LYS C 666 19.22 5.67 20.57
C LYS C 666 20.21 4.59 20.91
N GLU C 667 21.29 4.96 21.60
CA GLU C 667 22.27 3.99 22.01
C GLU C 667 21.61 2.93 22.88
N LEU C 668 20.80 3.33 23.81
CA LEU C 668 20.13 2.39 24.68
C LEU C 668 19.27 1.46 23.87
N SER C 669 18.64 1.99 22.83
CA SER C 669 17.77 1.17 22.02
C SER C 669 18.56 -0.02 21.56
N LYS C 670 19.82 0.19 21.23
CA LYS C 670 20.68 -0.89 20.78
C LYS C 670 21.08 -1.83 21.90
N VAL C 671 21.59 -1.28 23.00
CA VAL C 671 22.04 -2.11 24.10
C VAL C 671 20.91 -2.91 24.70
N GLU C 672 19.79 -2.25 24.97
CA GLU C 672 18.62 -2.95 25.49
C GLU C 672 17.84 -3.47 24.31
N ASN C 673 18.24 -4.66 23.84
CA ASN C 673 17.60 -5.23 22.68
C ASN C 673 16.11 -5.18 22.87
N GLU C 674 15.63 -5.69 23.98
CA GLU C 674 14.22 -5.64 24.29
C GLU C 674 13.95 -4.23 24.75
N PHE C 675 12.73 -3.75 24.59
CA PHE C 675 12.41 -2.37 24.93
C PHE C 675 13.07 -1.44 23.94
N LYS C 676 13.56 -2.00 22.84
CA LYS C 676 14.20 -1.17 21.83
C LYS C 676 13.21 -0.18 21.27
N ALA C 677 12.05 -0.63 20.90
CA ALA C 677 11.07 0.24 20.28
C ALA C 677 10.75 1.41 21.16
N GLU C 678 10.62 1.16 22.46
CA GLU C 678 10.27 2.23 23.37
C GLU C 678 11.35 3.28 23.37
N TYR C 679 12.59 2.86 23.49
CA TYR C 679 13.67 3.84 23.57
C TYR C 679 13.73 4.62 22.28
N GLU C 680 13.51 3.95 21.16
CA GLU C 680 13.56 4.64 19.88
C GLU C 680 12.46 5.67 19.77
N GLU C 681 11.28 5.34 20.26
CA GLU C 681 10.18 6.27 20.24
C GLU C 681 10.51 7.49 21.07
N LEU C 682 11.04 7.26 22.25
CA LEU C 682 11.38 8.37 23.13
C LEU C 682 12.42 9.23 22.46
N SER C 683 13.31 8.62 21.69
CA SER C 683 14.35 9.39 21.02
C SER C 683 13.75 10.32 19.99
N GLN C 684 12.82 9.81 19.21
CA GLN C 684 12.17 10.63 18.20
C GLN C 684 11.40 11.77 18.87
N GLN C 685 10.82 11.52 20.02
CA GLN C 685 10.11 12.55 20.72
C GLN C 685 11.04 13.70 20.98
N CYS C 686 12.25 13.40 21.43
CA CYS C 686 13.21 14.44 21.73
C CYS C 686 13.62 15.19 20.48
N LYS C 687 13.86 14.47 19.40
CA LYS C 687 14.28 15.10 18.16
C LYS C 687 13.23 16.06 17.67
N LEU C 688 11.98 15.63 17.66
CA LEU C 688 10.91 16.47 17.18
C LEU C 688 10.73 17.69 18.05
N PHE C 689 10.96 17.54 19.34
CA PHE C 689 10.82 18.65 20.25
C PHE C 689 11.74 19.77 19.84
N ALA C 690 12.97 19.44 19.52
CA ALA C 690 13.94 20.45 19.14
C ALA C 690 13.52 21.16 17.88
N LYS C 691 13.09 20.41 16.88
CA LYS C 691 12.63 21.01 15.65
C LYS C 691 11.48 21.94 15.94
N ASP C 692 10.57 21.52 16.80
CA ASP C 692 9.40 22.32 17.10
C ASP C 692 9.75 23.64 17.73
N LEU C 693 10.73 23.64 18.63
CA LEU C 693 11.16 24.89 19.24
C LEU C 693 11.74 25.80 18.18
N LEU C 694 12.55 25.24 17.30
CA LEU C 694 13.12 26.05 16.23
C LEU C 694 12.02 26.62 15.38
N ASP C 695 10.99 25.83 15.12
CA ASP C 695 9.89 26.29 14.28
C ASP C 695 9.21 27.48 14.90
N GLN C 696 9.32 27.67 16.17
CA GLN C 696 8.66 28.77 16.84
C GLN C 696 9.46 30.04 16.72
N ALA C 697 10.56 29.99 15.98
CA ALA C 697 11.32 31.22 15.74
C ALA C 697 10.56 32.11 14.77
N ARG C 698 10.62 33.42 14.97
CA ARG C 698 9.85 34.34 14.13
C ARG C 698 10.69 35.34 13.36
N SER C 699 11.90 35.62 13.85
CA SER C 699 12.77 36.58 13.20
C SER C 699 14.10 35.95 12.89
N SER C 700 14.84 36.50 11.96
CA SER C 700 16.15 35.98 11.63
C SER C 700 17.08 36.20 12.81
N ARG C 701 16.90 37.33 13.52
CA ARG C 701 17.77 37.61 14.64
C ARG C 701 17.71 36.46 15.60
N GLU C 702 16.54 35.94 15.87
CA GLU C 702 16.43 34.80 16.77
C GLU C 702 17.10 33.58 16.18
N LEU C 703 16.75 33.25 14.94
CA LEU C 703 17.31 32.05 14.33
C LEU C 703 18.82 32.07 14.38
N GLU C 704 19.41 33.24 14.20
CA GLU C 704 20.85 33.33 14.21
C GLU C 704 21.40 33.17 15.61
N ILE C 705 20.68 33.70 16.60
CA ILE C 705 21.13 33.60 17.97
C ILE C 705 21.11 32.16 18.40
N ILE C 706 20.12 31.41 17.94
CA ILE C 706 20.02 30.00 18.30
C ILE C 706 21.03 29.15 17.60
N LEU C 707 21.13 29.27 16.28
CA LEU C 707 22.01 28.40 15.51
C LEU C 707 23.49 28.71 15.65
N ASN C 708 23.82 29.89 16.14
CA ASN C 708 25.22 30.27 16.28
C ASN C 708 25.68 30.26 17.73
N HIS C 709 24.87 29.73 18.62
CA HIS C 709 25.21 29.74 20.04
C HIS C 709 26.20 28.65 20.36
N ARG C 710 27.25 29.02 21.06
CA ARG C 710 28.26 28.05 21.46
C ARG C 710 28.19 27.93 22.95
N ASP C 711 28.00 26.72 23.45
CA ASP C 711 27.84 26.52 24.88
C ASP C 711 29.04 27.04 25.66
N ASP C 712 30.24 26.72 25.19
CA ASP C 712 31.45 27.17 25.87
C ASP C 712 31.42 26.81 27.35
N LYS C 721 34.48 29.59 17.72
CA LYS C 721 33.92 30.86 18.16
C LYS C 721 32.46 30.98 17.79
N TYR C 722 31.91 32.17 17.95
CA TYR C 722 30.53 32.39 17.57
C TYR C 722 30.51 32.76 16.10
N HIS C 723 29.33 32.85 15.50
CA HIS C 723 29.23 33.13 14.07
C HIS C 723 29.74 31.95 13.26
N ASP C 724 29.80 30.78 13.89
CA ASP C 724 30.26 29.60 13.20
C ASP C 724 29.18 28.53 13.17
N LEU C 725 27.93 28.94 13.37
CA LEU C 725 26.83 28.00 13.32
C LEU C 725 27.13 26.82 14.22
N ALA C 726 27.54 27.08 15.44
CA ALA C 726 27.90 26.01 16.36
C ALA C 726 26.78 25.02 16.60
N LYS C 727 25.58 25.52 16.89
CA LYS C 727 24.50 24.59 17.22
C LYS C 727 24.15 23.74 16.02
N LEU C 728 24.20 24.32 14.83
CA LEU C 728 23.89 23.55 13.66
C LEU C 728 24.89 22.42 13.54
N LYS C 729 26.15 22.70 13.86
CA LYS C 729 27.17 21.68 13.81
C LYS C 729 26.90 20.58 14.81
N VAL C 730 26.48 20.94 16.02
CA VAL C 730 26.16 19.95 17.03
C VAL C 730 25.03 19.08 16.53
N ALA C 731 24.07 19.69 15.87
CA ALA C 731 22.94 18.95 15.34
C ALA C 731 23.41 17.93 14.34
N ILE C 732 24.30 18.34 13.45
CA ILE C 732 24.81 17.43 12.45
C ILE C 732 25.55 16.29 13.13
N LYS C 733 26.21 16.59 14.23
CA LYS C 733 26.90 15.55 14.98
C LYS C 733 25.93 14.54 15.54
N TYR C 734 24.81 15.01 16.06
CA TYR C 734 23.87 14.10 16.69
C TYR C 734 22.83 13.67 15.69
N HIS C 735 23.14 13.84 14.42
CA HIS C 735 22.23 13.40 13.37
C HIS C 735 20.82 13.88 13.60
N GLN C 736 20.71 15.17 13.99
CA GLN C 736 19.39 15.75 14.17
C GLN C 736 18.95 16.23 12.82
N LYS C 737 18.51 15.28 11.96
CA LYS C 737 18.18 15.65 10.60
C LYS C 737 17.02 16.62 10.47
N GLU C 738 15.96 16.40 11.22
CA GLU C 738 14.79 17.24 11.09
C GLU C 738 15.12 18.68 11.44
N PHE C 739 15.92 18.87 12.48
CA PHE C 739 16.32 20.20 12.89
C PHE C 739 17.12 20.86 11.78
N VAL C 740 18.08 20.14 11.22
CA VAL C 740 18.94 20.70 10.19
C VAL C 740 18.18 20.95 8.91
N ALA C 741 17.03 20.30 8.75
CA ALA C 741 16.26 20.43 7.52
C ALA C 741 15.10 21.40 7.64
N GLN C 742 14.92 22.00 8.81
CA GLN C 742 13.81 22.90 9.01
C GLN C 742 13.90 23.99 7.96
N PRO C 743 12.77 24.37 7.38
CA PRO C 743 12.81 25.33 6.28
C PRO C 743 13.60 26.58 6.59
N ASN C 744 13.33 27.23 7.71
CA ASN C 744 13.99 28.48 8.03
C ASN C 744 15.50 28.27 8.16
N CYS C 745 15.90 27.16 8.76
CA CYS C 745 17.31 26.87 8.90
C CYS C 745 17.95 26.71 7.54
N GLN C 746 17.29 25.98 6.65
CA GLN C 746 17.81 25.77 5.31
C GLN C 746 17.91 27.07 4.54
N GLN C 747 17.02 28.00 4.83
CA GLN C 747 17.06 29.29 4.16
C GLN C 747 18.30 30.06 4.51
N LEU C 748 18.65 30.11 5.78
CA LEU C 748 19.84 30.81 6.21
C LEU C 748 21.05 30.24 5.51
N LEU C 749 21.20 28.92 5.60
CA LEU C 749 22.36 28.26 5.00
C LEU C 749 22.50 28.65 3.54
N ALA C 750 21.37 28.71 2.84
CA ALA C 750 21.42 29.01 1.42
C ALA C 750 22.01 30.37 1.19
N THR C 751 21.61 31.34 2.00
CA THR C 751 22.12 32.68 1.83
C THR C 751 23.61 32.65 1.96
N LEU C 752 24.12 31.87 2.90
CA LEU C 752 25.55 31.78 3.08
C LEU C 752 26.18 31.09 1.89
N TRP C 753 25.52 30.05 1.39
CA TRP C 753 26.07 29.29 0.27
C TRP C 753 26.15 30.10 -1.00
N TYR C 754 25.08 30.78 -1.34
CA TYR C 754 25.06 31.51 -2.59
C TYR C 754 25.48 32.95 -2.42
N ASP C 755 26.34 33.20 -1.46
CA ASP C 755 26.84 34.55 -1.27
C ASP C 755 27.50 35.02 -2.56
N GLY C 756 27.13 36.20 -3.02
CA GLY C 756 27.69 36.72 -4.25
C GLY C 756 26.85 36.39 -5.47
N PHE C 757 25.83 35.56 -5.28
CA PHE C 757 24.96 35.20 -6.39
C PHE C 757 23.54 35.54 -6.04
N PRO C 758 23.25 36.83 -5.86
CA PRO C 758 21.90 37.16 -5.44
C PRO C 758 20.88 36.50 -6.34
N GLY C 759 20.02 35.67 -5.77
CA GLY C 759 19.02 34.98 -6.55
C GLY C 759 19.62 34.10 -7.62
N TRP C 760 20.73 33.44 -7.30
CA TRP C 760 21.35 32.56 -8.26
C TRP C 760 20.33 31.55 -8.73
N ARG C 761 19.62 30.95 -7.78
CA ARG C 761 18.59 30.00 -8.14
C ARG C 761 17.56 30.69 -9.00
N ARG C 762 17.24 31.93 -8.66
CA ARG C 762 16.25 32.68 -9.43
C ARG C 762 16.75 32.93 -10.84
N LYS C 763 18.06 33.11 -10.99
CA LYS C 763 18.63 33.30 -12.31
C LYS C 763 18.07 32.26 -13.27
N HIS C 764 17.69 32.67 -14.47
CA HIS C 764 17.09 31.76 -15.42
C HIS C 764 17.92 30.48 -15.53
N TRP C 765 17.25 29.35 -15.70
CA TRP C 765 17.94 28.08 -15.79
C TRP C 765 19.23 28.23 -16.58
N VAL C 766 19.11 28.66 -17.84
CA VAL C 766 20.29 28.83 -18.66
C VAL C 766 21.31 29.72 -17.98
N VAL C 767 20.86 30.89 -17.52
CA VAL C 767 21.79 31.83 -16.91
C VAL C 767 22.66 31.09 -15.91
N LYS C 768 22.05 30.28 -15.07
CA LYS C 768 22.80 29.53 -14.09
C LYS C 768 23.88 28.74 -14.79
N LEU C 769 23.50 27.97 -15.79
CA LEU C 769 24.47 27.13 -16.47
C LEU C 769 25.63 27.97 -16.97
N LEU C 770 25.25 29.12 -17.61
CA LEU C 770 26.26 30.01 -18.15
C LEU C 770 27.27 30.38 -17.09
N THR C 771 26.83 30.90 -15.99
CA THR C 771 27.70 31.40 -14.94
C THR C 771 28.55 30.28 -14.40
N CYS C 772 27.93 29.14 -14.13
CA CYS C 772 28.67 28.01 -13.60
C CYS C 772 29.78 27.60 -14.55
N MET C 773 29.45 27.46 -15.84
CA MET C 773 30.45 27.03 -16.80
C MET C 773 31.60 28.00 -16.85
N THR C 774 31.27 29.29 -16.94
CA THR C 774 32.31 30.30 -17.04
C THR C 774 33.24 30.23 -15.85
N ILE C 775 32.65 30.21 -14.65
CA ILE C 775 33.46 30.18 -13.45
C ILE C 775 34.34 28.96 -13.46
N GLY C 776 33.76 27.82 -13.83
CA GLY C 776 34.51 26.58 -13.83
C GLY C 776 35.72 26.71 -14.72
N PHE C 777 35.53 27.24 -15.92
CA PHE C 777 36.64 27.36 -16.86
C PHE C 777 37.74 28.19 -16.26
N LEU C 778 37.38 29.19 -15.46
CA LEU C 778 38.38 30.08 -14.90
C LEU C 778 38.93 29.55 -13.59
N PHE C 779 38.63 28.34 -13.23
CA PHE C 779 39.06 27.82 -11.93
C PHE C 779 40.55 27.97 -11.67
N PRO C 780 41.40 27.66 -12.69
CA PRO C 780 42.81 27.76 -12.33
C PRO C 780 43.15 29.18 -11.93
N MET C 781 42.67 30.16 -12.75
CA MET C 781 43.03 31.54 -12.41
C MET C 781 42.56 31.90 -11.01
N LEU C 782 41.27 31.75 -10.76
CA LEU C 782 40.74 32.09 -9.45
C LEU C 782 41.63 31.45 -8.40
N SER C 783 41.97 30.19 -8.60
CA SER C 783 42.80 29.50 -7.66
C SER C 783 44.13 30.22 -7.55
N ILE C 784 44.70 30.56 -8.69
CA ILE C 784 45.99 31.23 -8.69
C ILE C 784 45.94 32.53 -7.93
N ALA C 785 44.87 33.31 -8.13
CA ALA C 785 44.75 34.59 -7.45
C ALA C 785 44.78 34.43 -5.95
N TYR C 786 44.05 33.44 -5.45
CA TYR C 786 44.00 33.24 -4.02
C TYR C 786 45.39 32.90 -3.58
N LEU C 787 46.11 32.17 -4.41
CA LEU C 787 47.46 31.79 -4.09
C LEU C 787 48.35 33.02 -4.09
N ILE C 788 48.10 33.92 -5.04
CA ILE C 788 48.93 35.12 -5.14
C ILE C 788 48.57 36.16 -4.11
N SER C 789 47.35 36.68 -4.17
CA SER C 789 46.95 37.75 -3.26
C SER C 789 45.66 37.40 -2.54
N PRO C 790 45.75 36.59 -1.50
CA PRO C 790 44.57 36.20 -0.75
C PRO C 790 43.63 37.38 -0.55
N ARG C 791 44.18 38.54 -0.24
CA ARG C 791 43.36 39.72 0.03
C ARG C 791 43.15 40.55 -1.23
N SER C 792 42.64 39.93 -2.28
CA SER C 792 42.37 40.65 -3.51
C SER C 792 40.96 40.37 -3.96
N ASN C 793 40.44 41.20 -4.86
CA ASN C 793 39.09 40.97 -5.36
C ASN C 793 38.97 39.53 -5.81
N LEU C 794 39.88 39.10 -6.67
CA LEU C 794 39.85 37.72 -7.13
C LEU C 794 40.13 36.75 -6.01
N GLY C 795 41.12 37.07 -5.17
CA GLY C 795 41.48 36.19 -4.09
C GLY C 795 40.29 35.93 -3.20
N LEU C 796 39.50 36.97 -2.94
CA LEU C 796 38.33 36.81 -2.12
C LEU C 796 37.24 36.02 -2.84
N PHE C 797 37.17 36.15 -4.15
CA PHE C 797 36.10 35.49 -4.90
C PHE C 797 36.04 34.00 -4.66
N ILE C 798 37.20 33.35 -4.64
CA ILE C 798 37.21 31.90 -4.46
C ILE C 798 36.74 31.50 -3.08
N LYS C 799 36.84 32.40 -2.11
CA LYS C 799 36.48 32.05 -0.74
C LYS C 799 34.99 31.76 -0.59
N LYS C 800 34.17 32.33 -1.45
CA LYS C 800 32.74 32.09 -1.40
C LYS C 800 32.45 30.61 -1.53
N PRO C 801 31.53 30.10 -0.70
CA PRO C 801 31.29 28.66 -0.73
C PRO C 801 30.89 28.12 -2.10
N PHE C 802 29.94 28.77 -2.76
CA PHE C 802 29.47 28.25 -4.04
C PHE C 802 30.60 28.24 -5.05
N ILE C 803 31.44 29.27 -5.02
CA ILE C 803 32.56 29.32 -5.93
C ILE C 803 33.51 28.18 -5.66
N LYS C 804 33.82 27.92 -4.39
CA LYS C 804 34.67 26.80 -4.08
C LYS C 804 34.08 25.56 -4.71
N PHE C 805 32.80 25.32 -4.48
CA PHE C 805 32.20 24.11 -4.99
C PHE C 805 32.37 24.07 -6.50
N ILE C 806 32.03 25.15 -7.18
CA ILE C 806 32.18 25.17 -8.62
C ILE C 806 33.61 24.86 -9.00
N CYS C 807 34.56 25.50 -8.36
CA CYS C 807 35.95 25.27 -8.71
C CYS C 807 36.38 23.87 -8.37
N HIS C 808 36.15 23.44 -7.14
CA HIS C 808 36.60 22.13 -6.72
C HIS C 808 35.97 21.03 -7.55
N THR C 809 34.81 21.29 -8.12
CA THR C 809 34.21 20.29 -8.99
C THR C 809 34.84 20.33 -10.37
N ALA C 810 35.06 21.52 -10.90
CA ALA C 810 35.67 21.66 -12.21
C ALA C 810 37.04 21.01 -12.21
N SER C 811 37.79 21.19 -11.12
CA SER C 811 39.10 20.58 -11.02
C SER C 811 38.99 19.06 -11.16
N TYR C 812 38.06 18.45 -10.41
CA TYR C 812 37.92 17.02 -10.46
C TYR C 812 37.52 16.61 -11.86
N LEU C 813 36.64 17.38 -12.47
CA LEU C 813 36.18 17.04 -13.80
C LEU C 813 37.30 17.05 -14.81
N THR C 814 38.19 18.03 -14.72
CA THR C 814 39.32 18.07 -15.62
C THR C 814 40.22 16.88 -15.37
N PHE C 815 40.36 16.50 -14.11
CA PHE C 815 41.16 15.34 -13.78
C PHE C 815 40.61 14.15 -14.53
N LEU C 816 39.31 13.95 -14.47
CA LEU C 816 38.68 12.83 -15.14
C LEU C 816 38.89 12.93 -16.64
N PHE C 817 38.81 14.14 -17.19
CA PHE C 817 39.04 14.31 -18.61
C PHE C 817 40.44 13.88 -18.99
N MET C 818 41.41 14.20 -18.14
CA MET C 818 42.78 13.77 -18.41
C MET C 818 42.80 12.26 -18.46
N LEU C 819 42.16 11.60 -17.55
CA LEU C 819 42.13 10.15 -17.55
C LEU C 819 41.49 9.63 -18.82
N LEU C 820 40.48 10.36 -19.33
CA LEU C 820 39.88 9.95 -20.59
C LEU C 820 40.87 10.05 -21.74
N LEU C 821 41.68 11.09 -21.75
CA LEU C 821 42.63 11.27 -22.83
C LEU C 821 43.48 10.03 -22.94
N ALA C 822 43.76 9.39 -21.81
CA ALA C 822 44.52 8.15 -21.84
C ALA C 822 43.82 7.07 -22.65
N SER C 823 42.48 7.03 -22.52
CA SER C 823 41.73 5.99 -23.20
C SER C 823 42.01 6.12 -24.68
N GLN C 824 41.73 7.27 -25.23
CA GLN C 824 41.96 7.50 -26.64
C GLN C 824 43.45 7.35 -26.89
N HIS C 825 44.23 7.12 -25.88
CA HIS C 825 45.67 6.99 -26.03
C HIS C 825 46.21 8.09 -26.93
N ILE C 826 45.79 9.34 -26.62
CA ILE C 826 46.28 10.44 -27.43
C ILE C 826 47.78 10.36 -27.47
N VAL C 827 48.40 10.08 -26.33
CA VAL C 827 49.84 9.90 -26.29
C VAL C 827 50.14 8.43 -26.34
N ARG C 828 50.24 7.87 -27.54
CA ARG C 828 50.45 6.43 -27.66
C ARG C 828 51.86 6.03 -27.26
N THR C 829 51.99 4.85 -26.66
CA THR C 829 53.30 4.36 -26.26
C THR C 829 53.50 2.94 -26.77
N ASP C 830 54.73 2.58 -27.10
CA ASP C 830 55.01 1.24 -27.59
C ASP C 830 54.57 0.20 -26.59
N LEU C 831 54.01 -0.90 -27.08
CA LEU C 831 53.53 -1.96 -26.21
C LEU C 831 54.66 -2.87 -25.79
N HIS C 832 55.86 -2.59 -26.27
CA HIS C 832 56.98 -3.47 -25.97
C HIS C 832 57.91 -2.91 -24.89
N VAL C 833 57.96 -1.60 -24.77
CA VAL C 833 58.85 -0.99 -23.79
C VAL C 833 58.42 -1.36 -22.38
N GLN C 834 59.29 -1.99 -21.63
CA GLN C 834 58.97 -2.32 -20.24
C GLN C 834 59.23 -1.11 -19.37
N GLY C 835 58.29 -0.78 -18.51
CA GLY C 835 58.42 0.40 -17.66
C GLY C 835 58.73 1.64 -18.44
N PRO C 836 57.87 2.01 -19.40
CA PRO C 836 58.24 3.17 -20.21
C PRO C 836 58.27 4.43 -19.37
N PRO C 837 58.94 5.46 -19.86
CA PRO C 837 58.91 6.74 -19.13
C PRO C 837 57.48 7.22 -19.04
N PRO C 838 57.05 7.70 -17.87
CA PRO C 838 55.65 8.10 -17.72
C PRO C 838 55.23 8.98 -18.89
N THR C 839 54.13 8.68 -19.51
CA THR C 839 53.66 9.43 -20.66
C THR C 839 53.31 10.86 -20.27
N VAL C 840 53.19 11.74 -21.27
CA VAL C 840 52.89 13.14 -21.00
C VAL C 840 51.65 13.30 -20.15
N VAL C 841 50.55 12.68 -20.55
CA VAL C 841 49.31 12.83 -19.81
C VAL C 841 49.51 12.39 -18.37
N GLU C 842 50.26 11.32 -18.16
CA GLU C 842 50.48 10.83 -16.81
C GLU C 842 51.01 11.93 -15.90
N TRP C 843 52.10 12.55 -16.33
CA TRP C 843 52.67 13.63 -15.55
C TRP C 843 51.58 14.56 -15.13
N MET C 844 50.76 14.97 -16.09
CA MET C 844 49.69 15.92 -15.80
C MET C 844 48.76 15.37 -14.73
N ILE C 845 48.48 14.07 -14.78
CA ILE C 845 47.61 13.46 -13.79
C ILE C 845 48.29 13.41 -12.44
N LEU C 846 49.62 13.31 -12.44
CA LEU C 846 50.33 13.16 -11.17
C LEU C 846 49.99 14.25 -10.16
N PRO C 847 50.04 15.54 -10.57
CA PRO C 847 49.73 16.53 -9.53
C PRO C 847 48.38 16.27 -8.84
N TRP C 848 47.30 16.18 -9.61
CA TRP C 848 45.99 16.01 -9.01
C TRP C 848 46.03 14.89 -8.00
N VAL C 849 46.60 13.76 -8.39
CA VAL C 849 46.72 12.65 -7.48
C VAL C 849 47.33 13.13 -6.17
N LEU C 850 48.48 13.79 -6.26
CA LEU C 850 49.16 14.23 -5.05
C LEU C 850 48.26 15.16 -4.26
N GLY C 851 47.58 16.05 -4.95
CA GLY C 851 46.68 16.97 -4.26
C GLY C 851 45.60 16.24 -3.51
N PHE C 852 45.02 15.23 -4.14
CA PHE C 852 43.96 14.47 -3.50
C PHE C 852 44.50 13.81 -2.25
N ILE C 853 45.69 13.25 -2.35
CA ILE C 853 46.31 12.61 -1.20
C ILE C 853 46.43 13.58 -0.06
N TRP C 854 47.19 14.65 -0.28
CA TRP C 854 47.39 15.63 0.78
C TRP C 854 46.05 16.07 1.32
N GLY C 855 45.07 16.26 0.43
CA GLY C 855 43.75 16.63 0.89
C GLY C 855 43.26 15.64 1.94
N GLU C 856 43.22 14.37 1.59
CA GLU C 856 42.72 13.37 2.53
C GLU C 856 43.52 13.44 3.80
N ILE C 857 44.83 13.64 3.66
CA ILE C 857 45.68 13.73 4.83
C ILE C 857 45.17 14.85 5.71
N LYS C 858 44.95 16.01 5.12
CA LYS C 858 44.49 17.15 5.89
C LYS C 858 43.18 16.82 6.58
N GLU C 859 42.23 16.28 5.84
CA GLU C 859 40.96 15.91 6.43
C GLU C 859 41.21 15.07 7.65
N MET C 860 41.92 13.95 7.46
CA MET C 860 42.17 13.04 8.57
C MET C 860 42.68 13.82 9.75
N TRP C 861 43.76 14.57 9.54
CA TRP C 861 44.36 15.32 10.63
C TRP C 861 43.35 16.28 11.22
N ASP C 862 42.79 17.14 10.39
CA ASP C 862 41.88 18.15 10.90
C ASP C 862 40.69 17.56 11.62
N GLY C 863 40.06 16.57 11.02
CA GLY C 863 38.86 16.00 11.61
C GLY C 863 39.13 14.90 12.61
N GLY C 864 40.35 14.39 12.64
CA GLY C 864 40.64 13.28 13.52
C GLY C 864 40.22 12.00 12.83
N PHE C 865 40.85 10.89 13.18
CA PHE C 865 40.55 9.64 12.49
C PHE C 865 39.10 9.23 12.65
N THR C 866 38.56 9.39 13.85
CA THR C 866 37.19 8.93 14.09
C THR C 866 36.25 9.47 13.04
N GLU C 867 36.26 10.79 12.87
CA GLU C 867 35.35 11.41 11.92
C GLU C 867 35.67 10.98 10.50
N TYR C 868 36.95 11.01 10.14
CA TYR C 868 37.35 10.62 8.80
C TYR C 868 36.91 9.21 8.57
N ILE C 869 37.15 8.34 9.55
CA ILE C 869 36.79 6.95 9.42
C ILE C 869 35.29 6.83 9.19
N HIS C 870 34.53 7.67 9.89
CA HIS C 870 33.09 7.61 9.76
C HIS C 870 32.64 7.77 8.32
N ASP C 871 33.14 8.80 7.64
CA ASP C 871 32.70 9.05 6.28
C ASP C 871 32.89 7.83 5.40
N TRP C 872 31.82 7.38 4.76
CA TRP C 872 31.92 6.22 3.90
C TRP C 872 32.65 6.56 2.61
N TRP C 873 32.37 7.65 1.99
CA TRP C 873 33.06 8.03 0.78
C TRP C 873 34.56 8.10 1.03
N ASN C 874 34.92 8.45 2.30
CA ASN C 874 36.35 8.50 2.59
C ASN C 874 36.97 7.18 2.23
N LEU C 875 36.23 6.09 2.42
CA LEU C 875 36.75 4.78 2.06
C LEU C 875 37.05 4.73 0.57
N MET C 876 36.12 5.22 -0.24
CA MET C 876 36.34 5.21 -1.68
C MET C 876 37.51 6.10 -2.02
N ASP C 877 37.61 7.25 -1.36
CA ASP C 877 38.72 8.14 -1.60
C ASP C 877 40.02 7.43 -1.25
N PHE C 878 40.02 6.76 -0.10
CA PHE C 878 41.21 6.05 0.33
C PHE C 878 41.59 4.99 -0.69
N ALA C 879 40.60 4.23 -1.15
CA ALA C 879 40.86 3.18 -2.12
C ALA C 879 41.34 3.74 -3.46
N MET C 880 40.65 4.74 -3.95
CA MET C 880 41.05 5.35 -5.21
C MET C 880 42.49 5.79 -5.08
N ASN C 881 42.80 6.53 -4.03
CA ASN C 881 44.16 7.05 -3.85
C ASN C 881 45.20 5.95 -3.74
N SER C 882 44.90 4.93 -2.97
CA SER C 882 45.86 3.84 -2.79
C SER C 882 46.21 3.20 -4.11
N LEU C 883 45.21 2.98 -4.95
CA LEU C 883 45.45 2.38 -6.25
C LEU C 883 46.36 3.26 -7.08
N TYR C 884 46.14 4.56 -7.00
CA TYR C 884 46.98 5.47 -7.74
C TYR C 884 48.42 5.41 -7.25
N LEU C 885 48.59 5.21 -5.96
CA LEU C 885 49.94 5.11 -5.41
C LEU C 885 50.64 3.88 -5.96
N ALA C 886 50.01 2.73 -5.85
CA ALA C 886 50.61 1.51 -6.35
C ALA C 886 50.94 1.67 -7.81
N THR C 887 49.97 2.09 -8.59
CA THR C 887 50.22 2.31 -10.00
C THR C 887 51.54 3.03 -10.17
N ILE C 888 51.72 4.14 -9.46
CA ILE C 888 52.96 4.89 -9.56
C ILE C 888 54.14 4.04 -9.13
N SER C 889 54.00 3.36 -7.97
CA SER C 889 55.14 2.59 -7.49
C SER C 889 55.57 1.60 -8.56
N LEU C 890 54.63 0.84 -9.09
CA LEU C 890 54.97 -0.16 -10.10
C LEU C 890 55.57 0.49 -11.32
N LYS C 891 54.97 1.58 -11.77
CA LYS C 891 55.50 2.29 -12.93
C LYS C 891 56.96 2.57 -12.69
N ILE C 892 57.25 3.06 -11.45
CA ILE C 892 58.63 3.34 -11.09
C ILE C 892 59.47 2.07 -11.07
N VAL C 893 59.05 1.07 -10.35
CA VAL C 893 59.79 -0.18 -10.24
C VAL C 893 60.07 -0.74 -11.61
N ALA C 894 59.09 -0.73 -12.49
CA ALA C 894 59.27 -1.30 -13.81
C ALA C 894 60.31 -0.53 -14.58
N TYR C 895 60.66 0.66 -14.10
CA TYR C 895 61.63 1.48 -14.80
C TYR C 895 63.04 1.07 -14.40
N VAL C 896 63.28 1.01 -13.10
CA VAL C 896 64.60 0.61 -12.62
C VAL C 896 64.94 -0.79 -13.12
N LYS C 897 64.10 -1.77 -12.80
CA LYS C 897 64.31 -3.11 -13.33
C LYS C 897 63.57 -3.18 -14.65
N TYR C 898 63.59 -4.34 -15.30
CA TYR C 898 62.88 -4.50 -16.56
C TYR C 898 63.12 -3.26 -17.40
N ASN C 899 64.33 -2.73 -17.36
CA ASN C 899 64.63 -1.51 -18.09
C ASN C 899 64.62 -1.76 -19.58
N GLY C 900 64.87 -3.00 -19.99
CA GLY C 900 64.92 -3.33 -21.41
C GLY C 900 63.55 -3.56 -22.03
N SER C 901 63.53 -3.98 -23.28
CA SER C 901 62.26 -4.19 -23.99
C SER C 901 62.12 -5.59 -24.56
N ARG C 902 60.96 -6.22 -24.34
CA ARG C 902 60.71 -7.55 -24.91
C ARG C 902 59.29 -7.63 -25.44
N PRO C 903 59.05 -8.54 -26.38
CA PRO C 903 57.69 -8.71 -26.88
C PRO C 903 56.73 -8.92 -25.72
N ARG C 904 55.64 -8.16 -25.68
CA ARG C 904 54.70 -8.26 -24.57
C ARG C 904 54.40 -9.70 -24.24
N GLU C 905 54.25 -10.54 -25.26
CA GLU C 905 53.90 -11.93 -25.00
C GLU C 905 54.84 -12.58 -24.00
N GLU C 906 56.13 -12.31 -24.13
CA GLU C 906 57.11 -12.92 -23.23
C GLU C 906 56.91 -12.48 -21.80
N TRP C 907 56.36 -11.28 -21.61
CA TRP C 907 56.20 -10.75 -20.26
C TRP C 907 55.51 -11.76 -19.35
N GLU C 908 56.05 -11.96 -18.16
CA GLU C 908 55.44 -12.87 -17.20
C GLU C 908 54.04 -12.38 -16.86
N MET C 909 53.21 -13.26 -16.33
CA MET C 909 51.85 -12.88 -15.96
C MET C 909 51.81 -11.67 -15.03
N TRP C 910 52.71 -11.60 -14.07
CA TRP C 910 52.67 -10.52 -13.09
C TRP C 910 53.73 -9.45 -13.35
N HIS C 911 54.03 -9.20 -14.61
CA HIS C 911 54.98 -8.15 -14.94
C HIS C 911 54.49 -6.87 -14.30
N PRO C 912 55.40 -6.07 -13.76
CA PRO C 912 54.98 -4.86 -13.05
C PRO C 912 54.15 -3.95 -13.94
N THR C 913 54.59 -3.75 -15.17
CA THR C 913 53.87 -2.85 -16.06
C THR C 913 52.45 -3.33 -16.26
N LEU C 914 52.29 -4.64 -16.45
CA LEU C 914 50.96 -5.18 -16.67
C LEU C 914 50.07 -4.94 -15.47
N ILE C 915 50.59 -5.26 -14.28
CA ILE C 915 49.81 -5.09 -13.07
C ILE C 915 49.44 -3.62 -12.88
N ALA C 916 50.39 -2.74 -13.15
CA ALA C 916 50.14 -1.32 -12.98
C ALA C 916 49.00 -0.87 -13.85
N GLU C 917 48.99 -1.31 -15.11
CA GLU C 917 47.94 -0.89 -16.03
C GLU C 917 46.59 -1.29 -15.49
N ALA C 918 46.49 -2.51 -14.97
CA ALA C 918 45.23 -2.99 -14.44
C ALA C 918 44.79 -2.13 -13.27
N LEU C 919 45.72 -1.85 -12.36
CA LEU C 919 45.38 -1.03 -11.21
C LEU C 919 44.92 0.34 -11.65
N PHE C 920 45.57 0.89 -12.66
CA PHE C 920 45.20 2.20 -13.15
C PHE C 920 43.77 2.17 -13.67
N ALA C 921 43.43 1.15 -14.44
CA ALA C 921 42.10 1.06 -15.00
C ALA C 921 41.06 1.02 -13.90
N ILE C 922 41.30 0.18 -12.90
CA ILE C 922 40.36 0.06 -11.80
C ILE C 922 40.23 1.40 -11.10
N SER C 923 41.33 2.08 -10.90
CA SER C 923 41.29 3.36 -10.20
C SER C 923 40.49 4.37 -11.00
N ASN C 924 40.63 4.34 -12.31
CA ASN C 924 39.90 5.28 -13.15
C ASN C 924 38.40 5.07 -12.97
N ILE C 925 37.98 3.83 -12.90
CA ILE C 925 36.56 3.55 -12.71
C ILE C 925 36.13 4.13 -11.38
N LEU C 926 36.90 3.86 -10.33
CA LEU C 926 36.56 4.36 -9.02
C LEU C 926 36.50 5.88 -9.02
N SER C 927 37.47 6.53 -9.64
CA SER C 927 37.51 7.98 -9.62
C SER C 927 36.27 8.57 -10.25
N SER C 928 35.87 8.06 -11.40
CA SER C 928 34.71 8.61 -12.09
C SER C 928 33.43 8.39 -11.30
N LEU C 929 33.35 7.27 -10.60
CA LEU C 929 32.14 6.97 -9.83
C LEU C 929 32.09 7.77 -8.54
N ARG C 930 33.14 8.52 -8.24
CA ARG C 930 33.12 9.36 -7.06
C ARG C 930 32.28 10.59 -7.31
N LEU C 931 31.90 10.81 -8.56
CA LEU C 931 31.08 11.96 -8.89
C LEU C 931 29.68 11.82 -8.33
N ILE C 932 29.32 10.62 -7.92
CA ILE C 932 27.99 10.38 -7.39
C ILE C 932 27.74 11.30 -6.22
N SER C 933 28.78 11.55 -5.44
CA SER C 933 28.64 12.42 -4.27
C SER C 933 28.11 13.77 -4.70
N LEU C 934 28.50 14.26 -5.85
CA LEU C 934 28.07 15.58 -6.30
C LEU C 934 26.56 15.64 -6.50
N PHE C 935 25.92 14.47 -6.67
CA PHE C 935 24.49 14.46 -6.91
C PHE C 935 23.72 15.06 -5.73
N THR C 936 24.30 15.00 -4.55
CA THR C 936 23.63 15.53 -3.37
C THR C 936 23.34 17.01 -3.53
N ALA C 937 24.12 17.68 -4.38
CA ALA C 937 23.93 19.10 -4.59
C ALA C 937 22.77 19.39 -5.53
N ASN C 938 22.31 18.38 -6.24
CA ASN C 938 21.18 18.54 -7.15
C ASN C 938 19.87 18.21 -6.48
N SER C 939 18.85 19.01 -6.73
CA SER C 939 17.55 18.77 -6.12
C SER C 939 16.93 17.48 -6.60
N HIS C 940 17.16 17.13 -7.85
CA HIS C 940 16.54 15.93 -8.41
C HIS C 940 17.33 14.68 -8.14
N LEU C 941 18.61 14.69 -8.46
CA LEU C 941 19.44 13.52 -8.28
C LEU C 941 19.72 13.20 -6.82
N GLY C 942 19.85 14.23 -6.00
CA GLY C 942 20.21 14.00 -4.61
C GLY C 942 19.32 13.01 -3.89
N PRO C 943 18.01 13.29 -3.84
CA PRO C 943 17.18 12.37 -3.07
C PRO C 943 17.39 10.93 -3.51
N LEU C 944 17.54 10.69 -4.80
CA LEU C 944 17.72 9.33 -5.30
C LEU C 944 18.99 8.69 -4.75
N GLN C 945 20.08 9.52 -4.79
CA GLN C 945 21.35 9.03 -4.29
C GLN C 945 21.21 8.58 -2.84
N ILE C 946 20.52 9.32 -2.04
CA ILE C 946 20.35 9.03 -0.64
C ILE C 946 19.55 7.75 -0.48
N SER C 947 18.45 7.64 -1.20
CA SER C 947 17.63 6.44 -1.13
C SER C 947 18.45 5.22 -1.51
N LEU C 948 19.14 5.29 -2.64
CA LEU C 948 19.94 4.17 -3.08
C LEU C 948 20.83 3.69 -1.96
N GLY C 949 21.52 4.62 -1.31
CA GLY C 949 22.45 4.25 -0.25
C GLY C 949 21.73 3.43 0.80
N ARG C 950 20.56 3.90 1.21
CA ARG C 950 19.82 3.20 2.25
C ARG C 950 19.50 1.78 1.80
N MET C 951 19.06 1.63 0.57
CA MET C 951 18.71 0.31 0.07
C MET C 951 19.94 -0.58 0.00
N LEU C 952 21.08 0.00 -0.33
CA LEU C 952 22.29 -0.80 -0.51
C LEU C 952 22.57 -1.68 0.69
N LEU C 953 22.28 -1.17 1.88
CA LEU C 953 22.49 -1.97 3.08
C LEU C 953 21.74 -3.29 2.98
N ASP C 954 20.47 -3.23 2.61
CA ASP C 954 19.67 -4.43 2.49
C ASP C 954 20.18 -5.35 1.40
N ILE C 955 20.58 -4.75 0.28
CA ILE C 955 21.08 -5.55 -0.83
C ILE C 955 22.22 -6.39 -0.34
N LEU C 956 23.06 -5.81 0.52
CA LEU C 956 24.20 -6.55 1.04
C LEU C 956 23.76 -7.80 1.76
N LYS C 957 22.74 -7.67 2.60
CA LYS C 957 22.25 -8.81 3.33
C LYS C 957 21.79 -9.89 2.36
N PHE C 958 21.04 -9.49 1.34
CA PHE C 958 20.58 -10.45 0.36
C PHE C 958 21.77 -11.13 -0.29
N LEU C 959 22.83 -10.37 -0.53
CA LEU C 959 24.00 -10.94 -1.20
C LEU C 959 24.59 -12.07 -0.38
N PHE C 960 24.58 -11.94 0.94
CA PHE C 960 25.16 -12.97 1.78
C PHE C 960 24.44 -14.28 1.53
N ILE C 961 23.13 -14.26 1.49
CA ILE C 961 22.37 -15.47 1.24
C ILE C 961 22.71 -16.02 -0.13
N TYR C 962 22.76 -15.14 -1.14
CA TYR C 962 23.09 -15.61 -2.47
C TYR C 962 24.45 -16.28 -2.47
N CYS C 963 25.41 -15.67 -1.79
CA CYS C 963 26.75 -16.24 -1.75
C CYS C 963 26.70 -17.64 -1.20
N LEU C 964 26.00 -17.83 -0.09
CA LEU C 964 25.93 -19.15 0.52
C LEU C 964 25.41 -20.16 -0.48
N VAL C 965 24.34 -19.82 -1.18
CA VAL C 965 23.79 -20.72 -2.18
C VAL C 965 24.82 -21.01 -3.25
N LEU C 966 25.51 -19.96 -3.71
CA LEU C 966 26.53 -20.15 -4.73
C LEU C 966 27.58 -21.12 -4.26
N LEU C 967 28.08 -20.90 -3.04
CA LEU C 967 29.11 -21.78 -2.49
C LEU C 967 28.61 -23.21 -2.47
N ALA C 968 27.39 -23.41 -2.04
CA ALA C 968 26.83 -24.75 -1.93
C ALA C 968 26.84 -25.44 -3.27
N PHE C 969 26.23 -24.82 -4.26
CA PHE C 969 26.14 -25.43 -5.57
C PHE C 969 27.52 -25.54 -6.19
N ALA C 970 28.39 -24.59 -5.87
CA ALA C 970 29.74 -24.64 -6.39
C ALA C 970 30.44 -25.87 -5.88
N ASN C 971 30.34 -26.12 -4.58
CA ASN C 971 30.98 -27.27 -4.00
C ASN C 971 30.43 -28.53 -4.64
N GLY C 972 29.11 -28.60 -4.77
CA GLY C 972 28.51 -29.79 -5.33
C GLY C 972 28.94 -30.03 -6.76
N LEU C 973 28.75 -29.08 -7.62
CA LEU C 973 29.13 -29.22 -9.00
C LEU C 973 30.59 -29.60 -9.09
N ASN C 974 31.46 -28.84 -8.36
CA ASN C 974 32.86 -29.17 -8.48
C ASN C 974 33.07 -30.60 -8.06
N GLN C 975 32.31 -31.04 -7.07
CA GLN C 975 32.51 -32.39 -6.55
C GLN C 975 32.22 -33.46 -7.59
N LEU C 976 31.36 -33.16 -8.56
CA LEU C 976 30.96 -34.17 -9.54
C LEU C 976 31.77 -34.13 -10.80
N TYR C 977 32.17 -32.95 -11.25
CA TYR C 977 32.87 -32.83 -12.52
C TYR C 977 34.38 -32.79 -12.42
N PHE C 978 34.92 -32.77 -11.21
CA PHE C 978 36.37 -32.63 -11.08
C PHE C 978 37.12 -33.87 -11.53
N TYR C 979 36.31 -34.99 -11.67
CA TYR C 979 36.90 -36.23 -12.14
C TYR C 979 37.16 -36.16 -13.63
N TYR C 980 36.59 -35.18 -14.30
CA TYR C 980 36.65 -35.13 -15.76
C TYR C 980 37.31 -33.87 -16.28
N GLU C 981 38.27 -33.34 -15.55
CA GLU C 981 38.98 -32.15 -16.00
C GLU C 981 39.91 -32.49 -17.15
N THR C 982 40.08 -31.55 -18.09
CA THR C 982 40.92 -31.81 -19.25
C THR C 982 41.98 -30.73 -19.42
N ARG C 983 43.07 -31.07 -20.10
CA ARG C 983 44.17 -30.11 -20.25
C ARG C 983 43.87 -29.02 -21.26
N ALA C 984 44.45 -27.86 -21.04
CA ALA C 984 44.25 -26.75 -21.95
C ALA C 984 44.69 -27.13 -23.34
N ILE C 985 45.82 -27.83 -23.43
CA ILE C 985 46.34 -28.25 -24.71
C ILE C 985 45.30 -29.11 -25.40
N ASP C 986 44.73 -30.04 -24.65
CA ASP C 986 43.70 -30.90 -25.20
C ASP C 986 42.56 -30.04 -25.73
N GLU C 987 42.15 -29.05 -24.94
CA GLU C 987 41.05 -28.20 -25.34
C GLU C 987 41.38 -27.46 -26.64
N PRO C 988 40.38 -27.28 -27.50
CA PRO C 988 40.62 -26.61 -28.79
C PRO C 988 41.20 -25.23 -28.59
N ASN C 989 42.09 -24.81 -29.49
CA ASN C 989 42.69 -23.49 -29.38
C ASN C 989 43.34 -23.31 -28.03
N ASN C 990 43.84 -24.40 -27.45
CA ASN C 990 44.50 -24.33 -26.17
C ASN C 990 43.83 -23.33 -25.24
N CYS C 991 42.51 -23.34 -25.18
CA CYS C 991 41.79 -22.43 -24.30
C CYS C 991 40.96 -23.22 -23.31
N LYS C 992 41.12 -22.92 -22.03
CA LYS C 992 40.39 -23.64 -21.01
C LYS C 992 39.64 -22.69 -20.11
N GLY C 993 38.32 -22.82 -20.05
CA GLY C 993 37.53 -21.98 -19.19
C GLY C 993 36.17 -21.63 -19.72
N ILE C 994 35.44 -20.79 -18.99
CA ILE C 994 34.12 -20.38 -19.42
C ILE C 994 34.21 -19.15 -20.31
N ARG C 995 35.42 -18.67 -20.55
CA ARG C 995 35.58 -17.48 -21.37
C ARG C 995 36.29 -17.80 -22.67
N CYS C 996 36.07 -18.99 -23.20
CA CYS C 996 36.65 -19.36 -24.48
C CYS C 996 35.53 -19.56 -25.48
N GLU C 997 35.83 -19.45 -26.77
CA GLU C 997 34.78 -19.57 -27.78
C GLU C 997 33.86 -20.72 -27.48
N LYS C 998 34.41 -21.90 -27.21
CA LYS C 998 33.57 -23.01 -26.80
C LYS C 998 33.84 -23.29 -25.34
N GLN C 999 32.95 -22.82 -24.47
CA GLN C 999 33.15 -22.99 -23.04
C GLN C 999 33.54 -24.42 -22.68
N ASN C 1000 34.55 -24.56 -21.83
CA ASN C 1000 35.02 -25.89 -21.43
C ASN C 1000 35.58 -25.91 -20.02
N ASN C 1001 35.56 -27.11 -19.41
CA ASN C 1001 36.04 -27.25 -18.05
C ASN C 1001 35.45 -26.17 -17.17
N ALA C 1002 34.16 -25.99 -17.22
CA ALA C 1002 33.47 -24.99 -16.42
C ALA C 1002 33.39 -25.37 -14.95
N PHE C 1003 33.17 -26.65 -14.66
CA PHE C 1003 33.01 -27.07 -13.28
C PHE C 1003 34.19 -27.90 -12.80
N SER C 1004 35.28 -27.87 -13.55
CA SER C 1004 36.46 -28.64 -13.19
C SER C 1004 37.09 -28.20 -11.88
N THR C 1005 37.14 -26.89 -11.65
CA THR C 1005 37.75 -26.37 -10.43
C THR C 1005 36.82 -25.44 -9.70
N LEU C 1006 36.97 -25.33 -8.39
CA LEU C 1006 36.06 -24.50 -7.61
C LEU C 1006 36.14 -23.07 -8.08
N PHE C 1007 37.35 -22.61 -8.37
CA PHE C 1007 37.50 -21.25 -8.82
C PHE C 1007 36.72 -21.07 -10.10
N GLU C 1008 36.83 -22.03 -11.02
CA GLU C 1008 36.12 -21.94 -12.27
C GLU C 1008 34.63 -22.15 -12.06
N THR C 1009 34.27 -23.08 -11.19
CA THR C 1009 32.87 -23.36 -10.93
C THR C 1009 32.21 -22.12 -10.39
N LEU C 1010 32.90 -21.39 -9.54
CA LEU C 1010 32.33 -20.18 -8.96
C LEU C 1010 32.09 -19.14 -10.03
N GLN C 1011 33.08 -19.00 -10.93
CA GLN C 1011 32.94 -18.05 -12.01
C GLN C 1011 31.78 -18.47 -12.89
N SER C 1012 31.71 -19.72 -13.24
CA SER C 1012 30.69 -20.19 -14.15
C SER C 1012 29.31 -19.90 -13.58
N LEU C 1013 29.13 -20.19 -12.30
CA LEU C 1013 27.83 -19.99 -11.69
C LEU C 1013 27.48 -18.50 -11.66
N PHE C 1014 28.45 -17.65 -11.41
CA PHE C 1014 28.20 -16.21 -11.42
C PHE C 1014 27.73 -15.75 -12.78
N TRP C 1015 28.43 -16.14 -13.83
CA TRP C 1015 28.07 -15.71 -15.16
C TRP C 1015 26.75 -16.31 -15.60
N SER C 1016 26.40 -17.46 -15.07
CA SER C 1016 25.14 -18.08 -15.41
C SER C 1016 24.02 -17.16 -15.02
N VAL C 1017 24.18 -16.43 -13.93
CA VAL C 1017 23.16 -15.51 -13.47
C VAL C 1017 22.78 -14.54 -14.58
N PHE C 1018 23.69 -14.32 -15.52
CA PHE C 1018 23.44 -13.40 -16.61
C PHE C 1018 23.19 -14.12 -17.92
N GLY C 1019 23.12 -15.44 -17.88
CA GLY C 1019 22.82 -16.20 -19.07
C GLY C 1019 23.97 -16.36 -20.02
N LEU C 1020 25.18 -16.06 -19.55
CA LEU C 1020 26.34 -16.12 -20.42
C LEU C 1020 27.03 -17.46 -20.30
N LEU C 1021 26.42 -18.43 -19.68
CA LEU C 1021 27.02 -19.76 -19.57
C LEU C 1021 26.17 -20.73 -20.35
N ASN C 1022 26.72 -21.29 -21.39
CA ASN C 1022 25.99 -22.21 -22.26
C ASN C 1022 25.72 -23.53 -21.58
N LEU C 1023 24.69 -24.25 -22.03
CA LEU C 1023 24.31 -25.50 -21.37
C LEU C 1023 25.17 -26.70 -21.75
N TYR C 1024 25.89 -26.61 -22.86
CA TYR C 1024 26.68 -27.74 -23.30
C TYR C 1024 27.83 -28.01 -22.34
N VAL C 1025 28.09 -27.08 -21.44
CA VAL C 1025 29.18 -27.23 -20.50
C VAL C 1025 28.88 -28.28 -19.46
N THR C 1026 27.66 -28.78 -19.44
CA THR C 1026 27.26 -29.73 -18.41
C THR C 1026 27.48 -31.18 -18.82
N ASN C 1027 28.08 -31.38 -19.98
CA ASN C 1027 28.30 -32.74 -20.46
C ASN C 1027 29.77 -33.14 -20.43
N VAL C 1028 30.04 -34.36 -19.99
CA VAL C 1028 31.41 -34.83 -19.93
C VAL C 1028 31.72 -35.52 -21.24
N LYS C 1029 32.97 -35.42 -21.69
CA LYS C 1029 33.33 -35.99 -22.98
C LYS C 1029 33.11 -37.50 -23.01
N ALA C 1030 33.53 -38.19 -21.97
CA ALA C 1030 33.33 -39.63 -21.92
C ALA C 1030 31.85 -39.94 -22.03
N ARG C 1031 31.02 -38.92 -21.86
CA ARG C 1031 29.57 -39.10 -21.99
C ARG C 1031 28.96 -40.05 -20.96
N HIS C 1032 29.18 -39.83 -19.70
CA HIS C 1032 28.54 -40.66 -18.69
C HIS C 1032 27.19 -40.03 -18.47
N GLU C 1033 26.14 -40.64 -19.00
CA GLU C 1033 24.82 -40.02 -18.94
C GLU C 1033 24.34 -39.65 -17.54
N PHE C 1034 24.41 -40.56 -16.60
CA PHE C 1034 23.89 -40.28 -15.28
C PHE C 1034 24.54 -39.04 -14.69
N THR C 1035 25.86 -39.02 -14.65
CA THR C 1035 26.56 -37.90 -14.06
C THR C 1035 26.09 -36.62 -14.69
N GLU C 1036 26.10 -36.56 -16.02
CA GLU C 1036 25.73 -35.34 -16.71
C GLU C 1036 24.35 -34.89 -16.28
N PHE C 1037 23.43 -35.83 -16.13
CA PHE C 1037 22.08 -35.46 -15.77
C PHE C 1037 22.03 -34.85 -14.38
N VAL C 1038 22.73 -35.45 -13.43
CA VAL C 1038 22.78 -34.91 -12.10
C VAL C 1038 23.40 -33.53 -12.17
N GLY C 1039 24.44 -33.39 -12.98
CA GLY C 1039 25.09 -32.11 -13.12
C GLY C 1039 24.18 -31.05 -13.66
N ALA C 1040 23.45 -31.36 -14.72
CA ALA C 1040 22.53 -30.42 -15.30
C ALA C 1040 21.43 -30.09 -14.33
N THR C 1041 20.96 -31.09 -13.59
CA THR C 1041 19.90 -30.87 -12.62
C THR C 1041 20.37 -29.95 -11.52
N MET C 1042 21.58 -30.12 -11.06
CA MET C 1042 22.12 -29.24 -10.03
C MET C 1042 22.25 -27.82 -10.57
N PHE C 1043 22.77 -27.70 -11.81
CA PHE C 1043 22.89 -26.39 -12.42
C PHE C 1043 21.53 -25.77 -12.57
N GLY C 1044 20.56 -26.55 -12.99
CA GLY C 1044 19.21 -26.05 -13.17
C GLY C 1044 18.60 -25.58 -11.87
N THR C 1045 18.73 -26.37 -10.82
CA THR C 1045 18.19 -25.99 -9.53
C THR C 1045 18.84 -24.70 -9.08
N TYR C 1046 20.12 -24.55 -9.33
CA TYR C 1046 20.80 -23.31 -8.98
C TYR C 1046 20.15 -22.16 -9.69
N ASN C 1047 19.92 -22.32 -10.99
CA ASN C 1047 19.34 -21.25 -11.77
C ASN C 1047 17.99 -20.85 -11.21
N VAL C 1048 17.18 -21.83 -10.86
CA VAL C 1048 15.85 -21.54 -10.32
C VAL C 1048 15.94 -20.82 -9.00
N ILE C 1049 16.76 -21.34 -8.09
CA ILE C 1049 16.89 -20.73 -6.78
C ILE C 1049 17.45 -19.32 -6.89
N SER C 1050 18.42 -19.12 -7.77
CA SER C 1050 19.05 -17.82 -7.88
C SER C 1050 18.22 -16.82 -8.66
N LEU C 1051 17.81 -17.18 -9.86
CA LEU C 1051 17.10 -16.23 -10.71
C LEU C 1051 15.62 -16.14 -10.40
N VAL C 1052 14.94 -17.27 -10.40
CA VAL C 1052 13.50 -17.25 -10.18
C VAL C 1052 13.15 -16.87 -8.76
N VAL C 1053 13.90 -17.34 -7.79
CA VAL C 1053 13.55 -17.09 -6.40
C VAL C 1053 14.28 -15.93 -5.77
N LEU C 1054 15.56 -16.11 -5.45
CA LEU C 1054 16.28 -15.05 -4.75
C LEU C 1054 16.21 -13.71 -5.46
N LEU C 1055 16.57 -13.69 -6.73
CA LEU C 1055 16.56 -12.44 -7.47
C LEU C 1055 15.23 -11.74 -7.33
N ASN C 1056 14.15 -12.47 -7.56
CA ASN C 1056 12.81 -11.89 -7.47
C ASN C 1056 12.54 -11.39 -6.07
N MET C 1057 12.97 -12.15 -5.06
CA MET C 1057 12.75 -11.73 -3.69
C MET C 1057 13.42 -10.40 -3.41
N LEU C 1058 14.58 -10.20 -4.00
CA LEU C 1058 15.30 -8.94 -3.82
C LEU C 1058 14.43 -7.81 -4.29
N ILE C 1059 13.74 -8.02 -5.41
CA ILE C 1059 12.85 -7.00 -5.93
C ILE C 1059 11.83 -6.64 -4.88
N ALA C 1060 11.22 -7.64 -4.28
CA ALA C 1060 10.19 -7.39 -3.28
C ALA C 1060 10.76 -6.62 -2.10
N MET C 1061 11.91 -7.03 -1.62
CA MET C 1061 12.52 -6.38 -0.48
C MET C 1061 12.87 -4.94 -0.80
N MET C 1062 13.47 -4.73 -1.96
CA MET C 1062 13.86 -3.38 -2.35
C MET C 1062 12.64 -2.50 -2.53
N ASN C 1063 11.54 -3.07 -2.98
CA ASN C 1063 10.31 -2.30 -3.13
C ASN C 1063 9.80 -1.87 -1.78
N ASN C 1064 9.91 -2.76 -0.80
CA ASN C 1064 9.44 -2.43 0.55
C ASN C 1064 10.21 -1.27 1.11
N SER C 1065 11.54 -1.32 1.01
CA SER C 1065 12.37 -0.27 1.59
C SER C 1065 12.21 1.05 0.85
N TYR C 1066 12.34 1.02 -0.47
CA TYR C 1066 12.19 2.23 -1.25
C TYR C 1066 10.93 2.95 -0.82
N GLN C 1067 9.89 2.18 -0.48
CA GLN C 1067 8.65 2.78 -0.07
C GLN C 1067 8.89 3.56 1.20
N LEU C 1068 9.53 2.92 2.17
CA LEU C 1068 9.75 3.57 3.44
C LEU C 1068 10.68 4.76 3.29
N ILE C 1069 11.85 4.50 2.69
CA ILE C 1069 12.83 5.57 2.49
C ILE C 1069 12.16 6.78 1.88
N ALA C 1070 11.23 6.55 0.96
CA ALA C 1070 10.58 7.65 0.26
C ALA C 1070 9.89 8.57 1.25
N ASP C 1071 9.43 8.02 2.35
CA ASP C 1071 8.74 8.83 3.35
C ASP C 1071 9.63 9.93 3.90
N HIS C 1072 10.91 9.65 4.10
CA HIS C 1072 11.81 10.63 4.70
C HIS C 1072 12.90 11.04 3.74
N ALA C 1073 12.62 11.02 2.44
CA ALA C 1073 13.67 11.31 1.47
C ALA C 1073 14.22 12.72 1.58
N ASP C 1074 13.34 13.72 1.67
CA ASP C 1074 13.80 15.10 1.68
C ASP C 1074 14.69 15.41 2.88
N ILE C 1075 14.26 15.02 4.07
CA ILE C 1075 15.04 15.35 5.24
C ILE C 1075 16.41 14.75 5.07
N GLU C 1076 16.47 13.53 4.59
CA GLU C 1076 17.75 12.86 4.40
C GLU C 1076 18.60 13.62 3.43
N TRP C 1077 18.01 13.98 2.29
CA TRP C 1077 18.78 14.68 1.27
C TRP C 1077 19.27 16.01 1.78
N LYS C 1078 18.42 16.75 2.46
CA LYS C 1078 18.79 18.06 2.93
C LYS C 1078 19.85 17.99 4.00
N PHE C 1079 19.77 16.98 4.87
CA PHE C 1079 20.80 16.82 5.87
C PHE C 1079 22.11 16.58 5.17
N ALA C 1080 22.09 15.75 4.14
CA ALA C 1080 23.28 15.46 3.38
C ALA C 1080 23.78 16.70 2.69
N ARG C 1081 22.88 17.44 2.06
CA ARG C 1081 23.29 18.61 1.33
C ARG C 1081 23.93 19.62 2.26
N THR C 1082 23.33 19.80 3.43
CA THR C 1082 23.89 20.74 4.38
C THR C 1082 25.29 20.31 4.67
N LYS C 1083 25.49 19.05 4.99
CA LYS C 1083 26.82 18.63 5.35
C LYS C 1083 27.78 19.06 4.27
N LEU C 1084 27.39 18.86 3.01
CA LEU C 1084 28.24 19.25 1.90
C LEU C 1084 28.46 20.74 1.88
N TRP C 1085 27.37 21.50 1.96
CA TRP C 1085 27.50 22.94 1.92
C TRP C 1085 28.39 23.38 3.04
N MET C 1086 28.25 22.78 4.20
CA MET C 1086 29.03 23.19 5.36
C MET C 1086 30.50 22.98 5.12
N SER C 1087 30.83 21.89 4.46
CA SER C 1087 32.22 21.57 4.22
C SER C 1087 32.87 22.74 3.52
N TYR C 1088 32.18 23.29 2.53
CA TYR C 1088 32.74 24.42 1.79
C TYR C 1088 32.63 25.72 2.56
N PHE C 1089 31.70 25.79 3.51
CA PHE C 1089 31.49 27.03 4.25
C PHE C 1089 32.75 27.35 5.01
N ASP C 1090 33.62 26.36 5.20
CA ASP C 1090 34.84 26.57 5.96
C ASP C 1090 35.84 27.42 5.20
N GLU C 1091 37.03 27.60 5.75
CA GLU C 1091 38.04 28.46 5.12
C GLU C 1091 39.24 27.72 4.51
N GLY C 1092 39.52 26.51 4.99
CA GLY C 1092 40.63 25.75 4.46
C GLY C 1092 40.29 25.04 3.16
N GLY C 1093 40.38 25.75 2.04
CA GLY C 1093 39.98 25.15 0.77
C GLY C 1093 40.52 25.71 -0.52
N THR C 1094 41.26 24.90 -1.26
CA THR C 1094 41.76 25.31 -2.58
C THR C 1094 41.69 24.06 -3.42
N LEU C 1095 41.54 24.20 -4.73
CA LEU C 1095 41.36 23.03 -5.59
C LEU C 1095 42.53 22.07 -5.46
N PRO C 1096 42.30 20.79 -5.79
CA PRO C 1096 43.36 19.77 -5.64
C PRO C 1096 44.64 19.97 -6.46
N PRO C 1097 44.54 20.41 -7.72
CA PRO C 1097 45.80 20.55 -8.44
C PRO C 1097 46.71 21.56 -7.75
N PRO C 1098 46.17 22.72 -7.37
CA PRO C 1098 46.95 23.77 -6.70
C PRO C 1098 46.83 23.62 -5.21
N PHE C 1099 46.30 22.54 -4.74
CA PHE C 1099 46.14 22.32 -3.30
C PHE C 1099 47.48 22.26 -2.63
N ASN C 1100 48.45 21.60 -3.30
CA ASN C 1100 49.77 21.50 -2.71
C ASN C 1100 50.68 22.60 -3.24
N ILE C 1101 50.98 23.58 -2.40
CA ILE C 1101 51.82 24.70 -2.82
C ILE C 1101 51.93 24.81 -4.34
N ARG C 1140 37.36 36.89 26.77
CA ARG C 1140 36.57 37.77 27.64
C ARG C 1140 35.28 37.09 28.04
N HIS C 1141 35.12 36.85 29.34
CA HIS C 1141 33.90 36.24 29.83
C HIS C 1141 32.71 37.10 29.43
N ALA C 1142 32.92 38.40 29.35
CA ALA C 1142 31.83 39.31 29.03
C ALA C 1142 31.13 38.88 27.75
N ASP C 1143 31.90 38.58 26.73
CA ASP C 1143 31.30 38.20 25.45
C ASP C 1143 30.40 37.00 25.65
N SER C 1144 30.92 35.96 26.29
CA SER C 1144 30.14 34.76 26.49
C SER C 1144 28.88 35.08 27.26
N LEU C 1145 29.02 35.92 28.29
CA LEU C 1145 27.88 36.26 29.10
C LEU C 1145 26.79 36.85 28.24
N ILE C 1146 27.15 37.83 27.43
CA ILE C 1146 26.16 38.48 26.60
C ILE C 1146 25.50 37.47 25.70
N GLN C 1147 26.31 36.67 25.02
CA GLN C 1147 25.77 35.68 24.11
C GLN C 1147 24.78 34.80 24.81
N ASN C 1148 25.15 34.28 25.99
CA ASN C 1148 24.27 33.36 26.69
C ASN C 1148 22.99 34.04 27.10
N GLN C 1149 23.09 35.29 27.54
CA GLN C 1149 21.91 36.00 27.96
C GLN C 1149 20.93 36.04 26.82
N HIS C 1150 21.41 36.39 25.64
CA HIS C 1150 20.53 36.50 24.50
C HIS C 1150 19.90 35.16 24.18
N TYR C 1151 20.69 34.11 24.18
CA TYR C 1151 20.18 32.80 23.85
C TYR C 1151 19.07 32.47 24.80
N GLN C 1152 19.26 32.79 26.07
CA GLN C 1152 18.27 32.44 27.07
C GLN C 1152 16.97 33.18 26.81
N GLU C 1153 17.07 34.44 26.43
CA GLU C 1153 15.88 35.21 26.15
C GLU C 1153 15.12 34.60 24.99
N VAL C 1154 15.82 34.29 23.91
CA VAL C 1154 15.17 33.70 22.75
C VAL C 1154 14.55 32.37 23.15
N ILE C 1155 15.29 31.57 23.90
CA ILE C 1155 14.80 30.26 24.29
C ILE C 1155 13.54 30.41 25.11
N ARG C 1156 13.53 31.39 26.00
CA ARG C 1156 12.37 31.60 26.83
C ARG C 1156 11.16 31.84 25.96
N ASN C 1157 11.31 32.72 24.99
CA ASN C 1157 10.19 33.04 24.12
C ASN C 1157 9.78 31.83 23.32
N LEU C 1158 10.73 31.09 22.79
CA LEU C 1158 10.41 29.94 21.97
C LEU C 1158 9.66 28.93 22.78
N VAL C 1159 10.09 28.70 24.01
CA VAL C 1159 9.44 27.72 24.85
C VAL C 1159 8.04 28.17 25.15
N LYS C 1160 7.88 29.46 25.42
CA LYS C 1160 6.57 29.98 25.75
C LYS C 1160 5.61 29.76 24.60
N ARG C 1161 6.03 30.10 23.41
CA ARG C 1161 5.15 29.98 22.26
C ARG C 1161 4.91 28.53 21.89
N TYR C 1162 5.83 27.66 22.25
CA TYR C 1162 5.69 26.24 21.95
C TYR C 1162 4.66 25.60 22.85
N VAL C 1163 4.76 25.85 24.14
CA VAL C 1163 3.82 25.26 25.08
C VAL C 1163 2.42 25.63 24.68
N ALA C 1164 2.22 26.91 24.39
CA ALA C 1164 0.89 27.38 24.02
C ALA C 1164 0.41 26.64 22.80
N ALA C 1165 1.26 26.53 21.79
CA ALA C 1165 0.85 25.90 20.56
C ALA C 1165 0.39 24.48 20.83
N MET C 1166 1.16 23.75 21.61
CA MET C 1166 0.82 22.36 21.86
C MET C 1166 -0.55 22.28 22.47
N ILE C 1167 -0.81 23.13 23.46
CA ILE C 1167 -2.11 23.12 24.09
C ILE C 1167 -3.20 23.41 23.09
N ARG C 1168 -3.01 24.44 22.28
CA ARG C 1168 -4.03 24.82 21.31
C ARG C 1168 -4.30 23.67 20.37
N ASN C 1169 -3.25 23.00 19.93
CA ASN C 1169 -3.42 21.88 19.02
C ASN C 1169 -4.30 20.86 19.68
N SER C 1170 -4.01 20.53 20.92
CA SER C 1170 -4.76 19.50 21.60
C SER C 1170 -6.23 19.87 21.68
N LYS C 1171 -6.49 21.11 22.09
CA LYS C 1171 -7.87 21.55 22.25
C LYS C 1171 -8.64 21.49 20.95
N THR C 1172 -7.98 21.75 19.84
CA THR C 1172 -8.70 21.82 18.58
C THR C 1172 -8.49 20.61 17.68
N ASN C 1173 -7.54 19.76 18.01
CA ASN C 1173 -7.24 18.63 17.14
C ASN C 1173 -7.35 17.29 17.85
N GLU C 1174 -8.24 17.20 18.84
CA GLU C 1174 -8.41 15.95 19.56
C GLU C 1174 -9.87 15.61 19.69
N GLY C 1175 -10.22 14.35 19.45
CA GLY C 1175 -11.60 13.91 19.56
C GLY C 1175 -12.03 13.75 20.99
N LEU C 1176 -13.33 13.60 21.22
CA LEU C 1176 -13.85 13.45 22.57
C LEU C 1176 -14.00 11.98 22.92
N THR C 1177 -13.24 11.52 23.89
CA THR C 1177 -13.30 10.12 24.28
C THR C 1177 -14.38 9.86 25.31
N GLU C 1178 -14.66 8.59 25.57
CA GLU C 1178 -15.71 8.22 26.52
C GLU C 1178 -15.57 8.88 27.87
N GLU C 1179 -14.34 9.08 28.31
CA GLU C 1179 -14.13 9.67 29.61
C GLU C 1179 -14.81 11.02 29.64
N ASN C 1180 -14.77 11.72 28.51
CA ASN C 1180 -15.40 13.02 28.43
C ASN C 1180 -16.90 12.91 28.65
N PHE C 1181 -17.53 11.93 28.03
CA PHE C 1181 -18.97 11.73 28.21
C PHE C 1181 -19.26 11.50 29.67
N LYS C 1182 -18.47 10.64 30.29
CA LYS C 1182 -18.73 10.33 31.68
C LYS C 1182 -18.63 11.58 32.53
N GLU C 1183 -17.68 12.44 32.22
CA GLU C 1183 -17.52 13.67 32.97
C GLU C 1183 -18.74 14.55 32.84
N LEU C 1184 -19.22 14.74 31.62
CA LEU C 1184 -20.41 15.54 31.41
C LEU C 1184 -21.60 14.93 32.10
N LYS C 1185 -21.74 13.63 32.01
CA LYS C 1185 -22.88 12.97 32.60
C LYS C 1185 -22.85 13.21 34.09
N GLN C 1186 -21.66 13.21 34.67
CA GLN C 1186 -21.52 13.47 36.10
C GLN C 1186 -21.85 14.90 36.43
N ASP C 1187 -21.42 15.82 35.58
CA ASP C 1187 -21.68 17.23 35.82
C ASP C 1187 -23.16 17.48 35.92
N ILE C 1188 -23.94 16.84 35.07
CA ILE C 1188 -25.38 17.01 35.10
C ILE C 1188 -25.96 16.30 36.30
N SER C 1189 -25.42 15.14 36.61
CA SER C 1189 -25.95 14.36 37.72
C SER C 1189 -25.80 15.06 39.04
N SER C 1190 -24.59 15.52 39.34
CA SER C 1190 -24.36 16.19 40.60
C SER C 1190 -25.19 17.44 40.62
N PHE C 1191 -25.26 18.11 39.48
CA PHE C 1191 -26.06 19.31 39.38
C PHE C 1191 -27.48 19.02 39.76
N ARG C 1192 -28.03 17.93 39.23
CA ARG C 1192 -29.41 17.60 39.50
C ARG C 1192 -29.63 17.38 40.96
N TYR C 1193 -28.79 16.56 41.57
CA TYR C 1193 -28.99 16.24 42.96
C TYR C 1193 -28.98 17.51 43.80
N GLU C 1194 -28.04 18.37 43.61
CA GLU C 1194 -27.97 19.59 44.38
C GLU C 1194 -29.24 20.38 44.25
N VAL C 1195 -29.63 20.66 42.99
CA VAL C 1195 -30.82 21.48 42.79
C VAL C 1195 -32.02 20.84 43.46
N LEU C 1196 -32.15 19.53 43.33
CA LEU C 1196 -33.29 18.85 43.90
C LEU C 1196 -33.29 19.02 45.41
N ASP C 1197 -32.12 18.94 46.02
CA ASP C 1197 -32.02 19.10 47.46
C ASP C 1197 -32.42 20.50 47.86
N LEU C 1198 -31.91 21.49 47.14
CA LEU C 1198 -32.24 22.86 47.46
C LEU C 1198 -33.73 23.10 47.28
N LEU C 1199 -34.30 22.58 46.20
CA LEU C 1199 -35.72 22.76 45.94
C LEU C 1199 -36.54 21.87 46.86
N GLY C 1200 -35.88 20.98 47.58
CA GLY C 1200 -36.58 20.07 48.45
C GLY C 1200 -36.34 20.40 49.90
N ASP D 454 -44.67 7.08 -16.31
CA ASP D 454 -45.70 7.59 -15.43
C ASP D 454 -45.16 7.84 -14.03
N ARG D 455 -45.99 7.62 -13.03
CA ARG D 455 -45.55 7.82 -11.65
C ARG D 455 -45.81 6.55 -10.86
N ILE D 456 -44.71 5.91 -10.46
CA ILE D 456 -44.81 4.72 -9.65
C ILE D 456 -45.42 5.09 -8.34
N PRO D 457 -46.49 4.39 -7.96
CA PRO D 457 -47.02 4.70 -6.65
C PRO D 457 -46.23 4.00 -5.59
N LEU D 458 -46.23 4.54 -4.39
CA LEU D 458 -45.49 3.95 -3.29
C LEU D 458 -46.40 3.71 -2.12
N GLN D 459 -46.51 2.46 -1.68
CA GLN D 459 -47.35 2.13 -0.55
C GLN D 459 -46.60 1.22 0.38
N ILE D 460 -47.08 1.12 1.63
CA ILE D 460 -46.46 0.21 2.57
C ILE D 460 -46.95 -1.20 2.30
N VAL D 461 -46.06 -2.06 1.75
CA VAL D 461 -46.50 -3.41 1.40
C VAL D 461 -46.69 -4.31 2.60
N ARG D 462 -45.80 -4.21 3.58
CA ARG D 462 -45.90 -5.07 4.75
C ARG D 462 -46.29 -4.23 5.93
N ALA D 463 -47.59 -4.02 6.12
CA ALA D 463 -48.06 -3.13 7.17
C ALA D 463 -48.04 -3.75 8.56
N GLU D 464 -48.11 -2.91 9.57
CA GLU D 464 -48.12 -3.38 10.95
C GLU D 464 -48.96 -2.44 11.78
N THR D 465 -49.55 -2.94 12.85
CA THR D 465 -50.43 -2.10 13.67
C THR D 465 -49.77 -0.78 13.99
N GLU D 466 -50.57 0.29 13.98
CA GLU D 466 -50.04 1.61 14.30
C GLU D 466 -50.35 1.95 15.74
N LEU D 467 -49.62 2.90 16.30
CA LEU D 467 -49.81 3.25 17.69
C LEU D 467 -50.82 4.36 17.87
N SER D 468 -51.77 4.17 18.77
CA SER D 468 -52.74 5.20 19.05
C SER D 468 -52.02 6.45 19.48
N ALA D 469 -52.62 7.60 19.26
CA ALA D 469 -52.00 8.85 19.64
C ALA D 469 -51.67 8.81 21.12
N GLU D 470 -52.57 8.25 21.91
CA GLU D 470 -52.31 8.14 23.34
C GLU D 470 -51.05 7.34 23.56
N GLU D 471 -50.96 6.20 22.91
CA GLU D 471 -49.81 5.34 23.09
C GLU D 471 -48.57 6.04 22.60
N LYS D 472 -48.76 6.78 21.46
CA LYS D 472 -47.62 7.46 20.86
C LYS D 472 -47.07 8.49 21.83
N ALA D 473 -47.90 9.11 22.59
CA ALA D 473 -47.48 10.10 23.58
C ALA D 473 -46.77 9.44 24.73
N PHE D 474 -47.29 8.32 25.19
CA PHE D 474 -46.68 7.62 26.31
C PHE D 474 -45.24 7.32 25.97
N LEU D 475 -45.02 6.78 24.78
CA LEU D 475 -43.68 6.42 24.39
C LEU D 475 -42.81 7.65 24.24
N SER D 476 -43.38 8.74 23.73
CA SER D 476 -42.62 9.96 23.59
C SER D 476 -42.12 10.44 24.93
N ALA D 477 -42.96 10.36 25.94
CA ALA D 477 -42.57 10.80 27.26
C ALA D 477 -41.44 9.96 27.79
N VAL D 478 -41.53 8.65 27.61
CA VAL D 478 -40.50 7.76 28.09
C VAL D 478 -39.18 8.13 27.47
N GLU D 479 -39.21 8.72 26.29
CA GLU D 479 -37.98 9.08 25.59
C GLU D 479 -37.42 10.41 26.07
N LYS D 480 -38.28 11.26 26.60
CA LYS D 480 -37.83 12.57 27.05
C LYS D 480 -37.50 12.55 28.53
N GLY D 481 -37.86 11.46 29.19
CA GLY D 481 -37.56 11.34 30.61
C GLY D 481 -38.57 12.00 31.50
N ASP D 482 -39.75 12.31 30.97
CA ASP D 482 -40.75 13.00 31.77
C ASP D 482 -41.40 12.01 32.70
N TYR D 483 -40.82 11.83 33.88
CA TYR D 483 -41.34 10.85 34.82
C TYR D 483 -42.77 11.13 35.12
N ALA D 484 -43.11 12.39 35.33
CA ALA D 484 -44.47 12.72 35.72
C ALA D 484 -45.49 12.23 34.72
N THR D 485 -45.31 12.58 33.45
CA THR D 485 -46.27 12.19 32.45
C THR D 485 -46.35 10.69 32.36
N VAL D 486 -45.19 10.05 32.34
CA VAL D 486 -45.16 8.60 32.26
C VAL D 486 -45.91 8.04 33.44
N LYS D 487 -45.65 8.59 34.62
CA LYS D 487 -46.30 8.09 35.81
C LYS D 487 -47.78 8.28 35.70
N GLN D 488 -48.20 9.44 35.23
CA GLN D 488 -49.61 9.74 35.15
C GLN D 488 -50.27 8.77 34.20
N ALA D 489 -49.67 8.59 33.04
CA ALA D 489 -50.25 7.71 32.05
C ALA D 489 -50.37 6.34 32.63
N LEU D 490 -49.31 5.89 33.29
CA LEU D 490 -49.31 4.57 33.87
C LEU D 490 -50.45 4.42 34.88
N GLN D 491 -50.70 5.45 35.68
CA GLN D 491 -51.80 5.37 36.62
C GLN D 491 -53.14 5.45 35.91
N GLU D 492 -53.27 6.36 34.95
CA GLU D 492 -54.51 6.51 34.24
C GLU D 492 -54.88 5.25 33.51
N ALA D 493 -53.90 4.63 32.86
CA ALA D 493 -54.18 3.44 32.07
C ALA D 493 -54.76 2.33 32.93
N GLU D 494 -54.29 2.25 34.16
CA GLU D 494 -54.79 1.23 35.06
C GLU D 494 -56.28 1.42 35.29
N ILE D 495 -56.78 2.60 34.97
CA ILE D 495 -58.18 2.89 35.20
C ILE D 495 -58.98 2.83 33.93
N TYR D 496 -58.57 3.68 32.96
CA TYR D 496 -59.32 3.78 31.72
C TYR D 496 -58.85 2.81 30.65
N TYR D 497 -57.80 2.06 30.94
CA TYR D 497 -57.31 1.07 29.98
C TYR D 497 -57.30 1.64 28.57
N ASN D 498 -56.64 2.77 28.39
CA ASN D 498 -56.60 3.41 27.09
C ASN D 498 -55.28 3.23 26.36
N VAL D 499 -54.22 2.92 27.11
CA VAL D 499 -52.91 2.74 26.50
C VAL D 499 -52.33 1.39 26.85
N ASN D 500 -51.82 0.67 25.86
CA ASN D 500 -51.20 -0.62 26.14
C ASN D 500 -49.81 -0.38 26.68
N ILE D 501 -49.70 -0.27 27.99
CA ILE D 501 -48.40 0.00 28.59
C ILE D 501 -47.33 -0.79 27.86
N ASN D 502 -47.64 -2.02 27.48
CA ASN D 502 -46.68 -2.83 26.73
C ASN D 502 -46.70 -2.56 25.21
N CYS D 503 -46.76 -1.27 24.81
CA CYS D 503 -46.83 -0.97 23.38
C CYS D 503 -45.45 -0.92 22.77
N MET D 504 -45.37 -0.92 21.45
CA MET D 504 -44.06 -0.95 20.79
C MET D 504 -43.95 -0.01 19.61
N ASP D 505 -42.86 0.74 19.53
CA ASP D 505 -42.65 1.68 18.44
C ASP D 505 -42.49 0.98 17.11
N PRO D 506 -42.37 1.76 16.03
CA PRO D 506 -42.15 1.14 14.72
C PRO D 506 -40.90 0.26 14.72
N LEU D 507 -39.83 0.72 15.35
CA LEU D 507 -38.59 -0.02 15.38
C LEU D 507 -38.68 -1.16 16.37
N GLY D 508 -39.86 -1.39 16.93
CA GLY D 508 -40.05 -2.48 17.87
C GLY D 508 -39.60 -2.18 19.27
N ARG D 509 -39.35 -0.91 19.57
CA ARG D 509 -38.86 -0.56 20.89
C ARG D 509 -39.99 -0.17 21.82
N SER D 510 -40.15 -0.93 22.89
CA SER D 510 -41.20 -0.65 23.86
C SER D 510 -40.73 0.41 24.83
N ALA D 511 -41.51 0.64 25.87
CA ALA D 511 -41.16 1.66 26.84
C ALA D 511 -39.95 1.26 27.65
N LEU D 512 -39.93 0.03 28.14
CA LEU D 512 -38.84 -0.38 28.98
C LEU D 512 -37.56 -0.30 28.18
N LEU D 513 -37.61 -0.70 26.93
CA LEU D 513 -36.42 -0.69 26.11
C LEU D 513 -35.95 0.72 25.88
N ILE D 514 -36.87 1.66 25.69
CA ILE D 514 -36.48 3.05 25.53
C ILE D 514 -35.83 3.54 26.80
N ALA D 515 -36.38 3.16 27.94
CA ALA D 515 -35.80 3.57 29.20
C ALA D 515 -34.43 2.98 29.36
N ILE D 516 -34.29 1.70 29.06
CA ILE D 516 -33.02 1.05 29.22
C ILE D 516 -31.98 1.75 28.38
N GLU D 517 -32.30 2.03 27.13
CA GLU D 517 -31.32 2.64 26.25
C GLU D 517 -30.92 4.02 26.75
N ASN D 518 -31.88 4.78 27.27
CA ASN D 518 -31.57 6.11 27.78
C ASN D 518 -30.96 5.99 29.16
N GLU D 519 -30.99 4.80 29.72
CA GLU D 519 -30.43 4.56 31.03
C GLU D 519 -31.13 5.34 32.12
N ASN D 520 -32.44 5.52 32.00
CA ASN D 520 -33.18 6.18 33.06
C ASN D 520 -33.67 5.13 34.01
N LEU D 521 -32.90 4.85 35.04
CA LEU D 521 -33.26 3.79 35.97
C LEU D 521 -34.55 4.11 36.68
N GLU D 522 -34.80 5.39 36.92
CA GLU D 522 -36.02 5.78 37.59
C GLU D 522 -37.24 5.34 36.83
N ILE D 523 -37.36 5.79 35.58
CA ILE D 523 -38.51 5.44 34.78
C ILE D 523 -38.59 3.94 34.65
N MET D 524 -37.44 3.27 34.62
CA MET D 524 -37.44 1.82 34.51
C MET D 524 -38.15 1.21 35.69
N GLU D 525 -37.82 1.66 36.89
CA GLU D 525 -38.45 1.12 38.07
C GLU D 525 -39.92 1.42 38.04
N LEU D 526 -40.27 2.64 37.64
CA LEU D 526 -41.67 3.00 37.55
C LEU D 526 -42.37 2.01 36.68
N LEU D 527 -41.82 1.77 35.49
CA LEU D 527 -42.44 0.85 34.57
C LEU D 527 -42.50 -0.53 35.18
N LEU D 528 -41.40 -0.98 35.77
CA LEU D 528 -41.36 -2.31 36.35
C LEU D 528 -42.32 -2.44 37.51
N ASN D 529 -42.48 -1.38 38.28
CA ASN D 529 -43.41 -1.41 39.41
C ASN D 529 -44.76 -1.73 38.85
N HIS D 530 -45.15 -1.04 37.78
CA HIS D 530 -46.39 -1.38 37.14
C HIS D 530 -46.10 -2.64 36.34
N SER D 531 -47.13 -3.29 35.84
CA SER D 531 -46.89 -4.56 35.16
C SER D 531 -46.49 -4.37 33.72
N VAL D 532 -45.21 -4.16 33.46
CA VAL D 532 -44.75 -4.04 32.09
C VAL D 532 -44.06 -5.33 31.70
N TYR D 533 -44.37 -5.83 30.51
CA TYR D 533 -43.72 -7.04 30.03
C TYR D 533 -42.22 -6.80 30.03
N VAL D 534 -41.43 -7.69 30.52
CA VAL D 534 -39.99 -7.48 30.59
C VAL D 534 -39.26 -8.48 29.75
N GLY D 535 -39.92 -9.07 28.78
CA GLY D 535 -39.28 -10.07 27.95
C GLY D 535 -37.99 -9.62 27.31
N ASP D 536 -36.95 -10.45 27.37
CA ASP D 536 -35.69 -10.11 26.73
C ASP D 536 -35.05 -8.81 27.19
N ALA D 537 -35.66 -8.14 28.16
CA ALA D 537 -35.13 -6.87 28.61
C ALA D 537 -33.74 -7.05 29.19
N LEU D 538 -33.55 -8.16 29.92
CA LEU D 538 -32.27 -8.39 30.54
C LEU D 538 -31.22 -8.39 29.46
N LEU D 539 -31.53 -8.96 28.31
CA LEU D 539 -30.53 -9.05 27.26
C LEU D 539 -30.16 -7.67 26.70
N TYR D 540 -31.14 -6.81 26.54
CA TYR D 540 -30.88 -5.49 25.97
C TYR D 540 -30.02 -4.66 26.90
N ALA D 541 -30.23 -4.79 28.19
CA ALA D 541 -29.43 -4.07 29.15
C ALA D 541 -27.99 -4.52 29.12
N ILE D 542 -27.80 -5.83 29.04
CA ILE D 542 -26.45 -6.37 29.00
C ILE D 542 -25.71 -5.86 27.78
N ARG D 543 -26.39 -5.80 26.65
CA ARG D 543 -25.77 -5.34 25.42
C ARG D 543 -25.38 -3.88 25.54
N LYS D 544 -26.23 -3.08 26.15
CA LYS D 544 -25.93 -1.67 26.34
C LYS D 544 -24.92 -1.53 27.45
N GLU D 545 -24.65 -2.64 28.12
CA GLU D 545 -23.66 -2.63 29.18
C GLU D 545 -24.02 -1.54 30.16
N VAL D 546 -25.18 -1.66 30.77
CA VAL D 546 -25.59 -0.68 31.77
C VAL D 546 -25.77 -1.36 33.11
N VAL D 547 -24.68 -1.55 33.82
CA VAL D 547 -24.80 -2.10 35.14
C VAL D 547 -25.70 -1.13 35.86
N GLY D 548 -26.62 -1.63 36.66
CA GLY D 548 -27.58 -0.75 37.28
C GLY D 548 -28.91 -1.27 36.84
N ALA D 549 -29.00 -1.68 35.59
CA ALA D 549 -30.21 -2.29 35.12
C ALA D 549 -30.28 -3.62 35.85
N VAL D 550 -29.33 -3.89 36.71
CA VAL D 550 -29.35 -5.10 37.53
C VAL D 550 -30.68 -5.18 38.23
N GLU D 551 -31.39 -4.07 38.27
CA GLU D 551 -32.71 -4.08 38.86
C GLU D 551 -33.56 -5.09 38.13
N LEU D 552 -33.23 -5.34 36.87
CA LEU D 552 -33.97 -6.33 36.12
C LEU D 552 -33.75 -7.68 36.76
N LEU D 553 -32.51 -7.96 37.14
CA LEU D 553 -32.23 -9.21 37.82
C LEU D 553 -32.95 -9.25 39.13
N LEU D 554 -32.98 -8.12 39.82
CA LEU D 554 -33.65 -8.05 41.12
C LEU D 554 -35.13 -8.27 40.99
N SER D 555 -35.80 -7.43 40.22
CA SER D 555 -37.24 -7.56 40.06
C SER D 555 -37.54 -8.98 39.74
N TYR D 556 -38.57 -9.53 40.37
CA TYR D 556 -38.98 -10.90 40.05
C TYR D 556 -40.49 -10.98 40.03
N ARG D 557 -41.01 -11.83 39.15
CA ARG D 557 -42.45 -11.98 39.05
C ARG D 557 -42.80 -13.33 38.47
N GLN D 573 -42.98 -10.05 19.51
CA GLN D 573 -42.00 -11.10 19.76
C GLN D 573 -40.75 -10.87 18.94
N PHE D 574 -40.60 -9.67 18.40
CA PHE D 574 -39.39 -9.37 17.64
C PHE D 574 -38.25 -9.11 18.59
N SER D 575 -37.20 -9.91 18.49
CA SER D 575 -36.04 -9.69 19.33
C SER D 575 -34.85 -9.50 18.45
N GLU D 576 -33.94 -8.64 18.87
CA GLU D 576 -32.73 -8.42 18.11
C GLU D 576 -31.77 -9.53 18.43
N PHE D 577 -32.20 -10.47 19.27
CA PHE D 577 -31.32 -11.53 19.70
C PHE D 577 -31.83 -12.89 19.28
N THR D 578 -30.94 -13.73 18.77
CA THR D 578 -31.32 -15.07 18.36
C THR D 578 -31.81 -15.82 19.57
N PRO D 579 -32.56 -16.90 19.35
CA PRO D 579 -33.15 -17.61 20.49
C PRO D 579 -32.17 -18.31 21.42
N ASP D 580 -30.93 -18.55 21.00
CA ASP D 580 -29.97 -19.29 21.81
C ASP D 580 -29.18 -18.42 22.76
N ILE D 581 -29.27 -17.11 22.58
CA ILE D 581 -28.50 -16.18 23.40
C ILE D 581 -29.03 -16.16 24.80
N THR D 582 -28.24 -16.61 25.76
CA THR D 582 -28.64 -16.59 27.13
C THR D 582 -27.99 -15.39 27.75
N PRO D 583 -28.45 -14.98 28.93
CA PRO D 583 -27.89 -13.74 29.46
C PRO D 583 -26.37 -13.81 29.58
N ILE D 584 -25.86 -14.94 30.12
CA ILE D 584 -24.42 -15.05 30.34
C ILE D 584 -23.63 -15.01 29.03
N MET D 585 -24.12 -15.61 27.99
CA MET D 585 -23.43 -15.60 26.72
C MET D 585 -23.27 -14.18 26.23
N LEU D 586 -24.33 -13.41 26.31
CA LEU D 586 -24.28 -12.05 25.80
C LEU D 586 -23.31 -11.24 26.63
N ALA D 587 -23.33 -11.45 27.94
CA ALA D 587 -22.43 -10.72 28.81
C ALA D 587 -21.01 -11.00 28.42
N ALA D 588 -20.71 -12.25 28.12
CA ALA D 588 -19.38 -12.63 27.71
C ALA D 588 -19.04 -12.00 26.37
N HIS D 589 -19.99 -12.02 25.45
CA HIS D 589 -19.77 -11.44 24.14
C HIS D 589 -19.46 -9.97 24.24
N THR D 590 -19.95 -9.32 25.29
CA THR D 590 -19.68 -7.90 25.49
C THR D 590 -18.38 -7.67 26.25
N ASN D 591 -17.94 -8.67 27.00
CA ASN D 591 -16.69 -8.58 27.76
C ASN D 591 -16.72 -7.52 28.83
N ASN D 592 -17.73 -7.47 29.64
CA ASN D 592 -17.79 -6.51 30.74
C ASN D 592 -17.57 -7.28 32.02
N TYR D 593 -16.42 -7.19 32.59
CA TYR D 593 -16.07 -7.96 33.79
C TYR D 593 -17.09 -7.86 34.87
N GLU D 594 -17.73 -6.72 34.99
CA GLU D 594 -18.69 -6.50 36.07
C GLU D 594 -20.00 -7.19 35.79
N ILE D 595 -20.57 -6.96 34.63
CA ILE D 595 -21.85 -7.58 34.32
C ILE D 595 -21.72 -9.08 34.40
N ILE D 596 -20.64 -9.62 33.85
CA ILE D 596 -20.43 -11.06 33.87
C ILE D 596 -20.33 -11.56 35.28
N LYS D 597 -19.65 -10.83 36.14
CA LYS D 597 -19.47 -11.29 37.50
C LYS D 597 -20.80 -11.41 38.18
N LEU D 598 -21.64 -10.39 38.02
CA LEU D 598 -22.94 -10.41 38.62
C LEU D 598 -23.64 -11.69 38.25
N LEU D 599 -23.69 -11.97 36.96
CA LEU D 599 -24.39 -13.14 36.52
C LEU D 599 -23.75 -14.40 37.08
N VAL D 600 -22.43 -14.45 37.07
CA VAL D 600 -21.73 -15.63 37.54
C VAL D 600 -22.01 -15.86 39.00
N GLN D 601 -22.23 -14.79 39.74
CA GLN D 601 -22.47 -14.91 41.17
C GLN D 601 -23.68 -15.78 41.38
N LYS D 602 -24.68 -15.63 40.52
CA LYS D 602 -25.83 -16.52 40.61
C LYS D 602 -25.55 -17.75 39.75
N ARG D 603 -26.21 -18.85 40.01
CA ARG D 603 -25.84 -20.06 39.26
C ARG D 603 -26.01 -19.87 37.76
N VAL D 604 -24.91 -19.88 37.02
CA VAL D 604 -25.00 -19.78 35.57
C VAL D 604 -24.08 -20.79 34.92
N THR D 605 -24.45 -21.29 33.75
CA THR D 605 -23.62 -22.26 33.04
C THR D 605 -23.71 -22.09 31.54
N ILE D 606 -22.65 -22.46 30.84
CA ILE D 606 -22.64 -22.36 29.39
C ILE D 606 -22.56 -23.77 28.82
N PRO D 607 -23.43 -24.08 27.85
CA PRO D 607 -23.45 -25.43 27.30
C PRO D 607 -22.07 -25.84 26.83
N ARG D 608 -21.76 -27.13 26.88
CA ARG D 608 -20.44 -27.61 26.47
C ARG D 608 -20.40 -27.94 25.00
N PRO D 609 -19.44 -27.36 24.28
CA PRO D 609 -19.34 -27.56 22.84
C PRO D 609 -18.76 -28.93 22.56
N HIS D 610 -19.53 -29.84 22.00
CA HIS D 610 -19.03 -31.16 21.68
C HIS D 610 -17.75 -31.04 20.87
N GLN D 611 -16.77 -31.88 21.16
CA GLN D 611 -15.50 -31.82 20.46
C GLN D 611 -15.72 -31.81 18.96
N ILE D 612 -14.75 -31.26 18.24
CA ILE D 612 -14.85 -31.24 16.79
C ILE D 612 -15.01 -32.67 16.32
N ARG D 613 -15.78 -32.87 15.25
CA ARG D 613 -15.98 -34.21 14.74
C ARG D 613 -16.59 -35.09 15.81
N CYS D 614 -17.78 -34.72 16.28
CA CYS D 614 -18.46 -35.50 17.30
C CYS D 614 -19.73 -36.11 16.74
N ASN D 615 -19.66 -36.51 15.45
CA ASN D 615 -20.82 -37.13 14.82
C ASN D 615 -21.44 -38.16 15.76
N CYS D 616 -20.61 -38.86 16.52
CA CYS D 616 -21.10 -39.87 17.45
C CYS D 616 -22.11 -39.30 18.43
N VAL D 617 -22.08 -38.00 18.64
CA VAL D 617 -23.00 -37.36 19.60
C VAL D 617 -24.44 -37.62 19.23
N GLU D 618 -24.71 -37.87 17.95
CA GLU D 618 -26.08 -38.11 17.48
C GLU D 618 -26.86 -36.81 17.50
N CYS D 619 -26.83 -36.10 18.63
CA CYS D 619 -27.50 -34.81 18.68
C CYS D 619 -26.84 -33.92 17.65
N VAL D 620 -25.53 -33.75 17.76
CA VAL D 620 -24.81 -32.98 16.77
C VAL D 620 -25.07 -33.61 15.42
N SER D 621 -25.01 -34.94 15.36
CA SER D 621 -25.30 -35.63 14.11
C SER D 621 -26.63 -35.14 13.61
N SER D 622 -27.53 -34.80 14.54
CA SER D 622 -28.82 -34.29 14.15
C SER D 622 -28.72 -32.79 13.86
N SER D 623 -27.79 -32.43 12.98
CA SER D 623 -27.64 -31.04 12.60
C SER D 623 -28.54 -30.78 11.43
N GLU D 624 -29.11 -31.83 10.86
CA GLU D 624 -29.95 -31.67 9.67
C GLU D 624 -31.12 -30.76 9.96
N VAL D 625 -31.62 -30.81 11.20
CA VAL D 625 -32.79 -30.01 11.52
C VAL D 625 -32.56 -28.55 11.18
N ASP D 626 -31.47 -27.98 11.66
CA ASP D 626 -31.16 -26.59 11.34
C ASP D 626 -29.66 -26.40 11.39
N SER D 627 -29.01 -26.65 10.27
CA SER D 627 -27.58 -26.51 10.22
C SER D 627 -27.18 -25.09 10.55
N LEU D 628 -27.94 -24.12 10.08
CA LEU D 628 -27.63 -22.72 10.35
C LEU D 628 -27.69 -22.46 11.83
N ARG D 629 -28.75 -22.90 12.47
CA ARG D 629 -28.90 -22.64 13.88
C ARG D 629 -27.78 -23.31 14.64
N HIS D 630 -27.44 -24.55 14.29
CA HIS D 630 -26.42 -25.27 15.00
C HIS D 630 -25.09 -24.57 14.89
N SER D 631 -24.75 -24.13 13.70
CA SER D 631 -23.47 -23.48 13.49
C SER D 631 -23.39 -22.20 14.27
N ARG D 632 -24.46 -21.43 14.26
CA ARG D 632 -24.48 -20.17 14.98
C ARG D 632 -24.40 -20.42 16.47
N SER D 633 -25.17 -21.37 16.96
CA SER D 633 -25.16 -21.67 18.36
C SER D 633 -23.76 -21.99 18.80
N ARG D 634 -23.03 -22.76 18.00
CA ARG D 634 -21.68 -23.13 18.34
C ARG D 634 -20.77 -21.92 18.40
N LEU D 635 -20.85 -21.05 17.40
CA LEU D 635 -20.00 -19.89 17.37
C LEU D 635 -20.29 -19.04 18.57
N ASN D 636 -21.56 -18.92 18.92
CA ASN D 636 -21.94 -18.10 20.05
C ASN D 636 -21.33 -18.64 21.32
N ILE D 637 -21.39 -19.94 21.50
CA ILE D 637 -20.85 -20.53 22.70
C ILE D 637 -19.36 -20.26 22.79
N TYR D 638 -18.66 -20.40 21.67
CA TYR D 638 -17.22 -20.19 21.67
C TYR D 638 -16.89 -18.73 21.78
N LYS D 639 -17.73 -17.89 21.22
CA LYS D 639 -17.50 -16.46 21.27
C LYS D 639 -17.63 -16.01 22.70
N ALA D 640 -18.30 -16.81 23.51
CA ALA D 640 -18.46 -16.48 24.91
C ALA D 640 -17.31 -17.04 25.70
N LEU D 641 -17.00 -18.31 25.47
CA LEU D 641 -15.91 -18.95 26.20
C LEU D 641 -14.58 -18.28 25.89
N ALA D 642 -14.52 -17.54 24.79
CA ALA D 642 -13.28 -16.89 24.40
C ALA D 642 -13.23 -15.46 24.82
N SER D 643 -14.02 -15.09 25.82
CA SER D 643 -13.99 -13.73 26.31
C SER D 643 -12.90 -13.63 27.33
N PRO D 644 -12.02 -12.65 27.16
CA PRO D 644 -10.97 -12.46 28.14
C PRO D 644 -11.53 -12.40 29.55
N SER D 645 -12.63 -11.69 29.75
CA SER D 645 -13.18 -11.53 31.10
C SER D 645 -13.68 -12.83 31.74
N LEU D 646 -14.39 -13.65 30.99
CA LEU D 646 -14.87 -14.91 31.54
C LEU D 646 -13.71 -15.84 31.84
N ILE D 647 -12.72 -15.87 30.96
CA ILE D 647 -11.56 -16.72 31.19
C ILE D 647 -10.90 -16.26 32.47
N ALA D 648 -10.85 -14.96 32.68
CA ALA D 648 -10.21 -14.41 33.86
C ALA D 648 -10.98 -14.69 35.13
N LEU D 649 -12.30 -14.64 35.05
CA LEU D 649 -13.12 -14.83 36.24
C LEU D 649 -13.41 -16.26 36.58
N SER D 650 -13.40 -17.13 35.58
CA SER D 650 -13.82 -18.50 35.85
C SER D 650 -12.79 -19.59 35.65
N SER D 651 -11.61 -19.26 35.15
CA SER D 651 -10.64 -20.32 34.87
C SER D 651 -9.54 -20.37 35.91
N GLU D 652 -9.16 -21.57 36.33
CA GLU D 652 -8.12 -21.72 37.34
C GLU D 652 -6.81 -21.22 36.81
N ASP D 653 -6.44 -21.63 35.62
CA ASP D 653 -5.23 -21.14 35.00
C ASP D 653 -5.65 -20.44 33.75
N PRO D 654 -5.83 -19.13 33.85
CA PRO D 654 -6.33 -18.40 32.69
C PRO D 654 -5.41 -18.52 31.48
N ILE D 655 -4.11 -18.55 31.69
CA ILE D 655 -3.17 -18.59 30.58
C ILE D 655 -3.31 -19.85 29.75
N LEU D 656 -3.31 -21.00 30.40
CA LEU D 656 -3.40 -22.26 29.69
C LEU D 656 -4.73 -22.37 28.98
N THR D 657 -5.77 -21.88 29.62
CA THR D 657 -7.10 -21.92 29.01
C THR D 657 -7.11 -21.19 27.70
N ALA D 658 -6.42 -20.06 27.64
CA ALA D 658 -6.40 -19.27 26.42
C ALA D 658 -5.58 -19.97 25.37
N PHE D 659 -4.48 -20.60 25.78
CA PHE D 659 -3.65 -21.33 24.84
C PHE D 659 -4.44 -22.46 24.21
N ARG D 660 -5.09 -23.25 25.04
CA ARG D 660 -5.84 -24.39 24.52
C ARG D 660 -7.01 -23.94 23.66
N LEU D 661 -7.76 -22.94 24.11
CA LEU D 661 -8.91 -22.49 23.36
C LEU D 661 -8.49 -21.87 22.05
N GLY D 662 -7.36 -21.17 22.06
CA GLY D 662 -6.87 -20.58 20.84
C GLY D 662 -6.61 -21.66 19.83
N TRP D 663 -6.03 -22.76 20.28
CA TRP D 663 -5.75 -23.87 19.39
C TRP D 663 -7.02 -24.43 18.83
N GLU D 664 -7.98 -24.74 19.67
CA GLU D 664 -9.21 -25.32 19.20
C GLU D 664 -9.87 -24.41 18.20
N LEU D 665 -9.94 -23.12 18.50
CA LEU D 665 -10.63 -22.21 17.61
C LEU D 665 -9.97 -22.21 16.25
N LYS D 666 -8.65 -22.25 16.21
CA LYS D 666 -7.94 -22.29 14.94
C LYS D 666 -8.33 -23.51 14.15
N GLU D 667 -8.35 -24.66 14.82
CA GLU D 667 -8.72 -25.89 14.15
C GLU D 667 -10.15 -25.84 13.67
N LEU D 668 -11.04 -25.29 14.48
CA LEU D 668 -12.42 -25.16 14.08
C LEU D 668 -12.52 -24.29 12.86
N SER D 669 -11.67 -23.29 12.75
CA SER D 669 -11.71 -22.39 11.63
C SER D 669 -11.50 -23.18 10.37
N LYS D 670 -10.58 -24.13 10.42
CA LYS D 670 -10.29 -24.95 9.26
C LYS D 670 -11.46 -25.85 8.91
N VAL D 671 -12.01 -26.53 9.91
CA VAL D 671 -13.11 -27.43 9.64
C VAL D 671 -14.33 -26.69 9.12
N GLU D 672 -14.76 -25.67 9.84
CA GLU D 672 -15.90 -24.87 9.38
C GLU D 672 -15.39 -23.80 8.46
N ASN D 673 -15.30 -24.17 7.16
CA ASN D 673 -14.80 -23.23 6.18
C ASN D 673 -15.55 -21.94 6.30
N GLU D 674 -16.85 -22.00 6.34
CA GLU D 674 -17.65 -20.81 6.51
C GLU D 674 -17.52 -20.49 7.97
N PHE D 675 -17.59 -19.21 8.34
CA PHE D 675 -17.39 -18.81 9.73
C PHE D 675 -15.92 -18.91 10.10
N LYS D 676 -15.05 -19.12 9.11
CA LYS D 676 -13.64 -19.25 9.38
C LYS D 676 -13.07 -17.99 9.96
N ALA D 677 -13.41 -16.86 9.37
CA ALA D 677 -12.86 -15.59 9.82
C ALA D 677 -13.22 -15.35 11.27
N GLU D 678 -14.46 -15.66 11.63
CA GLU D 678 -14.91 -15.44 12.99
C GLU D 678 -14.10 -16.28 13.95
N TYR D 679 -13.96 -17.55 13.66
CA TYR D 679 -13.24 -18.43 14.57
C TYR D 679 -11.81 -17.99 14.68
N GLU D 680 -11.24 -17.54 13.58
CA GLU D 680 -9.86 -17.08 13.59
C GLU D 680 -9.70 -15.86 14.45
N GLU D 681 -10.63 -14.92 14.33
CA GLU D 681 -10.58 -13.71 15.13
C GLU D 681 -10.62 -14.07 16.60
N LEU D 682 -11.47 -15.01 16.95
CA LEU D 682 -11.60 -15.41 18.34
C LEU D 682 -10.29 -16.00 18.83
N SER D 683 -9.61 -16.74 17.99
CA SER D 683 -8.34 -17.34 18.38
C SER D 683 -7.31 -16.28 18.68
N GLN D 684 -7.26 -15.26 17.85
CA GLN D 684 -6.32 -14.19 18.08
C GLN D 684 -6.67 -13.47 19.35
N GLN D 685 -7.96 -13.36 19.64
CA GLN D 685 -8.40 -12.72 20.87
C GLN D 685 -7.82 -13.45 22.04
N CYS D 686 -7.80 -14.77 21.97
CA CYS D 686 -7.25 -15.56 23.06
C CYS D 686 -5.75 -15.43 23.15
N LYS D 687 -5.08 -15.35 22.02
CA LYS D 687 -3.64 -15.26 22.02
C LYS D 687 -3.16 -13.95 22.59
N LEU D 688 -3.88 -12.88 22.31
CA LEU D 688 -3.53 -11.58 22.84
C LEU D 688 -3.77 -11.53 24.33
N PHE D 689 -4.86 -12.13 24.77
CA PHE D 689 -5.20 -12.12 26.18
C PHE D 689 -4.06 -12.65 27.01
N ALA D 690 -3.48 -13.75 26.58
CA ALA D 690 -2.40 -14.36 27.34
C ALA D 690 -1.18 -13.47 27.34
N LYS D 691 -0.83 -12.92 26.19
CA LYS D 691 0.31 -12.03 26.13
C LYS D 691 0.08 -10.87 27.05
N ASP D 692 -1.11 -10.30 27.04
CA ASP D 692 -1.40 -9.14 27.86
C ASP D 692 -1.30 -9.42 29.34
N LEU D 693 -1.77 -10.58 29.79
CA LEU D 693 -1.64 -10.91 31.19
C LEU D 693 -0.16 -10.94 31.56
N LEU D 694 0.65 -11.56 30.71
CA LEU D 694 2.08 -11.65 30.99
C LEU D 694 2.68 -10.26 31.09
N ASP D 695 2.21 -9.36 30.24
CA ASP D 695 2.75 -8.01 30.24
C ASP D 695 2.53 -7.32 31.56
N GLN D 696 1.59 -7.76 32.34
CA GLN D 696 1.27 -7.10 33.59
C GLN D 696 2.17 -7.57 34.70
N ALA D 697 3.07 -8.50 34.40
CA ALA D 697 4.03 -8.92 35.40
C ALA D 697 4.91 -7.74 35.76
N ARG D 698 5.25 -7.59 37.04
CA ARG D 698 6.02 -6.42 37.46
C ARG D 698 7.37 -6.76 38.09
N SER D 699 7.59 -8.03 38.42
CA SER D 699 8.86 -8.45 38.98
C SER D 699 9.31 -9.72 38.31
N SER D 700 10.60 -9.99 38.35
CA SER D 700 11.11 -11.20 37.75
C SER D 700 10.66 -12.40 38.54
N ARG D 701 10.43 -12.22 39.83
CA ARG D 701 9.95 -13.32 40.63
C ARG D 701 8.67 -13.85 40.05
N GLU D 702 7.81 -12.96 39.57
CA GLU D 702 6.55 -13.37 39.00
C GLU D 702 6.73 -14.08 37.68
N LEU D 703 7.48 -13.47 36.77
CA LEU D 703 7.68 -14.04 35.46
C LEU D 703 8.16 -15.46 35.63
N GLU D 704 9.02 -15.69 36.60
CA GLU D 704 9.50 -17.03 36.86
C GLU D 704 8.39 -17.94 37.29
N ILE D 705 7.61 -17.52 38.28
CA ILE D 705 6.54 -18.35 38.79
C ILE D 705 5.62 -18.74 37.66
N ILE D 706 5.38 -17.76 36.75
CA ILE D 706 4.48 -18.00 35.64
C ILE D 706 5.09 -18.89 34.58
N LEU D 707 6.27 -18.56 34.12
CA LEU D 707 6.89 -19.29 33.02
C LEU D 707 7.39 -20.67 33.41
N ASN D 708 7.50 -20.95 34.70
CA ASN D 708 8.02 -22.23 35.14
C ASN D 708 6.95 -23.09 35.78
N HIS D 709 5.70 -22.67 35.69
CA HIS D 709 4.63 -23.42 36.34
C HIS D 709 4.29 -24.68 35.58
N ARG D 710 4.13 -25.78 36.30
CA ARG D 710 3.76 -27.03 35.67
C ARG D 710 2.39 -27.39 36.14
N ASP D 711 1.47 -27.58 35.22
CA ASP D 711 0.09 -27.86 35.59
C ASP D 711 -0.01 -29.06 36.49
N ASP D 712 0.76 -30.10 36.18
CA ASP D 712 0.75 -31.30 37.00
C ASP D 712 -0.67 -31.85 37.13
N LYS D 721 10.04 -31.68 35.82
CA LYS D 721 9.92 -30.95 37.06
C LYS D 721 9.70 -29.48 36.80
N TYR D 722 9.77 -28.67 37.85
CA TYR D 722 9.63 -27.24 37.69
C TYR D 722 11.00 -26.68 37.35
N HIS D 723 11.11 -25.37 37.26
CA HIS D 723 12.38 -24.74 36.91
C HIS D 723 12.82 -25.19 35.53
N ASP D 724 11.86 -25.60 34.71
CA ASP D 724 12.17 -26.04 33.37
C ASP D 724 11.46 -25.18 32.36
N LEU D 725 11.06 -23.98 32.75
CA LEU D 725 10.32 -23.13 31.86
C LEU D 725 9.21 -23.94 31.24
N ALA D 726 8.46 -24.65 32.06
CA ALA D 726 7.42 -25.51 31.55
C ALA D 726 6.36 -24.78 30.73
N LYS D 727 5.87 -23.66 31.23
CA LYS D 727 4.79 -22.97 30.52
C LYS D 727 5.28 -22.35 29.23
N LEU D 728 6.54 -21.96 29.19
CA LEU D 728 7.09 -21.44 27.95
C LEU D 728 7.09 -22.54 26.91
N LYS D 729 7.26 -23.77 27.37
CA LYS D 729 7.27 -24.90 26.46
C LYS D 729 5.89 -25.13 25.90
N VAL D 730 4.89 -25.12 26.76
CA VAL D 730 3.53 -25.30 26.31
C VAL D 730 3.17 -24.24 25.30
N ALA D 731 3.68 -23.03 25.51
CA ALA D 731 3.38 -21.92 24.62
C ALA D 731 3.85 -22.25 23.24
N ILE D 732 5.04 -22.83 23.14
CA ILE D 732 5.59 -23.19 21.85
C ILE D 732 4.76 -24.29 21.22
N LYS D 733 4.32 -25.24 22.03
CA LYS D 733 3.49 -26.31 21.52
C LYS D 733 2.26 -25.74 20.86
N TYR D 734 1.65 -24.77 21.50
CA TYR D 734 0.42 -24.20 20.98
C TYR D 734 0.71 -23.01 20.09
N HIS D 735 1.96 -22.83 19.71
CA HIS D 735 2.33 -21.75 18.82
C HIS D 735 1.87 -20.38 19.29
N GLN D 736 2.10 -20.10 20.59
CA GLN D 736 1.75 -18.78 21.10
C GLN D 736 2.91 -17.85 20.85
N LYS D 737 3.08 -17.43 19.58
CA LYS D 737 4.27 -16.64 19.26
C LYS D 737 4.38 -15.30 19.97
N GLU D 738 3.27 -14.59 20.09
CA GLU D 738 3.30 -13.29 20.74
C GLU D 738 3.70 -13.44 22.20
N PHE D 739 3.18 -14.46 22.86
CA PHE D 739 3.52 -14.70 24.25
C PHE D 739 4.99 -14.95 24.38
N VAL D 740 5.54 -15.74 23.46
CA VAL D 740 6.95 -16.09 23.53
C VAL D 740 7.85 -14.89 23.24
N ALA D 741 7.44 -14.05 22.32
CA ALA D 741 8.27 -12.91 21.91
C ALA D 741 8.14 -11.72 22.84
N GLN D 742 7.36 -11.88 23.90
CA GLN D 742 7.16 -10.81 24.86
C GLN D 742 8.52 -10.39 25.39
N PRO D 743 8.76 -9.09 25.49
CA PRO D 743 10.08 -8.61 25.88
C PRO D 743 10.65 -9.29 27.12
N ASN D 744 9.91 -9.33 28.20
CA ASN D 744 10.43 -9.89 29.44
C ASN D 744 10.74 -11.37 29.30
N CYS D 745 9.90 -12.08 28.56
CA CYS D 745 10.13 -13.50 28.40
C CYS D 745 11.47 -13.70 27.75
N GLN D 746 11.69 -12.85 26.70
CA GLN D 746 12.96 -12.92 25.98
C GLN D 746 14.10 -12.62 26.92
N GLN D 747 13.94 -11.68 27.79
CA GLN D 747 15.01 -11.25 28.67
C GLN D 747 15.42 -12.39 29.59
N LEU D 748 14.49 -13.10 30.15
CA LEU D 748 14.79 -14.23 31.01
C LEU D 748 15.53 -15.27 30.22
N LEU D 749 15.01 -15.58 29.03
CA LEU D 749 15.65 -16.58 28.18
C LEU D 749 17.08 -16.21 27.88
N ALA D 750 17.33 -14.93 27.64
CA ALA D 750 18.67 -14.50 27.27
C ALA D 750 19.65 -14.77 28.39
N THR D 751 19.17 -14.50 29.62
CA THR D 751 20.01 -14.74 30.77
C THR D 751 20.45 -16.17 30.75
N LEU D 752 19.55 -17.07 30.53
CA LEU D 752 19.84 -18.49 30.54
C LEU D 752 20.76 -18.87 29.39
N TRP D 753 20.52 -18.27 28.23
CA TRP D 753 21.31 -18.59 27.06
C TRP D 753 22.76 -18.16 27.17
N TYR D 754 22.97 -16.93 27.67
CA TYR D 754 24.31 -16.40 27.77
C TYR D 754 24.93 -16.61 29.14
N ASP D 755 24.53 -17.68 29.82
CA ASP D 755 25.12 -17.96 31.11
C ASP D 755 26.60 -18.18 30.95
N GLY D 756 27.39 -17.76 31.93
CA GLY D 756 28.83 -17.91 31.85
C GLY D 756 29.47 -16.82 31.00
N PHE D 757 28.67 -15.84 30.58
CA PHE D 757 29.21 -14.74 29.80
C PHE D 757 28.57 -13.45 30.28
N PRO D 758 28.89 -13.04 31.50
CA PRO D 758 28.26 -11.84 32.06
C PRO D 758 28.38 -10.66 31.12
N GLY D 759 27.28 -9.98 30.88
CA GLY D 759 27.30 -8.80 30.03
C GLY D 759 27.84 -9.08 28.65
N TRP D 760 27.52 -10.26 28.12
CA TRP D 760 27.94 -10.58 26.76
C TRP D 760 27.38 -9.50 25.85
N ARG D 761 26.31 -8.85 26.28
CA ARG D 761 25.68 -7.82 25.47
C ARG D 761 26.53 -6.57 25.37
N ARG D 762 27.03 -6.08 26.50
CA ARG D 762 27.80 -4.83 26.49
C ARG D 762 29.22 -5.00 25.94
N LYS D 763 29.71 -6.22 25.91
CA LYS D 763 31.05 -6.49 25.38
C LYS D 763 31.19 -5.91 23.98
N HIS D 764 32.38 -5.40 23.65
CA HIS D 764 32.59 -4.83 22.33
C HIS D 764 32.40 -5.90 21.28
N TRP D 765 31.86 -5.44 20.10
CA TRP D 765 31.56 -6.41 19.04
C TRP D 765 32.78 -7.28 18.70
N VAL D 766 33.91 -6.70 18.53
CA VAL D 766 35.13 -7.43 18.24
C VAL D 766 35.46 -8.36 19.38
N VAL D 767 35.34 -7.80 20.63
CA VAL D 767 35.65 -8.64 21.77
C VAL D 767 34.85 -9.92 21.65
N LYS D 768 33.56 -9.78 21.44
CA LYS D 768 32.71 -10.94 21.32
C LYS D 768 33.22 -11.81 20.18
N LEU D 769 33.55 -11.19 19.06
CA LEU D 769 33.98 -11.96 17.92
C LEU D 769 35.11 -12.87 18.30
N LEU D 770 36.14 -12.31 18.93
CA LEU D 770 37.30 -13.11 19.30
C LEU D 770 36.92 -14.21 20.26
N THR D 771 36.13 -13.88 21.26
CA THR D 771 35.75 -14.87 22.26
C THR D 771 35.04 -16.03 21.58
N CYS D 772 34.12 -15.73 20.67
CA CYS D 772 33.43 -16.78 19.95
C CYS D 772 34.43 -17.64 19.22
N MET D 773 35.34 -16.99 18.50
CA MET D 773 36.32 -17.74 17.74
C MET D 773 37.08 -18.67 18.65
N THR D 774 37.58 -18.14 19.75
CA THR D 774 38.38 -18.96 20.64
C THR D 774 37.61 -20.19 21.03
N ILE D 775 36.40 -19.99 21.53
CA ILE D 775 35.62 -21.12 21.99
C ILE D 775 35.50 -22.14 20.88
N GLY D 776 35.12 -21.69 19.70
CA GLY D 776 34.91 -22.61 18.60
C GLY D 776 36.15 -23.44 18.33
N PHE D 777 37.30 -22.80 18.32
CA PHE D 777 38.54 -23.49 18.01
C PHE D 777 38.83 -24.60 19.02
N LEU D 778 38.37 -24.41 20.25
CA LEU D 778 38.66 -25.40 21.29
C LEU D 778 37.55 -26.41 21.40
N PHE D 779 36.65 -26.45 20.47
CA PHE D 779 35.51 -27.37 20.56
C PHE D 779 35.95 -28.82 20.81
N PRO D 780 37.02 -29.28 20.08
CA PRO D 780 37.36 -30.67 20.40
C PRO D 780 37.79 -30.78 21.85
N MET D 781 38.55 -29.82 22.33
CA MET D 781 39.03 -29.87 23.69
C MET D 781 37.87 -29.90 24.65
N LEU D 782 36.95 -28.95 24.51
CA LEU D 782 35.84 -28.87 25.44
C LEU D 782 35.04 -30.15 25.39
N SER D 783 34.80 -30.65 24.18
CA SER D 783 34.00 -31.84 24.05
C SER D 783 34.66 -32.96 24.80
N ILE D 784 35.95 -33.13 24.58
CA ILE D 784 36.66 -34.22 25.23
C ILE D 784 36.60 -34.07 26.74
N ALA D 785 36.82 -32.86 27.22
CA ALA D 785 36.80 -32.62 28.65
C ALA D 785 35.51 -33.17 29.23
N TYR D 786 34.40 -32.74 28.68
CA TYR D 786 33.10 -33.18 29.18
C TYR D 786 32.98 -34.69 29.07
N LEU D 787 33.47 -35.25 27.97
CA LEU D 787 33.42 -36.70 27.80
C LEU D 787 34.18 -37.36 28.92
N ILE D 788 35.31 -36.79 29.29
CA ILE D 788 36.14 -37.38 30.33
C ILE D 788 35.66 -37.00 31.72
N SER D 789 35.81 -35.74 32.08
CA SER D 789 35.45 -35.31 33.41
C SER D 789 34.32 -34.29 33.35
N PRO D 790 33.07 -34.79 33.33
CA PRO D 790 31.93 -33.89 33.28
C PRO D 790 31.98 -32.94 34.47
N ARG D 791 32.38 -33.45 35.62
CA ARG D 791 32.46 -32.62 36.82
C ARG D 791 33.48 -31.51 36.67
N SER D 792 34.55 -31.77 35.93
CA SER D 792 35.61 -30.77 35.80
C SER D 792 35.05 -29.46 35.30
N ASN D 793 35.62 -28.36 35.75
CA ASN D 793 35.16 -27.05 35.34
C ASN D 793 35.09 -27.01 33.82
N LEU D 794 36.11 -27.54 33.16
CA LEU D 794 36.08 -27.58 31.71
C LEU D 794 34.91 -28.41 31.23
N GLY D 795 34.69 -29.54 31.88
CA GLY D 795 33.58 -30.39 31.50
C GLY D 795 32.28 -29.65 31.66
N LEU D 796 32.19 -28.83 32.70
CA LEU D 796 30.98 -28.07 32.94
C LEU D 796 30.81 -26.96 31.93
N PHE D 797 31.91 -26.44 31.41
CA PHE D 797 31.83 -25.30 30.52
C PHE D 797 30.96 -25.56 29.30
N ILE D 798 31.17 -26.81 28.71
CA ILE D 798 30.45 -27.13 27.49
C ILE D 798 28.94 -27.09 27.72
N LYS D 799 28.48 -27.35 28.90
CA LYS D 799 27.07 -27.50 29.19
C LYS D 799 26.29 -26.21 29.03
N LYS D 800 26.98 -25.09 29.12
CA LYS D 800 26.32 -23.81 28.92
C LYS D 800 25.71 -23.77 27.54
N PRO D 801 24.49 -23.24 27.42
CA PRO D 801 23.82 -23.26 26.12
C PRO D 801 24.59 -22.54 25.01
N PHE D 802 24.95 -21.27 25.20
CA PHE D 802 25.61 -20.54 24.14
C PHE D 802 26.85 -21.27 23.71
N ILE D 803 27.53 -21.91 24.61
CA ILE D 803 28.73 -22.66 24.27
C ILE D 803 28.37 -23.82 23.36
N LYS D 804 27.38 -24.64 23.80
CA LYS D 804 27.02 -25.75 22.96
C LYS D 804 26.80 -25.22 21.57
N PHE D 805 26.11 -24.10 21.45
CA PHE D 805 25.81 -23.60 20.13
C PHE D 805 27.10 -23.35 19.39
N ILE D 806 28.03 -22.66 20.02
CA ILE D 806 29.29 -22.37 19.36
C ILE D 806 29.99 -23.65 18.94
N CYS D 807 30.09 -24.59 19.91
CA CYS D 807 30.78 -25.83 19.61
C CYS D 807 30.04 -26.59 18.51
N HIS D 808 28.74 -26.73 18.61
CA HIS D 808 27.97 -27.50 17.64
C HIS D 808 27.99 -26.87 16.27
N THR D 809 28.09 -25.56 16.19
CA THR D 809 28.21 -24.91 14.90
C THR D 809 29.60 -25.08 14.33
N ALA D 810 30.61 -25.02 15.20
CA ALA D 810 31.97 -25.22 14.77
C ALA D 810 32.16 -26.60 14.21
N SER D 811 31.61 -27.60 14.89
CA SER D 811 31.73 -28.96 14.42
C SER D 811 31.22 -29.04 13.01
N TYR D 812 30.07 -28.45 12.76
CA TYR D 812 29.50 -28.52 11.44
C TYR D 812 30.44 -27.86 10.46
N LEU D 813 30.85 -26.63 10.73
CA LEU D 813 31.68 -25.92 9.79
C LEU D 813 32.90 -26.75 9.40
N THR D 814 33.51 -27.42 10.38
CA THR D 814 34.65 -28.27 10.07
C THR D 814 34.24 -29.42 9.19
N PHE D 815 33.07 -30.00 9.46
CA PHE D 815 32.57 -31.08 8.61
C PHE D 815 32.46 -30.58 7.18
N LEU D 816 31.93 -29.37 7.01
CA LEU D 816 31.81 -28.81 5.68
C LEU D 816 33.18 -28.55 5.07
N PHE D 817 34.13 -28.14 5.89
CA PHE D 817 35.47 -27.90 5.41
C PHE D 817 36.09 -29.20 4.91
N MET D 818 35.87 -30.28 5.68
CA MET D 818 36.37 -31.57 5.25
C MET D 818 35.81 -31.90 3.89
N LEU D 819 34.54 -31.60 3.67
CA LEU D 819 33.91 -31.89 2.40
C LEU D 819 34.65 -31.18 1.27
N LEU D 820 34.92 -29.88 1.47
CA LEU D 820 35.67 -29.15 0.46
C LEU D 820 36.97 -29.86 0.17
N LEU D 821 37.68 -30.26 1.20
CA LEU D 821 38.96 -30.93 1.02
C LEU D 821 38.82 -32.20 0.19
N ALA D 822 37.66 -32.84 0.27
CA ALA D 822 37.47 -34.09 -0.44
C ALA D 822 37.64 -33.92 -1.93
N SER D 823 37.38 -32.74 -2.44
CA SER D 823 37.45 -32.51 -3.88
C SER D 823 38.63 -31.65 -4.28
N GLN D 824 39.72 -31.70 -3.64
CA GLN D 824 40.84 -30.84 -3.97
C GLN D 824 42.13 -31.62 -4.00
N HIS D 825 42.18 -32.75 -4.59
CA HIS D 825 43.43 -33.51 -4.74
C HIS D 825 44.10 -33.88 -3.42
N ILE D 826 43.46 -33.57 -2.28
CA ILE D 826 44.12 -33.80 -1.02
C ILE D 826 44.60 -35.23 -1.03
N VAL D 827 43.65 -36.16 -1.13
CA VAL D 827 43.99 -37.58 -1.15
C VAL D 827 43.38 -38.17 -2.41
N ARG D 828 43.38 -37.35 -3.48
CA ARG D 828 42.78 -37.79 -4.74
C ARG D 828 43.36 -39.12 -5.19
N THR D 829 42.45 -40.12 -5.41
CA THR D 829 42.97 -41.39 -5.90
C THR D 829 42.83 -41.49 -7.41
N ASP D 830 43.51 -42.45 -8.01
CA ASP D 830 43.40 -42.63 -9.45
C ASP D 830 41.95 -42.48 -9.87
N LEU D 831 41.72 -41.74 -10.94
CA LEU D 831 40.36 -41.59 -11.45
C LEU D 831 40.05 -42.74 -12.39
N HIS D 832 40.96 -43.71 -12.47
CA HIS D 832 40.75 -44.85 -13.34
C HIS D 832 40.57 -46.13 -12.54
N VAL D 833 40.59 -46.02 -11.22
CA VAL D 833 40.40 -47.20 -10.39
C VAL D 833 38.97 -47.28 -9.92
N GLN D 834 38.29 -48.35 -10.32
CA GLN D 834 36.92 -48.54 -9.88
C GLN D 834 36.94 -49.16 -8.50
N GLY D 835 35.92 -48.87 -7.71
CA GLY D 835 35.89 -49.39 -6.35
C GLY D 835 37.11 -48.98 -5.55
N PRO D 836 37.39 -47.67 -5.49
CA PRO D 836 38.60 -47.23 -4.80
C PRO D 836 38.46 -47.33 -3.30
N PRO D 837 39.59 -47.43 -2.58
CA PRO D 837 39.52 -47.44 -1.12
C PRO D 837 39.24 -46.05 -0.59
N PRO D 838 38.51 -45.96 0.52
CA PRO D 838 38.16 -44.64 1.07
C PRO D 838 39.38 -43.79 1.34
N THR D 839 39.36 -42.54 0.88
CA THR D 839 40.49 -41.65 1.08
C THR D 839 40.57 -41.21 2.53
N VAL D 840 41.68 -40.56 2.89
CA VAL D 840 41.85 -40.12 4.26
C VAL D 840 40.76 -39.15 4.67
N VAL D 841 40.52 -38.14 3.84
CA VAL D 841 39.48 -37.17 4.16
C VAL D 841 38.16 -37.89 4.31
N GLU D 842 37.90 -38.85 3.43
CA GLU D 842 36.66 -39.58 3.48
C GLU D 842 36.52 -40.32 4.81
N TRP D 843 37.63 -40.91 5.25
CA TRP D 843 37.61 -41.61 6.52
C TRP D 843 37.25 -40.64 7.63
N MET D 844 37.83 -39.45 7.59
CA MET D 844 37.57 -38.47 8.63
C MET D 844 36.11 -38.06 8.65
N ILE D 845 35.51 -37.88 7.48
CA ILE D 845 34.12 -37.48 7.40
C ILE D 845 33.20 -38.54 7.96
N LEU D 846 33.54 -39.80 7.76
CA LEU D 846 32.69 -40.88 8.24
C LEU D 846 32.20 -40.61 9.66
N PRO D 847 33.13 -40.43 10.62
CA PRO D 847 32.63 -40.22 11.99
C PRO D 847 31.51 -39.21 12.07
N TRP D 848 31.68 -38.05 11.45
CA TRP D 848 30.67 -37.02 11.54
C TRP D 848 29.34 -37.52 11.02
N VAL D 849 29.36 -38.16 9.86
CA VAL D 849 28.11 -38.61 9.26
C VAL D 849 27.37 -39.54 10.21
N LEU D 850 28.07 -40.55 10.70
CA LEU D 850 27.44 -41.50 11.61
C LEU D 850 26.83 -40.74 12.75
N GLY D 851 27.58 -39.79 13.29
CA GLY D 851 27.09 -39.00 14.41
C GLY D 851 25.82 -38.26 14.08
N PHE D 852 25.85 -37.48 13.01
CA PHE D 852 24.68 -36.72 12.61
C PHE D 852 23.49 -37.65 12.63
N ILE D 853 23.62 -38.82 12.03
CA ILE D 853 22.52 -39.75 11.98
C ILE D 853 22.10 -40.16 13.36
N TRP D 854 23.08 -40.51 14.20
CA TRP D 854 22.78 -40.93 15.56
C TRP D 854 22.05 -39.81 16.28
N GLY D 855 22.48 -38.58 16.05
CA GLY D 855 21.84 -37.45 16.69
C GLY D 855 20.39 -37.41 16.27
N GLU D 856 20.14 -37.54 14.98
CA GLU D 856 18.77 -37.52 14.49
C GLU D 856 17.98 -38.61 15.19
N ILE D 857 18.61 -39.75 15.38
CA ILE D 857 17.94 -40.84 16.05
C ILE D 857 17.46 -40.36 17.40
N LYS D 858 18.36 -39.76 18.17
CA LYS D 858 18.00 -39.25 19.47
C LYS D 858 16.89 -38.21 19.35
N GLU D 859 16.94 -37.41 18.29
CA GLU D 859 15.91 -36.42 18.08
C GLU D 859 14.57 -37.07 17.92
N MET D 860 14.50 -38.07 17.05
CA MET D 860 13.23 -38.74 16.80
C MET D 860 12.77 -39.45 18.06
N TRP D 861 13.67 -40.15 18.71
CA TRP D 861 13.29 -40.91 19.89
C TRP D 861 12.72 -40.02 20.98
N ASP D 862 13.46 -38.98 21.33
CA ASP D 862 13.01 -38.11 22.41
C ASP D 862 11.76 -37.36 22.02
N GLY D 863 11.78 -36.69 20.87
CA GLY D 863 10.64 -35.90 20.46
C GLY D 863 9.45 -36.71 19.99
N GLY D 864 9.69 -37.74 19.21
CA GLY D 864 8.60 -38.51 18.65
C GLY D 864 8.54 -38.26 17.16
N PHE D 865 8.11 -39.25 16.40
CA PHE D 865 8.13 -39.10 14.96
C PHE D 865 7.38 -37.84 14.52
N THR D 866 6.21 -37.62 15.09
CA THR D 866 5.43 -36.45 14.71
C THR D 866 6.21 -35.18 14.93
N GLU D 867 6.84 -35.06 16.10
CA GLU D 867 7.59 -33.87 16.41
C GLU D 867 8.75 -33.70 15.45
N TYR D 868 9.53 -34.75 15.27
CA TYR D 868 10.66 -34.70 14.37
C TYR D 868 10.16 -34.36 12.98
N ILE D 869 9.03 -34.97 12.59
CA ILE D 869 8.47 -34.70 11.29
C ILE D 869 8.09 -33.25 11.18
N HIS D 870 7.67 -32.66 12.29
CA HIS D 870 7.23 -31.28 12.27
C HIS D 870 8.29 -30.36 11.68
N ASP D 871 9.50 -30.44 12.21
CA ASP D 871 10.54 -29.54 11.74
C ASP D 871 10.86 -29.83 10.29
N TRP D 872 10.74 -28.82 9.45
CA TRP D 872 11.05 -28.98 8.04
C TRP D 872 12.51 -29.34 7.89
N TRP D 873 13.41 -28.60 8.51
CA TRP D 873 14.86 -28.84 8.33
C TRP D 873 15.25 -30.30 8.57
N ASN D 874 14.72 -30.91 9.63
CA ASN D 874 14.99 -32.31 9.91
C ASN D 874 14.73 -33.09 8.65
N LEU D 875 13.69 -32.67 7.87
CA LEU D 875 13.57 -33.40 6.62
C LEU D 875 14.86 -33.29 5.86
N MET D 876 15.35 -32.06 5.65
CA MET D 876 16.61 -31.87 4.96
C MET D 876 17.65 -32.77 5.59
N ASP D 877 17.71 -32.80 6.92
CA ASP D 877 18.70 -33.60 7.59
C ASP D 877 18.53 -35.04 7.16
N PHE D 878 17.29 -35.47 7.07
CA PHE D 878 17.03 -36.86 6.70
C PHE D 878 17.59 -37.15 5.33
N ALA D 879 17.31 -36.30 4.36
CA ALA D 879 17.77 -36.53 3.00
C ALA D 879 19.27 -36.55 2.96
N MET D 880 19.89 -35.57 3.58
CA MET D 880 21.34 -35.48 3.56
C MET D 880 21.93 -36.75 4.16
N ASN D 881 21.42 -37.17 5.31
CA ASN D 881 21.96 -38.34 5.97
C ASN D 881 21.77 -39.59 5.14
N SER D 882 20.60 -39.73 4.52
CA SER D 882 20.34 -40.89 3.68
C SER D 882 21.27 -40.93 2.48
N LEU D 883 21.48 -39.79 1.83
CA LEU D 883 22.36 -39.73 0.69
C LEU D 883 23.76 -40.15 1.09
N TYR D 884 24.21 -39.67 2.23
CA TYR D 884 25.53 -40.04 2.72
C TYR D 884 25.56 -41.52 3.00
N LEU D 885 24.50 -42.04 3.60
CA LEU D 885 24.43 -43.47 3.87
C LEU D 885 24.53 -44.24 2.57
N ALA D 886 23.78 -43.80 1.57
CA ALA D 886 23.80 -44.47 0.27
C ALA D 886 25.19 -44.40 -0.35
N THR D 887 25.84 -43.26 -0.22
CA THR D 887 27.17 -43.12 -0.77
C THR D 887 28.06 -44.18 -0.16
N ILE D 888 27.98 -44.33 1.15
CA ILE D 888 28.81 -45.31 1.83
C ILE D 888 28.54 -46.70 1.28
N SER D 889 27.27 -47.04 1.15
CA SER D 889 26.93 -48.37 0.68
C SER D 889 27.46 -48.64 -0.73
N LEU D 890 27.28 -47.68 -1.63
CA LEU D 890 27.73 -47.86 -3.00
C LEU D 890 29.24 -48.01 -3.01
N LYS D 891 29.93 -47.30 -2.13
CA LYS D 891 31.36 -47.43 -2.06
C LYS D 891 31.72 -48.88 -1.77
N ILE D 892 30.94 -49.51 -0.90
CA ILE D 892 31.19 -50.91 -0.58
C ILE D 892 30.93 -51.79 -1.79
N VAL D 893 29.77 -51.62 -2.43
CA VAL D 893 29.43 -52.44 -3.57
C VAL D 893 30.43 -52.26 -4.68
N ALA D 894 31.22 -51.20 -4.61
CA ALA D 894 32.24 -50.96 -5.61
C ALA D 894 33.57 -51.51 -5.16
N TYR D 895 33.90 -51.31 -3.88
CA TYR D 895 35.15 -51.83 -3.36
C TYR D 895 35.10 -53.30 -3.61
N VAL D 896 33.99 -53.92 -3.27
CA VAL D 896 33.83 -55.32 -3.58
C VAL D 896 33.23 -55.32 -4.97
N LYS D 897 33.44 -56.37 -5.75
CA LYS D 897 32.83 -56.47 -7.08
C LYS D 897 33.54 -55.65 -8.16
N TYR D 898 34.44 -54.76 -7.76
CA TYR D 898 35.19 -53.97 -8.73
C TYR D 898 36.60 -53.73 -8.26
N ASN D 899 37.32 -54.80 -7.97
CA ASN D 899 38.69 -54.67 -7.52
C ASN D 899 39.60 -54.26 -8.67
N GLY D 900 39.16 -54.51 -9.89
CA GLY D 900 39.95 -54.17 -11.05
C GLY D 900 40.01 -52.67 -11.31
N SER D 901 40.71 -52.27 -12.37
CA SER D 901 40.79 -50.85 -12.72
C SER D 901 40.59 -50.67 -14.22
N ARG D 902 39.74 -49.72 -14.59
CA ARG D 902 39.46 -49.48 -16.01
C ARG D 902 39.44 -48.01 -16.32
N PRO D 903 39.72 -47.66 -17.59
CA PRO D 903 39.61 -46.24 -17.95
C PRO D 903 38.20 -45.74 -17.68
N ARG D 904 38.08 -44.66 -16.91
CA ARG D 904 36.77 -44.12 -16.57
C ARG D 904 35.84 -44.12 -17.77
N GLU D 905 36.35 -43.74 -18.93
CA GLU D 905 35.52 -43.69 -20.14
C GLU D 905 34.80 -45.01 -20.36
N GLU D 906 35.53 -46.12 -20.18
CA GLU D 906 34.94 -47.43 -20.39
C GLU D 906 33.85 -47.73 -19.37
N TRP D 907 33.92 -47.13 -18.20
CA TRP D 907 32.96 -47.43 -17.15
C TRP D 907 31.55 -47.25 -17.66
N GLU D 908 30.65 -48.14 -17.27
CA GLU D 908 29.27 -48.07 -17.72
C GLU D 908 28.54 -46.91 -17.09
N MET D 909 27.32 -46.65 -17.54
CA MET D 909 26.55 -45.52 -17.02
C MET D 909 26.24 -45.67 -15.55
N TRP D 910 25.95 -46.88 -15.10
CA TRP D 910 25.55 -47.06 -13.70
C TRP D 910 26.62 -47.69 -12.81
N HIS D 911 27.89 -47.55 -13.18
CA HIS D 911 28.95 -48.06 -12.33
C HIS D 911 28.74 -47.53 -10.92
N PRO D 912 28.72 -48.43 -9.93
CA PRO D 912 28.45 -48.00 -8.56
C PRO D 912 29.21 -46.73 -8.20
N THR D 913 30.48 -46.65 -8.58
CA THR D 913 31.29 -45.51 -8.20
C THR D 913 30.70 -44.21 -8.74
N LEU D 914 30.28 -44.22 -9.99
CA LEU D 914 29.76 -43.00 -10.59
C LEU D 914 28.50 -42.55 -9.85
N ILE D 915 27.61 -43.48 -9.56
CA ILE D 915 26.40 -43.14 -8.83
C ILE D 915 26.74 -42.62 -7.46
N ALA D 916 27.70 -43.23 -6.79
CA ALA D 916 28.08 -42.81 -5.45
C ALA D 916 28.61 -41.40 -5.47
N GLU D 917 29.47 -41.11 -6.44
CA GLU D 917 30.04 -39.78 -6.55
C GLU D 917 28.93 -38.77 -6.68
N ALA D 918 27.95 -39.07 -7.51
CA ALA D 918 26.85 -38.14 -7.73
C ALA D 918 26.08 -37.89 -6.46
N LEU D 919 25.76 -38.95 -5.73
CA LEU D 919 25.00 -38.80 -4.50
C LEU D 919 25.76 -37.98 -3.47
N PHE D 920 27.06 -38.23 -3.35
CA PHE D 920 27.86 -37.46 -2.42
C PHE D 920 27.83 -36.00 -2.78
N ALA D 921 27.94 -35.69 -4.06
CA ALA D 921 27.90 -34.31 -4.50
C ALA D 921 26.58 -33.67 -4.16
N ILE D 922 25.49 -34.39 -4.39
CA ILE D 922 24.18 -33.86 -4.10
C ILE D 922 24.05 -33.57 -2.61
N SER D 923 24.56 -34.47 -1.78
CA SER D 923 24.49 -34.27 -0.34
C SER D 923 25.33 -33.07 0.07
N ASN D 924 26.49 -32.90 -0.55
CA ASN D 924 27.35 -31.79 -0.23
C ASN D 924 26.62 -30.47 -0.39
N ILE D 925 25.70 -30.41 -1.34
CA ILE D 925 24.92 -29.20 -1.51
C ILE D 925 23.95 -29.02 -0.35
N LEU D 926 23.23 -30.07 -0.01
CA LEU D 926 22.26 -29.98 1.07
C LEU D 926 22.95 -29.64 2.37
N SER D 927 24.09 -30.24 2.62
CA SER D 927 24.80 -30.02 3.87
C SER D 927 25.16 -28.56 4.02
N SER D 928 25.67 -27.97 2.94
CA SER D 928 26.06 -26.56 2.99
C SER D 928 24.85 -25.65 3.10
N LEU D 929 23.78 -25.98 2.40
CA LEU D 929 22.57 -25.16 2.44
C LEU D 929 21.95 -25.18 3.83
N ARG D 930 22.28 -26.19 4.62
CA ARG D 930 21.72 -26.30 5.96
C ARG D 930 22.19 -25.15 6.82
N LEU D 931 23.32 -24.55 6.46
CA LEU D 931 23.87 -23.46 7.24
C LEU D 931 22.88 -22.31 7.35
N ILE D 932 21.96 -22.23 6.41
CA ILE D 932 20.96 -21.17 6.44
C ILE D 932 20.19 -21.24 7.75
N SER D 933 20.09 -22.43 8.32
CA SER D 933 19.37 -22.59 9.56
C SER D 933 19.95 -21.69 10.62
N LEU D 934 21.26 -21.57 10.66
CA LEU D 934 21.92 -20.80 11.70
C LEU D 934 21.58 -19.32 11.63
N PHE D 935 20.96 -18.88 10.53
CA PHE D 935 20.65 -17.47 10.38
C PHE D 935 19.75 -16.97 11.48
N THR D 936 18.89 -17.83 12.02
CA THR D 936 17.94 -17.41 13.03
C THR D 936 18.64 -16.77 14.20
N ALA D 937 19.83 -17.24 14.53
CA ALA D 937 20.54 -16.70 15.67
C ALA D 937 20.81 -15.21 15.52
N ASN D 938 21.20 -14.78 14.33
CA ASN D 938 21.55 -13.38 14.14
C ASN D 938 20.33 -12.49 14.08
N SER D 939 20.46 -11.28 14.62
CA SER D 939 19.34 -10.36 14.65
C SER D 939 19.12 -9.73 13.30
N HIS D 940 20.13 -9.91 12.41
CA HIS D 940 20.07 -9.29 11.10
C HIS D 940 19.68 -10.31 10.03
N LEU D 941 20.29 -11.46 10.08
CA LEU D 941 19.99 -12.53 9.13
C LEU D 941 18.69 -13.25 9.45
N GLY D 942 18.43 -13.46 10.73
CA GLY D 942 17.25 -14.21 11.11
C GLY D 942 15.96 -13.65 10.56
N PRO D 943 15.70 -12.36 10.82
CA PRO D 943 14.45 -11.78 10.36
C PRO D 943 14.24 -12.04 8.88
N LEU D 944 15.30 -11.98 8.08
CA LEU D 944 15.17 -12.18 6.66
C LEU D 944 14.78 -13.61 6.34
N GLN D 945 15.43 -14.57 7.00
CA GLN D 945 15.15 -15.96 6.71
C GLN D 945 13.67 -16.23 6.86
N ILE D 946 13.07 -15.71 7.90
CA ILE D 946 11.65 -15.91 8.11
C ILE D 946 10.87 -15.41 6.92
N SER D 947 11.15 -14.16 6.52
CA SER D 947 10.42 -13.57 5.42
C SER D 947 10.57 -14.44 4.18
N LEU D 948 11.78 -14.91 3.92
CA LEU D 948 12.01 -15.76 2.78
C LEU D 948 11.17 -17.00 2.87
N GLY D 949 11.11 -17.59 4.05
CA GLY D 949 10.35 -18.81 4.23
C GLY D 949 8.90 -18.63 3.85
N ARG D 950 8.33 -17.50 4.22
CA ARG D 950 6.94 -17.24 3.90
C ARG D 950 6.76 -17.13 2.41
N MET D 951 7.62 -16.36 1.76
CA MET D 951 7.49 -16.15 0.34
C MET D 951 7.66 -17.45 -0.43
N LEU D 952 8.44 -18.37 0.12
CA LEU D 952 8.68 -19.63 -0.55
C LEU D 952 7.39 -20.40 -0.75
N LEU D 953 6.49 -20.34 0.22
CA LEU D 953 5.22 -21.04 0.08
C LEU D 953 4.46 -20.54 -1.13
N ASP D 954 4.48 -19.23 -1.37
CA ASP D 954 3.80 -18.68 -2.54
C ASP D 954 4.41 -19.22 -3.80
N ILE D 955 5.74 -19.29 -3.83
CA ILE D 955 6.41 -19.81 -4.99
C ILE D 955 5.91 -21.22 -5.28
N LEU D 956 5.71 -22.02 -4.23
CA LEU D 956 5.26 -23.39 -4.41
C LEU D 956 3.93 -23.45 -5.13
N LYS D 957 2.99 -22.61 -4.72
CA LYS D 957 1.69 -22.58 -5.36
C LYS D 957 1.87 -22.27 -6.83
N PHE D 958 2.69 -21.27 -7.11
CA PHE D 958 2.91 -20.87 -8.49
C PHE D 958 3.50 -22.01 -9.30
N LEU D 959 4.37 -22.79 -8.68
CA LEU D 959 5.00 -23.90 -9.39
C LEU D 959 3.95 -24.85 -9.90
N PHE D 960 2.91 -25.09 -9.10
CA PHE D 960 1.85 -25.99 -9.52
C PHE D 960 1.21 -25.49 -10.80
N ILE D 961 0.90 -24.20 -10.86
CA ILE D 961 0.32 -23.63 -12.06
C ILE D 961 1.26 -23.74 -13.25
N TYR D 962 2.54 -23.43 -13.03
CA TYR D 962 3.51 -23.51 -14.11
C TYR D 962 3.63 -24.93 -14.63
N CYS D 963 3.60 -25.90 -13.73
CA CYS D 963 3.76 -27.28 -14.14
C CYS D 963 2.66 -27.69 -15.10
N LEU D 964 1.45 -27.20 -14.89
CA LEU D 964 0.37 -27.49 -15.82
C LEU D 964 0.67 -26.87 -17.17
N VAL D 965 1.11 -25.61 -17.15
CA VAL D 965 1.45 -24.94 -18.40
C VAL D 965 2.57 -25.67 -19.10
N LEU D 966 3.59 -26.04 -18.35
CA LEU D 966 4.72 -26.72 -18.95
C LEU D 966 4.25 -28.00 -19.62
N LEU D 967 3.46 -28.79 -18.91
CA LEU D 967 3.01 -30.06 -19.46
C LEU D 967 2.14 -29.86 -20.67
N ALA D 968 1.31 -28.84 -20.64
CA ALA D 968 0.42 -28.58 -21.75
C ALA D 968 1.21 -28.44 -23.02
N PHE D 969 2.17 -27.52 -23.01
CA PHE D 969 2.95 -27.27 -24.21
C PHE D 969 3.87 -28.43 -24.53
N ALA D 970 4.35 -29.12 -23.50
CA ALA D 970 5.21 -30.26 -23.73
C ALA D 970 4.47 -31.28 -24.56
N ASN D 971 3.23 -31.56 -24.21
CA ASN D 971 2.45 -32.54 -24.94
C ASN D 971 2.30 -32.09 -26.37
N GLY D 972 1.95 -30.83 -26.57
CA GLY D 972 1.74 -30.34 -27.91
C GLY D 972 2.98 -30.41 -28.77
N LEU D 973 4.12 -29.97 -28.24
CA LEU D 973 5.34 -29.95 -29.03
C LEU D 973 5.82 -31.35 -29.35
N ASN D 974 5.72 -32.25 -28.39
CA ASN D 974 6.09 -33.62 -28.66
C ASN D 974 5.14 -34.15 -29.70
N GLN D 975 3.87 -33.80 -29.56
CA GLN D 975 2.87 -34.29 -30.49
C GLN D 975 3.15 -33.82 -31.92
N LEU D 976 3.83 -32.65 -32.03
CA LEU D 976 4.09 -32.09 -33.35
C LEU D 976 5.41 -32.56 -33.95
N TYR D 977 6.43 -32.73 -33.15
CA TYR D 977 7.75 -33.04 -33.68
C TYR D 977 8.20 -34.48 -33.53
N PHE D 978 7.50 -35.29 -32.74
CA PHE D 978 7.97 -36.65 -32.51
C PHE D 978 8.15 -37.41 -33.80
N TYR D 979 7.58 -36.89 -34.88
CA TYR D 979 7.68 -37.56 -36.16
C TYR D 979 9.04 -37.36 -36.77
N TYR D 980 9.72 -36.28 -36.39
CA TYR D 980 10.98 -35.95 -37.02
C TYR D 980 12.18 -36.22 -36.14
N GLU D 981 12.03 -37.10 -35.17
CA GLU D 981 13.15 -37.46 -34.31
C GLU D 981 14.26 -38.05 -35.15
N THR D 982 15.51 -37.82 -34.76
CA THR D 982 16.64 -38.32 -35.53
C THR D 982 17.61 -39.08 -34.65
N ARG D 983 18.41 -39.94 -35.25
CA ARG D 983 19.38 -40.73 -34.48
C ARG D 983 20.57 -39.90 -34.07
N ALA D 984 21.19 -40.26 -32.96
CA ALA D 984 22.35 -39.53 -32.50
C ALA D 984 23.46 -39.67 -33.52
N ILE D 985 23.59 -40.86 -34.10
CA ILE D 985 24.62 -41.09 -35.09
C ILE D 985 24.47 -40.11 -36.23
N ASP D 986 23.24 -39.90 -36.68
CA ASP D 986 22.98 -38.95 -37.75
C ASP D 986 23.37 -37.56 -37.31
N GLU D 987 23.13 -37.24 -36.04
CA GLU D 987 23.43 -35.91 -35.53
C GLU D 987 24.93 -35.62 -35.57
N PRO D 988 25.30 -34.33 -35.63
CA PRO D 988 26.73 -34.01 -35.60
C PRO D 988 27.39 -34.47 -34.30
N ASN D 989 28.69 -34.77 -34.37
CA ASN D 989 29.42 -35.19 -33.18
C ASN D 989 28.61 -36.19 -32.37
N ASN D 990 27.81 -37.00 -33.04
CA ASN D 990 27.02 -38.01 -32.35
C ASN D 990 26.47 -37.47 -31.04
N CYS D 991 25.90 -36.27 -31.06
CA CYS D 991 25.29 -35.72 -29.87
C CYS D 991 23.82 -35.45 -30.12
N LYS D 992 22.95 -35.99 -29.29
CA LYS D 992 21.53 -35.79 -29.47
C LYS D 992 20.94 -35.17 -28.22
N GLY D 993 20.31 -34.01 -28.37
CA GLY D 993 19.68 -33.36 -27.24
C GLY D 993 19.85 -31.87 -27.19
N ILE D 994 19.47 -31.26 -26.08
CA ILE D 994 19.59 -29.82 -25.93
C ILE D 994 20.90 -29.45 -25.24
N ARG D 995 21.61 -30.44 -24.71
CA ARG D 995 22.85 -30.17 -24.01
C ARG D 995 24.03 -30.47 -24.90
N CYS D 996 23.95 -30.10 -26.16
CA CYS D 996 25.05 -30.29 -27.09
C CYS D 996 25.45 -28.93 -27.62
N GLU D 997 26.57 -28.84 -28.31
CA GLU D 997 26.95 -27.56 -28.91
C GLU D 997 25.87 -27.19 -29.89
N LYS D 998 25.46 -28.14 -30.71
CA LYS D 998 24.37 -27.88 -31.64
C LYS D 998 23.14 -28.56 -31.09
N GLN D 999 22.24 -27.77 -30.49
CA GLN D 999 21.07 -28.36 -29.89
C GLN D 999 20.19 -29.01 -30.93
N ASN D 1000 19.78 -30.26 -30.67
CA ASN D 1000 18.97 -30.98 -31.63
C ASN D 1000 17.98 -31.88 -30.93
N ASN D 1001 16.91 -32.28 -31.68
CA ASN D 1001 15.91 -33.16 -31.12
C ASN D 1001 15.42 -32.66 -29.78
N ALA D 1002 15.15 -31.40 -29.67
CA ALA D 1002 14.68 -30.80 -28.43
C ALA D 1002 13.29 -31.27 -28.07
N PHE D 1003 12.43 -31.44 -29.05
CA PHE D 1003 11.05 -31.81 -28.77
C PHE D 1003 10.71 -33.21 -29.25
N SER D 1004 11.71 -34.02 -29.55
CA SER D 1004 11.48 -35.36 -30.08
C SER D 1004 10.81 -36.28 -29.08
N THR D 1005 11.18 -36.17 -27.81
CA THR D 1005 10.59 -37.02 -26.78
C THR D 1005 10.03 -36.17 -25.67
N LEU D 1006 9.09 -36.70 -24.89
CA LEU D 1006 8.45 -35.88 -23.87
C LEU D 1006 9.44 -35.41 -22.84
N PHE D 1007 10.33 -36.30 -22.41
CA PHE D 1007 11.28 -35.94 -21.38
C PHE D 1007 12.16 -34.79 -21.86
N GLU D 1008 12.61 -34.86 -23.10
CA GLU D 1008 13.44 -33.80 -23.65
C GLU D 1008 12.64 -32.53 -23.86
N THR D 1009 11.36 -32.67 -24.13
CA THR D 1009 10.52 -31.51 -24.37
C THR D 1009 10.38 -30.77 -23.07
N LEU D 1010 10.23 -31.50 -21.97
CA LEU D 1010 10.13 -30.87 -20.68
C LEU D 1010 11.41 -30.15 -20.34
N GLN D 1011 12.54 -30.83 -20.54
CA GLN D 1011 13.82 -30.23 -20.27
C GLN D 1011 13.99 -28.98 -21.12
N SER D 1012 13.70 -29.07 -22.40
CA SER D 1012 13.89 -27.95 -23.31
C SER D 1012 13.08 -26.75 -22.88
N LEU D 1013 11.82 -26.97 -22.53
CA LEU D 1013 10.96 -25.88 -22.11
C LEU D 1013 11.45 -25.28 -20.81
N PHE D 1014 11.98 -26.11 -19.91
CA PHE D 1014 12.54 -25.59 -18.68
C PHE D 1014 13.67 -24.65 -18.95
N TRP D 1015 14.65 -25.11 -19.74
CA TRP D 1015 15.83 -24.31 -20.00
C TRP D 1015 15.50 -23.06 -20.80
N SER D 1016 14.44 -23.14 -21.59
CA SER D 1016 14.03 -21.99 -22.38
C SER D 1016 13.67 -20.85 -21.45
N VAL D 1017 13.19 -21.17 -20.26
CA VAL D 1017 12.87 -20.14 -19.30
C VAL D 1017 14.09 -19.30 -19.00
N PHE D 1018 15.26 -19.92 -19.02
CA PHE D 1018 16.49 -19.21 -18.70
C PHE D 1018 17.22 -18.78 -19.96
N GLY D 1019 16.59 -18.95 -21.12
CA GLY D 1019 17.17 -18.51 -22.37
C GLY D 1019 18.27 -19.39 -22.90
N LEU D 1020 18.40 -20.60 -22.37
CA LEU D 1020 19.49 -21.48 -22.78
C LEU D 1020 19.08 -22.43 -23.88
N LEU D 1021 17.92 -22.27 -24.46
CA LEU D 1021 17.50 -23.11 -25.57
C LEU D 1021 17.37 -22.24 -26.79
N ASN D 1022 18.15 -22.53 -27.83
CA ASN D 1022 18.15 -21.69 -29.02
C ASN D 1022 16.89 -21.88 -29.84
N LEU D 1023 16.63 -20.97 -30.78
CA LEU D 1023 15.42 -21.04 -31.57
C LEU D 1023 15.51 -22.03 -32.74
N TYR D 1024 16.72 -22.31 -33.20
CA TYR D 1024 16.87 -23.19 -34.35
C TYR D 1024 16.41 -24.59 -34.02
N VAL D 1025 16.18 -24.86 -32.74
CA VAL D 1025 15.75 -26.18 -32.32
C VAL D 1025 14.32 -26.41 -32.75
N THR D 1026 13.64 -25.44 -33.23
CA THR D 1026 12.24 -25.60 -33.62
C THR D 1026 12.10 -25.88 -35.10
N ASN D 1027 13.22 -26.21 -35.76
CA ASN D 1027 13.14 -26.55 -37.19
C ASN D 1027 13.34 -28.03 -37.51
N VAL D 1028 12.77 -28.48 -38.62
CA VAL D 1028 12.86 -29.86 -39.07
C VAL D 1028 13.71 -29.92 -40.32
N LYS D 1029 14.46 -31.02 -40.45
CA LYS D 1029 15.35 -31.16 -41.60
C LYS D 1029 14.57 -31.09 -42.90
N ALA D 1030 13.45 -31.78 -42.96
CA ALA D 1030 12.65 -31.81 -44.17
C ALA D 1030 12.12 -30.42 -44.49
N ARG D 1031 12.16 -29.52 -43.53
CA ARG D 1031 11.73 -28.14 -43.76
C ARG D 1031 10.24 -27.99 -44.07
N HIS D 1032 9.38 -28.63 -43.27
CA HIS D 1032 7.95 -28.46 -43.47
C HIS D 1032 7.63 -27.13 -42.82
N GLU D 1033 7.51 -26.09 -43.61
CA GLU D 1033 7.30 -24.75 -43.05
C GLU D 1033 6.09 -24.62 -42.13
N PHE D 1034 4.95 -25.19 -42.52
CA PHE D 1034 3.75 -25.05 -41.72
C PHE D 1034 3.96 -25.63 -40.33
N THR D 1035 4.48 -26.85 -40.24
CA THR D 1035 4.71 -27.47 -38.96
C THR D 1035 5.67 -26.63 -38.16
N GLU D 1036 6.75 -26.19 -38.81
CA GLU D 1036 7.75 -25.39 -38.12
C GLU D 1036 7.15 -24.13 -37.52
N PHE D 1037 6.33 -23.43 -38.30
CA PHE D 1037 5.72 -22.20 -37.83
C PHE D 1037 4.83 -22.48 -36.64
N VAL D 1038 4.02 -23.52 -36.73
CA VAL D 1038 3.15 -23.88 -35.63
C VAL D 1038 4.00 -24.19 -34.42
N GLY D 1039 5.11 -24.89 -34.63
CA GLY D 1039 5.98 -25.24 -33.53
C GLY D 1039 6.58 -24.04 -32.87
N ALA D 1040 7.04 -23.09 -33.67
CA ALA D 1040 7.60 -21.87 -33.13
C ALA D 1040 6.55 -21.09 -32.41
N THR D 1041 5.35 -21.04 -32.97
CA THR D 1041 4.25 -20.32 -32.32
C THR D 1041 3.98 -20.90 -30.94
N MET D 1042 3.95 -22.21 -30.83
CA MET D 1042 3.70 -22.83 -29.55
C MET D 1042 4.80 -22.46 -28.58
N PHE D 1043 6.05 -22.57 -29.03
CA PHE D 1043 7.18 -22.21 -28.18
C PHE D 1043 7.09 -20.74 -27.82
N GLY D 1044 6.75 -19.91 -28.79
CA GLY D 1044 6.63 -18.48 -28.53
C GLY D 1044 5.56 -18.16 -27.53
N THR D 1045 4.40 -18.77 -27.68
CA THR D 1045 3.31 -18.55 -26.74
C THR D 1045 3.71 -19.05 -25.37
N TYR D 1046 4.44 -20.16 -25.31
CA TYR D 1046 4.89 -20.66 -24.05
C TYR D 1046 5.76 -19.64 -23.36
N ASN D 1047 6.69 -19.06 -24.11
CA ASN D 1047 7.60 -18.10 -23.53
C ASN D 1047 6.82 -16.91 -22.99
N VAL D 1048 5.88 -16.40 -23.76
CA VAL D 1048 5.10 -15.25 -23.33
C VAL D 1048 4.31 -15.57 -22.08
N ILE D 1049 3.63 -16.71 -22.07
CA ILE D 1049 2.83 -17.11 -20.93
C ILE D 1049 3.68 -17.31 -19.69
N SER D 1050 4.84 -17.94 -19.84
CA SER D 1050 5.69 -18.21 -18.70
C SER D 1050 6.46 -17.00 -18.22
N LEU D 1051 7.30 -16.45 -19.09
CA LEU D 1051 8.15 -15.33 -18.68
C LEU D 1051 7.41 -14.01 -18.52
N VAL D 1052 6.68 -13.61 -19.55
CA VAL D 1052 6.03 -12.32 -19.50
C VAL D 1052 4.85 -12.29 -18.54
N VAL D 1053 4.02 -13.32 -18.57
CA VAL D 1053 2.83 -13.31 -17.74
C VAL D 1053 3.05 -13.96 -16.39
N LEU D 1054 3.18 -15.28 -16.37
CA LEU D 1054 3.30 -15.98 -15.09
C LEU D 1054 4.40 -15.40 -14.22
N LEU D 1055 5.61 -15.28 -14.75
CA LEU D 1055 6.72 -14.79 -13.94
C LEU D 1055 6.38 -13.46 -13.31
N ASN D 1056 6.21 -12.42 -14.13
CA ASN D 1056 5.93 -11.13 -13.57
C ASN D 1056 4.83 -11.22 -12.51
N MET D 1057 3.92 -12.16 -12.67
CA MET D 1057 2.88 -12.35 -11.67
C MET D 1057 3.43 -12.90 -10.36
N LEU D 1058 4.38 -13.80 -10.43
CA LEU D 1058 5.00 -14.34 -9.22
C LEU D 1058 5.63 -13.20 -8.46
N ILE D 1059 6.23 -12.27 -9.18
CA ILE D 1059 6.84 -11.13 -8.52
C ILE D 1059 5.79 -10.39 -7.73
N ALA D 1060 4.64 -10.17 -8.34
CA ALA D 1060 3.56 -9.46 -7.67
C ALA D 1060 3.12 -10.20 -6.42
N MET D 1061 2.94 -11.50 -6.55
CA MET D 1061 2.56 -12.31 -5.40
C MET D 1061 3.59 -12.22 -4.29
N MET D 1062 4.86 -12.37 -4.64
CA MET D 1062 5.92 -12.30 -3.63
C MET D 1062 5.91 -10.96 -2.95
N ASN D 1063 5.71 -9.90 -3.73
CA ASN D 1063 5.73 -8.57 -3.16
C ASN D 1063 4.65 -8.46 -2.11
N ASN D 1064 3.42 -8.74 -2.50
CA ASN D 1064 2.32 -8.62 -1.56
C ASN D 1064 2.70 -9.34 -0.29
N SER D 1065 3.10 -10.59 -0.41
CA SER D 1065 3.39 -11.36 0.77
C SER D 1065 4.41 -10.63 1.61
N TYR D 1066 5.49 -10.17 1.00
CA TYR D 1066 6.53 -9.52 1.77
C TYR D 1066 5.98 -8.44 2.69
N GLN D 1067 5.35 -7.40 2.15
CA GLN D 1067 4.77 -6.40 3.02
C GLN D 1067 4.03 -7.02 4.19
N LEU D 1068 3.15 -7.96 3.92
CA LEU D 1068 2.36 -8.56 4.99
C LEU D 1068 3.25 -9.14 6.08
N ILE D 1069 4.15 -10.03 5.71
CA ILE D 1069 5.02 -10.66 6.69
C ILE D 1069 5.88 -9.64 7.40
N ALA D 1070 6.34 -8.64 6.66
CA ALA D 1070 7.23 -7.63 7.24
C ALA D 1070 6.78 -7.16 8.60
N ASP D 1071 5.51 -6.87 8.76
CA ASP D 1071 5.03 -6.31 10.02
C ASP D 1071 5.24 -7.25 11.21
N HIS D 1072 5.02 -8.55 11.02
CA HIS D 1072 5.17 -9.50 12.11
C HIS D 1072 6.43 -10.32 11.97
N ALA D 1073 7.43 -9.77 11.32
CA ALA D 1073 8.68 -10.49 11.11
C ALA D 1073 9.38 -10.76 12.44
N ASP D 1074 9.45 -9.76 13.29
CA ASP D 1074 10.15 -9.91 14.55
C ASP D 1074 9.56 -11.07 15.33
N ILE D 1075 8.27 -11.01 15.58
CA ILE D 1075 7.66 -12.05 16.38
C ILE D 1075 7.87 -13.39 15.68
N GLU D 1076 7.87 -13.39 14.35
CA GLU D 1076 8.14 -14.63 13.68
C GLU D 1076 9.59 -15.02 13.88
N TRP D 1077 10.48 -14.06 13.96
CA TRP D 1077 11.88 -14.37 14.17
C TRP D 1077 12.19 -14.81 15.58
N LYS D 1078 11.74 -14.03 16.55
CA LYS D 1078 12.08 -14.33 17.94
C LYS D 1078 11.55 -15.69 18.37
N PHE D 1079 10.35 -16.04 17.90
CA PHE D 1079 9.78 -17.33 18.21
C PHE D 1079 10.72 -18.41 17.76
N ALA D 1080 11.30 -18.25 16.60
CA ALA D 1080 12.22 -19.22 16.05
C ALA D 1080 13.48 -19.30 16.88
N ARG D 1081 14.03 -18.15 17.23
CA ARG D 1081 15.27 -18.13 18.00
C ARG D 1081 15.05 -18.80 19.33
N THR D 1082 13.89 -18.58 19.92
CA THR D 1082 13.62 -19.15 21.23
C THR D 1082 13.64 -20.65 21.14
N LYS D 1083 12.98 -21.18 20.11
CA LYS D 1083 12.98 -22.62 19.90
C LYS D 1083 14.40 -23.10 19.78
N LEU D 1084 15.21 -22.39 19.00
CA LEU D 1084 16.61 -22.78 18.84
C LEU D 1084 17.32 -22.80 20.18
N TRP D 1085 17.21 -21.71 20.93
CA TRP D 1085 17.87 -21.64 22.20
C TRP D 1085 17.37 -22.74 23.10
N MET D 1086 16.07 -22.94 23.14
CA MET D 1086 15.49 -23.93 24.03
C MET D 1086 16.07 -25.29 23.72
N SER D 1087 16.54 -25.47 22.50
CA SER D 1087 17.07 -26.76 22.11
C SER D 1087 18.33 -27.07 22.87
N TYR D 1088 19.14 -26.13 23.16
CA TYR D 1088 20.40 -26.38 23.85
C TYR D 1088 20.24 -26.37 25.34
N PHE D 1089 19.17 -25.73 25.81
CA PHE D 1089 18.96 -25.63 27.23
C PHE D 1089 18.84 -27.02 27.79
N ASP D 1090 18.83 -28.02 26.91
CA ASP D 1090 18.66 -29.39 27.35
C ASP D 1090 19.86 -29.90 28.12
N GLU D 1091 19.72 -31.06 28.74
CA GLU D 1091 20.82 -31.62 29.52
C GLU D 1091 21.87 -32.24 28.63
N GLY D 1092 21.43 -33.10 27.71
CA GLY D 1092 22.37 -33.78 26.85
C GLY D 1092 22.75 -33.14 25.54
N GLY D 1093 23.99 -32.68 25.44
CA GLY D 1093 24.46 -32.08 24.21
C GLY D 1093 25.91 -32.46 24.06
N THR D 1094 26.34 -32.70 22.82
CA THR D 1094 27.74 -33.04 22.54
C THR D 1094 27.91 -32.98 21.04
N LEU D 1095 28.97 -32.36 20.57
CA LEU D 1095 29.14 -32.17 19.14
C LEU D 1095 29.03 -33.48 18.37
N PRO D 1096 28.61 -33.40 17.10
CA PRO D 1096 28.37 -34.62 16.31
C PRO D 1096 29.52 -35.63 16.24
N PRO D 1097 30.75 -35.19 15.98
CA PRO D 1097 31.79 -36.21 15.84
C PRO D 1097 32.21 -36.77 17.17
N PRO D 1098 32.24 -35.94 18.22
CA PRO D 1098 32.73 -36.39 19.52
C PRO D 1098 31.70 -37.09 20.38
N PHE D 1099 30.62 -37.62 19.81
CA PHE D 1099 29.66 -38.37 20.59
C PHE D 1099 30.34 -39.59 21.19
N ASN D 1100 31.23 -40.20 20.42
CA ASN D 1100 31.96 -41.38 20.89
C ASN D 1100 31.00 -42.41 21.44
N ILE D 1101 31.34 -42.99 22.57
CA ILE D 1101 30.47 -43.97 23.20
C ILE D 1101 29.01 -43.59 23.02
N ARG D 1140 7.40 -34.11 46.72
CA ARG D 1140 6.22 -34.33 47.54
C ARG D 1140 5.03 -33.58 46.95
N HIS D 1141 3.83 -34.10 47.18
CA HIS D 1141 2.64 -33.42 46.71
C HIS D 1141 2.60 -32.03 47.32
N ALA D 1142 3.21 -31.87 48.48
CA ALA D 1142 3.23 -30.58 49.13
C ALA D 1142 3.92 -29.56 48.25
N ASP D 1143 4.98 -29.97 47.57
CA ASP D 1143 5.69 -29.06 46.69
C ASP D 1143 4.73 -28.50 45.64
N SER D 1144 3.96 -29.38 45.01
CA SER D 1144 3.05 -28.93 43.98
C SER D 1144 2.07 -27.93 44.56
N LEU D 1145 1.53 -28.24 45.73
CA LEU D 1145 0.54 -27.36 46.32
C LEU D 1145 1.13 -25.97 46.48
N ILE D 1146 2.35 -25.89 47.00
CA ILE D 1146 2.98 -24.61 47.19
C ILE D 1146 3.11 -23.90 45.87
N GLN D 1147 3.57 -24.61 44.86
CA GLN D 1147 3.76 -24.03 43.55
C GLN D 1147 2.46 -23.47 43.03
N ASN D 1148 1.39 -24.23 43.17
CA ASN D 1148 0.11 -23.80 42.65
C ASN D 1148 -0.39 -22.56 43.39
N GLN D 1149 -0.16 -22.52 44.68
CA GLN D 1149 -0.60 -21.39 45.47
C GLN D 1149 0.07 -20.13 44.97
N HIS D 1150 1.38 -20.21 44.77
CA HIS D 1150 2.11 -19.06 44.30
C HIS D 1150 1.62 -18.63 42.95
N TYR D 1151 1.33 -19.59 42.09
CA TYR D 1151 0.84 -19.28 40.75
C TYR D 1151 -0.48 -18.57 40.84
N GLN D 1152 -1.38 -19.07 41.66
CA GLN D 1152 -2.70 -18.48 41.75
C GLN D 1152 -2.63 -17.08 42.32
N GLU D 1153 -1.72 -16.86 43.27
CA GLU D 1153 -1.55 -15.53 43.81
C GLU D 1153 -1.13 -14.58 42.74
N VAL D 1154 -0.15 -14.98 41.93
CA VAL D 1154 0.33 -14.12 40.86
C VAL D 1154 -0.77 -13.89 39.86
N ILE D 1155 -1.52 -14.93 39.53
CA ILE D 1155 -2.59 -14.81 38.58
C ILE D 1155 -3.64 -13.82 39.08
N ARG D 1156 -3.94 -13.86 40.36
CA ARG D 1156 -4.93 -12.97 40.91
C ARG D 1156 -4.50 -11.56 40.67
N ASN D 1157 -3.23 -11.28 40.89
CA ASN D 1157 -2.72 -9.93 40.73
C ASN D 1157 -2.70 -9.54 39.28
N LEU D 1158 -2.23 -10.44 38.42
CA LEU D 1158 -2.14 -10.12 37.01
C LEU D 1158 -3.50 -9.86 36.39
N VAL D 1159 -4.50 -10.61 36.80
CA VAL D 1159 -5.85 -10.36 36.30
C VAL D 1159 -6.34 -8.99 36.73
N LYS D 1160 -6.23 -8.68 38.00
CA LYS D 1160 -6.68 -7.39 38.50
C LYS D 1160 -6.03 -6.27 37.72
N ARG D 1161 -4.72 -6.37 37.53
CA ARG D 1161 -4.01 -5.35 36.80
C ARG D 1161 -4.51 -5.29 35.38
N TYR D 1162 -4.71 -6.44 34.76
CA TYR D 1162 -5.14 -6.48 33.37
C TYR D 1162 -6.49 -5.85 33.19
N VAL D 1163 -7.46 -6.32 33.97
CA VAL D 1163 -8.81 -5.83 33.81
C VAL D 1163 -8.81 -4.33 33.90
N ALA D 1164 -8.11 -3.80 34.89
CA ALA D 1164 -8.09 -2.36 35.09
C ALA D 1164 -7.52 -1.65 33.89
N ALA D 1165 -6.44 -2.19 33.35
CA ALA D 1165 -5.78 -1.56 32.22
C ALA D 1165 -6.71 -1.50 31.04
N MET D 1166 -7.44 -2.57 30.81
CA MET D 1166 -8.34 -2.61 29.67
C MET D 1166 -9.40 -1.54 29.79
N ILE D 1167 -9.97 -1.40 30.98
CA ILE D 1167 -10.99 -0.39 31.19
C ILE D 1167 -10.43 0.98 30.91
N ARG D 1168 -9.22 1.24 31.37
CA ARG D 1168 -8.60 2.53 31.14
C ARG D 1168 -8.43 2.76 29.66
N ASN D 1169 -7.97 1.74 28.95
CA ASN D 1169 -7.73 1.91 27.53
C ASN D 1169 -9.02 2.27 26.83
N SER D 1170 -10.10 1.59 27.19
CA SER D 1170 -11.36 1.83 26.53
C SER D 1170 -11.78 3.26 26.75
N LYS D 1171 -11.76 3.70 27.99
CA LYS D 1171 -12.21 5.05 28.31
C LYS D 1171 -11.40 6.10 27.58
N THR D 1172 -10.11 5.87 27.43
CA THR D 1172 -9.26 6.89 26.82
C THR D 1172 -9.08 6.73 25.33
N ASN D 1173 -9.57 5.64 24.76
CA ASN D 1173 -9.36 5.40 23.34
C ASN D 1173 -10.65 5.02 22.65
N GLU D 1174 -11.76 5.53 23.13
CA GLU D 1174 -13.04 5.26 22.51
C GLU D 1174 -13.79 6.55 22.35
N GLY D 1175 -14.22 6.85 21.12
CA GLY D 1175 -14.89 8.11 20.87
C GLY D 1175 -16.32 8.16 21.36
N LEU D 1176 -16.89 9.36 21.39
CA LEU D 1176 -18.27 9.51 21.83
C LEU D 1176 -19.18 9.18 20.68
N THR D 1177 -20.09 8.23 20.89
CA THR D 1177 -20.99 7.82 19.83
C THR D 1177 -22.29 8.57 19.92
N GLU D 1178 -23.14 8.41 18.92
CA GLU D 1178 -24.40 9.12 18.88
C GLU D 1178 -25.27 8.77 20.06
N GLU D 1179 -25.24 7.51 20.47
CA GLU D 1179 -26.07 7.09 21.59
C GLU D 1179 -25.72 7.90 22.80
N ASN D 1180 -24.46 8.24 22.96
CA ASN D 1180 -24.03 9.03 24.09
C ASN D 1180 -24.71 10.40 24.07
N PHE D 1181 -24.71 11.00 22.84
CA PHE D 1181 -25.38 12.29 22.68
C PHE D 1181 -26.80 12.17 23.18
N LYS D 1182 -27.49 11.15 22.77
CA LYS D 1182 -28.89 10.96 23.09
C LYS D 1182 -29.09 10.85 24.59
N GLU D 1183 -28.21 10.13 25.26
CA GLU D 1183 -28.34 9.98 26.70
C GLU D 1183 -28.19 11.32 27.38
N LEU D 1184 -27.15 12.06 26.97
CA LEU D 1184 -26.91 13.37 27.55
C LEU D 1184 -28.13 14.25 27.37
N LYS D 1185 -28.71 14.22 26.19
CA LYS D 1185 -29.86 15.03 25.90
C LYS D 1185 -31.02 14.66 26.80
N GLN D 1186 -31.21 13.37 27.01
CA GLN D 1186 -32.29 12.90 27.87
C GLN D 1186 -32.07 13.34 29.29
N ASP D 1187 -30.82 13.32 29.72
CA ASP D 1187 -30.52 13.72 31.09
C ASP D 1187 -30.88 15.17 31.32
N ILE D 1188 -30.52 16.03 30.39
CA ILE D 1188 -30.86 17.43 30.51
C ILE D 1188 -32.38 17.56 30.49
N SER D 1189 -33.02 16.87 29.56
CA SER D 1189 -34.46 16.97 29.45
C SER D 1189 -35.16 16.49 30.69
N SER D 1190 -34.75 15.35 31.21
CA SER D 1190 -35.39 14.81 32.38
C SER D 1190 -35.23 15.76 33.54
N PHE D 1191 -34.04 16.29 33.71
CA PHE D 1191 -33.79 17.23 34.79
C PHE D 1191 -34.70 18.42 34.64
N ARG D 1192 -34.84 18.91 33.41
CA ARG D 1192 -35.67 20.07 33.17
C ARG D 1192 -37.07 19.81 33.65
N TYR D 1193 -37.64 18.69 33.23
CA TYR D 1193 -39.01 18.41 33.59
C TYR D 1193 -39.16 18.38 35.09
N GLU D 1194 -38.21 17.76 35.76
CA GLU D 1194 -38.31 17.65 37.20
C GLU D 1194 -38.30 19.01 37.85
N VAL D 1195 -37.34 19.84 37.47
CA VAL D 1195 -37.24 21.15 38.07
C VAL D 1195 -38.48 21.96 37.78
N LEU D 1196 -38.94 21.92 36.54
CA LEU D 1196 -40.09 22.73 36.17
C LEU D 1196 -41.30 22.32 36.98
N ASP D 1197 -41.44 21.03 37.24
CA ASP D 1197 -42.55 20.56 38.05
C ASP D 1197 -42.43 21.07 39.48
N LEU D 1198 -41.26 20.94 40.07
CA LEU D 1198 -41.06 21.39 41.43
C LEU D 1198 -41.26 22.89 41.54
N LEU D 1199 -40.65 23.63 40.62
CA LEU D 1199 -40.76 25.08 40.64
C LEU D 1199 -42.09 25.55 40.08
N GLY D 1200 -42.87 24.62 39.53
CA GLY D 1200 -44.14 24.98 38.93
C GLY D 1200 -45.29 24.36 39.68
CA CA E . -18.63 -25.93 -21.52
CAA Y01 F . 1.83 -33.16 -12.04
CBA Y01 F . 1.48 -31.72 -12.37
CAB Y01 F . 1.41 -30.87 -11.11
CAN Y01 F . 0.17 -31.64 -13.16
CAJ Y01 F . -0.90 -32.54 -12.56
CAO Y01 F . -2.18 -32.47 -13.40
CBB Y01 F . -3.39 -33.04 -12.67
CAC Y01 F . -3.09 -34.47 -12.23
CBE Y01 F . -3.83 -32.12 -11.53
CAP Y01 F . -3.71 -30.65 -11.91
CAQ Y01 F . -4.88 -29.90 -11.25
CBG Y01 F . -5.47 -30.96 -10.33
CBI Y01 F . -5.27 -32.27 -11.05
CAE Y01 F . -6.19 -32.36 -12.26
CAU Y01 F . -5.60 -33.40 -10.08
CAS Y01 F . -7.04 -33.22 -9.58
CBF Y01 F . -7.26 -31.86 -8.91
CBD Y01 F . -6.88 -30.72 -9.86
CAK Y01 F . -6.95 -29.39 -9.13
CAI Y01 F . -8.28 -29.26 -8.45
CAZ Y01 F . -8.91 -30.31 -7.89
CAV Y01 F . -9.89 -30.01 -6.77
CBH Y01 F . -8.69 -31.72 -8.38
CAD Y01 F . -9.69 -32.00 -9.50
CAT Y01 F . -8.86 -32.74 -7.27
CAR Y01 F . -10.07 -32.45 -6.40
CBC Y01 F . -9.84 -31.11 -5.71
OAW Y01 F . -10.87 -30.88 -4.74
CAY Y01 F . -10.38 -30.15 -3.58
OAG Y01 F . -9.24 -29.72 -3.58
CAM Y01 F . -11.28 -29.92 -2.39
CAL Y01 F . -12.39 -30.97 -2.33
CAX Y01 F . -13.44 -30.71 -3.38
OAH Y01 F . -13.13 -30.70 -4.68
OAF Y01 F . -14.61 -30.51 -3.05
O1 YZY G . 6.97 -17.44 -35.11
C1 YZY G . 6.93 -16.95 -33.81
C2 YZY G . 5.57 -16.42 -33.53
O2 YZY G . 5.40 -15.42 -34.50
C3 YZY G . 4.08 -15.30 -35.09
O3 YZY G . 3.36 -16.22 -35.03
C4 YZY G . 3.59 -14.11 -35.84
C5 YZY G . 4.44 -12.91 -35.66
C6 YZY G . 3.76 -11.90 -34.78
C7 YZY G . 4.50 -11.80 -33.49
C8 YZY G . 4.01 -10.62 -32.72
C9 YZY G . 2.93 -11.02 -31.75
C10 YZY G . 2.96 -10.12 -30.54
C11 YZY G . 1.89 -10.55 -29.57
C12 YZY G . 2.18 -10.12 -28.17
C13 YZY G . 3.33 -10.38 -27.61
C14 YZY G . 3.57 -9.94 -26.21
C15 YZY G . 5.03 -9.77 -25.90
C16 YZY G . 5.05 -8.82 -24.73
C17 YZY G . 6.43 -8.54 -24.24
C18 YZY G . 6.51 -7.25 -23.45
C19 YZY G . 5.47 -15.82 -32.16
O4 YZY G . 4.35 -16.34 -31.46
C20 YZY G . 3.48 -15.49 -30.74
O5 YZY G . 3.49 -14.38 -31.08
C21 YZY G . 2.55 -15.87 -29.64
C22 YZY G . 2.24 -14.67 -28.80
C23 YZY G . 0.81 -14.65 -28.32
C24 YZY G . 0.62 -15.10 -26.90
C25 YZY G . -0.55 -14.39 -26.26
C26 YZY G . -1.04 -15.14 -25.02
C27 YZY G . -1.68 -14.21 -23.99
C28 YZY G . -1.79 -14.87 -22.62
C29 YZY G . -2.96 -15.80 -22.61
C30 YZY G . -3.34 -16.56 -21.59
C31 YZY G . -2.65 -16.64 -20.27
C32 YZY G . -3.20 -17.89 -19.61
C33 YZY G . -2.19 -18.72 -18.86
C34 YZY G . -1.97 -18.24 -17.44
O1 YZY H . 24.68 0.40 -31.68
C1 YZY H . 23.79 0.23 -30.60
C2 YZY H . 23.35 1.58 -30.14
O2 YZY H . 24.54 2.23 -29.79
C3 YZY H . 24.64 3.63 -30.12
O3 YZY H . 23.93 4.06 -30.95
C4 YZY H . 25.63 4.58 -29.51
C5 YZY H . 26.29 4.03 -28.31
C6 YZY H . 25.77 4.71 -27.06
C7 YZY H . 24.99 3.73 -26.26
C8 YZY H . 24.70 4.30 -24.91
C9 YZY H . 23.36 4.97 -24.89
C10 YZY H . 22.76 4.89 -23.51
C11 YZY H . 21.40 5.55 -23.50
C12 YZY H . 20.52 5.04 -22.40
C13 YZY H . 20.33 3.76 -22.23
C14 YZY H . 19.44 3.31 -21.13
C15 YZY H . 19.74 1.91 -20.68
C16 YZY H . 19.20 1.85 -19.28
C17 YZY H . 19.37 0.50 -18.65
C18 YZY H . 19.31 0.56 -17.13
C19 YZY H . 22.42 1.49 -28.96
O4 YZY H . 21.25 2.24 -29.18
C20 YZY H . 20.74 3.10 -28.17
O5 YZY H . 21.52 3.44 -27.38
C21 YZY H . 19.34 3.60 -28.06
C22 YZY H . 19.05 3.99 -26.63
C23 YZY H . 18.19 5.21 -26.52
C24 YZY H . 16.74 4.94 -26.22
C25 YZY H . 16.14 6.05 -25.42
C26 YZY H . 14.61 6.02 -25.49
C27 YZY H . 13.94 6.61 -24.25
C28 YZY H . 12.48 6.20 -24.14
C29 YZY H . 11.67 7.08 -25.05
C30 YZY H . 10.36 7.00 -25.23
C31 YZY H . 9.45 6.00 -24.59
C32 YZY H . 8.17 6.05 -25.40
C33 YZY H . 7.51 4.70 -25.63
C34 YZY H . 6.63 4.28 -24.49
CA CA I . 37.53 12.69 1.36
CAA Y01 J . 27.43 12.62 -19.82
CBA Y01 J . 27.01 11.71 -18.66
CAB Y01 J . 25.57 11.99 -18.24
CAN Y01 J . 27.97 11.84 -17.49
CAJ Y01 J . 28.30 13.29 -17.19
CAO Y01 J . 29.30 13.38 -16.02
CBB Y01 J . 29.39 14.78 -15.44
CAC Y01 J . 29.72 15.78 -16.55
CBE Y01 J . 28.11 15.15 -14.68
CAP Y01 J . 27.58 13.95 -13.88
CAQ Y01 J . 26.99 14.49 -12.57
CBG Y01 J . 27.01 15.98 -12.78
CBI Y01 J . 28.24 16.25 -13.63
CAE Y01 J . 29.52 16.02 -12.81
CAU Y01 J . 28.19 17.70 -14.10
CAS Y01 J . 28.12 18.62 -12.88
CBF Y01 J . 26.92 18.31 -11.98
CBD Y01 J . 26.92 16.86 -11.54
CAK Y01 J . 25.65 16.52 -10.80
CAI Y01 J . 25.42 17.53 -9.71
CAZ Y01 J . 25.74 18.82 -9.85
CAV Y01 J . 24.99 19.82 -9.00
CBH Y01 J . 26.84 19.27 -10.80
CAD Y01 J . 28.16 19.26 -10.04
CAT Y01 J . 26.57 20.66 -11.35
CAR Y01 J . 26.08 21.62 -10.28
CBC Y01 J . 24.74 21.11 -9.75
OAW Y01 J . 24.16 22.08 -8.90
CAY Y01 J . 22.70 22.10 -8.98
OAG Y01 J . 22.13 21.27 -9.66
CAM Y01 J . 21.90 23.14 -8.24
CAL Y01 J . 22.75 24.37 -7.95
CAX Y01 J . 23.75 24.11 -6.83
OAH Y01 J . 24.65 23.15 -6.95
OAF Y01 J . 23.71 24.77 -5.81
O1 YZY K . 18.02 -31.42 -16.90
C1 YZY K . 17.59 -30.19 -16.39
C2 YZY K . 16.62 -30.45 -15.28
O2 YZY K . 15.60 -31.19 -15.89
C3 YZY K . 15.02 -32.26 -15.11
O3 YZY K . 15.64 -32.68 -14.20
C4 YZY K . 13.72 -32.92 -15.39
C5 YZY K . 12.88 -32.16 -16.36
C6 YZY K . 11.72 -31.50 -15.67
C7 YZY K . 11.93 -30.02 -15.70
C8 YZY K . 10.67 -29.34 -15.27
C9 YZY K . 10.71 -29.03 -13.80
C10 YZY K . 9.90 -27.78 -13.51
C11 YZY K . 9.96 -27.48 -12.03
C12 YZY K . 9.70 -26.03 -11.75
C13 YZY K . 10.36 -25.08 -12.36
C14 YZY K . 10.06 -23.67 -12.03
C15 YZY K . 10.41 -22.72 -13.15
C16 YZY K . 9.55 -21.52 -12.89
C17 YZY K . 9.78 -20.42 -13.89
C18 YZY K . 8.61 -19.45 -13.96
C19 YZY K . 16.07 -29.16 -14.72
O4 YZY K . 16.19 -29.13 -13.32
C20 YZY K . 15.11 -28.72 -12.49
O5 YZY K . 14.07 -28.82 -12.99
C21 YZY K . 15.20 -28.23 -11.09
C22 YZY K . 13.99 -27.39 -10.77
C23 YZY K . 13.49 -27.59 -9.37
C24 YZY K . 13.89 -26.50 -8.41
C25 YZY K . 12.84 -26.32 -7.33
C26 YZY K . 13.42 -25.58 -6.13
C27 YZY K . 12.36 -24.78 -5.37
C28 YZY K . 12.97 -23.74 -4.45
C29 YZY K . 13.43 -24.41 -3.20
C30 YZY K . 14.05 -23.82 -2.18
C31 YZY K . 14.41 -22.37 -2.11
C32 YZY K . 15.41 -22.27 -0.99
C33 YZY K . 16.56 -21.31 -1.23
C34 YZY K . 16.22 -19.88 -0.88
O1 YZY L . 35.65 -13.45 -13.66
C1 YZY L . 34.37 -12.96 -13.36
C2 YZY L . 34.37 -12.46 -11.96
O2 YZY L . 34.71 -13.58 -11.19
C3 YZY L . 35.58 -13.35 -10.06
O3 YZY L . 36.22 -12.37 -10.05
C4 YZY L . 35.77 -14.29 -8.93
C5 YZY L . 34.75 -15.37 -8.90
C6 YZY L . 33.78 -15.15 -7.77
C7 YZY L . 32.44 -14.81 -8.33
C8 YZY L . 31.41 -14.86 -7.24
C9 YZY L . 31.20 -13.49 -6.66
C10 YZY L . 29.78 -13.35 -6.17
C11 YZY L . 29.57 -11.96 -5.59
C12 YZY L . 28.14 -11.55 -5.60
C13 YZY L . 27.42 -11.62 -6.70
C14 YZY L . 26.00 -11.19 -6.66
C15 YZY L . 25.17 -11.84 -7.73
C16 YZY L . 23.77 -11.75 -7.20
C17 YZY L . 22.76 -12.32 -8.15
C18 YZY L . 21.47 -12.72 -7.46
C19 YZY L . 32.99 -11.96 -11.56
O4 YZY L . 33.07 -10.67 -11.00
C20 YZY L . 32.38 -10.34 -9.81
O5 YZY L . 32.11 -11.26 -9.14
C21 YZY L . 32.01 -8.98 -9.34
C22 YZY L . 30.84 -9.08 -8.39
C23 YZY L . 30.94 -8.10 -7.25
C24 YZY L . 30.08 -6.87 -7.41
C25 YZY L . 29.62 -6.35 -6.07
C26 YZY L . 29.16 -4.91 -6.17
C27 YZY L . 28.10 -4.56 -5.12
C28 YZY L . 27.35 -3.27 -5.46
C29 YZY L . 28.19 -2.10 -5.07
C30 YZY L . 27.88 -0.83 -5.27
C31 YZY L . 26.63 -0.33 -5.91
C32 YZY L . 26.90 1.12 -6.23
C33 YZY L . 26.35 1.59 -7.56
C34 YZY L . 24.90 2.03 -7.49
CA CA M . 17.61 -32.92 13.37
CAA Y01 N . 31.58 -16.55 2.99
CBA Y01 N . 30.11 -16.88 2.75
CAB Y01 N . 29.21 -15.68 3.10
CAN Y01 N . 29.69 -18.12 3.53
CAJ Y01 N . 30.20 -18.09 4.96
CAO Y01 N . 29.80 -19.37 5.70
CBB Y01 N . 29.98 -19.26 7.21
CAC Y01 N . 31.40 -18.85 7.53
CBE Y01 N . 28.93 -18.31 7.81
CAP Y01 N . 27.56 -18.49 7.14
CAQ Y01 N . 26.49 -18.30 8.21
CBG Y01 N . 27.29 -17.79 9.40
CBI Y01 N . 28.63 -18.49 9.29
CAE Y01 N . 28.49 -19.97 9.60
CAU Y01 N . 29.57 -17.83 10.29
CAS Y01 N . 28.98 -17.95 11.70
CBF Y01 N . 27.58 -17.32 11.79
CBD Y01 N . 26.64 -17.91 10.76
CAK Y01 N . 25.32 -17.17 10.74
CAI Y01 N . 24.78 -17.08 12.15
CAZ Y01 N . 25.57 -16.92 13.21
CAV Y01 N . 24.97 -16.28 14.44
CBH Y01 N . 27.02 -17.41 13.21
CAD Y01 N . 27.03 -18.85 13.68
CAT Y01 N . 27.90 -16.55 14.10
CAR Y01 N . 27.23 -16.22 15.43
CBC Y01 N . 25.98 -15.40 15.16
OAW Y01 N . 25.44 -14.91 16.37
CAY Y01 N . 24.84 -13.59 16.23
OAG Y01 N . 24.76 -13.10 15.13
CAM Y01 N . 24.31 -12.86 17.44
CAL Y01 N . 24.99 -13.34 18.72
CAX Y01 N . 24.48 -14.72 19.13
OAH Y01 N . 24.61 -15.76 18.31
OAF Y01 N . 23.95 -14.87 20.21
#